data_6Y3L
#
_entry.id   6Y3L
#
_entity_poly.entity_id   1
_entity_poly.type   'polypeptide(L)'
_entity_poly.pdbx_seq_one_letter_code
;GVFSYEDEATSVIPPARLFKSFVLDADNLIPKVAPQHFTSAENLEGNGGPGTIKKITFAEGNEFKYMKHKVEEIDHANFK
YCYSIIEGGPLGHTLEKIPYEIKMAAAPHGGGSILKITSKYHTKGNASINEEEIKAGKEKAAGLFKAVEAYLLAHPDAYC
;
_entity_poly.pdbx_strand_id   A
#
# COMPACT_ATOMS: atom_id res chain seq x y z
N GLY A 1 -8.87 16.79 -8.26
CA GLY A 1 -10.02 15.95 -7.88
C GLY A 1 -9.54 14.71 -7.16
N VAL A 2 -10.12 14.40 -5.99
CA VAL A 2 -9.67 13.30 -5.12
C VAL A 2 -10.81 12.42 -4.60
N PHE A 3 -10.62 11.11 -4.63
CA PHE A 3 -11.42 10.08 -3.93
C PHE A 3 -10.53 9.30 -2.94
N SER A 4 -11.08 8.73 -1.85
CA SER A 4 -10.32 7.96 -0.84
C SER A 4 -11.04 6.69 -0.35
N TYR A 5 -10.26 5.70 0.11
CA TYR A 5 -10.73 4.44 0.71
C TYR A 5 -9.71 3.85 1.69
N GLU A 6 -10.18 3.18 2.76
CA GLU A 6 -9.37 2.79 3.93
C GLU A 6 -9.82 1.47 4.57
N ASP A 7 -8.98 0.87 5.41
CA ASP A 7 -9.27 -0.30 6.25
C ASP A 7 -8.31 -0.37 7.45
N GLU A 8 -8.69 -0.99 8.58
CA GLU A 8 -7.83 -1.08 9.77
C GLU A 8 -7.73 -2.48 10.40
N ALA A 9 -6.50 -2.97 10.50
CA ALA A 9 -6.12 -4.29 11.05
C ALA A 9 -5.69 -4.20 12.53
N THR A 10 -5.43 -5.34 13.17
CA THR A 10 -4.93 -5.44 14.56
C THR A 10 -3.85 -6.51 14.71
N SER A 11 -3.01 -6.39 15.74
CA SER A 11 -1.98 -7.38 16.07
C SER A 11 -1.56 -7.33 17.54
N VAL A 12 -1.18 -8.48 18.12
CA VAL A 12 -0.45 -8.56 19.39
C VAL A 12 0.92 -7.88 19.34
N ILE A 13 1.49 -7.65 18.16
CA ILE A 13 2.79 -6.99 17.98
C ILE A 13 2.64 -5.49 18.29
N PRO A 14 3.47 -4.89 19.17
CA PRO A 14 3.41 -3.45 19.47
C PRO A 14 3.89 -2.56 18.30
N PRO A 15 3.50 -1.26 18.27
CA PRO A 15 3.72 -0.39 17.11
C PRO A 15 5.17 -0.29 16.61
N ALA A 16 6.16 -0.08 17.50
CA ALA A 16 7.56 0.09 17.09
C ALA A 16 8.16 -1.17 16.44
N ARG A 17 7.76 -2.37 16.88
CA ARG A 17 8.10 -3.63 16.21
C ARG A 17 7.36 -3.77 14.88
N LEU A 18 6.06 -3.48 14.82
CA LEU A 18 5.29 -3.60 13.57
C LEU A 18 5.68 -2.63 12.46
N PHE A 19 6.25 -1.55 12.91
CA PHE A 19 6.83 -0.47 12.12
C PHE A 19 7.95 -0.92 11.23
N LYS A 20 8.94 -1.35 11.96
CA LYS A 20 10.24 -1.82 11.46
C LYS A 20 10.17 -3.10 10.61
N SER A 21 9.11 -3.82 10.88
CA SER A 21 8.66 -5.05 10.21
C SER A 21 7.99 -4.73 8.88
N PHE A 22 6.95 -3.88 8.89
CA PHE A 22 6.28 -3.41 7.68
C PHE A 22 7.25 -2.69 6.72
N VAL A 23 8.20 -1.88 7.22
CA VAL A 23 9.27 -1.27 6.41
C VAL A 23 10.07 -2.31 5.60
N LEU A 24 10.41 -3.43 6.24
CA LEU A 24 11.13 -4.58 5.66
C LEU A 24 10.25 -5.54 4.84
N ASP A 25 8.92 -5.31 4.79
CA ASP A 25 7.92 -6.17 4.14
C ASP A 25 6.99 -5.37 3.19
N ALA A 26 7.41 -4.16 2.81
CA ALA A 26 6.70 -3.15 2.02
C ALA A 26 6.61 -3.51 0.54
N ASP A 27 7.76 -3.79 -0.07
CA ASP A 27 7.83 -4.43 -1.39
C ASP A 27 7.22 -5.83 -1.32
N ASN A 28 7.25 -6.49 -0.15
CA ASN A 28 6.61 -7.79 0.02
C ASN A 28 5.06 -7.74 0.03
N LEU A 29 4.44 -6.58 0.29
CA LEU A 29 2.97 -6.42 0.19
C LEU A 29 2.46 -6.86 -1.18
N ILE A 30 3.14 -6.43 -2.25
CA ILE A 30 2.72 -6.61 -3.64
C ILE A 30 2.38 -8.08 -3.96
N PRO A 31 3.31 -9.06 -3.83
CA PRO A 31 2.98 -10.46 -4.05
C PRO A 31 2.07 -11.06 -2.98
N LYS A 32 2.09 -10.61 -1.72
CA LYS A 32 1.30 -11.25 -0.64
C LYS A 32 -0.14 -10.73 -0.48
N VAL A 33 -0.50 -9.58 -1.06
CA VAL A 33 -1.89 -9.06 -1.09
C VAL A 33 -2.45 -8.80 -2.50
N ALA A 34 -1.62 -8.82 -3.54
CA ALA A 34 -2.06 -8.91 -4.94
C ALA A 34 -1.19 -9.90 -5.76
N PRO A 35 -1.33 -11.22 -5.52
CA PRO A 35 -0.43 -12.23 -6.09
C PRO A 35 -0.54 -12.41 -7.61
N GLN A 36 -1.75 -12.56 -8.16
CA GLN A 36 -1.94 -12.80 -9.59
C GLN A 36 -1.76 -11.53 -10.43
N HIS A 37 -2.01 -10.37 -9.85
CA HIS A 37 -2.20 -9.10 -10.56
C HIS A 37 -0.87 -8.48 -10.97
N PHE A 38 0.03 -8.29 -10.01
CA PHE A 38 1.40 -7.88 -10.26
C PHE A 38 2.25 -9.07 -10.73
N THR A 39 3.34 -8.78 -11.44
CA THR A 39 4.27 -9.76 -12.03
C THR A 39 5.68 -9.60 -11.47
N SER A 40 6.11 -8.37 -11.18
CA SER A 40 7.30 -8.06 -10.38
C SER A 40 7.28 -6.61 -9.88
N ALA A 41 8.07 -6.32 -8.86
CA ALA A 41 8.42 -4.97 -8.45
C ALA A 41 9.94 -4.82 -8.44
N GLU A 42 10.44 -3.71 -8.98
CA GLU A 42 11.88 -3.54 -9.22
C GLU A 42 12.41 -2.16 -8.79
N ASN A 43 13.56 -2.10 -8.13
CA ASN A 43 14.13 -0.83 -7.67
C ASN A 43 14.75 -0.05 -8.85
N LEU A 44 14.22 1.13 -9.18
CA LEU A 44 14.58 1.87 -10.39
C LEU A 44 15.66 2.92 -10.12
N GLU A 45 15.41 3.81 -9.14
CA GLU A 45 16.31 4.91 -8.77
C GLU A 45 16.11 5.29 -7.29
N GLY A 46 17.20 5.48 -6.55
CA GLY A 46 17.20 5.66 -5.10
C GLY A 46 17.56 4.37 -4.32
N ASN A 47 17.81 4.51 -3.02
CA ASN A 47 18.53 3.52 -2.20
C ASN A 47 17.65 2.74 -1.21
N GLY A 48 16.32 2.87 -1.29
CA GLY A 48 15.33 2.11 -0.52
C GLY A 48 14.64 2.89 0.61
N GLY A 49 15.17 4.04 1.03
CA GLY A 49 14.45 5.01 1.85
C GLY A 49 13.38 5.78 1.04
N PRO A 50 12.51 6.56 1.70
CA PRO A 50 11.48 7.33 1.01
C PRO A 50 12.14 8.39 0.11
N GLY A 51 11.55 8.61 -1.06
CA GLY A 51 12.18 9.24 -2.24
C GLY A 51 12.40 8.22 -3.37
N THR A 52 12.78 6.99 -3.02
CA THR A 52 13.12 5.93 -3.99
C THR A 52 11.95 5.55 -4.90
N ILE A 53 12.19 5.53 -6.22
CA ILE A 53 11.24 5.08 -7.25
C ILE A 53 11.49 3.60 -7.57
N LYS A 54 10.40 2.83 -7.70
CA LYS A 54 10.37 1.45 -8.18
C LYS A 54 9.68 1.39 -9.55
N LYS A 55 10.22 0.60 -10.47
CA LYS A 55 9.59 0.19 -11.74
C LYS A 55 8.80 -1.09 -11.48
N ILE A 56 7.52 -1.11 -11.82
CA ILE A 56 6.61 -2.20 -11.48
C ILE A 56 6.08 -2.84 -12.76
N THR A 57 5.94 -4.17 -12.79
CA THR A 57 5.38 -4.93 -13.92
C THR A 57 4.13 -5.68 -13.48
N PHE A 58 3.09 -5.68 -14.31
CA PHE A 58 1.73 -6.18 -14.00
C PHE A 58 1.18 -7.01 -15.17
N ALA A 59 0.11 -7.77 -14.91
CA ALA A 59 -0.34 -8.93 -15.69
C ALA A 59 -0.35 -8.79 -17.22
N GLU A 60 -0.09 -9.91 -17.89
CA GLU A 60 -0.25 -10.13 -19.33
C GLU A 60 -1.70 -10.03 -19.81
N GLY A 61 -1.87 -9.77 -21.10
CA GLY A 61 -3.15 -9.67 -21.80
C GLY A 61 -2.97 -8.88 -23.11
N ASN A 62 -2.39 -9.52 -24.13
CA ASN A 62 -1.86 -8.93 -25.37
C ASN A 62 -0.67 -7.95 -25.18
N GLU A 63 -0.70 -7.12 -24.14
CA GLU A 63 0.41 -6.27 -23.71
C GLU A 63 0.48 -6.22 -22.18
N PHE A 64 1.62 -6.62 -21.60
CA PHE A 64 1.84 -6.55 -20.15
C PHE A 64 1.76 -5.10 -19.64
N LYS A 65 1.21 -4.93 -18.43
CA LYS A 65 0.97 -3.61 -17.82
C LYS A 65 2.20 -3.06 -17.10
N TYR A 66 2.34 -1.75 -17.12
CA TYR A 66 3.49 -0.98 -16.62
C TYR A 66 3.04 0.09 -15.63
N MET A 67 3.75 0.20 -14.51
CA MET A 67 3.65 1.30 -13.56
C MET A 67 5.00 1.65 -12.94
N LYS A 68 5.07 2.79 -12.24
CA LYS A 68 6.14 3.11 -11.29
C LYS A 68 5.54 3.50 -9.95
N HIS A 69 6.10 2.96 -8.86
CA HIS A 69 5.81 3.38 -7.48
C HIS A 69 6.94 4.27 -6.95
N LYS A 70 6.71 5.00 -5.86
CA LYS A 70 7.79 5.55 -5.04
C LYS A 70 7.41 5.49 -3.59
N VAL A 71 8.37 5.12 -2.73
CA VAL A 71 8.24 5.35 -1.30
C VAL A 71 8.30 6.87 -1.08
N GLU A 72 7.49 7.43 -0.18
CA GLU A 72 7.17 8.86 -0.17
C GLU A 72 7.56 9.56 1.13
N GLU A 73 7.41 8.90 2.27
CA GLU A 73 7.80 9.36 3.63
C GLU A 73 7.66 8.19 4.62
N ILE A 74 8.44 8.23 5.71
CA ILE A 74 8.41 7.26 6.80
C ILE A 74 8.76 7.97 8.12
N ASP A 75 7.91 7.87 9.15
CA ASP A 75 8.16 8.44 10.48
C ASP A 75 7.94 7.43 11.62
N HIS A 76 8.81 7.42 12.63
CA HIS A 76 8.60 6.64 13.86
C HIS A 76 7.82 7.42 14.93
N ALA A 77 8.00 8.74 15.05
CA ALA A 77 7.41 9.53 16.14
C ALA A 77 5.87 9.60 16.09
N ASN A 78 5.27 9.40 14.92
CA ASN A 78 3.84 9.13 14.75
C ASN A 78 3.55 7.81 13.98
N PHE A 79 4.56 6.94 13.86
CA PHE A 79 4.53 5.60 13.26
C PHE A 79 3.74 5.50 11.93
N LYS A 80 4.29 6.10 10.87
CA LYS A 80 3.70 6.10 9.51
C LYS A 80 4.67 5.61 8.44
N TYR A 81 4.09 5.06 7.37
CA TYR A 81 4.76 4.67 6.13
C TYR A 81 3.92 5.11 4.93
N CYS A 82 4.55 5.59 3.85
CA CYS A 82 3.86 6.14 2.70
C CYS A 82 4.54 5.73 1.38
N TYR A 83 3.74 5.44 0.35
CA TYR A 83 4.16 5.35 -1.05
C TYR A 83 3.07 5.91 -1.97
N SER A 84 3.39 6.10 -3.25
CA SER A 84 2.42 6.43 -4.30
C SER A 84 2.81 5.78 -5.64
N ILE A 85 1.85 5.50 -6.51
CA ILE A 85 2.11 5.24 -7.94
C ILE A 85 2.30 6.58 -8.67
N ILE A 86 3.49 6.79 -9.24
CA ILE A 86 3.91 8.05 -9.90
C ILE A 86 3.48 8.08 -11.38
N GLU A 87 3.40 6.91 -12.03
CA GLU A 87 3.25 6.76 -13.49
C GLU A 87 2.73 5.35 -13.82
N GLY A 88 2.05 5.19 -14.95
CA GLY A 88 1.67 3.90 -15.52
C GLY A 88 0.41 3.95 -16.38
N GLY A 89 0.24 2.96 -17.25
CA GLY A 89 -0.98 2.81 -18.06
C GLY A 89 -2.26 2.76 -17.19
N PRO A 90 -2.26 2.01 -16.07
CA PRO A 90 -3.34 2.05 -15.07
C PRO A 90 -3.67 3.43 -14.47
N LEU A 91 -2.78 4.42 -14.47
CA LEU A 91 -3.14 5.82 -14.17
C LEU A 91 -3.62 6.61 -15.40
N GLY A 92 -3.01 6.36 -16.56
CA GLY A 92 -2.85 7.34 -17.64
C GLY A 92 -4.13 8.04 -18.12
N HIS A 93 -5.26 7.32 -18.14
CA HIS A 93 -6.58 7.80 -18.59
C HIS A 93 -7.07 9.04 -17.84
N THR A 94 -6.98 9.10 -16.52
CA THR A 94 -7.59 10.17 -15.68
C THR A 94 -6.77 10.59 -14.46
N LEU A 95 -5.74 9.85 -14.06
CA LEU A 95 -5.09 10.01 -12.76
C LEU A 95 -3.67 10.56 -12.86
N GLU A 96 -3.32 11.48 -11.96
CA GLU A 96 -1.94 11.91 -11.73
C GLU A 96 -1.20 10.88 -10.88
N LYS A 97 -1.85 10.39 -9.82
CA LYS A 97 -1.25 9.53 -8.79
C LYS A 97 -2.32 8.81 -7.96
N ILE A 98 -1.94 7.70 -7.34
CA ILE A 98 -2.71 7.05 -6.25
C ILE A 98 -1.77 6.89 -5.04
N PRO A 99 -1.75 7.86 -4.10
CA PRO A 99 -1.01 7.72 -2.85
C PRO A 99 -1.64 6.72 -1.87
N TYR A 100 -0.80 6.20 -1.00
CA TYR A 100 -1.14 5.29 0.09
C TYR A 100 -0.57 5.82 1.41
N GLU A 101 -1.28 5.62 2.52
CA GLU A 101 -0.84 6.02 3.86
C GLU A 101 -1.08 4.88 4.83
N ILE A 102 -0.06 4.53 5.61
CA ILE A 102 -0.10 3.39 6.53
C ILE A 102 0.26 3.89 7.92
N LYS A 103 -0.50 3.50 8.95
CA LYS A 103 -0.21 3.83 10.36
C LYS A 103 -0.04 2.57 11.19
N MET A 104 1.07 2.43 11.92
CA MET A 104 1.09 1.57 13.10
C MET A 104 0.60 2.39 14.28
N ALA A 105 -0.51 1.95 14.83
CA ALA A 105 -1.42 2.77 15.62
C ALA A 105 -1.56 2.21 17.04
N ALA A 106 -1.59 3.08 18.05
CA ALA A 106 -1.76 2.66 19.45
C ALA A 106 -3.11 1.96 19.64
N ALA A 107 -3.10 0.80 20.28
CA ALA A 107 -4.28 0.04 20.68
C ALA A 107 -4.66 0.39 22.13
N PRO A 108 -5.91 0.14 22.60
CA PRO A 108 -6.29 0.40 23.98
C PRO A 108 -5.45 -0.41 24.98
N HIS A 109 -5.09 -1.65 24.67
CA HIS A 109 -3.97 -2.35 25.32
C HIS A 109 -2.63 -1.83 24.79
N GLY A 110 -1.73 -1.40 25.68
CA GLY A 110 -0.45 -0.77 25.30
C GLY A 110 0.57 -1.75 24.70
N GLY A 111 0.41 -3.06 24.97
CA GLY A 111 1.32 -4.09 24.46
C GLY A 111 1.07 -4.55 23.01
N GLY A 112 -0.08 -4.20 22.41
CA GLY A 112 -0.44 -4.57 21.04
C GLY A 112 -0.53 -3.35 20.12
N SER A 113 -1.03 -3.53 18.90
CA SER A 113 -1.24 -2.44 17.94
C SER A 113 -2.49 -2.63 17.06
N ILE A 114 -2.89 -1.52 16.46
CA ILE A 114 -3.74 -1.47 15.27
C ILE A 114 -2.80 -1.17 14.08
N LEU A 115 -3.07 -1.71 12.88
CA LEU A 115 -2.35 -1.34 11.66
C LEU A 115 -3.36 -0.81 10.63
N LYS A 116 -3.40 0.50 10.45
CA LYS A 116 -4.32 1.17 9.54
C LYS A 116 -3.73 1.28 8.14
N ILE A 117 -4.55 1.03 7.13
CA ILE A 117 -4.22 1.10 5.71
C ILE A 117 -5.14 2.13 5.01
N THR A 118 -4.58 3.04 4.21
CA THR A 118 -5.30 4.07 3.43
C THR A 118 -4.83 4.12 1.98
N SER A 119 -5.73 4.43 1.04
CA SER A 119 -5.42 4.82 -0.33
C SER A 119 -6.29 6.01 -0.79
N LYS A 120 -5.72 6.87 -1.62
CA LYS A 120 -6.36 8.07 -2.19
C LYS A 120 -6.01 8.19 -3.67
N TYR A 121 -6.92 8.71 -4.48
CA TYR A 121 -6.91 8.62 -5.94
C TYR A 121 -7.07 10.03 -6.51
N HIS A 122 -6.02 10.58 -7.14
CA HIS A 122 -5.96 12.00 -7.53
C HIS A 122 -5.84 12.20 -9.05
N THR A 123 -6.68 13.07 -9.60
CA THR A 123 -6.84 13.25 -11.06
C THR A 123 -5.70 14.02 -11.74
N LYS A 124 -5.48 13.74 -13.04
CA LYS A 124 -4.50 14.40 -13.90
C LYS A 124 -4.96 15.81 -14.29
N GLY A 125 -4.11 16.81 -14.13
CA GLY A 125 -4.52 18.22 -14.22
C GLY A 125 -5.76 18.51 -13.35
N ASN A 126 -6.64 19.41 -13.79
CA ASN A 126 -7.91 19.69 -13.12
C ASN A 126 -9.07 18.72 -13.48
N ALA A 127 -8.78 17.52 -14.00
CA ALA A 127 -9.79 16.57 -14.51
C ALA A 127 -10.73 15.98 -13.44
N SER A 128 -11.83 15.36 -13.89
CA SER A 128 -12.73 14.52 -13.09
C SER A 128 -12.36 13.03 -13.20
N ILE A 129 -12.49 12.28 -12.11
CA ILE A 129 -12.26 10.82 -12.07
C ILE A 129 -13.42 10.06 -12.75
N ASN A 130 -13.12 8.88 -13.31
CA ASN A 130 -14.11 7.86 -13.65
C ASN A 130 -14.80 7.38 -12.37
N GLU A 131 -16.13 7.44 -12.34
CA GLU A 131 -16.93 6.58 -11.45
C GLU A 131 -16.53 5.12 -11.67
N GLU A 132 -16.10 4.75 -12.87
CA GLU A 132 -15.64 3.37 -13.09
C GLU A 132 -14.31 3.08 -12.37
N GLU A 133 -13.41 4.06 -12.26
CA GLU A 133 -12.19 3.97 -11.44
C GLU A 133 -12.43 4.16 -9.94
N ILE A 134 -13.52 4.81 -9.52
CA ILE A 134 -13.98 4.77 -8.13
C ILE A 134 -14.40 3.36 -7.77
N LYS A 135 -15.35 2.82 -8.54
CA LYS A 135 -15.97 1.52 -8.31
C LYS A 135 -14.95 0.39 -8.38
N ALA A 136 -14.10 0.39 -9.40
CA ALA A 136 -12.93 -0.47 -9.44
C ALA A 136 -11.98 -0.17 -8.26
N GLY A 137 -11.66 1.10 -8.02
CA GLY A 137 -10.70 1.55 -7.03
C GLY A 137 -10.94 1.02 -5.62
N LYS A 138 -12.10 1.32 -4.99
CA LYS A 138 -12.38 0.87 -3.62
C LYS A 138 -12.46 -0.65 -3.49
N GLU A 139 -12.97 -1.30 -4.53
CA GLU A 139 -13.33 -2.71 -4.57
C GLU A 139 -12.21 -3.69 -4.90
N LYS A 140 -11.35 -3.30 -5.85
CA LYS A 140 -9.95 -3.76 -5.85
C LYS A 140 -9.32 -3.46 -4.50
N ALA A 141 -9.76 -2.43 -3.78
CA ALA A 141 -9.07 -2.07 -2.52
C ALA A 141 -9.58 -2.88 -1.33
N ALA A 142 -10.84 -3.32 -1.33
CA ALA A 142 -11.32 -4.40 -0.48
C ALA A 142 -10.58 -5.71 -0.78
N GLY A 143 -10.22 -5.97 -2.05
CA GLY A 143 -9.36 -7.09 -2.44
C GLY A 143 -7.96 -7.02 -1.81
N LEU A 144 -7.28 -5.87 -1.92
CA LEU A 144 -6.00 -5.60 -1.27
C LEU A 144 -6.11 -5.70 0.25
N PHE A 145 -6.94 -4.84 0.85
CA PHE A 145 -6.91 -4.54 2.28
C PHE A 145 -7.50 -5.66 3.14
N LYS A 146 -8.38 -6.53 2.62
CA LYS A 146 -8.81 -7.73 3.33
C LYS A 146 -7.78 -8.84 3.23
N ALA A 147 -6.89 -8.83 2.22
CA ALA A 147 -5.69 -9.66 2.24
C ALA A 147 -4.55 -9.07 3.07
N VAL A 148 -4.46 -7.75 3.26
CA VAL A 148 -3.64 -7.19 4.36
C VAL A 148 -4.23 -7.62 5.72
N GLU A 149 -5.56 -7.55 5.87
CA GLU A 149 -6.25 -7.92 7.11
C GLU A 149 -6.05 -9.41 7.41
N ALA A 150 -6.50 -10.30 6.54
CA ALA A 150 -6.35 -11.74 6.79
C ALA A 150 -4.90 -12.20 6.74
N TYR A 151 -3.98 -11.52 6.02
CA TYR A 151 -2.55 -11.77 6.28
C TYR A 151 -2.18 -11.56 7.77
N LEU A 152 -2.50 -10.39 8.34
CA LEU A 152 -2.24 -10.00 9.74
C LEU A 152 -3.00 -10.84 10.78
N LEU A 153 -4.32 -10.88 10.66
CA LEU A 153 -5.24 -11.57 11.57
C LEU A 153 -5.08 -13.09 11.55
N ALA A 154 -4.86 -13.70 10.37
CA ALA A 154 -4.66 -15.13 10.24
C ALA A 154 -3.19 -15.58 10.43
N HIS A 155 -2.24 -14.66 10.65
CA HIS A 155 -0.85 -14.99 10.97
C HIS A 155 -0.78 -15.82 12.27
N PRO A 156 -0.36 -17.10 12.21
CA PRO A 156 -0.47 -18.02 13.35
C PRO A 156 0.67 -17.86 14.36
N ASP A 157 1.84 -17.39 13.93
CA ASP A 157 3.10 -17.43 14.69
C ASP A 157 3.40 -16.11 15.45
N ALA A 158 2.43 -15.20 15.55
CA ALA A 158 2.59 -13.85 16.09
C ALA A 158 3.03 -13.76 17.57
N TYR A 159 2.93 -14.86 18.32
CA TYR A 159 3.42 -15.00 19.70
C TYR A 159 4.96 -15.15 19.80
N CYS A 160 5.71 -14.75 18.76
CA CYS A 160 7.15 -14.93 18.60
C CYS A 160 7.83 -13.62 18.15
N GLY A 1 -10.64 15.72 -8.00
CA GLY A 1 -10.10 15.88 -6.64
C GLY A 1 -9.58 14.56 -6.13
N VAL A 2 -9.79 14.26 -4.84
CA VAL A 2 -9.28 13.05 -4.18
C VAL A 2 -10.40 12.19 -3.59
N PHE A 3 -10.55 10.96 -4.09
CA PHE A 3 -11.26 9.86 -3.40
C PHE A 3 -10.31 9.15 -2.41
N SER A 4 -10.84 8.53 -1.34
CA SER A 4 -10.06 7.82 -0.31
C SER A 4 -10.72 6.53 0.14
N TYR A 5 -9.92 5.56 0.61
CA TYR A 5 -10.35 4.30 1.20
C TYR A 5 -9.44 3.93 2.37
N GLU A 6 -10.04 3.65 3.53
CA GLU A 6 -9.33 3.41 4.80
C GLU A 6 -9.83 2.12 5.46
N ASP A 7 -8.93 1.27 5.94
CA ASP A 7 -9.26 0.12 6.78
C ASP A 7 -8.10 -0.31 7.68
N GLU A 8 -8.38 -0.93 8.83
CA GLU A 8 -7.40 -1.15 9.90
C GLU A 8 -7.35 -2.58 10.44
N ALA A 9 -6.12 -3.08 10.58
CA ALA A 9 -5.77 -4.39 11.11
C ALA A 9 -5.35 -4.32 12.59
N THR A 10 -5.07 -5.48 13.21
CA THR A 10 -4.51 -5.57 14.57
C THR A 10 -3.45 -6.66 14.67
N SER A 11 -2.56 -6.55 15.66
CA SER A 11 -1.51 -7.54 15.91
C SER A 11 -1.16 -7.64 17.39
N VAL A 12 -0.77 -8.82 17.88
CA VAL A 12 -0.12 -8.98 19.19
C VAL A 12 1.27 -8.35 19.23
N ILE A 13 1.84 -8.01 18.07
CA ILE A 13 3.15 -7.37 17.92
C ILE A 13 3.07 -5.87 18.29
N PRO A 14 3.96 -5.34 19.14
CA PRO A 14 3.96 -3.91 19.51
C PRO A 14 4.44 -3.00 18.36
N PRO A 15 4.15 -1.69 18.38
CA PRO A 15 4.29 -0.80 17.23
C PRO A 15 5.69 -0.78 16.58
N ALA A 16 6.77 -0.64 17.35
CA ALA A 16 8.14 -0.59 16.84
C ALA A 16 8.59 -1.91 16.21
N ARG A 17 8.13 -3.05 16.77
CA ARG A 17 8.38 -4.36 16.20
C ARG A 17 7.61 -4.55 14.89
N LEU A 18 6.34 -4.10 14.82
CA LEU A 18 5.54 -4.20 13.59
C LEU A 18 5.92 -3.24 12.48
N PHE A 19 6.54 -2.17 12.91
CA PHE A 19 7.10 -1.08 12.11
C PHE A 19 8.14 -1.58 11.14
N LYS A 20 9.14 -2.07 11.82
CA LYS A 20 10.34 -2.68 11.23
C LYS A 20 10.15 -4.01 10.51
N SER A 21 9.04 -4.65 10.84
CA SER A 21 8.55 -5.84 10.13
C SER A 21 7.91 -5.44 8.80
N PHE A 22 6.91 -4.55 8.84
CA PHE A 22 6.17 -4.09 7.67
C PHE A 22 7.04 -3.32 6.66
N VAL A 23 7.89 -2.40 7.13
CA VAL A 23 8.75 -1.55 6.27
C VAL A 23 9.83 -2.37 5.55
N LEU A 24 10.31 -3.45 6.19
CA LEU A 24 11.19 -4.45 5.58
C LEU A 24 10.46 -5.48 4.69
N ASP A 25 9.12 -5.43 4.61
CA ASP A 25 8.23 -6.41 3.96
C ASP A 25 7.17 -5.73 3.05
N ALA A 26 7.44 -4.50 2.61
CA ALA A 26 6.56 -3.59 1.84
C ALA A 26 6.39 -4.00 0.38
N ASP A 27 7.51 -4.16 -0.33
CA ASP A 27 7.55 -4.82 -1.64
C ASP A 27 7.05 -6.27 -1.53
N ASN A 28 7.24 -6.89 -0.37
CA ASN A 28 6.74 -8.24 -0.11
C ASN A 28 5.21 -8.32 0.04
N LEU A 29 4.49 -7.20 0.17
CA LEU A 29 3.02 -7.17 0.13
C LEU A 29 2.48 -7.67 -1.21
N ILE A 30 3.10 -7.28 -2.32
CA ILE A 30 2.59 -7.50 -3.68
C ILE A 30 2.25 -8.97 -3.94
N PRO A 31 3.17 -9.95 -3.77
CA PRO A 31 2.80 -11.37 -3.88
C PRO A 31 1.79 -11.81 -2.80
N LYS A 32 1.94 -11.36 -1.55
CA LYS A 32 1.12 -11.87 -0.42
C LYS A 32 -0.33 -11.35 -0.41
N VAL A 33 -0.67 -10.28 -1.14
CA VAL A 33 -2.04 -9.70 -1.21
C VAL A 33 -2.63 -9.61 -2.62
N ALA A 34 -1.81 -9.58 -3.67
CA ALA A 34 -2.27 -9.62 -5.07
C ALA A 34 -1.34 -10.52 -5.91
N PRO A 35 -1.40 -11.86 -5.72
CA PRO A 35 -0.42 -12.78 -6.29
C PRO A 35 -0.46 -12.84 -7.81
N GLN A 36 -1.67 -12.91 -8.40
CA GLN A 36 -1.85 -13.00 -9.84
C GLN A 36 -1.50 -11.70 -10.59
N HIS A 37 -1.62 -10.54 -9.94
CA HIS A 37 -1.83 -9.26 -10.63
C HIS A 37 -0.59 -8.58 -11.20
N PHE A 38 0.61 -8.98 -10.77
CA PHE A 38 1.89 -8.35 -11.15
C PHE A 38 2.94 -9.39 -11.56
N THR A 39 3.60 -9.19 -12.71
CA THR A 39 4.76 -9.99 -13.14
C THR A 39 5.93 -9.82 -12.18
N SER A 40 6.24 -8.57 -11.82
CA SER A 40 7.43 -8.25 -11.03
C SER A 40 7.37 -6.85 -10.41
N ALA A 41 8.30 -6.59 -9.50
CA ALA A 41 8.54 -5.27 -8.89
C ALA A 41 10.04 -5.05 -8.75
N GLU A 42 10.51 -3.84 -9.06
CA GLU A 42 11.96 -3.53 -9.17
C GLU A 42 12.32 -2.20 -8.52
N ASN A 43 13.47 -2.11 -7.84
CA ASN A 43 13.99 -0.83 -7.35
C ASN A 43 14.67 -0.06 -8.49
N LEU A 44 14.16 1.12 -8.86
CA LEU A 44 14.58 1.83 -10.06
C LEU A 44 15.65 2.89 -9.76
N GLU A 45 15.40 3.76 -8.77
CA GLU A 45 16.33 4.83 -8.38
C GLU A 45 16.11 5.28 -6.92
N GLY A 46 17.20 5.29 -6.14
CA GLY A 46 17.23 5.64 -4.71
C GLY A 46 17.66 4.48 -3.82
N ASN A 47 18.32 4.82 -2.70
CA ASN A 47 18.91 3.85 -1.76
C ASN A 47 17.90 3.18 -0.81
N GLY A 48 16.58 3.30 -1.04
CA GLY A 48 15.51 2.57 -0.34
C GLY A 48 14.69 3.41 0.66
N GLY A 49 15.15 4.61 1.01
CA GLY A 49 14.40 5.57 1.84
C GLY A 49 13.29 6.29 1.07
N PRO A 50 12.45 7.09 1.75
CA PRO A 50 11.38 7.84 1.09
C PRO A 50 11.99 8.93 0.19
N GLY A 51 11.50 8.98 -1.05
CA GLY A 51 12.15 9.58 -2.21
C GLY A 51 12.48 8.53 -3.29
N THR A 52 12.79 7.29 -2.90
CA THR A 52 13.16 6.19 -3.81
C THR A 52 12.01 5.75 -4.71
N ILE A 53 12.23 5.73 -6.03
CA ILE A 53 11.31 5.22 -7.05
C ILE A 53 11.59 3.74 -7.40
N LYS A 54 10.53 2.98 -7.64
CA LYS A 54 10.48 1.56 -8.06
C LYS A 54 9.75 1.45 -9.40
N LYS A 55 10.14 0.53 -10.28
CA LYS A 55 9.39 0.15 -11.49
C LYS A 55 8.63 -1.15 -11.22
N ILE A 56 7.32 -1.16 -11.40
CA ILE A 56 6.48 -2.34 -11.16
C ILE A 56 5.88 -2.80 -12.50
N THR A 57 5.78 -4.12 -12.75
CA THR A 57 5.22 -4.67 -13.99
C THR A 57 3.92 -5.43 -13.71
N PHE A 58 2.83 -4.99 -14.32
CA PHE A 58 1.52 -5.64 -14.27
C PHE A 58 1.50 -6.96 -15.07
N ALA A 59 0.80 -7.97 -14.54
CA ALA A 59 0.86 -9.33 -15.03
C ALA A 59 0.43 -9.53 -16.49
N GLU A 60 0.92 -10.62 -17.07
CA GLU A 60 0.62 -11.04 -18.44
C GLU A 60 -0.88 -11.14 -18.73
N GLY A 61 -1.28 -10.73 -19.93
CA GLY A 61 -2.66 -10.60 -20.37
C GLY A 61 -2.71 -10.07 -21.79
N ASN A 62 -2.18 -10.86 -22.74
CA ASN A 62 -1.86 -10.52 -24.13
C ASN A 62 -0.78 -9.44 -24.31
N GLU A 63 -0.69 -8.44 -23.43
CA GLU A 63 0.41 -7.49 -23.30
C GLU A 63 0.49 -7.00 -21.84
N PHE A 64 1.70 -6.79 -21.30
CA PHE A 64 1.91 -6.24 -19.94
C PHE A 64 1.36 -4.81 -19.77
N LYS A 65 1.30 -4.33 -18.52
CA LYS A 65 1.18 -2.88 -18.23
C LYS A 65 2.32 -2.36 -17.37
N TYR A 66 2.70 -1.10 -17.62
CA TYR A 66 3.77 -0.38 -16.95
C TYR A 66 3.25 0.54 -15.83
N MET A 67 3.94 0.54 -14.69
CA MET A 67 3.77 1.51 -13.60
C MET A 67 5.11 1.77 -12.88
N LYS A 68 5.18 2.89 -12.16
CA LYS A 68 6.22 3.15 -11.16
C LYS A 68 5.61 3.50 -9.79
N HIS A 69 6.20 2.96 -8.73
CA HIS A 69 5.93 3.29 -7.32
C HIS A 69 7.03 4.21 -6.78
N LYS A 70 6.78 4.87 -5.64
CA LYS A 70 7.85 5.45 -4.83
C LYS A 70 7.52 5.28 -3.36
N VAL A 71 8.52 5.14 -2.51
CA VAL A 71 8.37 5.46 -1.08
C VAL A 71 8.33 6.99 -0.95
N GLU A 72 7.44 7.54 -0.14
CA GLU A 72 7.03 8.96 -0.19
C GLU A 72 7.28 9.70 1.14
N GLU A 73 7.24 8.99 2.27
CA GLU A 73 7.67 9.42 3.61
C GLU A 73 7.79 8.18 4.53
N ILE A 74 8.65 8.25 5.54
CA ILE A 74 8.74 7.28 6.65
C ILE A 74 9.00 8.05 7.94
N ASP A 75 8.20 7.81 8.98
CA ASP A 75 8.43 8.35 10.31
C ASP A 75 8.36 7.26 11.39
N HIS A 76 9.37 7.17 12.27
CA HIS A 76 9.28 6.37 13.49
C HIS A 76 8.50 7.09 14.59
N ALA A 77 8.50 8.43 14.64
CA ALA A 77 7.96 9.18 15.78
C ALA A 77 6.44 9.04 15.91
N ASN A 78 5.69 9.28 14.82
CA ASN A 78 4.27 8.95 14.71
C ASN A 78 3.99 7.62 13.97
N PHE A 79 5.01 6.76 13.83
CA PHE A 79 4.98 5.43 13.23
C PHE A 79 4.18 5.33 11.91
N LYS A 80 4.71 5.94 10.84
CA LYS A 80 4.12 5.89 9.48
C LYS A 80 5.08 5.43 8.39
N TYR A 81 4.51 4.85 7.35
CA TYR A 81 5.13 4.56 6.06
C TYR A 81 4.18 5.00 4.94
N CYS A 82 4.70 5.60 3.88
CA CYS A 82 3.91 6.08 2.75
C CYS A 82 4.57 5.68 1.43
N TYR A 83 3.76 5.29 0.45
CA TYR A 83 4.17 5.11 -0.94
C TYR A 83 3.13 5.71 -1.89
N SER A 84 3.45 5.80 -3.19
CA SER A 84 2.51 6.21 -4.23
C SER A 84 2.84 5.57 -5.58
N ILE A 85 1.84 5.21 -6.38
CA ILE A 85 2.06 5.02 -7.84
C ILE A 85 2.22 6.39 -8.48
N ILE A 86 3.46 6.71 -8.88
CA ILE A 86 3.86 8.01 -9.44
C ILE A 86 3.43 8.17 -10.90
N GLU A 87 3.32 7.06 -11.63
CA GLU A 87 3.14 7.02 -13.09
C GLU A 87 2.68 5.63 -13.51
N GLY A 88 1.89 5.51 -14.58
CA GLY A 88 1.58 4.22 -15.20
C GLY A 88 0.27 4.20 -15.99
N GLY A 89 0.19 3.33 -17.00
CA GLY A 89 -1.01 3.14 -17.83
C GLY A 89 -2.29 2.92 -17.02
N PRO A 90 -2.28 2.08 -15.98
CA PRO A 90 -3.39 1.90 -15.03
C PRO A 90 -3.95 3.16 -14.34
N LEU A 91 -3.21 4.27 -14.29
CA LEU A 91 -3.73 5.58 -13.85
C LEU A 91 -4.43 6.42 -14.95
N GLY A 92 -4.02 6.27 -16.22
CA GLY A 92 -4.14 7.31 -17.26
C GLY A 92 -5.56 7.75 -17.65
N HIS A 93 -6.58 6.96 -17.34
CA HIS A 93 -7.99 7.30 -17.59
C HIS A 93 -8.40 8.60 -16.88
N THR A 94 -8.12 8.74 -15.59
CA THR A 94 -8.59 9.85 -14.74
C THR A 94 -7.59 10.32 -13.69
N LEU A 95 -6.50 9.61 -13.42
CA LEU A 95 -5.67 9.79 -12.22
C LEU A 95 -4.26 10.30 -12.51
N GLU A 96 -3.77 11.18 -11.63
CA GLU A 96 -2.37 11.58 -11.55
C GLU A 96 -1.56 10.58 -10.74
N LYS A 97 -2.07 10.19 -9.57
CA LYS A 97 -1.38 9.33 -8.60
C LYS A 97 -2.38 8.64 -7.67
N ILE A 98 -1.98 7.48 -7.13
CA ILE A 98 -2.66 6.84 -5.99
C ILE A 98 -1.65 6.71 -4.84
N PRO A 99 -1.59 7.68 -3.91
CA PRO A 99 -0.85 7.51 -2.67
C PRO A 99 -1.49 6.49 -1.73
N TYR A 100 -0.65 5.91 -0.88
CA TYR A 100 -0.97 4.93 0.14
C TYR A 100 -0.27 5.33 1.45
N GLU A 101 -0.97 5.20 2.56
CA GLU A 101 -0.54 5.71 3.87
C GLU A 101 -0.81 4.66 4.94
N ILE A 102 0.21 4.33 5.72
CA ILE A 102 0.20 3.22 6.66
C ILE A 102 0.60 3.74 8.04
N LYS A 103 -0.13 3.36 9.10
CA LYS A 103 0.18 3.71 10.50
C LYS A 103 0.30 2.47 11.38
N MET A 104 1.35 2.35 12.18
CA MET A 104 1.26 1.54 13.40
C MET A 104 0.68 2.42 14.51
N ALA A 105 -0.42 1.96 15.05
CA ALA A 105 -1.39 2.71 15.83
C ALA A 105 -1.55 2.11 17.23
N ALA A 106 -1.86 2.96 18.21
CA ALA A 106 -1.86 2.56 19.61
C ALA A 106 -2.99 1.57 19.93
N ALA A 107 -2.63 0.32 20.25
CA ALA A 107 -3.59 -0.68 20.73
C ALA A 107 -4.08 -0.33 22.16
N PRO A 108 -5.37 -0.53 22.47
CA PRO A 108 -5.88 -0.47 23.83
C PRO A 108 -5.11 -1.41 24.78
N HIS A 109 -4.87 -2.65 24.37
CA HIS A 109 -3.95 -3.58 25.02
C HIS A 109 -2.51 -3.27 24.54
N GLY A 110 -1.80 -2.48 25.35
CA GLY A 110 -0.61 -1.73 24.94
C GLY A 110 0.60 -2.57 24.50
N GLY A 111 0.60 -3.89 24.73
CA GLY A 111 1.65 -4.80 24.27
C GLY A 111 1.54 -5.25 22.81
N GLY A 112 0.39 -4.99 22.17
CA GLY A 112 0.17 -5.19 20.74
C GLY A 112 0.11 -3.86 19.98
N SER A 113 -0.45 -3.88 18.77
CA SER A 113 -0.68 -2.69 17.94
C SER A 113 -1.90 -2.86 17.03
N ILE A 114 -2.43 -1.73 16.58
CA ILE A 114 -3.33 -1.64 15.43
C ILE A 114 -2.46 -1.29 14.22
N LEU A 115 -2.73 -1.82 13.03
CA LEU A 115 -2.01 -1.44 11.82
C LEU A 115 -3.01 -0.91 10.79
N LYS A 116 -3.06 0.42 10.63
CA LYS A 116 -3.98 1.09 9.73
C LYS A 116 -3.40 1.13 8.31
N ILE A 117 -4.22 0.80 7.32
CA ILE A 117 -3.89 0.82 5.89
C ILE A 117 -4.84 1.82 5.18
N THR A 118 -4.29 2.77 4.41
CA THR A 118 -5.06 3.78 3.67
C THR A 118 -4.60 3.90 2.22
N SER A 119 -5.52 4.19 1.30
CA SER A 119 -5.29 4.51 -0.10
C SER A 119 -6.09 5.77 -0.48
N LYS A 120 -5.56 6.58 -1.41
CA LYS A 120 -6.19 7.81 -1.91
C LYS A 120 -5.89 8.00 -3.39
N TYR A 121 -6.81 8.60 -4.14
CA TYR A 121 -6.86 8.57 -5.60
C TYR A 121 -7.04 9.99 -6.13
N HIS A 122 -5.94 10.63 -6.58
CA HIS A 122 -5.96 12.03 -7.02
C HIS A 122 -6.01 12.15 -8.54
N THR A 123 -6.89 13.01 -9.05
CA THR A 123 -7.18 13.17 -10.49
C THR A 123 -6.04 13.80 -11.32
N LYS A 124 -5.97 13.42 -12.60
CA LYS A 124 -5.06 14.01 -13.60
C LYS A 124 -5.49 15.44 -13.93
N GLY A 125 -4.55 16.39 -13.96
CA GLY A 125 -4.82 17.80 -14.21
C GLY A 125 -6.00 18.36 -13.39
N ASN A 126 -7.04 18.81 -14.08
CA ASN A 126 -8.33 19.24 -13.51
C ASN A 126 -9.50 18.30 -13.89
N ALA A 127 -9.23 17.06 -14.28
CA ALA A 127 -10.24 16.06 -14.60
C ALA A 127 -11.07 15.63 -13.36
N SER A 128 -12.18 14.93 -13.59
CA SER A 128 -13.00 14.30 -12.55
C SER A 128 -12.83 12.78 -12.55
N ILE A 129 -12.77 12.16 -11.36
CA ILE A 129 -12.76 10.70 -11.24
C ILE A 129 -14.13 10.12 -11.64
N ASN A 130 -14.14 9.00 -12.35
CA ASN A 130 -15.33 8.16 -12.54
C ASN A 130 -15.78 7.61 -11.20
N GLU A 131 -17.07 7.74 -10.93
CA GLU A 131 -17.78 6.89 -9.99
C GLU A 131 -17.59 5.41 -10.36
N GLU A 132 -17.30 5.10 -11.64
CA GLU A 132 -16.91 3.72 -11.96
C GLU A 132 -15.56 3.34 -11.33
N GLU A 133 -14.58 4.24 -11.43
CA GLU A 133 -13.23 4.06 -10.88
C GLU A 133 -13.16 4.24 -9.37
N ILE A 134 -14.07 4.99 -8.74
CA ILE A 134 -14.26 5.01 -7.29
C ILE A 134 -14.69 3.61 -6.84
N LYS A 135 -15.78 3.10 -7.40
CA LYS A 135 -16.46 1.91 -6.89
C LYS A 135 -15.64 0.64 -7.13
N ALA A 136 -15.13 0.47 -8.35
CA ALA A 136 -14.14 -0.57 -8.62
C ALA A 136 -12.86 -0.35 -7.79
N GLY A 137 -12.40 0.90 -7.64
CA GLY A 137 -11.19 1.27 -6.90
C GLY A 137 -11.17 0.73 -5.46
N LYS A 138 -12.15 1.07 -4.61
CA LYS A 138 -12.15 0.59 -3.21
C LYS A 138 -12.23 -0.93 -3.06
N GLU A 139 -12.89 -1.55 -4.00
CA GLU A 139 -13.24 -2.98 -4.04
C GLU A 139 -12.17 -3.91 -4.59
N LYS A 140 -11.51 -3.51 -5.68
CA LYS A 140 -10.12 -3.92 -5.93
C LYS A 140 -9.26 -3.61 -4.70
N ALA A 141 -9.62 -2.62 -3.87
CA ALA A 141 -8.76 -2.30 -2.72
C ALA A 141 -9.08 -3.16 -1.48
N ALA A 142 -10.30 -3.66 -1.33
CA ALA A 142 -10.64 -4.70 -0.36
C ALA A 142 -9.90 -6.01 -0.67
N GLY A 143 -9.61 -6.30 -1.94
CA GLY A 143 -8.72 -7.42 -2.33
C GLY A 143 -7.33 -7.28 -1.70
N LEU A 144 -6.75 -6.06 -1.77
CA LEU A 144 -5.50 -5.72 -1.13
C LEU A 144 -5.63 -5.76 0.40
N PHE A 145 -6.47 -4.89 0.96
CA PHE A 145 -6.51 -4.59 2.40
C PHE A 145 -7.08 -5.76 3.23
N LYS A 146 -7.95 -6.61 2.68
CA LYS A 146 -8.46 -7.78 3.39
C LYS A 146 -7.48 -8.93 3.33
N ALA A 147 -6.58 -8.96 2.36
CA ALA A 147 -5.42 -9.83 2.43
C ALA A 147 -4.26 -9.26 3.26
N VAL A 148 -4.08 -7.94 3.41
CA VAL A 148 -3.24 -7.38 4.48
C VAL A 148 -3.82 -7.72 5.86
N GLU A 149 -5.13 -7.53 6.03
CA GLU A 149 -5.85 -7.80 7.27
C GLU A 149 -5.82 -9.30 7.58
N ALA A 150 -6.34 -10.15 6.70
CA ALA A 150 -6.30 -11.59 6.94
C ALA A 150 -4.87 -12.14 7.01
N TYR A 151 -3.89 -11.56 6.30
CA TYR A 151 -2.48 -11.90 6.57
C TYR A 151 -2.16 -11.71 8.07
N LEU A 152 -2.35 -10.50 8.59
CA LEU A 152 -2.06 -10.11 9.97
C LEU A 152 -2.87 -10.91 11.01
N LEU A 153 -4.19 -10.93 10.85
CA LEU A 153 -5.15 -11.58 11.76
C LEU A 153 -5.12 -13.11 11.73
N ALA A 154 -4.90 -13.74 10.57
CA ALA A 154 -4.95 -15.21 10.42
C ALA A 154 -3.58 -15.89 10.65
N HIS A 155 -2.47 -15.13 10.63
CA HIS A 155 -1.11 -15.61 10.91
C HIS A 155 -0.98 -16.15 12.35
N PRO A 156 -0.68 -17.45 12.57
CA PRO A 156 -0.62 -18.01 13.92
C PRO A 156 0.64 -17.64 14.71
N ASP A 157 1.78 -17.52 14.03
CA ASP A 157 3.13 -17.59 14.61
C ASP A 157 3.61 -16.30 15.30
N ALA A 158 2.74 -15.30 15.45
CA ALA A 158 3.08 -13.99 16.00
C ALA A 158 3.57 -14.02 17.47
N TYR A 159 3.24 -15.08 18.24
CA TYR A 159 3.71 -15.31 19.61
C TYR A 159 5.21 -15.65 19.76
N CYS A 160 5.96 -15.49 18.68
CA CYS A 160 7.41 -15.65 18.56
C CYS A 160 8.04 -14.37 18.03
N GLY A 1 -9.09 16.86 -7.61
CA GLY A 1 -10.10 15.91 -7.11
C GLY A 1 -9.41 14.73 -6.45
N VAL A 2 -9.87 14.31 -5.27
CA VAL A 2 -9.35 13.11 -4.58
C VAL A 2 -10.49 12.26 -4.01
N PHE A 3 -10.58 10.99 -4.41
CA PHE A 3 -11.33 9.94 -3.71
C PHE A 3 -10.39 9.22 -2.70
N SER A 4 -10.90 8.65 -1.61
CA SER A 4 -10.11 7.89 -0.63
C SER A 4 -10.84 6.68 -0.05
N TYR A 5 -10.09 5.71 0.46
CA TYR A 5 -10.58 4.47 1.07
C TYR A 5 -9.65 3.98 2.20
N GLU A 6 -10.23 3.41 3.26
CA GLU A 6 -9.54 3.08 4.52
C GLU A 6 -9.99 1.75 5.13
N ASP A 7 -9.08 1.09 5.84
CA ASP A 7 -9.30 -0.10 6.65
C ASP A 7 -8.27 -0.15 7.80
N GLU A 8 -8.55 -0.78 8.93
CA GLU A 8 -7.64 -0.81 10.08
C GLU A 8 -7.58 -2.14 10.83
N ALA A 9 -6.35 -2.59 11.06
CA ALA A 9 -6.00 -3.88 11.67
C ALA A 9 -5.53 -3.74 13.13
N THR A 10 -5.24 -4.87 13.80
CA THR A 10 -4.57 -4.94 15.12
C THR A 10 -3.54 -6.06 15.15
N SER A 11 -2.53 -5.94 16.02
CA SER A 11 -1.47 -6.95 16.17
C SER A 11 -0.95 -6.99 17.60
N VAL A 12 -0.53 -8.17 18.05
CA VAL A 12 0.18 -8.34 19.34
C VAL A 12 1.60 -7.73 19.33
N ILE A 13 2.09 -7.28 18.18
CA ILE A 13 3.37 -6.55 18.05
C ILE A 13 3.17 -5.05 18.36
N PRO A 14 4.01 -4.41 19.20
CA PRO A 14 3.94 -2.96 19.44
C PRO A 14 4.23 -2.09 18.20
N PRO A 15 3.82 -0.80 18.18
CA PRO A 15 3.95 0.05 16.99
C PRO A 15 5.36 0.14 16.41
N ALA A 16 6.41 0.27 17.24
CA ALA A 16 7.79 0.43 16.76
C ALA A 16 8.32 -0.83 16.06
N ARG A 17 8.10 -2.01 16.63
CA ARG A 17 8.43 -3.28 15.97
C ARG A 17 7.54 -3.49 14.74
N LEU A 18 6.26 -3.13 14.76
CA LEU A 18 5.39 -3.29 13.57
C LEU A 18 5.68 -2.34 12.41
N PHE A 19 6.27 -1.25 12.79
CA PHE A 19 6.73 -0.16 11.92
C PHE A 19 7.80 -0.60 10.98
N LYS A 20 8.85 -0.95 11.66
CA LYS A 20 10.12 -1.45 11.10
C LYS A 20 10.07 -2.82 10.44
N SER A 21 9.01 -3.52 10.80
CA SER A 21 8.55 -4.79 10.24
C SER A 21 7.86 -4.56 8.90
N PHE A 22 6.82 -3.72 8.86
CA PHE A 22 6.14 -3.33 7.62
C PHE A 22 7.07 -2.63 6.62
N VAL A 23 8.00 -1.77 7.07
CA VAL A 23 9.05 -1.14 6.23
C VAL A 23 9.85 -2.20 5.46
N LEU A 24 10.20 -3.28 6.14
CA LEU A 24 10.92 -4.45 5.64
C LEU A 24 10.04 -5.47 4.88
N ASP A 25 8.72 -5.24 4.81
CA ASP A 25 7.70 -6.12 4.22
C ASP A 25 6.78 -5.33 3.25
N ALA A 26 7.26 -4.18 2.76
CA ALA A 26 6.54 -3.19 1.94
C ALA A 26 6.32 -3.65 0.51
N ASP A 27 7.42 -4.00 -0.16
CA ASP A 27 7.38 -4.71 -1.44
C ASP A 27 6.76 -6.09 -1.29
N ASN A 28 6.80 -6.65 -0.07
CA ASN A 28 6.18 -7.94 0.21
C ASN A 28 4.64 -7.88 0.28
N LEU A 29 4.02 -6.69 0.34
CA LEU A 29 2.57 -6.54 0.17
C LEU A 29 2.09 -7.22 -1.13
N ILE A 30 2.82 -7.01 -2.23
CA ILE A 30 2.45 -7.51 -3.56
C ILE A 30 2.24 -9.05 -3.55
N PRO A 31 3.22 -9.89 -3.18
CA PRO A 31 2.98 -11.33 -3.07
C PRO A 31 1.92 -11.70 -2.03
N LYS A 32 1.90 -11.07 -0.84
CA LYS A 32 1.04 -11.53 0.27
C LYS A 32 -0.42 -11.10 0.18
N VAL A 33 -0.75 -10.03 -0.57
CA VAL A 33 -2.14 -9.54 -0.74
C VAL A 33 -2.64 -9.43 -2.18
N ALA A 34 -1.77 -9.48 -3.19
CA ALA A 34 -2.19 -9.55 -4.60
C ALA A 34 -1.24 -10.45 -5.44
N PRO A 35 -1.29 -11.79 -5.24
CA PRO A 35 -0.32 -12.71 -5.83
C PRO A 35 -0.45 -12.86 -7.36
N GLN A 36 -1.66 -13.08 -7.88
CA GLN A 36 -1.93 -13.27 -9.32
C GLN A 36 -1.87 -11.96 -10.13
N HIS A 37 -1.91 -10.82 -9.46
CA HIS A 37 -2.07 -9.49 -10.05
C HIS A 37 -0.77 -8.89 -10.58
N PHE A 38 0.39 -9.22 -9.99
CA PHE A 38 1.68 -8.62 -10.36
C PHE A 38 2.72 -9.70 -10.66
N THR A 39 3.33 -9.65 -11.83
CA THR A 39 4.36 -10.60 -12.27
C THR A 39 5.71 -10.30 -11.63
N SER A 40 6.03 -9.01 -11.44
CA SER A 40 7.29 -8.56 -10.84
C SER A 40 7.17 -7.16 -10.23
N ALA A 41 8.13 -6.83 -9.36
CA ALA A 41 8.32 -5.52 -8.75
C ALA A 41 9.82 -5.26 -8.61
N GLU A 42 10.27 -4.07 -9.00
CA GLU A 42 11.70 -3.77 -9.15
C GLU A 42 12.08 -2.39 -8.63
N ASN A 43 13.18 -2.24 -7.89
CA ASN A 43 13.70 -0.93 -7.53
C ASN A 43 14.33 -0.25 -8.77
N LEU A 44 13.88 0.97 -9.10
CA LEU A 44 14.22 1.65 -10.35
C LEU A 44 15.23 2.77 -10.15
N GLU A 45 15.02 3.66 -9.18
CA GLU A 45 15.92 4.78 -8.89
C GLU A 45 15.79 5.24 -7.43
N GLY A 46 16.91 5.42 -6.73
CA GLY A 46 16.96 5.75 -5.30
C GLY A 46 17.17 4.52 -4.40
N ASN A 47 17.62 4.76 -3.17
CA ASN A 47 18.31 3.76 -2.34
C ASN A 47 17.44 2.96 -1.36
N GLY A 48 16.12 3.14 -1.38
CA GLY A 48 15.14 2.45 -0.53
C GLY A 48 14.53 3.31 0.59
N GLY A 49 15.04 4.53 0.81
CA GLY A 49 14.38 5.53 1.65
C GLY A 49 13.23 6.25 0.92
N PRO A 50 12.40 7.06 1.62
CA PRO A 50 11.30 7.77 1.01
C PRO A 50 11.83 8.83 0.03
N GLY A 51 11.31 8.80 -1.20
CA GLY A 51 11.93 9.37 -2.39
C GLY A 51 12.07 8.31 -3.50
N THR A 52 12.50 7.11 -3.13
CA THR A 52 12.88 6.02 -4.06
C THR A 52 11.73 5.55 -4.96
N ILE A 53 11.96 5.46 -6.27
CA ILE A 53 11.02 4.93 -7.27
C ILE A 53 11.29 3.44 -7.52
N LYS A 54 10.21 2.66 -7.67
CA LYS A 54 10.16 1.26 -8.08
C LYS A 54 9.38 1.13 -9.40
N LYS A 55 9.85 0.34 -10.36
CA LYS A 55 9.07 -0.09 -11.54
C LYS A 55 8.33 -1.39 -11.18
N ILE A 56 7.01 -1.39 -11.29
CA ILE A 56 6.14 -2.52 -10.92
C ILE A 56 5.45 -3.04 -12.18
N THR A 57 5.24 -4.35 -12.31
CA THR A 57 4.64 -4.97 -13.52
C THR A 57 3.39 -5.78 -13.18
N PHE A 58 2.23 -5.33 -13.65
CA PHE A 58 0.97 -6.09 -13.55
C PHE A 58 0.99 -7.30 -14.48
N ALA A 59 0.19 -8.31 -14.17
CA ALA A 59 0.04 -9.55 -14.94
C ALA A 59 -0.39 -9.31 -16.41
N GLU A 60 -0.14 -10.34 -17.22
CA GLU A 60 -0.51 -10.40 -18.64
C GLU A 60 -2.01 -10.21 -18.90
N GLY A 61 -2.35 -9.69 -20.08
CA GLY A 61 -3.71 -9.41 -20.55
C GLY A 61 -3.66 -8.51 -21.78
N ASN A 62 -3.49 -9.12 -22.96
CA ASN A 62 -3.01 -8.52 -24.22
C ASN A 62 -1.56 -7.99 -24.11
N GLU A 63 -1.30 -7.13 -23.12
CA GLU A 63 0.04 -6.80 -22.62
C GLU A 63 0.03 -6.78 -21.08
N PHE A 64 1.20 -6.93 -20.45
CA PHE A 64 1.40 -6.58 -19.05
C PHE A 64 1.08 -5.09 -18.83
N LYS A 65 0.57 -4.70 -17.66
CA LYS A 65 0.41 -3.27 -17.34
C LYS A 65 1.70 -2.74 -16.68
N TYR A 66 2.12 -1.57 -17.12
CA TYR A 66 3.30 -0.86 -16.63
C TYR A 66 2.91 0.18 -15.58
N MET A 67 3.65 0.21 -14.48
CA MET A 67 3.53 1.22 -13.43
C MET A 67 4.89 1.57 -12.84
N LYS A 68 5.02 2.78 -12.30
CA LYS A 68 6.05 3.15 -11.34
C LYS A 68 5.43 3.59 -10.01
N HIS A 69 5.92 3.04 -8.92
CA HIS A 69 5.63 3.45 -7.54
C HIS A 69 6.80 4.27 -6.99
N LYS A 70 6.60 4.99 -5.89
CA LYS A 70 7.68 5.53 -5.07
C LYS A 70 7.34 5.46 -3.60
N VAL A 71 8.34 5.25 -2.75
CA VAL A 71 8.22 5.54 -1.32
C VAL A 71 8.15 7.07 -1.15
N GLU A 72 7.34 7.57 -0.23
CA GLU A 72 6.99 9.01 -0.12
C GLU A 72 7.26 9.61 1.27
N GLU A 73 7.22 8.80 2.32
CA GLU A 73 7.59 9.10 3.70
C GLU A 73 7.77 7.80 4.50
N ILE A 74 8.67 7.81 5.48
CA ILE A 74 8.88 6.76 6.49
C ILE A 74 9.25 7.49 7.78
N ASP A 75 8.37 7.53 8.77
CA ASP A 75 8.61 8.21 10.04
C ASP A 75 8.41 7.31 11.25
N HIS A 76 9.40 7.24 12.14
CA HIS A 76 9.26 6.65 13.46
C HIS A 76 8.54 7.59 14.45
N ALA A 77 8.72 8.91 14.36
CA ALA A 77 8.27 9.83 15.41
C ALA A 77 6.73 9.90 15.53
N ASN A 78 6.00 9.69 14.44
CA ASN A 78 4.55 9.48 14.42
C ASN A 78 4.12 8.12 13.78
N PHE A 79 5.09 7.19 13.65
CA PHE A 79 4.97 5.82 13.15
C PHE A 79 4.11 5.65 11.88
N LYS A 80 4.65 6.10 10.74
CA LYS A 80 3.99 6.03 9.42
C LYS A 80 4.90 5.50 8.29
N TYR A 81 4.27 4.90 7.28
CA TYR A 81 4.86 4.55 5.99
C TYR A 81 3.96 5.07 4.85
N CYS A 82 4.55 5.52 3.75
CA CYS A 82 3.80 5.93 2.56
C CYS A 82 4.51 5.55 1.28
N TYR A 83 3.74 5.12 0.29
CA TYR A 83 4.16 5.03 -1.11
C TYR A 83 3.06 5.55 -2.04
N SER A 84 3.39 5.90 -3.27
CA SER A 84 2.44 6.36 -4.27
C SER A 84 2.76 5.76 -5.64
N ILE A 85 1.75 5.32 -6.40
CA ILE A 85 1.94 5.08 -7.85
C ILE A 85 2.07 6.45 -8.55
N ILE A 86 3.27 6.72 -9.07
CA ILE A 86 3.66 7.98 -9.72
C ILE A 86 3.19 8.02 -11.18
N GLU A 87 3.06 6.85 -11.81
CA GLU A 87 2.85 6.69 -13.25
C GLU A 87 2.33 5.28 -13.59
N GLY A 88 1.50 5.16 -14.62
CA GLY A 88 1.18 3.87 -15.24
C GLY A 88 -0.15 3.87 -16.00
N GLY A 89 -0.36 2.86 -16.85
CA GLY A 89 -1.65 2.64 -17.52
C GLY A 89 -2.83 2.58 -16.54
N PRO A 90 -2.71 1.89 -15.39
CA PRO A 90 -3.67 1.91 -14.28
C PRO A 90 -4.06 3.29 -13.73
N LEU A 91 -3.23 4.34 -13.88
CA LEU A 91 -3.63 5.73 -13.66
C LEU A 91 -4.30 6.43 -14.85
N GLY A 92 -3.74 6.24 -16.06
CA GLY A 92 -3.77 7.23 -17.14
C GLY A 92 -5.15 7.62 -17.71
N HIS A 93 -6.21 6.87 -17.41
CA HIS A 93 -7.59 7.21 -17.77
C HIS A 93 -8.06 8.52 -17.13
N THR A 94 -7.93 8.68 -15.81
CA THR A 94 -8.49 9.80 -15.02
C THR A 94 -7.61 10.26 -13.86
N LEU A 95 -6.46 9.63 -13.60
CA LEU A 95 -5.65 9.86 -12.38
C LEU A 95 -4.23 10.35 -12.65
N GLU A 96 -3.75 11.24 -11.79
CA GLU A 96 -2.36 11.70 -11.76
C GLU A 96 -1.49 10.77 -10.91
N LYS A 97 -2.00 10.31 -9.76
CA LYS A 97 -1.33 9.41 -8.81
C LYS A 97 -2.31 8.79 -7.81
N ILE A 98 -1.90 7.69 -7.17
CA ILE A 98 -2.61 7.11 -6.01
C ILE A 98 -1.60 6.89 -4.88
N PRO A 99 -1.51 7.81 -3.90
CA PRO A 99 -0.81 7.56 -2.65
C PRO A 99 -1.52 6.52 -1.76
N TYR A 100 -0.72 5.85 -0.93
CA TYR A 100 -1.10 4.89 0.09
C TYR A 100 -0.46 5.33 1.40
N GLU A 101 -1.23 5.41 2.48
CA GLU A 101 -0.76 5.93 3.77
C GLU A 101 -1.05 4.93 4.88
N ILE A 102 -0.01 4.56 5.62
CA ILE A 102 -0.03 3.47 6.59
C ILE A 102 0.38 4.02 7.95
N LYS A 103 -0.36 3.71 9.01
CA LYS A 103 -0.02 4.11 10.40
C LYS A 103 0.14 2.88 11.29
N MET A 104 1.22 2.81 12.05
CA MET A 104 1.26 1.98 13.25
C MET A 104 0.81 2.82 14.44
N ALA A 105 -0.23 2.33 15.08
CA ALA A 105 -1.18 3.13 15.82
C ALA A 105 -1.30 2.61 17.27
N ALA A 106 -1.45 3.53 18.21
CA ALA A 106 -1.52 3.20 19.63
C ALA A 106 -2.85 2.52 19.95
N ALA A 107 -2.78 1.31 20.53
CA ALA A 107 -3.94 0.55 20.98
C ALA A 107 -4.23 0.83 22.47
N PRO A 108 -5.42 0.46 23.00
CA PRO A 108 -5.62 0.38 24.45
C PRO A 108 -4.59 -0.56 25.11
N HIS A 109 -4.23 -1.65 24.42
CA HIS A 109 -3.18 -2.60 24.80
C HIS A 109 -1.80 -2.07 24.43
N GLY A 110 -1.02 -1.56 25.40
CA GLY A 110 0.26 -0.90 25.14
C GLY A 110 1.38 -1.81 24.64
N GLY A 111 1.27 -3.12 24.91
CA GLY A 111 2.17 -4.17 24.41
C GLY A 111 1.75 -4.75 23.05
N GLY A 112 0.73 -4.21 22.40
CA GLY A 112 0.32 -4.52 21.02
C GLY A 112 0.13 -3.23 20.22
N SER A 113 -0.61 -3.27 19.11
CA SER A 113 -0.87 -2.11 18.25
C SER A 113 -2.16 -2.23 17.44
N ILE A 114 -2.59 -1.09 16.90
CA ILE A 114 -3.46 -0.99 15.71
C ILE A 114 -2.54 -0.77 14.49
N LEU A 115 -2.89 -1.26 13.31
CA LEU A 115 -2.19 -0.95 12.06
C LEU A 115 -3.21 -0.48 11.01
N LYS A 116 -3.24 0.84 10.77
CA LYS A 116 -4.17 1.46 9.83
C LYS A 116 -3.61 1.47 8.40
N ILE A 117 -4.48 1.16 7.42
CA ILE A 117 -4.15 1.11 5.99
C ILE A 117 -5.09 2.08 5.23
N THR A 118 -4.54 2.99 4.42
CA THR A 118 -5.31 3.97 3.62
C THR A 118 -4.82 4.02 2.16
N SER A 119 -5.72 4.29 1.20
CA SER A 119 -5.40 4.67 -0.18
C SER A 119 -6.19 5.93 -0.59
N LYS A 120 -5.57 6.80 -1.39
CA LYS A 120 -6.10 8.10 -1.84
C LYS A 120 -5.76 8.28 -3.32
N TYR A 121 -6.72 8.71 -4.13
CA TYR A 121 -6.73 8.59 -5.59
C TYR A 121 -6.92 9.98 -6.21
N HIS A 122 -5.84 10.60 -6.67
CA HIS A 122 -5.80 12.00 -7.11
C HIS A 122 -5.92 12.13 -8.63
N THR A 123 -6.86 12.96 -9.10
CA THR A 123 -7.25 13.04 -10.51
C THR A 123 -6.23 13.75 -11.42
N LYS A 124 -6.19 13.36 -12.69
CA LYS A 124 -5.36 13.99 -13.73
C LYS A 124 -5.97 15.33 -14.15
N GLY A 125 -5.23 16.41 -13.90
CA GLY A 125 -5.72 17.77 -14.04
C GLY A 125 -6.93 18.06 -13.15
N ASN A 126 -7.71 19.07 -13.53
CA ASN A 126 -8.95 19.44 -12.84
C ASN A 126 -10.13 18.46 -13.11
N ALA A 127 -9.97 17.45 -13.97
CA ALA A 127 -10.97 16.42 -14.26
C ALA A 127 -11.34 15.53 -13.05
N SER A 128 -12.36 14.68 -13.22
CA SER A 128 -12.96 13.80 -12.20
C SER A 128 -12.61 12.32 -12.40
N ILE A 129 -12.45 11.57 -11.32
CA ILE A 129 -12.24 10.11 -11.34
C ILE A 129 -13.50 9.38 -11.84
N ASN A 130 -13.32 8.32 -12.65
CA ASN A 130 -14.36 7.32 -12.94
C ASN A 130 -15.02 6.84 -11.65
N GLU A 131 -16.36 6.93 -11.57
CA GLU A 131 -17.12 6.15 -10.59
C GLU A 131 -16.83 4.65 -10.75
N GLU A 132 -16.40 4.26 -11.96
CA GLU A 132 -15.99 2.90 -12.30
C GLU A 132 -14.67 2.53 -11.59
N GLU A 133 -13.73 3.49 -11.48
CA GLU A 133 -12.45 3.34 -10.80
C GLU A 133 -12.54 3.63 -9.29
N ILE A 134 -13.52 4.42 -8.84
CA ILE A 134 -13.87 4.52 -7.42
C ILE A 134 -14.31 3.15 -6.94
N LYS A 135 -15.33 2.57 -7.58
CA LYS A 135 -16.02 1.39 -7.05
C LYS A 135 -15.25 0.10 -7.29
N ALA A 136 -14.58 -0.05 -8.45
CA ALA A 136 -13.52 -1.05 -8.57
C ALA A 136 -12.40 -0.77 -7.56
N GLY A 137 -12.04 0.51 -7.34
CA GLY A 137 -11.01 0.95 -6.41
C GLY A 137 -11.20 0.45 -4.98
N LYS A 138 -12.33 0.72 -4.32
CA LYS A 138 -12.53 0.31 -2.91
C LYS A 138 -12.52 -1.20 -2.70
N GLU A 139 -13.02 -1.89 -3.69
CA GLU A 139 -13.26 -3.33 -3.74
C GLU A 139 -12.06 -4.19 -4.14
N LYS A 140 -11.29 -3.73 -5.12
CA LYS A 140 -9.86 -4.06 -5.18
C LYS A 140 -9.23 -3.76 -3.82
N ALA A 141 -9.72 -2.74 -3.09
CA ALA A 141 -8.99 -2.33 -1.88
C ALA A 141 -9.40 -3.15 -0.65
N ALA A 142 -10.61 -3.67 -0.60
CA ALA A 142 -11.00 -4.77 0.29
C ALA A 142 -10.21 -6.05 -0.01
N GLY A 143 -9.95 -6.34 -1.29
CA GLY A 143 -9.05 -7.42 -1.70
C GLY A 143 -7.67 -7.27 -1.06
N LEU A 144 -7.02 -6.12 -1.27
CA LEU A 144 -5.73 -5.80 -0.66
C LEU A 144 -5.81 -5.84 0.88
N PHE A 145 -6.66 -4.99 1.46
CA PHE A 145 -6.62 -4.64 2.89
C PHE A 145 -7.22 -5.73 3.78
N LYS A 146 -8.10 -6.62 3.30
CA LYS A 146 -8.55 -7.81 4.05
C LYS A 146 -7.59 -8.96 3.96
N ALA A 147 -6.73 -9.01 2.94
CA ALA A 147 -5.55 -9.86 2.99
C ALA A 147 -4.38 -9.26 3.77
N VAL A 148 -4.32 -7.94 3.98
CA VAL A 148 -3.53 -7.32 5.08
C VAL A 148 -4.15 -7.68 6.44
N GLU A 149 -5.48 -7.58 6.59
CA GLU A 149 -6.18 -7.88 7.84
C GLU A 149 -6.04 -9.34 8.20
N ALA A 150 -6.47 -10.25 7.33
CA ALA A 150 -6.28 -11.68 7.57
C ALA A 150 -4.79 -12.07 7.67
N TYR A 151 -3.88 -11.45 6.90
CA TYR A 151 -2.44 -11.62 7.20
C TYR A 151 -2.10 -11.29 8.67
N LEU A 152 -2.47 -10.11 9.17
CA LEU A 152 -2.19 -9.65 10.54
C LEU A 152 -2.95 -10.42 11.62
N LEU A 153 -4.28 -10.37 11.60
CA LEU A 153 -5.17 -10.95 12.61
C LEU A 153 -5.06 -12.47 12.68
N ALA A 154 -4.96 -13.15 11.53
CA ALA A 154 -5.00 -14.60 11.44
C ALA A 154 -3.61 -15.27 11.37
N HIS A 155 -2.49 -14.53 11.47
CA HIS A 155 -1.16 -15.08 11.76
C HIS A 155 -1.09 -15.60 13.22
N PRO A 156 -1.03 -16.92 13.45
CA PRO A 156 -1.09 -17.47 14.82
C PRO A 156 0.26 -17.38 15.56
N ASP A 157 1.38 -17.36 14.83
CA ASP A 157 2.74 -17.45 15.39
C ASP A 157 3.28 -16.13 15.97
N ALA A 158 2.49 -15.05 15.91
CA ALA A 158 2.91 -13.66 16.13
C ALA A 158 3.45 -13.36 17.56
N TYR A 159 3.21 -14.26 18.52
CA TYR A 159 3.65 -14.14 19.93
C TYR A 159 5.15 -14.34 20.18
N CYS A 160 5.93 -14.40 19.11
CA CYS A 160 7.40 -14.47 19.06
C CYS A 160 7.96 -13.42 18.09
N GLY A 1 -9.75 15.90 -7.91
CA GLY A 1 -9.45 16.02 -6.48
C GLY A 1 -8.90 14.72 -5.93
N VAL A 2 -9.41 14.28 -4.78
CA VAL A 2 -8.97 13.08 -4.05
C VAL A 2 -10.17 12.26 -3.54
N PHE A 3 -10.19 10.97 -3.87
CA PHE A 3 -10.97 9.93 -3.18
C PHE A 3 -10.09 9.19 -2.16
N SER A 4 -10.65 8.62 -1.08
CA SER A 4 -9.89 7.82 -0.09
C SER A 4 -10.65 6.63 0.46
N TYR A 5 -9.91 5.61 0.92
CA TYR A 5 -10.42 4.39 1.56
C TYR A 5 -9.56 4.00 2.78
N GLU A 6 -10.18 3.81 3.95
CA GLU A 6 -9.50 3.63 5.23
C GLU A 6 -9.88 2.32 5.94
N ASP A 7 -8.90 1.50 6.32
CA ASP A 7 -9.08 0.21 6.99
C ASP A 7 -8.07 0.03 8.15
N GLU A 8 -8.40 -0.71 9.22
CA GLU A 8 -7.54 -0.83 10.40
C GLU A 8 -7.51 -2.22 11.06
N ALA A 9 -6.30 -2.77 11.15
CA ALA A 9 -5.94 -4.10 11.67
C ALA A 9 -5.45 -4.05 13.13
N THR A 10 -5.08 -5.19 13.70
CA THR A 10 -4.34 -5.31 14.97
C THR A 10 -3.32 -6.45 14.91
N SER A 11 -2.32 -6.45 15.79
CA SER A 11 -1.27 -7.48 15.86
C SER A 11 -0.78 -7.71 17.29
N VAL A 12 -0.33 -8.93 17.60
CA VAL A 12 0.43 -9.22 18.83
C VAL A 12 1.81 -8.56 18.85
N ILE A 13 2.36 -8.14 17.71
CA ILE A 13 3.65 -7.43 17.65
C ILE A 13 3.47 -5.99 18.17
N PRO A 14 4.31 -5.49 19.11
CA PRO A 14 4.27 -4.09 19.55
C PRO A 14 4.71 -3.11 18.43
N PRO A 15 4.30 -1.83 18.47
CA PRO A 15 4.51 -0.88 17.36
C PRO A 15 5.94 -0.79 16.85
N ALA A 16 6.96 -0.71 17.72
CA ALA A 16 8.35 -0.54 17.29
C ALA A 16 8.91 -1.75 16.51
N ARG A 17 8.63 -2.99 16.93
CA ARG A 17 8.96 -4.18 16.13
C ARG A 17 8.08 -4.26 14.88
N LEU A 18 6.78 -3.89 14.98
CA LEU A 18 5.89 -3.92 13.81
C LEU A 18 6.24 -2.96 12.69
N PHE A 19 6.95 -1.95 13.10
CA PHE A 19 7.49 -0.88 12.27
C PHE A 19 8.55 -1.33 11.30
N LYS A 20 9.48 -1.98 11.92
CA LYS A 20 10.61 -2.68 11.27
C LYS A 20 10.29 -4.01 10.61
N SER A 21 9.13 -4.51 10.93
CA SER A 21 8.50 -5.64 10.25
C SER A 21 7.85 -5.16 8.96
N PHE A 22 6.94 -4.18 9.05
CA PHE A 22 6.23 -3.61 7.90
C PHE A 22 7.18 -2.95 6.90
N VAL A 23 8.21 -2.20 7.34
CA VAL A 23 9.25 -1.63 6.47
C VAL A 23 9.97 -2.73 5.67
N LEU A 24 10.34 -3.84 6.32
CA LEU A 24 11.00 -4.99 5.71
C LEU A 24 10.07 -5.96 4.96
N ASP A 25 8.76 -5.73 4.99
CA ASP A 25 7.71 -6.48 4.29
C ASP A 25 6.85 -5.55 3.38
N ALA A 26 7.37 -4.37 3.05
CA ALA A 26 6.73 -3.28 2.31
C ALA A 26 6.60 -3.59 0.81
N ASP A 27 7.73 -4.00 0.21
CA ASP A 27 7.76 -4.65 -1.10
C ASP A 27 6.94 -5.94 -1.05
N ASN A 28 6.90 -6.59 0.11
CA ASN A 28 6.22 -7.90 0.25
C ASN A 28 4.68 -7.78 0.33
N LEU A 29 4.13 -6.57 0.48
CA LEU A 29 2.69 -6.31 0.30
C LEU A 29 2.19 -6.81 -1.07
N ILE A 30 2.93 -6.48 -2.12
CA ILE A 30 2.58 -6.78 -3.52
C ILE A 30 2.31 -8.29 -3.76
N PRO A 31 3.28 -9.20 -3.52
CA PRO A 31 3.09 -10.63 -3.70
C PRO A 31 2.11 -11.26 -2.70
N LYS A 32 1.93 -10.67 -1.51
CA LYS A 32 1.06 -11.22 -0.46
C LYS A 32 -0.41 -10.84 -0.63
N VAL A 33 -0.76 -9.62 -1.06
CA VAL A 33 -2.18 -9.17 -1.15
C VAL A 33 -2.76 -9.07 -2.55
N ALA A 34 -1.96 -9.11 -3.62
CA ALA A 34 -2.49 -9.35 -4.97
C ALA A 34 -1.54 -10.17 -5.88
N PRO A 35 -1.38 -11.48 -5.63
CA PRO A 35 -0.60 -12.38 -6.48
C PRO A 35 -1.21 -12.55 -7.88
N GLN A 36 -2.53 -12.61 -7.97
CA GLN A 36 -3.30 -12.69 -9.23
C GLN A 36 -3.14 -11.45 -10.14
N HIS A 37 -2.63 -10.32 -9.64
CA HIS A 37 -2.52 -9.07 -10.43
C HIS A 37 -1.09 -8.55 -10.60
N PHE A 38 -0.17 -8.81 -9.67
CA PHE A 38 1.21 -8.35 -9.75
C PHE A 38 2.19 -9.50 -10.05
N THR A 39 3.04 -9.32 -11.05
CA THR A 39 4.08 -10.28 -11.44
C THR A 39 5.38 -10.06 -10.65
N SER A 40 5.85 -8.81 -10.54
CA SER A 40 7.12 -8.50 -9.88
C SER A 40 7.23 -7.02 -9.47
N ALA A 41 8.22 -6.69 -8.65
CA ALA A 41 8.57 -5.34 -8.24
C ALA A 41 10.09 -5.16 -8.20
N GLU A 42 10.58 -4.03 -8.71
CA GLU A 42 12.02 -3.78 -8.89
C GLU A 42 12.44 -2.37 -8.46
N ASN A 43 13.57 -2.20 -7.76
CA ASN A 43 14.07 -0.86 -7.44
C ASN A 43 14.66 -0.16 -8.68
N LEU A 44 14.18 1.04 -9.01
CA LEU A 44 14.48 1.74 -10.26
C LEU A 44 15.48 2.90 -10.07
N GLU A 45 15.30 3.72 -9.03
CA GLU A 45 16.16 4.86 -8.75
C GLU A 45 16.10 5.29 -7.27
N GLY A 46 17.26 5.41 -6.60
CA GLY A 46 17.40 5.74 -5.18
C GLY A 46 17.75 4.53 -4.29
N ASN A 47 18.38 4.77 -3.15
CA ASN A 47 19.01 3.75 -2.30
C ASN A 47 18.04 2.90 -1.44
N GLY A 48 16.73 3.16 -1.48
CA GLY A 48 15.70 2.43 -0.73
C GLY A 48 15.08 3.18 0.47
N GLY A 49 15.53 4.40 0.77
CA GLY A 49 14.83 5.29 1.72
C GLY A 49 13.59 5.97 1.09
N PRO A 50 12.79 6.72 1.88
CA PRO A 50 11.65 7.45 1.36
C PRO A 50 12.13 8.57 0.41
N GLY A 51 11.52 8.63 -0.77
CA GLY A 51 11.98 9.32 -1.98
C GLY A 51 12.35 8.34 -3.10
N THR A 52 12.79 7.10 -2.79
CA THR A 52 13.24 6.10 -3.77
C THR A 52 12.10 5.55 -4.64
N ILE A 53 12.29 5.54 -5.96
CA ILE A 53 11.36 4.98 -6.96
C ILE A 53 11.69 3.52 -7.32
N LYS A 54 10.63 2.74 -7.54
CA LYS A 54 10.58 1.34 -7.97
C LYS A 54 9.80 1.25 -9.29
N LYS A 55 10.16 0.33 -10.19
CA LYS A 55 9.38 -0.09 -11.35
C LYS A 55 8.66 -1.40 -11.02
N ILE A 56 7.41 -1.56 -11.42
CA ILE A 56 6.55 -2.68 -11.01
C ILE A 56 5.93 -3.35 -12.25
N THR A 57 5.76 -4.68 -12.25
CA THR A 57 5.14 -5.44 -13.35
C THR A 57 3.77 -5.99 -12.95
N PHE A 58 2.73 -5.73 -13.76
CA PHE A 58 1.33 -6.02 -13.45
C PHE A 58 0.60 -6.68 -14.64
N ALA A 59 -0.53 -7.34 -14.35
CA ALA A 59 -1.50 -7.89 -15.31
C ALA A 59 -0.87 -8.61 -16.52
N GLU A 60 -0.30 -9.79 -16.30
CA GLU A 60 0.23 -10.66 -17.35
C GLU A 60 -0.86 -11.14 -18.34
N GLY A 61 -0.44 -11.50 -19.54
CA GLY A 61 -1.28 -12.03 -20.62
C GLY A 61 -1.42 -11.03 -21.77
N ASN A 62 -0.89 -11.42 -22.92
CA ASN A 62 -0.66 -10.62 -24.14
C ASN A 62 0.24 -9.38 -23.99
N GLU A 63 0.01 -8.52 -23.01
CA GLU A 63 0.85 -7.36 -22.72
C GLU A 63 0.83 -7.02 -21.24
N PHE A 64 1.97 -7.23 -20.56
CA PHE A 64 2.15 -6.76 -19.17
C PHE A 64 1.94 -5.25 -19.06
N LYS A 65 1.46 -4.80 -17.90
CA LYS A 65 1.23 -3.39 -17.60
C LYS A 65 2.32 -2.80 -16.72
N TYR A 66 2.61 -1.53 -17.00
CA TYR A 66 3.67 -0.74 -16.38
C TYR A 66 3.15 0.17 -15.28
N MET A 67 3.85 0.18 -14.15
CA MET A 67 3.75 1.24 -13.13
C MET A 67 5.12 1.54 -12.52
N LYS A 68 5.22 2.68 -11.85
CA LYS A 68 6.27 2.97 -10.89
C LYS A 68 5.68 3.26 -9.50
N HIS A 69 6.27 2.67 -8.47
CA HIS A 69 6.01 2.95 -7.04
C HIS A 69 7.12 3.83 -6.47
N LYS A 70 6.91 4.45 -5.31
CA LYS A 70 8.00 5.03 -4.52
C LYS A 70 7.71 4.90 -3.04
N VAL A 71 8.73 4.69 -2.23
CA VAL A 71 8.61 5.00 -0.79
C VAL A 71 8.51 6.52 -0.67
N GLU A 72 7.63 7.04 0.19
CA GLU A 72 7.26 8.46 0.22
C GLU A 72 7.45 9.09 1.62
N GLU A 73 7.54 8.29 2.67
CA GLU A 73 7.82 8.70 4.05
C GLU A 73 8.13 7.47 4.91
N ILE A 74 9.04 7.63 5.88
CA ILE A 74 9.15 6.73 7.02
C ILE A 74 9.35 7.57 8.29
N ASP A 75 8.54 7.37 9.33
CA ASP A 75 8.78 7.92 10.66
C ASP A 75 8.67 6.87 11.77
N HIS A 76 9.68 6.77 12.64
CA HIS A 76 9.59 6.00 13.90
C HIS A 76 8.95 6.79 15.05
N ALA A 77 9.02 8.13 15.06
CA ALA A 77 8.61 8.92 16.22
C ALA A 77 7.08 8.89 16.47
N ASN A 78 6.28 9.02 15.41
CA ASN A 78 4.82 8.81 15.42
C ASN A 78 4.39 7.51 14.69
N PHE A 79 5.36 6.66 14.35
CA PHE A 79 5.21 5.33 13.73
C PHE A 79 4.31 5.29 12.48
N LYS A 80 4.79 5.90 11.38
CA LYS A 80 4.14 5.84 10.06
C LYS A 80 5.07 5.39 8.93
N TYR A 81 4.47 4.81 7.90
CA TYR A 81 5.10 4.48 6.61
C TYR A 81 4.24 5.04 5.47
N CYS A 82 4.86 5.37 4.34
CA CYS A 82 4.14 5.72 3.11
C CYS A 82 4.87 5.17 1.88
N TYR A 83 4.11 4.64 0.93
CA TYR A 83 4.53 4.50 -0.47
C TYR A 83 3.40 4.93 -1.40
N SER A 84 3.70 5.22 -2.66
CA SER A 84 2.73 5.67 -3.65
C SER A 84 3.00 5.03 -5.00
N ILE A 85 1.96 4.65 -5.75
CA ILE A 85 2.11 4.49 -7.21
C ILE A 85 2.18 5.90 -7.83
N ILE A 86 3.34 6.24 -8.38
CA ILE A 86 3.68 7.56 -8.91
C ILE A 86 3.20 7.76 -10.35
N GLU A 87 3.05 6.66 -11.09
CA GLU A 87 2.85 6.63 -12.54
C GLU A 87 2.46 5.23 -13.00
N GLY A 88 1.71 5.10 -14.10
CA GLY A 88 1.50 3.83 -14.77
C GLY A 88 0.25 3.82 -15.65
N GLY A 89 0.18 2.85 -16.57
CA GLY A 89 -1.03 2.60 -17.36
C GLY A 89 -2.28 2.39 -16.48
N PRO A 90 -2.21 1.58 -15.41
CA PRO A 90 -3.26 1.47 -14.39
C PRO A 90 -3.65 2.76 -13.65
N LEU A 91 -2.85 3.84 -13.66
CA LEU A 91 -3.29 5.20 -13.32
C LEU A 91 -3.92 6.02 -14.46
N GLY A 92 -3.35 5.93 -15.66
CA GLY A 92 -3.37 6.98 -16.68
C GLY A 92 -4.74 7.44 -17.20
N HIS A 93 -5.80 6.65 -16.99
CA HIS A 93 -7.18 7.02 -17.31
C HIS A 93 -7.65 8.26 -16.54
N THR A 94 -7.38 8.37 -15.23
CA THR A 94 -7.90 9.45 -14.36
C THR A 94 -6.96 9.94 -13.27
N LEU A 95 -5.83 9.28 -12.99
CA LEU A 95 -5.05 9.49 -11.77
C LEU A 95 -3.61 9.96 -12.03
N GLU A 96 -3.15 10.87 -11.18
CA GLU A 96 -1.76 11.32 -11.08
C GLU A 96 -0.93 10.38 -10.22
N LYS A 97 -1.47 9.97 -9.06
CA LYS A 97 -0.84 9.06 -8.10
C LYS A 97 -1.85 8.46 -7.13
N ILE A 98 -1.52 7.31 -6.54
CA ILE A 98 -2.25 6.73 -5.39
C ILE A 98 -1.26 6.48 -4.24
N PRO A 99 -1.11 7.44 -3.30
CA PRO A 99 -0.43 7.18 -2.04
C PRO A 99 -1.19 6.20 -1.14
N TYR A 100 -0.42 5.42 -0.39
CA TYR A 100 -0.86 4.59 0.71
C TYR A 100 -0.26 5.12 2.01
N GLU A 101 -1.08 5.32 3.03
CA GLU A 101 -0.67 5.85 4.33
C GLU A 101 -0.87 4.80 5.41
N ILE A 102 0.18 4.51 6.18
CA ILE A 102 0.22 3.39 7.10
C ILE A 102 0.61 3.88 8.51
N LYS A 103 -0.07 3.41 9.56
CA LYS A 103 0.28 3.70 10.97
C LYS A 103 0.45 2.41 11.77
N MET A 104 1.60 2.20 12.40
CA MET A 104 1.66 1.30 13.56
C MET A 104 1.23 2.11 14.78
N ALA A 105 0.20 1.62 15.45
CA ALA A 105 -0.72 2.45 16.23
C ALA A 105 -0.93 1.90 17.65
N ALA A 106 -1.11 2.78 18.61
CA ALA A 106 -1.26 2.45 20.03
C ALA A 106 -2.55 1.68 20.32
N ALA A 107 -2.47 0.39 20.65
CA ALA A 107 -3.57 -0.39 21.22
C ALA A 107 -3.68 -0.14 22.75
N PRO A 108 -4.83 -0.35 23.40
CA PRO A 108 -4.93 -0.17 24.86
C PRO A 108 -4.06 -1.21 25.61
N HIS A 109 -3.92 -2.41 25.05
CA HIS A 109 -2.87 -3.38 25.37
C HIS A 109 -1.54 -2.87 24.80
N GLY A 110 -0.71 -2.23 25.63
CA GLY A 110 0.50 -1.52 25.20
C GLY A 110 1.60 -2.40 24.58
N GLY A 111 1.54 -3.72 24.77
CA GLY A 111 2.45 -4.70 24.19
C GLY A 111 1.97 -5.33 22.88
N GLY A 112 0.69 -5.14 22.51
CA GLY A 112 0.18 -5.39 21.16
C GLY A 112 0.22 -4.10 20.33
N SER A 113 -0.45 -4.10 19.18
CA SER A 113 -0.63 -2.90 18.35
C SER A 113 -1.91 -2.93 17.51
N ILE A 114 -2.31 -1.74 17.07
CA ILE A 114 -3.20 -1.54 15.93
C ILE A 114 -2.31 -1.27 14.70
N LEU A 115 -2.74 -1.65 13.49
CA LEU A 115 -2.06 -1.27 12.26
C LEU A 115 -3.07 -0.72 11.26
N LYS A 116 -3.09 0.61 11.09
CA LYS A 116 -4.00 1.29 10.16
C LYS A 116 -3.40 1.32 8.76
N ILE A 117 -4.22 1.02 7.76
CA ILE A 117 -3.89 1.06 6.33
C ILE A 117 -4.87 2.01 5.61
N THR A 118 -4.38 2.96 4.82
CA THR A 118 -5.22 3.88 4.02
C THR A 118 -4.74 3.96 2.58
N SER A 119 -5.65 4.10 1.62
CA SER A 119 -5.36 4.49 0.23
C SER A 119 -6.02 5.84 -0.09
N LYS A 120 -5.35 6.69 -0.87
CA LYS A 120 -5.83 8.00 -1.33
C LYS A 120 -5.49 8.14 -2.82
N TYR A 121 -6.45 8.58 -3.62
CA TYR A 121 -6.44 8.47 -5.08
C TYR A 121 -6.50 9.87 -5.70
N HIS A 122 -5.36 10.42 -6.13
CA HIS A 122 -5.24 11.80 -6.61
C HIS A 122 -5.40 11.88 -8.13
N THR A 123 -6.30 12.74 -8.63
CA THR A 123 -6.61 12.83 -10.06
C THR A 123 -5.48 13.42 -10.92
N LYS A 124 -5.44 13.04 -12.21
CA LYS A 124 -4.58 13.66 -13.22
C LYS A 124 -5.10 15.07 -13.54
N GLY A 125 -4.31 16.07 -13.15
CA GLY A 125 -4.77 17.44 -12.99
C GLY A 125 -5.91 17.60 -11.97
N ASN A 126 -6.45 18.81 -11.88
CA ASN A 126 -7.63 19.17 -11.07
C ASN A 126 -8.97 18.59 -11.61
N ALA A 127 -8.93 17.52 -12.41
CA ALA A 127 -10.09 16.81 -12.95
C ALA A 127 -10.92 16.11 -11.85
N SER A 128 -12.10 15.60 -12.23
CA SER A 128 -12.87 14.66 -11.41
C SER A 128 -12.55 13.20 -11.76
N ILE A 129 -12.55 12.31 -10.77
CA ILE A 129 -12.30 10.87 -10.93
C ILE A 129 -13.50 10.14 -11.61
N ASN A 130 -13.25 8.97 -12.19
CA ASN A 130 -14.30 7.98 -12.48
C ASN A 130 -14.84 7.43 -11.16
N GLU A 131 -16.14 7.60 -10.95
CA GLU A 131 -16.92 6.78 -10.02
C GLU A 131 -16.71 5.29 -10.32
N GLU A 132 -16.44 4.94 -11.58
CA GLU A 132 -16.11 3.56 -11.96
C GLU A 132 -14.73 3.12 -11.45
N GLU A 133 -13.79 4.05 -11.24
CA GLU A 133 -12.55 3.80 -10.51
C GLU A 133 -12.66 3.97 -9.00
N ILE A 134 -13.63 4.74 -8.48
CA ILE A 134 -13.97 4.77 -7.04
C ILE A 134 -14.48 3.40 -6.60
N LYS A 135 -15.53 2.91 -7.28
CA LYS A 135 -16.27 1.71 -6.88
C LYS A 135 -15.44 0.44 -7.09
N ALA A 136 -14.76 0.32 -8.22
CA ALA A 136 -13.68 -0.66 -8.37
C ALA A 136 -12.59 -0.43 -7.31
N GLY A 137 -12.23 0.84 -7.06
CA GLY A 137 -11.25 1.28 -6.08
C GLY A 137 -11.44 0.69 -4.69
N LYS A 138 -12.59 0.89 -4.02
CA LYS A 138 -12.82 0.41 -2.64
C LYS A 138 -12.80 -1.11 -2.49
N GLU A 139 -13.22 -1.75 -3.55
CA GLU A 139 -13.44 -3.19 -3.68
C GLU A 139 -12.19 -3.99 -4.04
N LYS A 140 -11.40 -3.49 -5.00
CA LYS A 140 -9.96 -3.75 -5.00
C LYS A 140 -9.38 -3.41 -3.62
N ALA A 141 -9.95 -2.47 -2.86
CA ALA A 141 -9.25 -2.02 -1.64
C ALA A 141 -9.53 -2.94 -0.45
N ALA A 142 -10.74 -3.50 -0.37
CA ALA A 142 -11.04 -4.68 0.43
C ALA A 142 -10.16 -5.87 0.00
N GLY A 143 -9.92 -6.06 -1.31
CA GLY A 143 -8.97 -7.05 -1.83
C GLY A 143 -7.59 -6.91 -1.18
N LEU A 144 -6.97 -5.72 -1.31
CA LEU A 144 -5.67 -5.42 -0.70
C LEU A 144 -5.73 -5.50 0.84
N PHE A 145 -6.55 -4.64 1.47
CA PHE A 145 -6.46 -4.33 2.91
C PHE A 145 -7.07 -5.40 3.81
N LYS A 146 -8.03 -6.21 3.35
CA LYS A 146 -8.54 -7.34 4.13
C LYS A 146 -7.60 -8.53 4.04
N ALA A 147 -6.76 -8.62 3.01
CA ALA A 147 -5.60 -9.52 3.03
C ALA A 147 -4.38 -8.98 3.79
N VAL A 148 -4.18 -7.66 3.92
CA VAL A 148 -3.27 -7.13 4.95
C VAL A 148 -3.80 -7.51 6.35
N GLU A 149 -5.09 -7.33 6.58
CA GLU A 149 -5.75 -7.66 7.85
C GLU A 149 -5.73 -9.16 8.15
N ALA A 150 -6.19 -10.02 7.24
CA ALA A 150 -6.18 -11.46 7.45
C ALA A 150 -4.74 -11.98 7.56
N TYR A 151 -3.79 -11.43 6.79
CA TYR A 151 -2.37 -11.71 7.07
C TYR A 151 -1.99 -11.42 8.54
N LEU A 152 -2.29 -10.22 9.05
CA LEU A 152 -2.07 -9.79 10.44
C LEU A 152 -2.82 -10.62 11.50
N LEU A 153 -4.15 -10.65 11.46
CA LEU A 153 -5.03 -11.33 12.42
C LEU A 153 -4.94 -12.86 12.36
N ALA A 154 -4.94 -13.45 11.15
CA ALA A 154 -5.09 -14.90 10.95
C ALA A 154 -3.77 -15.67 10.98
N HIS A 155 -2.61 -15.00 10.96
CA HIS A 155 -1.30 -15.66 11.19
C HIS A 155 -1.30 -16.31 12.58
N PRO A 156 -1.25 -17.65 12.71
CA PRO A 156 -1.57 -18.31 13.96
C PRO A 156 -0.38 -18.34 14.95
N ASP A 157 0.82 -17.99 14.51
CA ASP A 157 2.08 -18.19 15.25
C ASP A 157 2.87 -16.91 15.60
N ALA A 158 2.41 -15.72 15.19
CA ALA A 158 3.17 -14.47 15.21
C ALA A 158 3.64 -13.98 16.60
N TYR A 159 3.22 -14.64 17.68
CA TYR A 159 3.64 -14.36 19.07
C TYR A 159 5.09 -14.77 19.42
N CYS A 160 5.93 -15.01 18.40
CA CYS A 160 7.39 -15.18 18.50
C CYS A 160 8.13 -14.31 17.48
N GLY A 1 -8.83 16.73 -7.88
CA GLY A 1 -9.64 15.99 -6.90
C GLY A 1 -8.83 14.89 -6.28
N VAL A 2 -8.79 14.81 -4.94
CA VAL A 2 -8.23 13.67 -4.19
C VAL A 2 -9.37 12.81 -3.62
N PHE A 3 -9.56 11.60 -4.17
CA PHE A 3 -10.38 10.55 -3.54
C PHE A 3 -9.54 9.78 -2.49
N SER A 4 -10.16 9.20 -1.46
CA SER A 4 -9.48 8.36 -0.45
C SER A 4 -10.26 7.10 -0.07
N TYR A 5 -9.53 6.07 0.34
CA TYR A 5 -10.05 4.82 0.89
C TYR A 5 -9.23 4.36 2.10
N GLU A 6 -9.89 3.85 3.15
CA GLU A 6 -9.25 3.46 4.43
C GLU A 6 -9.86 2.19 5.03
N ASP A 7 -9.05 1.40 5.73
CA ASP A 7 -9.46 0.31 6.62
C ASP A 7 -8.35 0.00 7.65
N GLU A 8 -8.68 -0.53 8.83
CA GLU A 8 -7.69 -0.76 9.90
C GLU A 8 -7.67 -2.18 10.48
N ALA A 9 -6.46 -2.69 10.64
CA ALA A 9 -6.14 -4.05 11.14
C ALA A 9 -5.75 -4.04 12.63
N THR A 10 -5.56 -5.22 13.23
CA THR A 10 -4.99 -5.38 14.59
C THR A 10 -3.97 -6.52 14.65
N SER A 11 -2.96 -6.39 15.49
CA SER A 11 -1.92 -7.41 15.73
C SER A 11 -1.48 -7.40 17.19
N VAL A 12 -1.12 -8.57 17.73
CA VAL A 12 -0.53 -8.67 19.08
C VAL A 12 0.87 -8.07 19.16
N ILE A 13 1.51 -7.74 18.04
CA ILE A 13 2.78 -7.01 18.00
C ILE A 13 2.57 -5.50 18.25
N PRO A 14 3.27 -4.87 19.22
CA PRO A 14 3.21 -3.42 19.45
C PRO A 14 3.77 -2.57 18.29
N PRO A 15 3.45 -1.26 18.23
CA PRO A 15 3.81 -0.38 17.11
C PRO A 15 5.30 -0.39 16.73
N ALA A 16 6.23 -0.29 17.68
CA ALA A 16 7.67 -0.25 17.40
C ALA A 16 8.20 -1.47 16.63
N ARG A 17 7.76 -2.67 17.03
CA ARG A 17 8.11 -3.91 16.32
C ARG A 17 7.29 -4.08 15.03
N LEU A 18 6.03 -3.65 14.98
CA LEU A 18 5.23 -3.74 13.74
C LEU A 18 5.66 -2.80 12.61
N PHE A 19 6.32 -1.76 13.05
CA PHE A 19 6.93 -0.70 12.26
C PHE A 19 8.00 -1.21 11.32
N LYS A 20 8.97 -1.72 12.01
CA LYS A 20 10.17 -2.38 11.44
C LYS A 20 9.92 -3.69 10.70
N SER A 21 8.80 -4.27 11.03
CA SER A 21 8.25 -5.48 10.40
C SER A 21 7.64 -5.14 9.05
N PHE A 22 6.68 -4.22 9.03
CA PHE A 22 6.03 -3.74 7.81
C PHE A 22 7.02 -3.06 6.84
N VAL A 23 7.98 -2.27 7.33
CA VAL A 23 9.05 -1.67 6.50
C VAL A 23 9.85 -2.74 5.75
N LEU A 24 10.23 -3.82 6.43
CA LEU A 24 10.98 -4.92 5.84
C LEU A 24 10.12 -5.85 4.97
N ASP A 25 8.79 -5.73 5.02
CA ASP A 25 7.77 -6.54 4.32
C ASP A 25 6.92 -5.69 3.34
N ALA A 26 7.47 -4.54 2.92
CA ALA A 26 6.85 -3.50 2.12
C ALA A 26 6.70 -3.88 0.65
N ASP A 27 7.81 -4.27 0.01
CA ASP A 27 7.80 -4.95 -1.27
C ASP A 27 7.06 -6.30 -1.17
N ASN A 28 7.08 -6.93 0.02
CA ASN A 28 6.38 -8.20 0.22
C ASN A 28 4.84 -8.07 0.20
N LEU A 29 4.28 -6.87 0.38
CA LEU A 29 2.84 -6.61 0.19
C LEU A 29 2.35 -7.12 -1.17
N ILE A 30 3.10 -6.84 -2.23
CA ILE A 30 2.71 -7.02 -3.63
C ILE A 30 2.25 -8.47 -3.90
N PRO A 31 3.06 -9.52 -3.66
CA PRO A 31 2.56 -10.89 -3.77
C PRO A 31 1.53 -11.27 -2.69
N LYS A 32 1.71 -10.87 -1.42
CA LYS A 32 0.88 -11.39 -0.31
C LYS A 32 -0.54 -10.80 -0.23
N VAL A 33 -0.81 -9.69 -0.92
CA VAL A 33 -2.16 -9.09 -1.02
C VAL A 33 -2.69 -8.92 -2.45
N ALA A 34 -1.84 -9.08 -3.47
CA ALA A 34 -2.26 -9.03 -4.87
C ALA A 34 -1.48 -10.03 -5.75
N PRO A 35 -1.75 -11.35 -5.61
CA PRO A 35 -1.10 -12.40 -6.40
C PRO A 35 -1.39 -12.32 -7.90
N GLN A 36 -2.65 -12.08 -8.30
CA GLN A 36 -3.00 -11.93 -9.71
C GLN A 36 -2.49 -10.61 -10.30
N HIS A 37 -2.73 -9.50 -9.60
CA HIS A 37 -2.72 -8.16 -10.20
C HIS A 37 -1.31 -7.68 -10.58
N PHE A 38 -0.29 -8.12 -9.85
CA PHE A 38 1.11 -7.73 -10.06
C PHE A 38 2.00 -8.94 -10.32
N THR A 39 3.09 -8.72 -11.05
CA THR A 39 3.92 -9.79 -11.63
C THR A 39 5.39 -9.67 -11.23
N SER A 40 5.89 -8.46 -11.00
CA SER A 40 7.23 -8.20 -10.51
C SER A 40 7.34 -6.80 -9.93
N ALA A 41 8.34 -6.59 -9.08
CA ALA A 41 8.65 -5.30 -8.47
C ALA A 41 10.15 -5.11 -8.32
N GLU A 42 10.63 -3.96 -8.75
CA GLU A 42 12.08 -3.72 -8.97
C GLU A 42 12.50 -2.33 -8.49
N ASN A 43 13.73 -2.16 -7.98
CA ASN A 43 14.27 -0.82 -7.72
C ASN A 43 14.69 -0.16 -9.04
N LEU A 44 14.36 1.12 -9.21
CA LEU A 44 14.66 1.90 -10.42
C LEU A 44 15.80 2.89 -10.19
N GLU A 45 15.70 3.72 -9.15
CA GLU A 45 16.68 4.77 -8.81
C GLU A 45 16.56 5.15 -7.33
N GLY A 46 17.67 5.12 -6.59
CA GLY A 46 17.76 5.55 -5.20
C GLY A 46 18.13 4.41 -4.23
N ASN A 47 18.75 4.79 -3.12
CA ASN A 47 19.42 3.89 -2.16
C ASN A 47 18.47 3.10 -1.21
N GLY A 48 17.16 3.16 -1.42
CA GLY A 48 16.14 2.35 -0.73
C GLY A 48 15.30 3.10 0.31
N GLY A 49 15.77 4.24 0.83
CA GLY A 49 14.99 5.10 1.74
C GLY A 49 13.86 5.85 1.03
N PRO A 50 12.98 6.55 1.77
CA PRO A 50 11.91 7.33 1.16
C PRO A 50 12.53 8.44 0.28
N GLY A 51 11.96 8.62 -0.90
CA GLY A 51 12.55 9.31 -2.06
C GLY A 51 12.90 8.35 -3.20
N THR A 52 13.34 7.12 -2.90
CA THR A 52 13.73 6.11 -3.91
C THR A 52 12.55 5.67 -4.77
N ILE A 53 12.74 5.65 -6.09
CA ILE A 53 11.77 5.15 -7.07
C ILE A 53 12.06 3.68 -7.41
N LYS A 54 10.96 2.94 -7.61
CA LYS A 54 10.83 1.55 -8.03
C LYS A 54 10.10 1.47 -9.39
N LYS A 55 10.31 0.41 -10.15
CA LYS A 55 9.58 0.03 -11.37
C LYS A 55 8.82 -1.27 -11.10
N ILE A 56 7.51 -1.28 -11.28
CA ILE A 56 6.61 -2.35 -10.84
C ILE A 56 5.78 -2.83 -12.06
N THR A 57 5.47 -4.12 -12.17
CA THR A 57 4.76 -4.69 -13.33
C THR A 57 3.39 -5.27 -12.97
N PHE A 58 2.35 -4.92 -13.73
CA PHE A 58 0.98 -5.43 -13.64
C PHE A 58 0.69 -6.55 -14.66
N ALA A 59 -0.29 -7.40 -14.31
CA ALA A 59 -0.68 -8.68 -14.90
C ALA A 59 -0.70 -8.80 -16.44
N GLU A 60 -0.57 -10.05 -16.90
CA GLU A 60 -0.86 -10.49 -18.27
C GLU A 60 -2.31 -10.20 -18.67
N GLY A 61 -2.54 -10.00 -19.96
CA GLY A 61 -3.86 -9.74 -20.56
C GLY A 61 -3.70 -9.03 -21.89
N ASN A 62 -3.47 -9.79 -22.96
CA ASN A 62 -3.00 -9.36 -24.30
C ASN A 62 -1.63 -8.64 -24.32
N GLU A 63 -1.39 -7.70 -23.40
CA GLU A 63 -0.11 -7.02 -23.17
C GLU A 63 0.03 -6.66 -21.67
N PHE A 64 1.22 -6.84 -21.10
CA PHE A 64 1.49 -6.49 -19.69
C PHE A 64 1.48 -4.96 -19.48
N LYS A 65 1.15 -4.51 -18.27
CA LYS A 65 1.09 -3.08 -17.90
C LYS A 65 2.25 -2.63 -16.99
N TYR A 66 2.64 -1.39 -17.15
CA TYR A 66 3.81 -0.74 -16.54
C TYR A 66 3.42 0.30 -15.49
N MET A 67 4.18 0.37 -14.41
CA MET A 67 4.10 1.40 -13.38
C MET A 67 5.48 1.73 -12.79
N LYS A 68 5.61 2.91 -12.18
CA LYS A 68 6.66 3.22 -11.20
C LYS A 68 6.05 3.56 -9.84
N HIS A 69 6.70 3.10 -8.79
CA HIS A 69 6.42 3.38 -7.37
C HIS A 69 7.52 4.24 -6.76
N LYS A 70 7.30 4.86 -5.61
CA LYS A 70 8.37 5.31 -4.72
C LYS A 70 8.01 4.99 -3.29
N VAL A 71 9.01 4.77 -2.45
CA VAL A 71 8.83 4.98 -1.00
C VAL A 71 8.76 6.50 -0.79
N GLU A 72 7.75 7.02 -0.09
CA GLU A 72 7.37 8.45 -0.12
C GLU A 72 7.66 9.18 1.19
N GLU A 73 7.68 8.47 2.31
CA GLU A 73 8.05 8.92 3.67
C GLU A 73 8.16 7.70 4.60
N ILE A 74 8.93 7.83 5.67
CA ILE A 74 8.97 6.90 6.81
C ILE A 74 9.20 7.72 8.09
N ASP A 75 8.35 7.55 9.10
CA ASP A 75 8.55 8.16 10.42
C ASP A 75 8.46 7.13 11.55
N HIS A 76 9.48 7.09 12.40
CA HIS A 76 9.47 6.32 13.65
C HIS A 76 8.68 7.01 14.77
N ALA A 77 8.59 8.35 14.80
CA ALA A 77 8.02 9.07 15.94
C ALA A 77 6.49 8.91 16.04
N ASN A 78 5.75 9.27 14.99
CA ASN A 78 4.31 8.99 14.88
C ASN A 78 3.98 7.65 14.19
N PHE A 79 5.00 6.78 14.01
CA PHE A 79 4.95 5.44 13.43
C PHE A 79 4.15 5.35 12.10
N LYS A 80 4.72 5.90 11.02
CA LYS A 80 4.14 5.80 9.66
C LYS A 80 5.12 5.28 8.60
N TYR A 81 4.56 4.61 7.61
CA TYR A 81 5.22 4.21 6.36
C TYR A 81 4.39 4.71 5.17
N CYS A 82 5.03 5.15 4.10
CA CYS A 82 4.34 5.63 2.90
C CYS A 82 5.04 5.21 1.61
N TYR A 83 4.25 4.87 0.59
CA TYR A 83 4.69 4.76 -0.80
C TYR A 83 3.69 5.47 -1.72
N SER A 84 4.01 5.60 -2.99
CA SER A 84 3.10 6.14 -4.01
C SER A 84 3.39 5.52 -5.36
N ILE A 85 2.37 5.17 -6.14
CA ILE A 85 2.54 4.97 -7.59
C ILE A 85 2.71 6.35 -8.24
N ILE A 86 3.90 6.62 -8.77
CA ILE A 86 4.30 7.91 -9.36
C ILE A 86 3.91 8.01 -10.85
N GLU A 87 3.80 6.88 -11.54
CA GLU A 87 3.52 6.81 -12.99
C GLU A 87 2.95 5.43 -13.34
N GLY A 88 2.12 5.34 -14.39
CA GLY A 88 1.82 4.06 -15.06
C GLY A 88 0.54 4.11 -15.89
N GLY A 89 0.34 3.11 -16.76
CA GLY A 89 -0.95 2.91 -17.46
C GLY A 89 -2.15 2.83 -16.50
N PRO A 90 -2.02 2.14 -15.34
CA PRO A 90 -3.00 2.17 -14.25
C PRO A 90 -3.36 3.55 -13.66
N LEU A 91 -2.49 4.56 -13.78
CA LEU A 91 -2.83 5.97 -13.55
C LEU A 91 -3.42 6.72 -14.76
N GLY A 92 -2.80 6.52 -15.94
CA GLY A 92 -2.76 7.50 -17.04
C GLY A 92 -4.09 8.09 -17.47
N HIS A 93 -5.16 7.31 -17.47
CA HIS A 93 -6.52 7.70 -17.84
C HIS A 93 -7.07 8.91 -17.06
N THR A 94 -6.80 9.05 -15.76
CA THR A 94 -7.35 10.13 -14.92
C THR A 94 -6.42 10.68 -13.83
N LEU A 95 -5.33 9.99 -13.47
CA LEU A 95 -4.59 10.23 -12.21
C LEU A 95 -3.14 10.70 -12.40
N GLU A 96 -2.67 11.59 -11.53
CA GLU A 96 -1.25 11.95 -11.41
C GLU A 96 -0.48 10.90 -10.60
N LYS A 97 -1.10 10.39 -9.52
CA LYS A 97 -0.47 9.58 -8.47
C LYS A 97 -1.50 8.94 -7.54
N ILE A 98 -1.11 7.86 -6.86
CA ILE A 98 -1.86 7.29 -5.73
C ILE A 98 -0.89 7.00 -4.57
N PRO A 99 -0.73 7.91 -3.59
CA PRO A 99 -0.07 7.60 -2.33
C PRO A 99 -0.85 6.61 -1.46
N TYR A 100 -0.11 5.76 -0.76
CA TYR A 100 -0.56 4.82 0.26
C TYR A 100 0.10 5.19 1.58
N GLU A 101 -0.69 5.29 2.64
CA GLU A 101 -0.29 5.79 3.95
C GLU A 101 -0.62 4.75 5.02
N ILE A 102 0.35 4.38 5.84
CA ILE A 102 0.23 3.26 6.75
C ILE A 102 0.63 3.71 8.16
N LYS A 103 -0.25 3.56 9.16
CA LYS A 103 0.04 3.91 10.57
C LYS A 103 0.12 2.66 11.44
N MET A 104 1.18 2.51 12.24
CA MET A 104 1.10 1.67 13.44
C MET A 104 0.58 2.53 14.59
N ALA A 105 -0.49 2.05 15.20
CA ALA A 105 -1.41 2.85 16.00
C ALA A 105 -1.63 2.20 17.38
N ALA A 106 -1.72 3.00 18.44
CA ALA A 106 -1.98 2.51 19.79
C ALA A 106 -3.37 1.85 19.87
N ALA A 107 -3.43 0.65 20.44
CA ALA A 107 -4.65 -0.10 20.72
C ALA A 107 -5.17 0.19 22.15
N PRO A 108 -6.40 -0.23 22.52
CA PRO A 108 -6.93 -0.07 23.88
C PRO A 108 -6.03 -0.69 24.97
N HIS A 109 -5.25 -1.72 24.63
CA HIS A 109 -4.13 -2.22 25.43
C HIS A 109 -2.80 -1.77 24.81
N GLY A 110 -1.79 -1.53 25.65
CA GLY A 110 -0.43 -1.22 25.19
C GLY A 110 0.31 -2.44 24.64
N GLY A 111 -0.12 -3.65 25.01
CA GLY A 111 0.54 -4.91 24.68
C GLY A 111 0.51 -5.34 23.19
N GLY A 112 -0.23 -4.64 22.33
CA GLY A 112 -0.33 -4.91 20.89
C GLY A 112 -0.52 -3.61 20.10
N SER A 113 -1.03 -3.70 18.87
CA SER A 113 -1.28 -2.53 18.01
C SER A 113 -2.54 -2.65 17.14
N ILE A 114 -3.00 -1.50 16.68
CA ILE A 114 -3.83 -1.34 15.48
C ILE A 114 -2.86 -1.02 14.33
N LEU A 115 -3.09 -1.54 13.13
CA LEU A 115 -2.33 -1.17 11.93
C LEU A 115 -3.29 -0.60 10.89
N LYS A 116 -3.30 0.72 10.74
CA LYS A 116 -4.20 1.41 9.82
C LYS A 116 -3.60 1.46 8.42
N ILE A 117 -4.43 1.16 7.41
CA ILE A 117 -4.08 1.21 5.99
C ILE A 117 -4.93 2.29 5.30
N THR A 118 -4.29 3.20 4.57
CA THR A 118 -4.92 4.33 3.86
C THR A 118 -4.40 4.41 2.42
N SER A 119 -5.24 4.84 1.48
CA SER A 119 -4.83 5.22 0.12
C SER A 119 -5.56 6.48 -0.33
N LYS A 120 -4.86 7.36 -1.05
CA LYS A 120 -5.35 8.63 -1.59
C LYS A 120 -4.99 8.71 -3.08
N TYR A 121 -5.91 9.18 -3.91
CA TYR A 121 -5.88 9.06 -5.37
C TYR A 121 -6.04 10.46 -5.99
N HIS A 122 -4.99 11.06 -6.55
CA HIS A 122 -5.06 12.41 -7.10
C HIS A 122 -5.09 12.44 -8.63
N THR A 123 -5.95 13.31 -9.19
CA THR A 123 -6.15 13.49 -10.63
C THR A 123 -4.93 14.06 -11.38
N LYS A 124 -4.78 13.73 -12.66
CA LYS A 124 -3.77 14.33 -13.56
C LYS A 124 -4.10 15.80 -13.87
N GLY A 125 -3.12 16.59 -14.30
CA GLY A 125 -3.29 17.98 -14.75
C GLY A 125 -4.29 18.81 -13.94
N ASN A 126 -5.43 19.16 -14.54
CA ASN A 126 -6.64 19.64 -13.88
C ASN A 126 -7.86 18.72 -14.14
N ALA A 127 -7.63 17.46 -14.54
CA ALA A 127 -8.62 16.48 -14.96
C ALA A 127 -9.59 16.06 -13.85
N SER A 128 -10.77 15.58 -14.24
CA SER A 128 -11.73 14.89 -13.36
C SER A 128 -11.45 13.39 -13.27
N ILE A 129 -11.80 12.76 -12.15
CA ILE A 129 -11.81 11.30 -11.99
C ILE A 129 -13.20 10.72 -12.35
N ASN A 130 -13.22 9.57 -13.02
CA ASN A 130 -14.42 8.73 -13.20
C ASN A 130 -14.93 8.23 -11.85
N GLU A 131 -16.23 8.38 -11.62
CA GLU A 131 -16.97 7.53 -10.69
C GLU A 131 -16.76 6.04 -11.03
N GLU A 132 -16.43 5.72 -12.30
CA GLU A 132 -16.04 4.34 -12.62
C GLU A 132 -14.74 3.93 -11.89
N GLU A 133 -13.73 4.80 -11.94
CA GLU A 133 -12.42 4.59 -11.31
C GLU A 133 -12.46 4.80 -9.80
N ILE A 134 -13.37 5.62 -9.26
CA ILE A 134 -13.60 5.68 -7.82
C ILE A 134 -14.17 4.35 -7.36
N LYS A 135 -15.28 3.89 -7.93
CA LYS A 135 -16.05 2.77 -7.38
C LYS A 135 -15.35 1.44 -7.57
N ALA A 136 -14.75 1.20 -8.75
CA ALA A 136 -13.80 0.11 -8.89
C ALA A 136 -12.61 0.32 -7.93
N GLY A 137 -12.05 1.53 -7.87
CA GLY A 137 -10.93 1.91 -7.01
C GLY A 137 -11.05 1.46 -5.56
N LYS A 138 -12.09 1.88 -4.81
CA LYS A 138 -12.23 1.52 -3.38
C LYS A 138 -12.41 0.04 -3.10
N GLU A 139 -13.11 -0.61 -4.00
CA GLU A 139 -13.60 -1.98 -3.92
C GLU A 139 -12.60 -3.04 -4.36
N LYS A 140 -11.88 -2.76 -5.45
CA LYS A 140 -10.57 -3.33 -5.64
C LYS A 140 -9.70 -3.03 -4.42
N ALA A 141 -9.95 -1.94 -3.68
CA ALA A 141 -9.03 -1.60 -2.58
C ALA A 141 -9.40 -2.33 -1.27
N ALA A 142 -10.67 -2.62 -1.06
CA ALA A 142 -11.16 -3.51 -0.01
C ALA A 142 -10.59 -4.92 -0.17
N GLY A 143 -10.52 -5.42 -1.41
CA GLY A 143 -9.80 -6.65 -1.76
C GLY A 143 -8.35 -6.66 -1.26
N LEU A 144 -7.58 -5.61 -1.58
CA LEU A 144 -6.21 -5.45 -1.08
C LEU A 144 -6.18 -5.35 0.46
N PHE A 145 -6.97 -4.45 1.05
CA PHE A 145 -6.88 -4.10 2.47
C PHE A 145 -7.44 -5.22 3.38
N LYS A 146 -8.35 -6.09 2.90
CA LYS A 146 -8.77 -7.29 3.63
C LYS A 146 -7.78 -8.43 3.46
N ALA A 147 -6.97 -8.43 2.42
CA ALA A 147 -5.80 -9.31 2.37
C ALA A 147 -4.60 -8.77 3.15
N VAL A 148 -4.49 -7.47 3.42
CA VAL A 148 -3.64 -6.95 4.51
C VAL A 148 -4.21 -7.36 5.88
N GLU A 149 -5.52 -7.18 6.10
CA GLU A 149 -6.16 -7.49 7.39
C GLU A 149 -6.14 -8.98 7.69
N ALA A 150 -6.70 -9.82 6.83
CA ALA A 150 -6.63 -11.26 7.01
C ALA A 150 -5.20 -11.80 6.90
N TYR A 151 -4.26 -11.19 6.18
CA TYR A 151 -2.84 -11.53 6.45
C TYR A 151 -2.49 -11.37 7.95
N LEU A 152 -2.73 -10.19 8.53
CA LEU A 152 -2.41 -9.81 9.91
C LEU A 152 -3.15 -10.67 10.95
N LEU A 153 -4.47 -10.73 10.87
CA LEU A 153 -5.36 -11.52 11.72
C LEU A 153 -5.08 -13.03 11.63
N ALA A 154 -5.03 -13.59 10.41
CA ALA A 154 -4.90 -15.04 10.20
C ALA A 154 -3.46 -15.57 10.40
N HIS A 155 -2.47 -14.68 10.57
CA HIS A 155 -1.08 -15.07 10.88
C HIS A 155 -1.01 -15.90 12.17
N PRO A 156 -0.49 -17.14 12.13
CA PRO A 156 -0.66 -18.11 13.21
C PRO A 156 0.30 -17.92 14.38
N ASP A 157 1.41 -17.22 14.18
CA ASP A 157 2.55 -17.18 15.11
C ASP A 157 2.85 -15.79 15.68
N ALA A 158 1.93 -14.82 15.54
CA ALA A 158 2.22 -13.41 15.81
C ALA A 158 2.71 -13.13 17.25
N TYR A 159 2.37 -13.99 18.20
CA TYR A 159 2.81 -13.96 19.61
C TYR A 159 4.26 -14.42 19.86
N CYS A 160 5.06 -14.51 18.80
CA CYS A 160 6.48 -14.89 18.78
C CYS A 160 7.32 -13.86 18.02
N GLY A 1 -8.97 17.03 -7.90
CA GLY A 1 -9.81 16.46 -6.83
C GLY A 1 -9.19 15.20 -6.27
N VAL A 2 -9.65 14.79 -5.09
CA VAL A 2 -9.22 13.56 -4.41
C VAL A 2 -10.43 12.67 -4.07
N PHE A 3 -10.23 11.35 -4.10
CA PHE A 3 -11.08 10.34 -3.45
C PHE A 3 -10.22 9.49 -2.51
N SER A 4 -10.71 9.14 -1.31
CA SER A 4 -9.93 8.43 -0.27
C SER A 4 -10.71 7.30 0.39
N TYR A 5 -10.00 6.28 0.90
CA TYR A 5 -10.56 5.08 1.53
C TYR A 5 -9.65 4.53 2.65
N GLU A 6 -10.26 3.97 3.70
CA GLU A 6 -9.59 3.54 4.94
C GLU A 6 -10.15 2.24 5.53
N ASP A 7 -9.28 1.41 6.10
CA ASP A 7 -9.62 0.20 6.89
C ASP A 7 -8.47 -0.15 7.86
N GLU A 8 -8.74 -0.81 8.99
CA GLU A 8 -7.76 -1.00 10.07
C GLU A 8 -7.67 -2.41 10.68
N ALA A 9 -6.43 -2.86 10.84
CA ALA A 9 -6.04 -4.14 11.43
C ALA A 9 -5.67 -4.03 12.92
N THR A 10 -5.36 -5.16 13.54
CA THR A 10 -4.60 -5.26 14.79
C THR A 10 -3.53 -6.34 14.68
N SER A 11 -2.61 -6.39 15.64
CA SER A 11 -1.56 -7.42 15.72
C SER A 11 -1.17 -7.68 17.18
N VAL A 12 -0.70 -8.88 17.50
CA VAL A 12 -0.08 -9.16 18.81
C VAL A 12 1.24 -8.40 19.01
N ILE A 13 1.85 -7.92 17.93
CA ILE A 13 3.12 -7.20 17.91
C ILE A 13 2.92 -5.72 18.28
N PRO A 14 3.71 -5.13 19.19
CA PRO A 14 3.60 -3.71 19.55
C PRO A 14 4.09 -2.76 18.43
N PRO A 15 3.67 -1.48 18.43
CA PRO A 15 3.88 -0.56 17.30
C PRO A 15 5.34 -0.44 16.83
N ALA A 16 6.30 -0.27 17.74
CA ALA A 16 7.72 -0.11 17.40
C ALA A 16 8.29 -1.30 16.61
N ARG A 17 7.92 -2.54 16.99
CA ARG A 17 8.33 -3.74 16.25
C ARG A 17 7.58 -3.86 14.92
N LEU A 18 6.27 -3.60 14.89
CA LEU A 18 5.49 -3.73 13.65
C LEU A 18 5.82 -2.72 12.56
N PHE A 19 6.34 -1.62 13.04
CA PHE A 19 6.82 -0.49 12.26
C PHE A 19 7.93 -0.85 11.31
N LYS A 20 8.97 -1.25 11.98
CA LYS A 20 10.28 -1.60 11.43
C LYS A 20 10.30 -2.82 10.53
N SER A 21 9.33 -3.65 10.82
CA SER A 21 9.02 -4.93 10.20
C SER A 21 8.20 -4.74 8.92
N PHE A 22 7.09 -3.99 8.98
CA PHE A 22 6.33 -3.57 7.81
C PHE A 22 7.15 -2.73 6.82
N VAL A 23 8.05 -1.85 7.29
CA VAL A 23 9.00 -1.09 6.45
C VAL A 23 9.84 -2.03 5.57
N LEU A 24 10.32 -3.13 6.15
CA LEU A 24 11.09 -4.18 5.48
C LEU A 24 10.24 -5.19 4.69
N ASP A 25 8.92 -5.08 4.76
CA ASP A 25 7.93 -5.94 4.08
C ASP A 25 6.95 -5.11 3.20
N ALA A 26 7.38 -3.91 2.83
CA ALA A 26 6.62 -2.87 2.13
C ALA A 26 6.39 -3.17 0.65
N ASP A 27 7.49 -3.39 -0.09
CA ASP A 27 7.42 -3.96 -1.43
C ASP A 27 6.82 -5.38 -1.37
N ASN A 28 7.07 -6.09 -0.25
CA ASN A 28 6.54 -7.45 -0.08
C ASN A 28 5.00 -7.49 -0.04
N LEU A 29 4.31 -6.37 0.26
CA LEU A 29 2.85 -6.24 0.19
C LEU A 29 2.27 -6.69 -1.16
N ILE A 30 2.90 -6.31 -2.27
CA ILE A 30 2.30 -6.40 -3.61
C ILE A 30 1.84 -7.83 -3.94
N PRO A 31 2.70 -8.87 -3.92
CA PRO A 31 2.25 -10.24 -4.12
C PRO A 31 1.37 -10.77 -2.98
N LYS A 32 1.65 -10.44 -1.71
CA LYS A 32 0.92 -11.03 -0.57
C LYS A 32 -0.51 -10.50 -0.41
N VAL A 33 -0.87 -9.36 -1.02
CA VAL A 33 -2.24 -8.81 -0.98
C VAL A 33 -2.88 -8.58 -2.36
N ALA A 34 -2.12 -8.62 -3.45
CA ALA A 34 -2.65 -8.63 -4.81
C ALA A 34 -1.82 -9.56 -5.73
N PRO A 35 -1.92 -10.90 -5.55
CA PRO A 35 -1.07 -11.85 -6.27
C PRO A 35 -1.35 -11.89 -7.77
N GLN A 36 -2.63 -12.00 -8.18
CA GLN A 36 -3.03 -12.13 -9.58
C GLN A 36 -2.84 -10.85 -10.42
N HIS A 37 -2.61 -9.70 -9.77
CA HIS A 37 -2.65 -8.37 -10.40
C HIS A 37 -1.28 -7.84 -10.82
N PHE A 38 -0.20 -8.34 -10.24
CA PHE A 38 1.16 -7.90 -10.54
C PHE A 38 2.10 -9.10 -10.78
N THR A 39 3.21 -8.84 -11.47
CA THR A 39 4.22 -9.84 -11.84
C THR A 39 5.56 -9.60 -11.16
N SER A 40 5.97 -8.34 -11.05
CA SER A 40 7.27 -7.96 -10.46
C SER A 40 7.28 -6.51 -10.01
N ALA A 41 8.24 -6.19 -9.15
CA ALA A 41 8.60 -4.85 -8.73
C ALA A 41 10.11 -4.71 -8.80
N GLU A 42 10.58 -3.59 -9.35
CA GLU A 42 12.01 -3.26 -9.48
C GLU A 42 12.32 -1.93 -8.80
N ASN A 43 13.53 -1.72 -8.28
CA ASN A 43 14.01 -0.36 -8.01
C ASN A 43 14.39 0.36 -9.32
N LEU A 44 13.99 1.62 -9.45
CA LEU A 44 14.31 2.50 -10.58
C LEU A 44 15.37 3.55 -10.22
N GLU A 45 15.19 4.24 -9.08
CA GLU A 45 16.05 5.33 -8.62
C GLU A 45 15.91 5.53 -7.10
N GLY A 46 17.03 5.56 -6.38
CA GLY A 46 17.12 5.86 -4.95
C GLY A 46 17.52 4.68 -4.07
N ASN A 47 18.03 4.97 -2.88
CA ASN A 47 18.67 4.02 -1.96
C ASN A 47 17.68 3.22 -1.07
N GLY A 48 16.38 3.29 -1.35
CA GLY A 48 15.31 2.58 -0.65
C GLY A 48 14.56 3.39 0.40
N GLY A 49 15.04 4.57 0.77
CA GLY A 49 14.35 5.52 1.66
C GLY A 49 13.20 6.26 0.96
N PRO A 50 12.36 7.00 1.72
CA PRO A 50 11.24 7.73 1.14
C PRO A 50 11.78 8.82 0.20
N GLY A 51 11.25 8.86 -1.02
CA GLY A 51 11.84 9.54 -2.19
C GLY A 51 12.36 8.58 -3.27
N THR A 52 12.58 7.30 -2.95
CA THR A 52 13.01 6.24 -3.89
C THR A 52 11.85 5.77 -4.77
N ILE A 53 12.03 5.77 -6.09
CA ILE A 53 11.09 5.24 -7.08
C ILE A 53 11.41 3.77 -7.43
N LYS A 54 10.35 2.97 -7.54
CA LYS A 54 10.32 1.59 -8.03
C LYS A 54 9.53 1.51 -9.36
N LYS A 55 9.99 0.73 -10.33
CA LYS A 55 9.27 0.40 -11.58
C LYS A 55 8.55 -0.95 -11.41
N ILE A 56 7.23 -0.98 -11.55
CA ILE A 56 6.39 -2.15 -11.22
C ILE A 56 5.74 -2.71 -12.50
N THR A 57 5.58 -4.03 -12.62
CA THR A 57 4.90 -4.69 -13.75
C THR A 57 3.55 -5.29 -13.34
N PHE A 58 2.46 -4.84 -13.97
CA PHE A 58 1.12 -5.45 -13.83
C PHE A 58 1.03 -6.78 -14.59
N ALA A 59 0.15 -7.68 -14.16
CA ALA A 59 -0.07 -9.00 -14.75
C ALA A 59 -0.38 -8.96 -16.25
N GLU A 60 0.04 -9.99 -16.98
CA GLU A 60 -0.15 -10.12 -18.44
C GLU A 60 -1.58 -10.54 -18.82
N GLY A 61 -1.88 -10.63 -20.12
CA GLY A 61 -3.19 -11.06 -20.64
C GLY A 61 -3.54 -10.24 -21.89
N ASN A 62 -3.15 -10.74 -23.07
CA ASN A 62 -2.94 -10.00 -24.31
C ASN A 62 -1.88 -8.87 -24.21
N GLU A 63 -1.82 -8.13 -23.10
CA GLU A 63 -0.71 -7.25 -22.76
C GLU A 63 -0.61 -6.94 -21.26
N PHE A 64 0.61 -6.94 -20.71
CA PHE A 64 0.92 -6.42 -19.36
C PHE A 64 0.72 -4.89 -19.26
N LYS A 65 0.83 -4.31 -18.05
CA LYS A 65 0.79 -2.84 -17.86
C LYS A 65 1.99 -2.32 -17.05
N TYR A 66 2.34 -1.08 -17.34
CA TYR A 66 3.48 -0.34 -16.77
C TYR A 66 3.02 0.67 -15.71
N MET A 67 3.73 0.70 -14.57
CA MET A 67 3.60 1.70 -13.51
C MET A 67 4.95 2.00 -12.85
N LYS A 68 5.04 3.14 -12.18
CA LYS A 68 6.08 3.44 -11.19
C LYS A 68 5.46 3.76 -9.83
N HIS A 69 5.94 3.11 -8.79
CA HIS A 69 5.65 3.37 -7.37
C HIS A 69 6.80 4.14 -6.73
N LYS A 70 6.61 4.76 -5.57
CA LYS A 70 7.70 5.29 -4.75
C LYS A 70 7.41 5.09 -3.29
N VAL A 71 8.44 4.88 -2.48
CA VAL A 71 8.36 5.17 -1.04
C VAL A 71 8.26 6.69 -0.90
N GLU A 72 7.39 7.22 -0.04
CA GLU A 72 7.05 8.66 -0.02
C GLU A 72 7.31 9.34 1.33
N GLU A 73 7.27 8.59 2.44
CA GLU A 73 7.52 9.07 3.81
C GLU A 73 7.75 7.87 4.74
N ILE A 74 8.58 8.03 5.78
CA ILE A 74 8.69 7.08 6.90
C ILE A 74 8.97 7.87 8.20
N ASP A 75 8.13 7.74 9.22
CA ASP A 75 8.35 8.38 10.53
C ASP A 75 8.20 7.39 11.70
N HIS A 76 9.23 7.23 12.52
CA HIS A 76 9.13 6.51 13.80
C HIS A 76 8.48 7.35 14.92
N ALA A 77 8.53 8.68 14.86
CA ALA A 77 8.04 9.54 15.95
C ALA A 77 6.50 9.53 16.07
N ASN A 78 5.77 9.39 14.97
CA ASN A 78 4.33 9.11 14.95
C ASN A 78 3.95 7.78 14.25
N PHE A 79 4.94 6.90 14.06
CA PHE A 79 4.84 5.55 13.49
C PHE A 79 4.00 5.45 12.20
N LYS A 80 4.46 6.11 11.13
CA LYS A 80 3.84 6.06 9.79
C LYS A 80 4.78 5.63 8.67
N TYR A 81 4.18 5.05 7.65
CA TYR A 81 4.79 4.73 6.35
C TYR A 81 3.93 5.30 5.22
N CYS A 82 4.54 5.66 4.09
CA CYS A 82 3.83 6.08 2.88
C CYS A 82 4.50 5.54 1.61
N TYR A 83 3.67 5.19 0.63
CA TYR A 83 4.09 5.02 -0.76
C TYR A 83 3.07 5.67 -1.70
N SER A 84 3.40 5.79 -2.99
CA SER A 84 2.49 6.31 -4.02
C SER A 84 2.78 5.69 -5.37
N ILE A 85 1.75 5.37 -6.17
CA ILE A 85 1.95 5.22 -7.63
C ILE A 85 2.05 6.62 -8.24
N ILE A 86 3.22 6.91 -8.83
CA ILE A 86 3.63 8.21 -9.35
C ILE A 86 3.19 8.40 -10.81
N GLU A 87 3.08 7.29 -11.55
CA GLU A 87 2.92 7.23 -13.00
C GLU A 87 2.47 5.81 -13.41
N GLY A 88 1.71 5.69 -14.50
CA GLY A 88 1.45 4.40 -15.16
C GLY A 88 0.26 4.47 -16.13
N GLY A 89 0.16 3.48 -17.01
CA GLY A 89 -1.05 3.29 -17.84
C GLY A 89 -2.33 3.21 -16.99
N PRO A 90 -2.34 2.46 -15.87
CA PRO A 90 -3.40 2.46 -14.87
C PRO A 90 -3.77 3.81 -14.23
N LEU A 91 -2.88 4.81 -14.21
CA LEU A 91 -3.24 6.19 -13.83
C LEU A 91 -3.79 7.06 -14.97
N GLY A 92 -3.18 6.96 -16.16
CA GLY A 92 -3.12 8.04 -17.14
C GLY A 92 -4.46 8.64 -17.59
N HIS A 93 -5.54 7.86 -17.62
CA HIS A 93 -6.89 8.30 -17.99
C HIS A 93 -7.41 9.48 -17.16
N THR A 94 -7.17 9.51 -15.84
CA THR A 94 -7.72 10.54 -14.93
C THR A 94 -6.80 10.98 -13.79
N LEU A 95 -5.68 10.30 -13.51
CA LEU A 95 -4.95 10.43 -12.24
C LEU A 95 -3.53 10.98 -12.40
N GLU A 96 -3.13 11.86 -11.49
CA GLU A 96 -1.75 12.33 -11.33
C GLU A 96 -0.95 11.31 -10.50
N LYS A 97 -1.51 10.85 -9.37
CA LYS A 97 -0.91 9.88 -8.44
C LYS A 97 -1.95 9.24 -7.52
N ILE A 98 -1.63 8.07 -6.93
CA ILE A 98 -2.41 7.46 -5.84
C ILE A 98 -1.48 7.17 -4.65
N PRO A 99 -1.38 8.07 -3.65
CA PRO A 99 -0.71 7.77 -2.39
C PRO A 99 -1.46 6.77 -1.50
N TYR A 100 -0.69 6.13 -0.62
CA TYR A 100 -1.11 5.16 0.39
C TYR A 100 -0.45 5.53 1.71
N GLU A 101 -1.25 5.59 2.79
CA GLU A 101 -0.81 6.02 4.12
C GLU A 101 -1.06 4.91 5.14
N ILE A 102 -0.04 4.58 5.92
CA ILE A 102 -0.07 3.47 6.88
C ILE A 102 0.29 4.00 8.26
N LYS A 103 -0.47 3.65 9.31
CA LYS A 103 -0.15 3.98 10.71
C LYS A 103 -0.01 2.70 11.55
N MET A 104 1.11 2.52 12.25
CA MET A 104 1.14 1.65 13.43
C MET A 104 0.67 2.47 14.63
N ALA A 105 -0.32 1.95 15.33
CA ALA A 105 -1.27 2.74 16.10
C ALA A 105 -1.46 2.19 17.52
N ALA A 106 -1.56 3.11 18.48
CA ALA A 106 -1.68 2.78 19.90
C ALA A 106 -3.01 2.08 20.20
N ALA A 107 -2.95 0.77 20.48
CA ALA A 107 -4.06 -0.04 20.92
C ALA A 107 -4.45 0.25 22.38
N PRO A 108 -5.72 0.01 22.79
CA PRO A 108 -6.09 -0.08 24.20
C PRO A 108 -5.30 -1.20 24.89
N HIS A 109 -5.19 -2.37 24.25
CA HIS A 109 -4.27 -3.46 24.61
C HIS A 109 -2.87 -3.18 24.06
N GLY A 110 -2.15 -2.25 24.70
CA GLY A 110 -0.89 -1.68 24.21
C GLY A 110 0.31 -2.65 24.10
N GLY A 111 0.20 -3.87 24.63
CA GLY A 111 1.18 -4.94 24.39
C GLY A 111 1.15 -5.47 22.94
N GLY A 112 0.04 -5.27 22.24
CA GLY A 112 -0.09 -5.41 20.79
C GLY A 112 -0.21 -4.05 20.12
N SER A 113 -0.76 -4.00 18.90
CA SER A 113 -0.97 -2.78 18.16
C SER A 113 -2.24 -2.81 17.31
N ILE A 114 -2.66 -1.62 16.89
CA ILE A 114 -3.56 -1.40 15.75
C ILE A 114 -2.65 -1.09 14.54
N LEU A 115 -3.03 -1.52 13.33
CA LEU A 115 -2.34 -1.13 12.10
C LEU A 115 -3.35 -0.62 11.08
N LYS A 116 -3.41 0.71 10.91
CA LYS A 116 -4.38 1.38 10.03
C LYS A 116 -3.83 1.53 8.62
N ILE A 117 -4.66 1.27 7.60
CA ILE A 117 -4.31 1.33 6.18
C ILE A 117 -5.21 2.34 5.45
N THR A 118 -4.63 3.24 4.65
CA THR A 118 -5.33 4.29 3.87
C THR A 118 -4.86 4.34 2.42
N SER A 119 -5.74 4.68 1.47
CA SER A 119 -5.41 5.03 0.07
C SER A 119 -6.15 6.31 -0.35
N LYS A 120 -5.53 7.10 -1.24
CA LYS A 120 -6.04 8.38 -1.77
C LYS A 120 -5.67 8.54 -3.24
N TYR A 121 -6.61 8.95 -4.08
CA TYR A 121 -6.54 9.00 -5.53
C TYR A 121 -6.63 10.45 -6.00
N HIS A 122 -5.56 11.04 -6.54
CA HIS A 122 -5.50 12.45 -6.93
C HIS A 122 -5.56 12.63 -8.46
N THR A 123 -6.50 13.44 -8.96
CA THR A 123 -6.75 13.59 -10.41
C THR A 123 -5.72 14.44 -11.13
N LYS A 124 -5.51 14.16 -12.42
CA LYS A 124 -4.57 14.85 -13.31
C LYS A 124 -5.05 16.26 -13.70
N GLY A 125 -4.15 17.23 -13.72
CA GLY A 125 -4.45 18.64 -13.99
C GLY A 125 -5.62 19.15 -13.15
N ASN A 126 -6.68 19.62 -13.81
CA ASN A 126 -7.93 20.05 -13.15
C ASN A 126 -9.09 19.04 -13.33
N ALA A 127 -8.82 17.83 -13.82
CA ALA A 127 -9.83 16.80 -14.14
C ALA A 127 -10.64 16.33 -12.92
N SER A 128 -11.79 15.69 -13.18
CA SER A 128 -12.60 14.99 -12.17
C SER A 128 -12.53 13.48 -12.38
N ILE A 129 -12.46 12.70 -11.30
CA ILE A 129 -12.31 11.24 -11.37
C ILE A 129 -13.57 10.56 -11.94
N ASN A 130 -13.38 9.43 -12.61
CA ASN A 130 -14.43 8.44 -12.90
C ASN A 130 -15.03 7.96 -11.58
N GLU A 131 -16.36 8.06 -11.46
CA GLU A 131 -17.11 7.23 -10.51
C GLU A 131 -16.77 5.75 -10.74
N GLU A 132 -16.40 5.36 -11.96
CA GLU A 132 -15.98 3.98 -12.25
C GLU A 132 -14.62 3.63 -11.61
N GLU A 133 -13.71 4.60 -11.43
CA GLU A 133 -12.47 4.41 -10.68
C GLU A 133 -12.62 4.63 -9.17
N ILE A 134 -13.58 5.43 -8.71
CA ILE A 134 -13.97 5.47 -7.28
C ILE A 134 -14.46 4.10 -6.85
N LYS A 135 -15.48 3.59 -7.55
CA LYS A 135 -16.21 2.37 -7.18
C LYS A 135 -15.33 1.13 -7.33
N ALA A 136 -14.61 1.00 -8.45
CA ALA A 136 -13.56 -0.02 -8.55
C ALA A 136 -12.46 0.19 -7.50
N GLY A 137 -12.14 1.44 -7.15
CA GLY A 137 -11.09 1.82 -6.20
C GLY A 137 -11.30 1.26 -4.80
N LYS A 138 -12.41 1.59 -4.11
CA LYS A 138 -12.69 1.08 -2.74
C LYS A 138 -12.76 -0.45 -2.64
N GLU A 139 -13.21 -1.05 -3.71
CA GLU A 139 -13.54 -2.46 -3.90
C GLU A 139 -12.35 -3.34 -4.26
N LYS A 140 -11.47 -2.84 -5.13
CA LYS A 140 -10.06 -3.21 -5.08
C LYS A 140 -9.51 -2.98 -3.69
N ALA A 141 -10.05 -2.03 -2.92
CA ALA A 141 -9.34 -1.65 -1.68
C ALA A 141 -9.73 -2.52 -0.49
N ALA A 142 -10.95 -3.09 -0.48
CA ALA A 142 -11.31 -4.23 0.34
C ALA A 142 -10.46 -5.47 -0.02
N GLY A 143 -10.19 -5.69 -1.31
CA GLY A 143 -9.27 -6.74 -1.78
C GLY A 143 -7.86 -6.56 -1.22
N LEU A 144 -7.29 -5.35 -1.29
CA LEU A 144 -6.00 -5.02 -0.68
C LEU A 144 -6.06 -5.16 0.85
N PHE A 145 -6.90 -4.37 1.52
CA PHE A 145 -6.78 -4.11 2.95
C PHE A 145 -7.31 -5.26 3.81
N LYS A 146 -8.22 -6.11 3.33
CA LYS A 146 -8.60 -7.34 4.04
C LYS A 146 -7.62 -8.46 3.82
N ALA A 147 -6.83 -8.45 2.75
CA ALA A 147 -5.67 -9.32 2.67
C ALA A 147 -4.45 -8.81 3.46
N VAL A 148 -4.32 -7.50 3.71
CA VAL A 148 -3.46 -6.98 4.78
C VAL A 148 -3.96 -7.43 6.16
N GLU A 149 -5.26 -7.23 6.45
CA GLU A 149 -5.87 -7.57 7.74
C GLU A 149 -5.83 -9.06 8.01
N ALA A 150 -6.37 -9.89 7.11
CA ALA A 150 -6.25 -11.34 7.22
C ALA A 150 -4.79 -11.82 7.20
N TYR A 151 -3.88 -11.26 6.39
CA TYR A 151 -2.44 -11.59 6.58
C TYR A 151 -1.97 -11.36 8.05
N LEU A 152 -2.33 -10.23 8.65
CA LEU A 152 -2.02 -9.84 10.04
C LEU A 152 -2.67 -10.77 11.09
N LEU A 153 -3.98 -10.89 11.06
CA LEU A 153 -4.80 -11.66 12.02
C LEU A 153 -4.66 -13.18 11.85
N ALA A 154 -4.69 -13.70 10.61
CA ALA A 154 -4.76 -15.13 10.32
C ALA A 154 -3.39 -15.82 10.22
N HIS A 155 -2.26 -15.08 10.29
CA HIS A 155 -0.93 -15.67 10.38
C HIS A 155 -0.74 -16.48 11.67
N PRO A 156 -0.41 -17.78 11.61
CA PRO A 156 -0.39 -18.64 12.80
C PRO A 156 0.78 -18.33 13.75
N ASP A 157 1.98 -18.04 13.22
CA ASP A 157 3.22 -17.95 14.01
C ASP A 157 3.50 -16.57 14.63
N ALA A 158 2.53 -15.66 14.66
CA ALA A 158 2.74 -14.27 15.10
C ALA A 158 3.19 -14.13 16.57
N TYR A 159 3.03 -15.19 17.38
CA TYR A 159 3.50 -15.31 18.77
C TYR A 159 5.01 -15.45 18.96
N CYS A 160 5.79 -15.12 17.92
CA CYS A 160 7.27 -15.20 17.89
C CYS A 160 7.88 -13.83 17.63
N GLY A 1 -10.12 15.64 -7.53
CA GLY A 1 -10.05 15.72 -6.07
C GLY A 1 -9.22 14.59 -5.51
N VAL A 2 -9.37 14.31 -4.21
CA VAL A 2 -8.72 13.19 -3.52
C VAL A 2 -9.74 12.35 -2.76
N PHE A 3 -9.81 11.05 -3.07
CA PHE A 3 -10.56 10.03 -2.32
C PHE A 3 -9.66 9.31 -1.29
N SER A 4 -10.20 8.78 -0.19
CA SER A 4 -9.45 8.02 0.82
C SER A 4 -10.11 6.69 1.21
N TYR A 5 -9.32 5.70 1.63
CA TYR A 5 -9.79 4.43 2.22
C TYR A 5 -8.85 3.96 3.34
N GLU A 6 -9.41 3.43 4.43
CA GLU A 6 -8.66 3.06 5.64
C GLU A 6 -9.22 1.81 6.34
N ASP A 7 -8.33 1.05 7.00
CA ASP A 7 -8.66 -0.09 7.85
C ASP A 7 -7.52 -0.37 8.84
N GLU A 8 -7.78 -0.96 9.99
CA GLU A 8 -6.75 -1.22 11.01
C GLU A 8 -6.74 -2.64 11.57
N ALA A 9 -5.54 -3.13 11.81
CA ALA A 9 -5.24 -4.47 12.33
C ALA A 9 -4.78 -4.43 13.80
N THR A 10 -4.68 -5.60 14.44
CA THR A 10 -4.11 -5.75 15.80
C THR A 10 -3.16 -6.94 15.87
N SER A 11 -2.20 -6.89 16.79
CA SER A 11 -1.17 -7.91 16.95
C SER A 11 -0.66 -7.97 18.39
N VAL A 12 -0.21 -9.16 18.82
CA VAL A 12 0.60 -9.30 20.04
C VAL A 12 2.06 -8.88 19.82
N ILE A 13 2.50 -8.74 18.57
CA ILE A 13 3.86 -8.26 18.23
C ILE A 13 4.03 -6.80 18.69
N PRO A 14 5.10 -6.44 19.43
CA PRO A 14 5.31 -5.08 19.92
C PRO A 14 5.61 -4.05 18.79
N PRO A 15 5.38 -2.74 19.02
CA PRO A 15 5.45 -1.71 17.99
C PRO A 15 6.78 -1.62 17.21
N ALA A 16 7.94 -1.62 17.87
CA ALA A 16 9.23 -1.48 17.19
C ALA A 16 9.58 -2.71 16.35
N ARG A 17 9.29 -3.91 16.85
CA ARG A 17 9.38 -5.15 16.08
C ARG A 17 8.45 -5.09 14.87
N LEU A 18 7.20 -4.66 15.04
CA LEU A 18 6.25 -4.55 13.92
C LEU A 18 6.59 -3.49 12.88
N PHE A 19 7.32 -2.52 13.34
CA PHE A 19 7.90 -1.43 12.56
C PHE A 19 8.87 -1.92 11.52
N LYS A 20 9.90 -2.48 12.09
CA LYS A 20 11.02 -3.11 11.37
C LYS A 20 10.66 -4.30 10.50
N SER A 21 9.62 -4.96 10.96
CA SER A 21 8.98 -6.09 10.30
C SER A 21 8.25 -5.63 9.05
N PHE A 22 7.35 -4.64 9.16
CA PHE A 22 6.65 -4.07 8.00
C PHE A 22 7.62 -3.38 7.03
N VAL A 23 8.63 -2.66 7.51
CA VAL A 23 9.70 -2.05 6.68
C VAL A 23 10.38 -3.09 5.79
N LEU A 24 10.73 -4.25 6.36
CA LEU A 24 11.37 -5.37 5.67
C LEU A 24 10.39 -6.26 4.88
N ASP A 25 9.08 -6.04 4.99
CA ASP A 25 8.02 -6.82 4.35
C ASP A 25 7.08 -5.95 3.47
N ALA A 26 7.56 -4.77 3.06
CA ALA A 26 6.83 -3.75 2.31
C ALA A 26 6.64 -4.14 0.84
N ASP A 27 7.75 -4.40 0.13
CA ASP A 27 7.72 -5.08 -1.16
C ASP A 27 7.01 -6.44 -1.04
N ASN A 28 7.14 -7.06 0.13
CA ASN A 28 6.57 -8.38 0.37
C ASN A 28 5.04 -8.37 0.54
N LEU A 29 4.40 -7.20 0.72
CA LEU A 29 2.94 -7.05 0.67
C LEU A 29 2.38 -7.55 -0.68
N ILE A 30 3.06 -7.20 -1.78
CA ILE A 30 2.56 -7.31 -3.14
C ILE A 30 2.04 -8.74 -3.43
N PRO A 31 2.85 -9.82 -3.31
CA PRO A 31 2.33 -11.17 -3.48
C PRO A 31 1.49 -11.66 -2.30
N LYS A 32 1.73 -11.23 -1.06
CA LYS A 32 1.01 -11.79 0.10
C LYS A 32 -0.46 -11.34 0.15
N VAL A 33 -0.82 -10.21 -0.46
CA VAL A 33 -2.22 -9.74 -0.56
C VAL A 33 -2.77 -9.68 -1.98
N ALA A 34 -1.94 -9.48 -3.02
CA ALA A 34 -2.36 -9.48 -4.42
C ALA A 34 -1.44 -10.37 -5.30
N PRO A 35 -1.51 -11.71 -5.16
CA PRO A 35 -0.56 -12.62 -5.81
C PRO A 35 -0.70 -12.67 -7.34
N GLN A 36 -1.93 -12.86 -7.86
CA GLN A 36 -2.16 -12.95 -9.31
C GLN A 36 -1.83 -11.64 -10.03
N HIS A 37 -2.06 -10.49 -9.40
CA HIS A 37 -2.15 -9.17 -10.03
C HIS A 37 -0.84 -8.61 -10.62
N PHE A 38 0.30 -9.06 -10.10
CA PHE A 38 1.61 -8.51 -10.44
C PHE A 38 2.63 -9.62 -10.74
N THR A 39 3.37 -9.45 -11.84
CA THR A 39 4.44 -10.35 -12.27
C THR A 39 5.69 -10.18 -11.42
N SER A 40 6.06 -8.94 -11.10
CA SER A 40 7.29 -8.59 -10.38
C SER A 40 7.23 -7.18 -9.80
N ALA A 41 8.13 -6.94 -8.86
CA ALA A 41 8.49 -5.63 -8.34
C ALA A 41 10.02 -5.50 -8.29
N GLU A 42 10.53 -4.37 -8.76
CA GLU A 42 11.98 -4.15 -8.93
C GLU A 42 12.42 -2.80 -8.37
N ASN A 43 13.63 -2.67 -7.80
CA ASN A 43 14.16 -1.35 -7.48
C ASN A 43 14.61 -0.62 -8.76
N LEU A 44 14.21 0.65 -8.94
CA LEU A 44 14.59 1.47 -10.10
C LEU A 44 15.63 2.55 -9.76
N GLU A 45 15.50 3.22 -8.61
CA GLU A 45 16.39 4.31 -8.16
C GLU A 45 16.35 4.48 -6.63
N GLY A 46 17.43 4.96 -6.01
CA GLY A 46 17.56 5.14 -4.56
C GLY A 46 18.02 3.88 -3.81
N ASN A 47 18.27 4.02 -2.51
CA ASN A 47 19.01 3.03 -1.70
C ASN A 47 18.16 2.33 -0.60
N GLY A 48 16.83 2.44 -0.63
CA GLY A 48 15.90 1.76 0.30
C GLY A 48 15.25 2.64 1.38
N GLY A 49 15.71 3.88 1.54
CA GLY A 49 15.04 4.92 2.34
C GLY A 49 13.91 5.61 1.56
N PRO A 50 13.11 6.46 2.22
CA PRO A 50 12.03 7.19 1.58
C PRO A 50 12.63 8.24 0.63
N GLY A 51 12.19 8.20 -0.63
CA GLY A 51 12.84 8.80 -1.81
C GLY A 51 13.18 7.75 -2.88
N THR A 52 13.32 6.48 -2.51
CA THR A 52 13.63 5.35 -3.42
C THR A 52 12.44 5.01 -4.33
N ILE A 53 12.62 5.04 -5.66
CA ILE A 53 11.63 4.62 -6.67
C ILE A 53 11.84 3.14 -7.07
N LYS A 54 10.74 2.41 -7.27
CA LYS A 54 10.65 1.01 -7.72
C LYS A 54 9.87 0.91 -9.03
N LYS A 55 10.26 0.01 -9.93
CA LYS A 55 9.53 -0.37 -11.16
C LYS A 55 8.72 -1.64 -10.90
N ILE A 56 7.40 -1.56 -11.01
CA ILE A 56 6.48 -2.67 -10.70
C ILE A 56 5.79 -3.13 -12.00
N THR A 57 5.54 -4.43 -12.17
CA THR A 57 5.01 -4.99 -13.43
C THR A 57 3.67 -5.73 -13.22
N PHE A 58 2.63 -5.28 -13.92
CA PHE A 58 1.27 -5.83 -13.92
C PHE A 58 1.19 -7.13 -14.73
N ALA A 59 0.30 -8.03 -14.31
CA ALA A 59 0.15 -9.39 -14.84
C ALA A 59 -0.20 -9.50 -16.35
N GLU A 60 -0.10 -10.72 -16.87
CA GLU A 60 -0.39 -11.07 -18.27
C GLU A 60 -1.84 -10.78 -18.71
N GLY A 61 -2.02 -10.39 -19.98
CA GLY A 61 -3.32 -10.06 -20.59
C GLY A 61 -3.15 -9.54 -22.02
N ASN A 62 -2.61 -10.38 -22.91
CA ASN A 62 -2.00 -10.06 -24.22
C ASN A 62 -0.77 -9.14 -24.17
N GLU A 63 -0.67 -8.26 -23.17
CA GLU A 63 0.53 -7.51 -22.85
C GLU A 63 0.55 -7.12 -21.36
N PHE A 64 1.72 -7.10 -20.72
CA PHE A 64 1.92 -6.54 -19.38
C PHE A 64 1.53 -5.05 -19.32
N LYS A 65 1.29 -4.53 -18.10
CA LYS A 65 1.21 -3.08 -17.84
C LYS A 65 2.29 -2.62 -16.87
N TYR A 66 2.62 -1.34 -16.92
CA TYR A 66 3.77 -0.71 -16.27
C TYR A 66 3.33 0.26 -15.18
N MET A 67 4.06 0.26 -14.05
CA MET A 67 3.90 1.21 -12.96
C MET A 67 5.26 1.49 -12.29
N LYS A 68 5.36 2.64 -11.61
CA LYS A 68 6.44 2.94 -10.65
C LYS A 68 5.86 3.27 -9.28
N HIS A 69 6.43 2.67 -8.24
CA HIS A 69 6.20 2.99 -6.82
C HIS A 69 7.34 3.83 -6.26
N LYS A 70 7.16 4.47 -5.11
CA LYS A 70 8.27 4.96 -4.29
C LYS A 70 7.99 4.73 -2.82
N VAL A 71 9.03 4.51 -2.04
CA VAL A 71 8.98 4.77 -0.60
C VAL A 71 8.94 6.31 -0.41
N GLU A 72 8.06 6.85 0.43
CA GLU A 72 7.75 8.29 0.51
C GLU A 72 7.93 8.86 1.93
N GLU A 73 7.95 7.99 2.95
CA GLU A 73 8.25 8.31 4.34
C GLU A 73 8.60 7.04 5.12
N ILE A 74 9.56 7.16 6.03
CA ILE A 74 9.84 6.16 7.07
C ILE A 74 10.20 6.94 8.33
N ASP A 75 9.44 6.79 9.41
CA ASP A 75 9.77 7.34 10.72
C ASP A 75 9.69 6.31 11.85
N HIS A 76 10.76 6.13 12.61
CA HIS A 76 10.73 5.37 13.86
C HIS A 76 10.15 6.19 15.03
N ALA A 77 10.35 7.51 15.05
CA ALA A 77 9.99 8.34 16.21
C ALA A 77 8.48 8.41 16.47
N ASN A 78 7.64 8.30 15.45
CA ASN A 78 6.18 8.11 15.54
C ASN A 78 5.67 6.85 14.80
N PHE A 79 6.55 5.87 14.54
CA PHE A 79 6.30 4.59 13.88
C PHE A 79 5.38 4.66 12.65
N LYS A 80 5.85 5.30 11.57
CA LYS A 80 5.15 5.40 10.28
C LYS A 80 5.97 4.87 9.10
N TYR A 81 5.27 4.35 8.11
CA TYR A 81 5.79 3.97 6.79
C TYR A 81 4.87 4.52 5.70
N CYS A 82 5.42 4.91 4.55
CA CYS A 82 4.65 5.40 3.42
C CYS A 82 5.24 4.95 2.09
N TYR A 83 4.38 4.58 1.14
CA TYR A 83 4.73 4.48 -0.27
C TYR A 83 3.66 5.15 -1.14
N SER A 84 3.95 5.36 -2.42
CA SER A 84 2.97 5.81 -3.40
C SER A 84 3.27 5.22 -4.77
N ILE A 85 2.25 4.93 -5.58
CA ILE A 85 2.44 4.76 -7.03
C ILE A 85 2.58 6.15 -7.67
N ILE A 86 3.78 6.46 -8.19
CA ILE A 86 4.17 7.76 -8.75
C ILE A 86 3.69 7.92 -10.21
N GLU A 87 3.49 6.81 -10.92
CA GLU A 87 3.30 6.72 -12.37
C GLU A 87 2.81 5.32 -12.77
N GLY A 88 2.03 5.19 -13.84
CA GLY A 88 1.70 3.90 -14.46
C GLY A 88 0.34 3.87 -15.16
N GLY A 89 0.15 2.88 -16.03
CA GLY A 89 -1.10 2.66 -16.77
C GLY A 89 -2.34 2.61 -15.87
N PRO A 90 -2.32 1.81 -14.79
CA PRO A 90 -3.34 1.80 -13.73
C PRO A 90 -3.70 3.15 -13.09
N LEU A 91 -2.83 4.17 -13.12
CA LEU A 91 -3.21 5.56 -12.83
C LEU A 91 -3.76 6.37 -14.02
N GLY A 92 -3.10 6.28 -15.18
CA GLY A 92 -2.99 7.39 -16.13
C GLY A 92 -4.31 7.86 -16.76
N HIS A 93 -5.37 7.05 -16.69
CA HIS A 93 -6.71 7.41 -17.15
C HIS A 93 -7.29 8.64 -16.43
N THR A 94 -7.15 8.72 -15.09
CA THR A 94 -7.76 9.77 -14.26
C THR A 94 -6.91 10.20 -13.06
N LEU A 95 -5.90 9.43 -12.65
CA LEU A 95 -5.14 9.66 -11.42
C LEU A 95 -3.74 10.20 -11.69
N GLU A 96 -3.28 11.10 -10.81
CA GLU A 96 -1.89 11.55 -10.73
C GLU A 96 -1.03 10.55 -9.95
N LYS A 97 -1.53 10.09 -8.79
CA LYS A 97 -0.86 9.18 -7.85
C LYS A 97 -1.85 8.52 -6.87
N ILE A 98 -1.44 7.42 -6.24
CA ILE A 98 -2.13 6.80 -5.09
C ILE A 98 -1.10 6.59 -3.96
N PRO A 99 -1.02 7.50 -2.97
CA PRO A 99 -0.27 7.26 -1.74
C PRO A 99 -0.92 6.24 -0.79
N TYR A 100 -0.07 5.66 0.06
CA TYR A 100 -0.39 4.70 1.11
C TYR A 100 0.35 5.08 2.39
N GLU A 101 -0.31 5.05 3.53
CA GLU A 101 0.28 5.38 4.83
C GLU A 101 -0.01 4.30 5.87
N ILE A 102 1.00 3.96 6.66
CA ILE A 102 0.97 2.85 7.59
C ILE A 102 1.43 3.34 8.97
N LYS A 103 0.74 2.97 10.05
CA LYS A 103 1.14 3.30 11.43
C LYS A 103 1.20 2.06 12.30
N MET A 104 2.23 1.93 13.14
CA MET A 104 2.12 1.11 14.36
C MET A 104 1.63 1.99 15.49
N ALA A 105 0.55 1.55 16.12
CA ALA A 105 -0.33 2.36 16.96
C ALA A 105 -0.53 1.70 18.34
N ALA A 106 -0.78 2.52 19.38
CA ALA A 106 -0.91 2.04 20.76
C ALA A 106 -2.15 1.15 20.98
N ALA A 107 -1.93 -0.14 21.24
CA ALA A 107 -2.99 -1.10 21.55
C ALA A 107 -3.54 -0.95 22.98
N PRO A 108 -4.77 -1.43 23.28
CA PRO A 108 -5.32 -1.43 24.63
C PRO A 108 -4.44 -2.21 25.62
N HIS A 109 -3.83 -3.32 25.18
CA HIS A 109 -2.65 -3.92 25.82
C HIS A 109 -1.39 -3.25 25.25
N GLY A 110 -0.82 -2.28 25.97
CA GLY A 110 0.22 -1.39 25.46
C GLY A 110 1.53 -2.05 24.99
N GLY A 111 1.79 -3.29 25.41
CA GLY A 111 2.92 -4.11 24.95
C GLY A 111 2.72 -4.86 23.63
N GLY A 112 1.48 -4.93 23.13
CA GLY A 112 1.16 -5.35 21.76
C GLY A 112 1.08 -4.15 20.82
N SER A 113 0.40 -4.28 19.68
CA SER A 113 0.22 -3.16 18.74
C SER A 113 -1.10 -3.23 17.96
N ILE A 114 -1.56 -2.04 17.55
CA ILE A 114 -2.49 -1.86 16.42
C ILE A 114 -1.62 -1.56 15.21
N LEU A 115 -1.96 -2.05 14.02
CA LEU A 115 -1.29 -1.71 12.77
C LEU A 115 -2.32 -1.11 11.82
N LYS A 116 -2.29 0.21 11.66
CA LYS A 116 -3.24 0.93 10.81
C LYS A 116 -2.73 0.99 9.36
N ILE A 117 -3.61 0.76 8.39
CA ILE A 117 -3.34 0.85 6.95
C ILE A 117 -4.24 1.92 6.29
N THR A 118 -3.67 2.78 5.45
CA THR A 118 -4.35 3.89 4.74
C THR A 118 -3.99 3.91 3.25
N SER A 119 -4.92 4.32 2.39
CA SER A 119 -4.68 4.69 0.99
C SER A 119 -5.47 5.94 0.61
N LYS A 120 -4.95 6.73 -0.33
CA LYS A 120 -5.58 7.95 -0.89
C LYS A 120 -5.30 8.06 -2.38
N TYR A 121 -6.23 8.64 -3.14
CA TYR A 121 -6.30 8.53 -4.59
C TYR A 121 -6.54 9.93 -5.18
N HIS A 122 -5.52 10.54 -5.81
CA HIS A 122 -5.54 11.95 -6.25
C HIS A 122 -5.57 12.08 -7.78
N THR A 123 -6.50 12.89 -8.32
CA THR A 123 -6.74 12.98 -9.78
C THR A 123 -5.71 13.80 -10.56
N LYS A 124 -5.51 13.46 -11.84
CA LYS A 124 -4.55 14.11 -12.75
C LYS A 124 -5.00 15.51 -13.18
N GLY A 125 -4.08 16.47 -13.21
CA GLY A 125 -4.35 17.87 -13.55
C GLY A 125 -5.48 18.46 -12.71
N ASN A 126 -6.57 18.85 -13.36
CA ASN A 126 -7.87 19.16 -12.72
C ASN A 126 -9.00 18.22 -13.20
N ALA A 127 -8.68 17.15 -13.92
CA ALA A 127 -9.65 16.15 -14.37
C ALA A 127 -10.29 15.38 -13.21
N SER A 128 -11.48 14.83 -13.43
CA SER A 128 -12.27 14.13 -12.42
C SER A 128 -12.26 12.62 -12.62
N ILE A 129 -12.17 11.88 -11.53
CA ILE A 129 -12.16 10.41 -11.51
C ILE A 129 -13.56 9.83 -11.75
N ASN A 130 -13.58 8.67 -12.38
CA ASN A 130 -14.73 7.76 -12.46
C ASN A 130 -15.19 7.33 -11.06
N GLU A 131 -16.49 7.49 -10.79
CA GLU A 131 -17.19 6.71 -9.77
C GLU A 131 -16.98 5.20 -10.01
N GLU A 132 -16.74 4.80 -11.27
CA GLU A 132 -16.34 3.40 -11.56
C GLU A 132 -14.98 3.05 -10.93
N GLU A 133 -14.02 3.98 -10.93
CA GLU A 133 -12.68 3.78 -10.35
C GLU A 133 -12.61 4.06 -8.84
N ILE A 134 -13.42 4.98 -8.30
CA ILE A 134 -13.55 5.18 -6.86
C ILE A 134 -14.04 3.88 -6.22
N LYS A 135 -15.20 3.39 -6.68
CA LYS A 135 -15.90 2.28 -6.03
C LYS A 135 -15.17 0.95 -6.19
N ALA A 136 -14.68 0.64 -7.39
CA ALA A 136 -13.73 -0.46 -7.56
C ALA A 136 -12.49 -0.26 -6.68
N GLY A 137 -11.97 0.98 -6.59
CA GLY A 137 -10.82 1.36 -5.78
C GLY A 137 -10.93 0.92 -4.32
N LYS A 138 -11.99 1.29 -3.57
CA LYS A 138 -12.09 0.97 -2.13
C LYS A 138 -12.30 -0.50 -1.80
N GLU A 139 -12.90 -1.18 -2.74
CA GLU A 139 -13.29 -2.59 -2.73
C GLU A 139 -12.19 -3.57 -3.14
N LYS A 140 -11.41 -3.21 -4.16
CA LYS A 140 -10.02 -3.63 -4.24
C LYS A 140 -9.28 -3.25 -2.96
N ALA A 141 -9.69 -2.21 -2.22
CA ALA A 141 -8.87 -1.76 -1.07
C ALA A 141 -9.15 -2.59 0.18
N ALA A 142 -10.42 -2.97 0.42
CA ALA A 142 -10.77 -4.07 1.30
C ALA A 142 -10.09 -5.37 0.89
N GLY A 143 -9.94 -5.61 -0.43
CA GLY A 143 -9.18 -6.72 -0.99
C GLY A 143 -7.74 -6.77 -0.45
N LEU A 144 -6.99 -5.67 -0.61
CA LEU A 144 -5.66 -5.51 -0.03
C LEU A 144 -5.68 -5.61 1.49
N PHE A 145 -6.46 -4.74 2.16
CA PHE A 145 -6.34 -4.46 3.59
C PHE A 145 -6.92 -5.57 4.48
N LYS A 146 -7.92 -6.35 4.03
CA LYS A 146 -8.38 -7.53 4.78
C LYS A 146 -7.47 -8.72 4.58
N ALA A 147 -6.68 -8.76 3.50
CA ALA A 147 -5.59 -9.72 3.41
C ALA A 147 -4.34 -9.27 4.18
N VAL A 148 -4.09 -7.98 4.39
CA VAL A 148 -3.16 -7.52 5.44
C VAL A 148 -3.69 -7.89 6.83
N GLU A 149 -4.98 -7.64 7.09
CA GLU A 149 -5.62 -7.89 8.39
C GLU A 149 -5.68 -9.38 8.72
N ALA A 150 -6.30 -10.20 7.88
CA ALA A 150 -6.33 -11.64 8.04
C ALA A 150 -4.94 -12.26 7.96
N TYR A 151 -3.98 -11.74 7.16
CA TYR A 151 -2.57 -12.17 7.38
C TYR A 151 -2.14 -11.99 8.85
N LEU A 152 -2.31 -10.79 9.40
CA LEU A 152 -1.90 -10.41 10.76
C LEU A 152 -2.64 -11.19 11.87
N LEU A 153 -3.98 -11.20 11.82
CA LEU A 153 -4.86 -11.89 12.76
C LEU A 153 -4.81 -13.41 12.65
N ALA A 154 -4.92 -13.97 11.44
CA ALA A 154 -5.04 -15.41 11.24
C ALA A 154 -3.68 -16.14 11.33
N HIS A 155 -2.55 -15.42 11.35
CA HIS A 155 -1.22 -15.93 11.71
C HIS A 155 -1.22 -16.44 13.16
N PRO A 156 -1.04 -17.76 13.39
CA PRO A 156 -1.10 -18.31 14.74
C PRO A 156 0.22 -18.15 15.52
N ASP A 157 1.36 -18.01 14.84
CA ASP A 157 2.70 -18.13 15.43
C ASP A 157 3.16 -16.93 16.29
N ALA A 158 2.37 -15.86 16.38
CA ALA A 158 2.78 -14.57 16.95
C ALA A 158 3.21 -14.60 18.44
N TYR A 159 2.98 -15.71 19.15
CA TYR A 159 3.42 -15.93 20.54
C TYR A 159 4.92 -16.04 20.78
N CYS A 160 5.68 -15.97 19.70
CA CYS A 160 7.14 -15.94 19.61
C CYS A 160 7.59 -14.77 18.71
N GLY A 1 -10.27 15.76 -7.88
CA GLY A 1 -10.00 15.87 -6.44
C GLY A 1 -9.20 14.69 -5.95
N VAL A 2 -9.41 14.28 -4.69
CA VAL A 2 -8.84 13.06 -4.10
C VAL A 2 -9.93 12.16 -3.54
N PHE A 3 -9.88 10.86 -3.86
CA PHE A 3 -10.66 9.82 -3.20
C PHE A 3 -9.74 8.99 -2.28
N SER A 4 -10.13 8.71 -1.03
CA SER A 4 -9.35 7.86 -0.12
C SER A 4 -10.10 6.59 0.23
N TYR A 5 -9.36 5.53 0.60
CA TYR A 5 -9.91 4.27 1.12
C TYR A 5 -9.10 3.77 2.31
N GLU A 6 -9.76 3.38 3.40
CA GLU A 6 -9.16 3.17 4.71
C GLU A 6 -9.59 1.86 5.37
N ASP A 7 -8.64 1.13 5.94
CA ASP A 7 -8.85 -0.12 6.68
C ASP A 7 -7.79 -0.31 7.79
N GLU A 8 -8.10 -1.03 8.86
CA GLU A 8 -7.21 -1.15 10.02
C GLU A 8 -7.15 -2.53 10.71
N ALA A 9 -5.93 -3.07 10.78
CA ALA A 9 -5.63 -4.42 11.29
C ALA A 9 -5.19 -4.41 12.77
N THR A 10 -5.00 -5.59 13.37
CA THR A 10 -4.53 -5.77 14.75
C THR A 10 -3.54 -6.93 14.85
N SER A 11 -2.56 -6.83 15.74
CA SER A 11 -1.47 -7.80 15.87
C SER A 11 -0.95 -7.93 17.31
N VAL A 12 -0.51 -9.14 17.68
CA VAL A 12 0.24 -9.39 18.92
C VAL A 12 1.65 -8.80 18.90
N ILE A 13 2.14 -8.32 17.75
CA ILE A 13 3.45 -7.68 17.61
C ILE A 13 3.35 -6.20 18.05
N PRO A 14 4.25 -5.69 18.92
CA PRO A 14 4.26 -4.28 19.34
C PRO A 14 4.73 -3.35 18.20
N PRO A 15 4.38 -2.04 18.22
CA PRO A 15 4.57 -1.12 17.10
C PRO A 15 5.99 -1.05 16.53
N ALA A 16 7.03 -0.94 17.36
CA ALA A 16 8.42 -0.82 16.90
C ALA A 16 8.90 -2.03 16.10
N ARG A 17 8.49 -3.24 16.53
CA ARG A 17 8.76 -4.47 15.79
C ARG A 17 7.89 -4.57 14.54
N LEU A 18 6.61 -4.19 14.60
CA LEU A 18 5.73 -4.25 13.41
C LEU A 18 6.08 -3.26 12.30
N PHE A 19 6.72 -2.21 12.73
CA PHE A 19 7.23 -1.12 11.90
C PHE A 19 8.28 -1.58 10.92
N LYS A 20 9.31 -2.02 11.57
CA LYS A 20 10.55 -2.56 10.96
C LYS A 20 10.37 -3.85 10.17
N SER A 21 9.30 -4.52 10.50
CA SER A 21 8.79 -5.75 9.89
C SER A 21 8.05 -5.44 8.58
N PHE A 22 7.03 -4.58 8.63
CA PHE A 22 6.27 -4.15 7.46
C PHE A 22 7.13 -3.38 6.45
N VAL A 23 8.05 -2.51 6.90
CA VAL A 23 9.01 -1.80 6.02
C VAL A 23 9.85 -2.77 5.19
N LEU A 24 10.28 -3.89 5.79
CA LEU A 24 11.03 -4.97 5.14
C LEU A 24 10.15 -5.96 4.35
N ASP A 25 8.84 -5.80 4.37
CA ASP A 25 7.82 -6.65 3.73
C ASP A 25 6.87 -5.83 2.81
N ALA A 26 7.32 -4.64 2.41
CA ALA A 26 6.61 -3.64 1.61
C ALA A 26 6.52 -4.04 0.13
N ASP A 27 7.67 -4.40 -0.44
CA ASP A 27 7.78 -5.08 -1.72
C ASP A 27 7.05 -6.44 -1.67
N ASN A 28 6.97 -7.05 -0.49
CA ASN A 28 6.28 -8.34 -0.30
C ASN A 28 4.75 -8.24 -0.29
N LEU A 29 4.16 -7.06 -0.07
CA LEU A 29 2.70 -6.86 -0.20
C LEU A 29 2.20 -7.31 -1.58
N ILE A 30 2.96 -7.01 -2.63
CA ILE A 30 2.56 -7.27 -4.02
C ILE A 30 2.27 -8.77 -4.24
N PRO A 31 3.19 -9.73 -4.01
CA PRO A 31 2.89 -11.15 -4.13
C PRO A 31 1.91 -11.69 -3.07
N LYS A 32 1.91 -11.18 -1.82
CA LYS A 32 1.10 -11.77 -0.74
C LYS A 32 -0.35 -11.27 -0.65
N VAL A 33 -0.66 -10.08 -1.18
CA VAL A 33 -2.03 -9.52 -1.20
C VAL A 33 -2.56 -9.17 -2.60
N ALA A 34 -1.72 -9.16 -3.64
CA ALA A 34 -2.18 -9.12 -5.03
C ALA A 34 -1.44 -10.16 -5.92
N PRO A 35 -1.73 -11.46 -5.74
CA PRO A 35 -0.97 -12.52 -6.40
C PRO A 35 -1.22 -12.59 -7.91
N GLN A 36 -2.49 -12.61 -8.36
CA GLN A 36 -2.79 -12.72 -9.80
C GLN A 36 -2.55 -11.44 -10.59
N HIS A 37 -2.46 -10.28 -9.92
CA HIS A 37 -2.49 -8.97 -10.58
C HIS A 37 -1.10 -8.43 -10.97
N PHE A 38 -0.03 -8.99 -10.42
CA PHE A 38 1.35 -8.52 -10.68
C PHE A 38 2.33 -9.67 -10.94
N THR A 39 3.32 -9.40 -11.79
CA THR A 39 4.42 -10.33 -12.14
C THR A 39 5.62 -10.12 -11.22
N SER A 40 6.05 -8.86 -11.04
CA SER A 40 7.33 -8.51 -10.42
C SER A 40 7.40 -7.05 -9.97
N ALA A 41 8.34 -6.78 -9.07
CA ALA A 41 8.75 -5.46 -8.65
C ALA A 41 10.27 -5.31 -8.77
N GLU A 42 10.72 -4.16 -9.26
CA GLU A 42 12.16 -3.85 -9.42
C GLU A 42 12.52 -2.53 -8.75
N ASN A 43 13.71 -2.40 -8.15
CA ASN A 43 14.21 -1.09 -7.74
C ASN A 43 14.72 -0.33 -8.98
N LEU A 44 14.27 0.92 -9.19
CA LEU A 44 14.54 1.68 -10.41
C LEU A 44 15.57 2.78 -10.17
N GLU A 45 15.39 3.60 -9.13
CA GLU A 45 16.29 4.71 -8.79
C GLU A 45 16.16 5.17 -7.34
N GLY A 46 17.28 5.24 -6.61
CA GLY A 46 17.34 5.60 -5.19
C GLY A 46 17.83 4.46 -4.30
N ASN A 47 18.32 4.80 -3.11
CA ASN A 47 19.00 3.90 -2.18
C ASN A 47 18.08 3.05 -1.27
N GLY A 48 16.76 3.23 -1.33
CA GLY A 48 15.75 2.53 -0.52
C GLY A 48 15.11 3.36 0.61
N GLY A 49 15.53 4.62 0.80
CA GLY A 49 14.83 5.60 1.64
C GLY A 49 13.68 6.29 0.89
N PRO A 50 12.81 7.04 1.58
CA PRO A 50 11.64 7.66 0.97
C PRO A 50 12.06 8.74 -0.04
N GLY A 51 11.54 8.62 -1.26
CA GLY A 51 12.03 9.23 -2.50
C GLY A 51 12.44 8.17 -3.53
N THR A 52 12.86 6.97 -3.11
CA THR A 52 13.32 5.89 -4.02
C THR A 52 12.19 5.35 -4.87
N ILE A 53 12.39 5.33 -6.19
CA ILE A 53 11.45 4.83 -7.19
C ILE A 53 11.74 3.36 -7.54
N LYS A 54 10.67 2.59 -7.77
CA LYS A 54 10.62 1.18 -8.18
C LYS A 54 9.86 1.06 -9.51
N LYS A 55 10.21 0.10 -10.36
CA LYS A 55 9.49 -0.26 -11.60
C LYS A 55 8.74 -1.57 -11.39
N ILE A 56 7.42 -1.51 -11.43
CA ILE A 56 6.54 -2.64 -11.10
C ILE A 56 5.90 -3.16 -12.40
N THR A 57 5.70 -4.48 -12.54
CA THR A 57 5.09 -5.09 -13.73
C THR A 57 3.75 -5.75 -13.39
N PHE A 58 2.65 -5.25 -13.96
CA PHE A 58 1.32 -5.86 -13.85
C PHE A 58 1.23 -7.13 -14.69
N ALA A 59 0.49 -8.12 -14.18
CA ALA A 59 0.41 -9.47 -14.74
C ALA A 59 -0.04 -9.50 -16.21
N GLU A 60 0.46 -10.49 -16.94
CA GLU A 60 0.13 -10.72 -18.34
C GLU A 60 -1.38 -10.98 -18.56
N GLY A 61 -1.89 -10.54 -19.71
CA GLY A 61 -3.32 -10.58 -20.05
C GLY A 61 -3.59 -9.88 -21.37
N ASN A 62 -3.16 -10.50 -22.47
CA ASN A 62 -2.98 -9.96 -23.82
C ASN A 62 -1.94 -8.84 -23.94
N GLU A 63 -1.90 -7.92 -22.97
CA GLU A 63 -0.91 -6.84 -22.86
C GLU A 63 -0.55 -6.64 -21.39
N PHE A 64 0.74 -6.70 -21.02
CA PHE A 64 1.18 -6.39 -19.65
C PHE A 64 1.08 -4.87 -19.37
N LYS A 65 0.89 -4.49 -18.10
CA LYS A 65 0.79 -3.07 -17.72
C LYS A 65 2.05 -2.60 -16.99
N TYR A 66 2.54 -1.43 -17.39
CA TYR A 66 3.71 -0.76 -16.82
C TYR A 66 3.27 0.24 -15.75
N MET A 67 3.97 0.23 -14.61
CA MET A 67 3.86 1.24 -13.57
C MET A 67 5.21 1.48 -12.89
N LYS A 68 5.33 2.63 -12.23
CA LYS A 68 6.37 2.88 -11.22
C LYS A 68 5.76 3.19 -9.87
N HIS A 69 6.36 2.66 -8.82
CA HIS A 69 6.12 3.01 -7.41
C HIS A 69 7.24 3.92 -6.91
N LYS A 70 7.04 4.60 -5.79
CA LYS A 70 8.14 5.13 -4.98
C LYS A 70 7.83 4.88 -3.52
N VAL A 71 8.84 4.67 -2.69
CA VAL A 71 8.72 4.96 -1.25
C VAL A 71 8.55 6.49 -1.13
N GLU A 72 7.61 6.97 -0.33
CA GLU A 72 7.22 8.39 -0.29
C GLU A 72 7.40 9.01 1.10
N GLU A 73 7.51 8.21 2.15
CA GLU A 73 7.76 8.61 3.55
C GLU A 73 8.22 7.39 4.36
N ILE A 74 9.13 7.62 5.31
CA ILE A 74 9.40 6.71 6.41
C ILE A 74 9.61 7.59 7.66
N ASP A 75 8.73 7.46 8.64
CA ASP A 75 8.75 8.20 9.91
C ASP A 75 8.62 7.24 11.09
N HIS A 76 9.76 6.78 11.63
CA HIS A 76 9.77 5.87 12.77
C HIS A 76 9.20 6.53 14.03
N ALA A 77 9.48 7.82 14.28
CA ALA A 77 9.06 8.53 15.48
C ALA A 77 7.54 8.72 15.62
N ASN A 78 6.77 8.56 14.54
CA ASN A 78 5.30 8.38 14.58
C ASN A 78 4.80 7.11 13.87
N PHE A 79 5.69 6.13 13.67
CA PHE A 79 5.52 4.86 12.97
C PHE A 79 4.65 4.91 11.71
N LYS A 80 5.07 5.71 10.71
CA LYS A 80 4.46 5.72 9.38
C LYS A 80 5.40 5.26 8.27
N TYR A 81 4.83 4.54 7.32
CA TYR A 81 5.43 4.18 6.04
C TYR A 81 4.50 4.63 4.92
N CYS A 82 5.06 5.05 3.79
CA CYS A 82 4.28 5.47 2.64
C CYS A 82 4.93 5.04 1.33
N TYR A 83 4.12 4.64 0.36
CA TYR A 83 4.53 4.57 -1.05
C TYR A 83 3.53 5.31 -1.93
N SER A 84 3.84 5.47 -3.21
CA SER A 84 2.89 5.97 -4.21
C SER A 84 3.18 5.36 -5.58
N ILE A 85 2.16 5.00 -6.35
CA ILE A 85 2.34 4.79 -7.79
C ILE A 85 2.50 6.17 -8.46
N ILE A 86 3.69 6.41 -9.01
CA ILE A 86 4.12 7.70 -9.56
C ILE A 86 3.72 7.87 -11.04
N GLU A 87 3.56 6.75 -11.77
CA GLU A 87 3.33 6.69 -13.21
C GLU A 87 2.77 5.31 -13.60
N GLY A 88 1.91 5.22 -14.61
CA GLY A 88 1.57 3.95 -15.27
C GLY A 88 0.23 3.98 -16.01
N GLY A 89 -0.01 2.98 -16.86
CA GLY A 89 -1.30 2.80 -17.55
C GLY A 89 -2.52 2.75 -16.60
N PRO A 90 -2.43 2.01 -15.47
CA PRO A 90 -3.38 2.05 -14.36
C PRO A 90 -3.63 3.42 -13.71
N LEU A 91 -2.75 4.42 -13.85
CA LEU A 91 -3.08 5.83 -13.58
C LEU A 91 -3.71 6.57 -14.77
N GLY A 92 -3.13 6.39 -15.96
CA GLY A 92 -3.12 7.39 -17.02
C GLY A 92 -4.48 7.84 -17.55
N HIS A 93 -5.53 7.06 -17.37
CA HIS A 93 -6.91 7.43 -17.72
C HIS A 93 -7.37 8.72 -17.01
N THR A 94 -7.14 8.87 -15.70
CA THR A 94 -7.66 10.01 -14.90
C THR A 94 -6.72 10.52 -13.80
N LEU A 95 -5.58 9.87 -13.51
CA LEU A 95 -4.84 10.07 -12.26
C LEU A 95 -3.41 10.60 -12.48
N GLU A 96 -2.98 11.47 -11.57
CA GLU A 96 -1.58 11.88 -11.44
C GLU A 96 -0.78 10.85 -10.63
N LYS A 97 -1.35 10.35 -9.53
CA LYS A 97 -0.72 9.39 -8.60
C LYS A 97 -1.74 8.73 -7.67
N ILE A 98 -1.37 7.60 -7.06
CA ILE A 98 -2.11 7.00 -5.93
C ILE A 98 -1.12 6.72 -4.79
N PRO A 99 -0.98 7.62 -3.79
CA PRO A 99 -0.28 7.30 -2.56
C PRO A 99 -1.00 6.25 -1.69
N TYR A 100 -0.21 5.55 -0.88
CA TYR A 100 -0.63 4.55 0.10
C TYR A 100 0.07 4.88 1.41
N GLU A 101 -0.69 4.92 2.50
CA GLU A 101 -0.25 5.44 3.81
C GLU A 101 -0.51 4.40 4.90
N ILE A 102 0.52 4.09 5.69
CA ILE A 102 0.50 3.00 6.64
C ILE A 102 0.89 3.52 8.04
N LYS A 103 0.21 3.08 9.10
CA LYS A 103 0.54 3.44 10.50
C LYS A 103 0.61 2.21 11.40
N MET A 104 1.61 2.11 12.27
CA MET A 104 1.50 1.29 13.48
C MET A 104 1.00 2.17 14.62
N ALA A 105 -0.03 1.69 15.30
CA ALA A 105 -0.91 2.47 16.16
C ALA A 105 -1.07 1.79 17.53
N ALA A 106 -1.25 2.56 18.59
CA ALA A 106 -1.44 2.05 19.95
C ALA A 106 -2.75 1.27 20.07
N ALA A 107 -2.65 -0.04 20.35
CA ALA A 107 -3.77 -0.91 20.68
C ALA A 107 -4.20 -0.75 22.15
N PRO A 108 -5.46 -1.07 22.51
CA PRO A 108 -5.88 -1.25 23.89
C PRO A 108 -4.99 -2.24 24.66
N HIS A 109 -4.47 -3.27 24.00
CA HIS A 109 -3.33 -4.07 24.48
C HIS A 109 -1.99 -3.36 24.16
N GLY A 110 -1.37 -2.75 25.16
CA GLY A 110 -0.05 -2.11 25.04
C GLY A 110 1.08 -3.08 24.63
N GLY A 111 0.91 -4.38 24.86
CA GLY A 111 1.85 -5.44 24.42
C GLY A 111 1.74 -5.83 22.94
N GLY A 112 0.80 -5.26 22.19
CA GLY A 112 0.56 -5.49 20.76
C GLY A 112 0.36 -4.17 20.01
N SER A 113 -0.27 -4.22 18.84
CA SER A 113 -0.53 -3.02 18.02
C SER A 113 -1.82 -3.12 17.18
N ILE A 114 -2.29 -1.96 16.73
CA ILE A 114 -3.16 -1.80 15.57
C ILE A 114 -2.25 -1.44 14.38
N LEU A 115 -2.55 -1.90 13.16
CA LEU A 115 -1.81 -1.54 11.95
C LEU A 115 -2.80 -1.01 10.89
N LYS A 116 -2.82 0.31 10.70
CA LYS A 116 -3.71 0.98 9.74
C LYS A 116 -3.11 0.96 8.32
N ILE A 117 -3.94 0.67 7.33
CA ILE A 117 -3.62 0.64 5.91
C ILE A 117 -4.56 1.60 5.16
N THR A 118 -4.02 2.54 4.38
CA THR A 118 -4.80 3.54 3.63
C THR A 118 -4.31 3.65 2.18
N SER A 119 -5.20 3.92 1.23
CA SER A 119 -4.90 4.38 -0.13
C SER A 119 -5.57 5.72 -0.42
N LYS A 120 -5.01 6.54 -1.31
CA LYS A 120 -5.53 7.85 -1.74
C LYS A 120 -5.22 8.08 -3.21
N TYR A 121 -6.20 8.52 -4.00
CA TYR A 121 -6.18 8.57 -5.46
C TYR A 121 -6.31 10.04 -5.91
N HIS A 122 -5.29 10.61 -6.56
CA HIS A 122 -5.27 12.02 -6.98
C HIS A 122 -5.34 12.19 -8.50
N THR A 123 -6.22 13.08 -8.96
CA THR A 123 -6.55 13.27 -10.38
C THR A 123 -5.48 14.00 -11.21
N LYS A 124 -5.38 13.66 -12.50
CA LYS A 124 -4.47 14.28 -13.49
C LYS A 124 -4.98 15.66 -13.93
N GLY A 125 -4.07 16.55 -14.34
CA GLY A 125 -4.40 17.87 -14.91
C GLY A 125 -5.40 18.66 -14.08
N ASN A 126 -6.57 18.95 -14.65
CA ASN A 126 -7.76 19.39 -13.92
C ASN A 126 -8.97 18.43 -14.06
N ALA A 127 -8.78 17.24 -14.64
CA ALA A 127 -9.84 16.24 -14.88
C ALA A 127 -10.45 15.65 -13.58
N SER A 128 -11.63 15.03 -13.71
CA SER A 128 -12.28 14.21 -12.67
C SER A 128 -11.77 12.75 -12.68
N ILE A 129 -11.82 12.06 -11.54
CA ILE A 129 -11.72 10.59 -11.49
C ILE A 129 -13.07 9.96 -11.88
N ASN A 130 -13.03 8.96 -12.76
CA ASN A 130 -14.15 8.05 -13.05
C ASN A 130 -14.73 7.50 -11.76
N GLU A 131 -16.05 7.67 -11.57
CA GLU A 131 -16.84 6.82 -10.68
C GLU A 131 -16.64 5.34 -11.01
N GLU A 132 -16.27 5.01 -12.25
CA GLU A 132 -15.89 3.62 -12.60
C GLU A 132 -14.58 3.19 -11.92
N GLU A 133 -13.59 4.07 -11.86
CA GLU A 133 -12.27 3.80 -11.27
C GLU A 133 -12.22 4.02 -9.76
N ILE A 134 -13.07 4.89 -9.20
CA ILE A 134 -13.35 4.92 -7.75
C ILE A 134 -13.85 3.54 -7.33
N LYS A 135 -14.93 3.06 -7.97
CA LYS A 135 -15.66 1.88 -7.49
C LYS A 135 -14.88 0.58 -7.70
N ALA A 136 -14.16 0.46 -8.81
CA ALA A 136 -13.15 -0.57 -8.96
C ALA A 136 -12.03 -0.43 -7.90
N GLY A 137 -11.54 0.79 -7.67
CA GLY A 137 -10.46 1.11 -6.75
C GLY A 137 -10.71 0.64 -5.31
N LYS A 138 -11.84 1.03 -4.68
CA LYS A 138 -12.12 0.65 -3.28
C LYS A 138 -12.31 -0.86 -3.05
N GLU A 139 -12.88 -1.48 -4.05
CA GLU A 139 -13.32 -2.88 -4.08
C GLU A 139 -12.23 -3.87 -4.41
N LYS A 140 -11.37 -3.54 -5.39
CA LYS A 140 -10.00 -4.05 -5.37
C LYS A 140 -9.36 -3.77 -4.01
N ALA A 141 -9.77 -2.71 -3.28
CA ALA A 141 -9.02 -2.37 -2.05
C ALA A 141 -9.52 -3.17 -0.83
N ALA A 142 -10.79 -3.56 -0.79
CA ALA A 142 -11.31 -4.60 0.10
C ALA A 142 -10.63 -5.96 -0.18
N GLY A 143 -10.26 -6.23 -1.44
CA GLY A 143 -9.40 -7.36 -1.80
C GLY A 143 -8.03 -7.26 -1.16
N LEU A 144 -7.29 -6.19 -1.44
CA LEU A 144 -5.94 -5.92 -0.90
C LEU A 144 -5.94 -5.93 0.63
N PHE A 145 -6.73 -5.06 1.26
CA PHE A 145 -6.59 -4.71 2.67
C PHE A 145 -7.15 -5.79 3.60
N LYS A 146 -8.08 -6.65 3.16
CA LYS A 146 -8.47 -7.84 3.92
C LYS A 146 -7.53 -9.00 3.74
N ALA A 147 -6.75 -9.04 2.66
CA ALA A 147 -5.58 -9.90 2.61
C ALA A 147 -4.39 -9.35 3.40
N VAL A 148 -4.24 -8.04 3.60
CA VAL A 148 -3.32 -7.50 4.62
C VAL A 148 -3.83 -7.83 6.02
N GLU A 149 -5.12 -7.61 6.30
CA GLU A 149 -5.73 -7.88 7.61
C GLU A 149 -5.67 -9.37 7.92
N ALA A 150 -6.24 -10.23 7.07
CA ALA A 150 -6.14 -11.66 7.30
C ALA A 150 -4.70 -12.19 7.23
N TYR A 151 -3.79 -11.65 6.40
CA TYR A 151 -2.36 -12.00 6.57
C TYR A 151 -1.86 -11.79 8.01
N LEU A 152 -2.09 -10.59 8.57
CA LEU A 152 -1.76 -10.18 9.93
C LEU A 152 -2.45 -11.05 11.00
N LEU A 153 -3.78 -11.14 10.97
CA LEU A 153 -4.61 -11.90 11.91
C LEU A 153 -4.38 -13.43 11.85
N ALA A 154 -4.39 -14.00 10.65
CA ALA A 154 -4.31 -15.45 10.43
C ALA A 154 -2.89 -16.01 10.51
N HIS A 155 -1.88 -15.17 10.73
CA HIS A 155 -0.48 -15.59 10.92
C HIS A 155 -0.38 -16.60 12.08
N PRO A 156 -0.02 -17.87 11.82
CA PRO A 156 -0.18 -18.96 12.79
C PRO A 156 0.90 -18.97 13.87
N ASP A 157 2.03 -18.30 13.67
CA ASP A 157 3.21 -18.35 14.54
C ASP A 157 3.51 -17.00 15.24
N ALA A 158 2.58 -16.06 15.22
CA ALA A 158 2.80 -14.66 15.61
C ALA A 158 3.26 -14.47 17.07
N TYR A 159 2.94 -15.41 17.96
CA TYR A 159 3.29 -15.45 19.39
C TYR A 159 4.79 -15.60 19.72
N CYS A 160 5.62 -15.52 18.69
CA CYS A 160 7.08 -15.62 18.74
C CYS A 160 7.72 -14.27 18.39
N GLY A 1 -9.90 15.99 -7.51
CA GLY A 1 -10.96 15.35 -6.75
C GLY A 1 -10.43 14.10 -6.09
N VAL A 2 -10.48 14.05 -4.76
CA VAL A 2 -9.96 12.94 -3.95
C VAL A 2 -11.11 12.01 -3.51
N PHE A 3 -10.88 10.70 -3.58
CA PHE A 3 -11.65 9.65 -2.92
C PHE A 3 -10.74 8.88 -1.95
N SER A 4 -11.24 8.33 -0.84
CA SER A 4 -10.42 7.67 0.19
C SER A 4 -11.07 6.41 0.76
N TYR A 5 -10.26 5.46 1.22
CA TYR A 5 -10.67 4.18 1.79
C TYR A 5 -9.80 3.80 3.00
N GLU A 6 -10.41 3.46 4.13
CA GLU A 6 -9.71 3.31 5.43
C GLU A 6 -10.22 2.08 6.19
N ASP A 7 -9.33 1.15 6.56
CA ASP A 7 -9.64 -0.08 7.30
C ASP A 7 -8.51 -0.43 8.28
N GLU A 8 -8.80 -1.15 9.38
CA GLU A 8 -7.80 -1.36 10.44
C GLU A 8 -7.75 -2.76 11.05
N ALA A 9 -6.52 -3.21 11.30
CA ALA A 9 -6.15 -4.48 11.93
C ALA A 9 -5.75 -4.32 13.40
N THR A 10 -5.57 -5.45 14.09
CA THR A 10 -4.95 -5.57 15.43
C THR A 10 -3.90 -6.68 15.41
N SER A 11 -2.89 -6.60 16.28
CA SER A 11 -1.82 -7.59 16.37
C SER A 11 -1.28 -7.69 17.80
N VAL A 12 -0.80 -8.86 18.21
CA VAL A 12 -0.04 -9.02 19.46
C VAL A 12 1.41 -8.54 19.37
N ILE A 13 1.87 -8.07 18.20
CA ILE A 13 3.18 -7.43 18.01
C ILE A 13 3.12 -5.96 18.47
N PRO A 14 4.09 -5.44 19.26
CA PRO A 14 4.10 -4.04 19.71
C PRO A 14 4.52 -3.08 18.58
N PRO A 15 4.11 -1.78 18.59
CA PRO A 15 4.36 -0.86 17.48
C PRO A 15 5.83 -0.74 17.05
N ALA A 16 6.79 -0.68 17.98
CA ALA A 16 8.21 -0.60 17.65
C ALA A 16 8.69 -1.77 16.77
N ARG A 17 8.22 -2.99 17.09
CA ARG A 17 8.50 -4.20 16.32
C ARG A 17 7.66 -4.27 15.04
N LEU A 18 6.37 -3.94 15.09
CA LEU A 18 5.50 -4.03 13.89
C LEU A 18 5.84 -3.05 12.78
N PHE A 19 6.46 -1.98 13.21
CA PHE A 19 7.05 -0.92 12.40
C PHE A 19 8.12 -1.43 11.48
N LYS A 20 9.11 -1.90 12.18
CA LYS A 20 10.38 -2.39 11.63
C LYS A 20 10.28 -3.65 10.78
N SER A 21 9.22 -4.37 11.07
CA SER A 21 8.73 -5.60 10.45
C SER A 21 7.99 -5.30 9.15
N PHE A 22 6.95 -4.47 9.21
CA PHE A 22 6.20 -3.99 8.04
C PHE A 22 7.08 -3.24 7.03
N VAL A 23 8.03 -2.42 7.51
CA VAL A 23 9.03 -1.71 6.69
C VAL A 23 9.85 -2.69 5.85
N LEU A 24 10.31 -3.80 6.43
CA LEU A 24 11.09 -4.83 5.72
C LEU A 24 10.22 -5.80 4.89
N ASP A 25 8.91 -5.78 5.09
CA ASP A 25 7.90 -6.61 4.41
C ASP A 25 7.04 -5.80 3.40
N ALA A 26 7.57 -4.65 2.95
CA ALA A 26 6.90 -3.62 2.16
C ALA A 26 6.67 -4.02 0.70
N ASP A 27 7.76 -4.43 0.03
CA ASP A 27 7.70 -5.11 -1.26
C ASP A 27 7.00 -6.47 -1.11
N ASN A 28 7.04 -7.07 0.09
CA ASN A 28 6.33 -8.32 0.35
C ASN A 28 4.80 -8.19 0.44
N LEU A 29 4.24 -6.98 0.61
CA LEU A 29 2.79 -6.75 0.57
C LEU A 29 2.18 -7.26 -0.74
N ILE A 30 2.79 -6.89 -1.87
CA ILE A 30 2.32 -7.21 -3.23
C ILE A 30 2.04 -8.73 -3.39
N PRO A 31 3.00 -9.66 -3.18
CA PRO A 31 2.75 -11.09 -3.30
C PRO A 31 1.87 -11.69 -2.20
N LYS A 32 1.80 -11.10 -0.99
CA LYS A 32 1.00 -11.65 0.13
C LYS A 32 -0.44 -11.14 0.21
N VAL A 33 -0.78 -9.99 -0.40
CA VAL A 33 -2.14 -9.42 -0.39
C VAL A 33 -2.76 -9.16 -1.77
N ALA A 34 -1.99 -9.26 -2.86
CA ALA A 34 -2.52 -9.31 -4.22
C ALA A 34 -1.75 -10.35 -5.06
N PRO A 35 -1.94 -11.66 -4.79
CA PRO A 35 -1.06 -12.70 -5.31
C PRO A 35 -1.12 -12.86 -6.84
N GLN A 36 -2.31 -12.95 -7.43
CA GLN A 36 -2.48 -13.10 -8.89
C GLN A 36 -2.09 -11.83 -9.68
N HIS A 37 -2.21 -10.65 -9.07
CA HIS A 37 -2.36 -9.38 -9.81
C HIS A 37 -1.06 -8.76 -10.31
N PHE A 38 0.09 -9.13 -9.76
CA PHE A 38 1.38 -8.53 -10.09
C PHE A 38 2.45 -9.58 -10.39
N THR A 39 3.12 -9.45 -11.53
CA THR A 39 4.16 -10.40 -11.97
C THR A 39 5.51 -10.09 -11.32
N SER A 40 5.85 -8.83 -11.10
CA SER A 40 7.14 -8.42 -10.53
C SER A 40 7.13 -7.01 -9.95
N ALA A 41 8.15 -6.71 -9.14
CA ALA A 41 8.40 -5.41 -8.54
C ALA A 41 9.91 -5.11 -8.52
N GLU A 42 10.28 -3.89 -8.85
CA GLU A 42 11.68 -3.46 -8.99
C GLU A 42 11.93 -2.11 -8.30
N ASN A 43 13.07 -1.94 -7.63
CA ASN A 43 13.56 -0.61 -7.28
C ASN A 43 14.06 0.11 -8.54
N LEU A 44 13.66 1.36 -8.74
CA LEU A 44 13.97 2.14 -9.93
C LEU A 44 15.05 3.20 -9.65
N GLU A 45 14.91 3.97 -8.56
CA GLU A 45 15.88 5.00 -8.17
C GLU A 45 15.76 5.38 -6.68
N GLY A 46 16.87 5.33 -5.94
CA GLY A 46 16.98 5.74 -4.53
C GLY A 46 17.33 4.60 -3.57
N ASN A 47 17.83 4.96 -2.39
CA ASN A 47 18.53 4.11 -1.42
C ASN A 47 17.62 3.18 -0.56
N GLY A 48 16.32 3.10 -0.83
CA GLY A 48 15.37 2.24 -0.12
C GLY A 48 14.65 2.88 1.08
N GLY A 49 15.04 4.07 1.53
CA GLY A 49 14.26 4.90 2.44
C GLY A 49 13.10 5.63 1.73
N PRO A 50 12.31 6.45 2.43
CA PRO A 50 11.24 7.22 1.79
C PRO A 50 11.84 8.31 0.89
N GLY A 51 11.11 8.63 -0.18
CA GLY A 51 11.60 9.28 -1.39
C GLY A 51 11.89 8.27 -2.51
N THR A 52 12.30 7.04 -2.19
CA THR A 52 12.76 6.05 -3.20
C THR A 52 11.66 5.63 -4.16
N ILE A 53 11.96 5.72 -5.46
CA ILE A 53 11.09 5.40 -6.60
C ILE A 53 11.33 3.94 -7.08
N LYS A 54 10.24 3.28 -7.49
CA LYS A 54 10.12 1.85 -7.85
C LYS A 54 9.37 1.71 -9.18
N LYS A 55 9.59 0.61 -9.90
CA LYS A 55 8.83 0.17 -11.09
C LYS A 55 8.15 -1.16 -10.77
N ILE A 56 6.83 -1.25 -10.91
CA ILE A 56 6.03 -2.44 -10.56
C ILE A 56 5.31 -2.94 -11.83
N THR A 57 5.15 -4.26 -11.99
CA THR A 57 4.54 -4.88 -13.19
C THR A 57 3.25 -5.63 -12.83
N PHE A 58 2.11 -5.15 -13.35
CA PHE A 58 0.82 -5.84 -13.27
C PHE A 58 0.76 -7.04 -14.24
N ALA A 59 -0.06 -8.03 -13.91
CA ALA A 59 -0.16 -9.32 -14.59
C ALA A 59 -0.59 -9.25 -16.07
N GLU A 60 -0.56 -10.40 -16.74
CA GLU A 60 -0.97 -10.57 -18.14
C GLU A 60 -2.44 -10.17 -18.38
N GLY A 61 -2.75 -9.72 -19.60
CA GLY A 61 -4.06 -9.20 -20.01
C GLY A 61 -4.09 -8.89 -21.51
N ASN A 62 -3.68 -9.87 -22.32
CA ASN A 62 -3.22 -9.76 -23.72
C ASN A 62 -2.00 -8.83 -23.95
N GLU A 63 -1.78 -7.85 -23.08
CA GLU A 63 -0.54 -7.10 -22.85
C GLU A 63 -0.40 -6.84 -21.33
N PHE A 64 0.80 -6.88 -20.75
CA PHE A 64 1.02 -6.51 -19.34
C PHE A 64 0.82 -5.00 -19.11
N LYS A 65 0.68 -4.57 -17.85
CA LYS A 65 0.58 -3.14 -17.49
C LYS A 65 1.71 -2.70 -16.56
N TYR A 66 2.19 -1.48 -16.79
CA TYR A 66 3.29 -0.83 -16.07
C TYR A 66 2.79 0.22 -15.07
N MET A 67 3.49 0.33 -13.95
CA MET A 67 3.30 1.36 -12.94
C MET A 67 4.67 1.73 -12.32
N LYS A 68 4.77 2.93 -11.76
CA LYS A 68 5.83 3.29 -10.81
C LYS A 68 5.24 3.58 -9.43
N HIS A 69 5.87 3.02 -8.41
CA HIS A 69 5.60 3.29 -6.99
C HIS A 69 6.67 4.24 -6.43
N LYS A 70 6.43 4.85 -5.28
CA LYS A 70 7.50 5.33 -4.41
C LYS A 70 7.11 5.16 -2.96
N VAL A 71 8.07 4.91 -2.09
CA VAL A 71 7.89 5.20 -0.67
C VAL A 71 7.92 6.72 -0.52
N GLU A 72 6.95 7.32 0.17
CA GLU A 72 6.71 8.77 0.16
C GLU A 72 6.94 9.43 1.53
N GLU A 73 6.92 8.66 2.63
CA GLU A 73 7.34 9.04 3.99
C GLU A 73 7.43 7.78 4.88
N ILE A 74 8.32 7.82 5.88
CA ILE A 74 8.39 6.85 6.98
C ILE A 74 8.70 7.63 8.26
N ASP A 75 7.90 7.45 9.31
CA ASP A 75 8.17 8.01 10.64
C ASP A 75 8.08 6.96 11.75
N HIS A 76 9.10 6.90 12.62
CA HIS A 76 9.08 6.05 13.81
C HIS A 76 8.28 6.67 14.97
N ALA A 77 8.36 7.97 15.21
CA ALA A 77 7.86 8.58 16.45
C ALA A 77 6.32 8.66 16.52
N ASN A 78 5.64 8.93 15.39
CA ASN A 78 4.20 8.73 15.23
C ASN A 78 3.85 7.46 14.42
N PHE A 79 4.82 6.55 14.22
CA PHE A 79 4.68 5.22 13.63
C PHE A 79 3.84 5.16 12.34
N LYS A 80 4.34 5.79 11.27
CA LYS A 80 3.70 5.80 9.95
C LYS A 80 4.61 5.33 8.81
N TYR A 81 3.98 4.75 7.79
CA TYR A 81 4.59 4.39 6.51
C TYR A 81 3.68 4.90 5.39
N CYS A 82 4.25 5.36 4.28
CA CYS A 82 3.50 5.91 3.16
C CYS A 82 4.14 5.50 1.82
N TYR A 83 3.31 5.11 0.85
CA TYR A 83 3.73 4.98 -0.55
C TYR A 83 2.66 5.57 -1.49
N SER A 84 3.01 5.77 -2.75
CA SER A 84 2.06 6.12 -3.80
C SER A 84 2.43 5.49 -5.13
N ILE A 85 1.45 5.14 -5.96
CA ILE A 85 1.67 4.95 -7.40
C ILE A 85 1.73 6.35 -8.06
N ILE A 86 2.94 6.71 -8.53
CA ILE A 86 3.26 8.05 -9.07
C ILE A 86 2.85 8.19 -10.55
N GLU A 87 2.74 7.06 -11.25
CA GLU A 87 2.55 6.94 -12.71
C GLU A 87 2.13 5.51 -13.06
N GLY A 88 1.30 5.32 -14.08
CA GLY A 88 1.05 3.98 -14.66
C GLY A 88 -0.24 3.89 -15.46
N GLY A 89 -0.33 2.89 -16.34
CA GLY A 89 -1.54 2.60 -17.12
C GLY A 89 -2.81 2.47 -16.25
N PRO A 90 -2.75 1.73 -15.12
CA PRO A 90 -3.80 1.64 -14.12
C PRO A 90 -4.29 2.97 -13.50
N LEU A 91 -3.51 4.07 -13.56
CA LEU A 91 -3.99 5.42 -13.27
C LEU A 91 -4.64 6.12 -14.47
N GLY A 92 -3.99 6.05 -15.64
CA GLY A 92 -4.00 7.15 -16.62
C GLY A 92 -5.34 7.47 -17.31
N HIS A 93 -6.35 6.63 -17.16
CA HIS A 93 -7.71 6.86 -17.67
C HIS A 93 -8.49 7.91 -16.87
N THR A 94 -8.23 8.06 -15.57
CA THR A 94 -8.93 9.02 -14.68
C THR A 94 -8.07 9.66 -13.60
N LEU A 95 -6.95 9.06 -13.20
CA LEU A 95 -6.20 9.40 -11.99
C LEU A 95 -4.82 10.00 -12.27
N GLU A 96 -4.42 10.92 -11.40
CA GLU A 96 -3.07 11.45 -11.29
C GLU A 96 -2.18 10.54 -10.43
N LYS A 97 -2.72 9.95 -9.35
CA LYS A 97 -2.00 9.14 -8.36
C LYS A 97 -2.95 8.40 -7.41
N ILE A 98 -2.44 7.35 -6.75
CA ILE A 98 -3.10 6.70 -5.61
C ILE A 98 -2.08 6.56 -4.46
N PRO A 99 -2.05 7.51 -3.50
CA PRO A 99 -1.30 7.35 -2.26
C PRO A 99 -1.93 6.35 -1.28
N TYR A 100 -1.12 5.87 -0.35
CA TYR A 100 -1.45 4.94 0.72
C TYR A 100 -0.82 5.43 2.03
N GLU A 101 -1.53 5.32 3.14
CA GLU A 101 -1.04 5.70 4.48
C GLU A 101 -1.24 4.53 5.45
N ILE A 102 -0.21 4.22 6.24
CA ILE A 102 -0.21 3.10 7.18
C ILE A 102 0.14 3.63 8.57
N LYS A 103 -0.52 3.14 9.62
CA LYS A 103 -0.23 3.47 11.03
C LYS A 103 0.01 2.21 11.85
N MET A 104 1.10 2.13 12.61
CA MET A 104 1.11 1.33 13.84
C MET A 104 0.71 2.22 15.02
N ALA A 105 -0.23 1.75 15.81
CA ALA A 105 -0.95 2.55 16.81
C ALA A 105 -0.84 1.90 18.20
N ALA A 106 -0.57 2.70 19.23
CA ALA A 106 -0.47 2.24 20.62
C ALA A 106 -1.81 1.66 21.11
N ALA A 107 -1.91 0.35 21.28
CA ALA A 107 -3.15 -0.31 21.67
C ALA A 107 -3.37 -0.19 23.18
N PRO A 108 -4.63 -0.33 23.67
CA PRO A 108 -4.91 -0.53 25.09
C PRO A 108 -4.14 -1.73 25.65
N HIS A 109 -3.90 -2.73 24.82
CA HIS A 109 -2.94 -3.82 25.03
C HIS A 109 -1.51 -3.30 24.78
N GLY A 110 -0.78 -2.95 25.83
CA GLY A 110 0.51 -2.24 25.72
C GLY A 110 1.65 -3.07 25.11
N GLY A 111 1.54 -4.41 25.07
CA GLY A 111 2.44 -5.31 24.37
C GLY A 111 2.01 -5.66 22.94
N GLY A 112 0.79 -5.32 22.55
CA GLY A 112 0.26 -5.48 21.18
C GLY A 112 0.19 -4.14 20.44
N SER A 113 -0.55 -4.08 19.34
CA SER A 113 -0.77 -2.88 18.53
C SER A 113 -2.07 -2.94 17.73
N ILE A 114 -2.52 -1.79 17.27
CA ILE A 114 -3.48 -1.65 16.16
C ILE A 114 -2.67 -1.29 14.90
N LEU A 115 -3.00 -1.84 13.74
CA LEU A 115 -2.34 -1.50 12.47
C LEU A 115 -3.38 -1.02 11.45
N LYS A 116 -3.43 0.30 11.22
CA LYS A 116 -4.36 0.91 10.25
C LYS A 116 -3.77 0.91 8.85
N ILE A 117 -4.59 0.63 7.84
CA ILE A 117 -4.25 0.67 6.42
C ILE A 117 -5.22 1.63 5.68
N THR A 118 -4.69 2.57 4.90
CA THR A 118 -5.46 3.60 4.16
C THR A 118 -5.00 3.68 2.71
N SER A 119 -5.93 3.95 1.78
CA SER A 119 -5.68 4.30 0.37
C SER A 119 -6.49 5.54 -0.02
N LYS A 120 -5.97 6.35 -0.95
CA LYS A 120 -6.61 7.57 -1.46
C LYS A 120 -6.30 7.73 -2.95
N TYR A 121 -7.25 8.26 -3.70
CA TYR A 121 -7.30 8.22 -5.17
C TYR A 121 -7.57 9.64 -5.67
N HIS A 122 -6.68 10.20 -6.48
CA HIS A 122 -6.81 11.59 -6.96
C HIS A 122 -6.83 11.68 -8.48
N THR A 123 -7.75 12.47 -9.03
CA THR A 123 -8.03 12.59 -10.48
C THR A 123 -6.94 13.33 -11.27
N LYS A 124 -6.78 12.98 -12.55
CA LYS A 124 -5.89 13.69 -13.49
C LYS A 124 -6.50 15.02 -13.92
N GLY A 125 -5.79 16.13 -13.68
CA GLY A 125 -6.33 17.48 -13.85
C GLY A 125 -7.65 17.70 -13.08
N ASN A 126 -8.52 18.55 -13.61
CA ASN A 126 -9.86 18.79 -13.09
C ASN A 126 -10.91 17.71 -13.50
N ALA A 127 -10.49 16.55 -14.03
CA ALA A 127 -11.41 15.50 -14.47
C ALA A 127 -12.24 14.90 -13.31
N SER A 128 -13.48 14.51 -13.60
CA SER A 128 -14.33 13.74 -12.69
C SER A 128 -14.04 12.24 -12.79
N ILE A 129 -13.93 11.54 -11.66
CA ILE A 129 -13.70 10.09 -11.59
C ILE A 129 -14.94 9.30 -12.04
N ASN A 130 -14.71 8.12 -12.61
CA ASN A 130 -15.72 7.08 -12.78
C ASN A 130 -16.19 6.56 -11.42
N GLU A 131 -17.52 6.56 -11.23
CA GLU A 131 -18.18 5.69 -10.25
C GLU A 131 -17.74 4.24 -10.48
N GLU A 132 -17.42 3.87 -11.72
CA GLU A 132 -16.89 2.51 -11.98
C GLU A 132 -15.50 2.30 -11.35
N GLU A 133 -14.62 3.31 -11.38
CA GLU A 133 -13.31 3.26 -10.72
C GLU A 133 -13.36 3.52 -9.21
N ILE A 134 -14.38 4.23 -8.70
CA ILE A 134 -14.66 4.29 -7.26
C ILE A 134 -15.01 2.90 -6.75
N LYS A 135 -16.03 2.28 -7.36
CA LYS A 135 -16.63 1.04 -6.86
C LYS A 135 -15.68 -0.15 -6.98
N ALA A 136 -15.00 -0.27 -8.13
CA ALA A 136 -13.87 -1.19 -8.25
C ALA A 136 -12.79 -0.83 -7.22
N GLY A 137 -12.45 0.46 -7.09
CA GLY A 137 -11.47 1.00 -6.15
C GLY A 137 -11.60 0.46 -4.73
N LYS A 138 -12.74 0.67 -4.05
CA LYS A 138 -12.90 0.29 -2.62
C LYS A 138 -12.89 -1.21 -2.35
N GLU A 139 -13.42 -1.95 -3.29
CA GLU A 139 -13.59 -3.40 -3.25
C GLU A 139 -12.40 -4.23 -3.70
N LYS A 140 -11.65 -3.73 -4.70
CA LYS A 140 -10.22 -4.03 -4.78
C LYS A 140 -9.56 -3.71 -3.44
N ALA A 141 -10.06 -2.70 -2.69
CA ALA A 141 -9.36 -2.31 -1.46
C ALA A 141 -9.75 -3.18 -0.25
N ALA A 142 -10.99 -3.68 -0.20
CA ALA A 142 -11.40 -4.81 0.64
C ALA A 142 -10.60 -6.08 0.30
N GLY A 143 -10.33 -6.30 -0.99
CA GLY A 143 -9.43 -7.36 -1.47
C GLY A 143 -8.03 -7.24 -0.85
N LEU A 144 -7.39 -6.07 -0.95
CA LEU A 144 -6.08 -5.82 -0.33
C LEU A 144 -6.15 -5.92 1.20
N PHE A 145 -6.98 -5.07 1.83
CA PHE A 145 -6.91 -4.80 3.26
C PHE A 145 -7.47 -5.92 4.13
N LYS A 146 -8.35 -6.80 3.62
CA LYS A 146 -8.74 -8.03 4.33
C LYS A 146 -7.75 -9.15 4.14
N ALA A 147 -6.92 -9.13 3.10
CA ALA A 147 -5.74 -9.98 3.07
C ALA A 147 -4.56 -9.43 3.87
N VAL A 148 -4.44 -8.11 4.09
CA VAL A 148 -3.59 -7.57 5.16
C VAL A 148 -4.12 -7.97 6.54
N GLU A 149 -5.43 -7.84 6.77
CA GLU A 149 -6.07 -8.14 8.05
C GLU A 149 -6.05 -9.64 8.33
N ALA A 150 -6.62 -10.49 7.48
CA ALA A 150 -6.54 -11.93 7.72
C ALA A 150 -5.10 -12.45 7.70
N TYR A 151 -4.17 -11.86 6.94
CA TYR A 151 -2.74 -12.13 7.21
C TYR A 151 -2.37 -11.90 8.70
N LEU A 152 -2.55 -10.67 9.20
CA LEU A 152 -2.25 -10.24 10.58
C LEU A 152 -2.97 -11.06 11.67
N LEU A 153 -4.30 -11.14 11.61
CA LEU A 153 -5.15 -11.81 12.59
C LEU A 153 -4.99 -13.34 12.56
N ALA A 154 -4.94 -13.95 11.37
CA ALA A 154 -4.95 -15.41 11.21
C ALA A 154 -3.55 -16.05 11.29
N HIS A 155 -2.46 -15.26 11.29
CA HIS A 155 -1.10 -15.74 11.53
C HIS A 155 -0.96 -16.30 12.96
N PRO A 156 -0.69 -17.60 13.15
CA PRO A 156 -0.76 -18.22 14.49
C PRO A 156 0.47 -17.92 15.35
N ASP A 157 1.65 -17.76 14.75
CA ASP A 157 2.93 -17.71 15.45
C ASP A 157 3.30 -16.31 15.96
N ALA A 158 2.37 -15.36 15.96
CA ALA A 158 2.64 -13.95 16.28
C ALA A 158 3.21 -13.75 17.70
N TYR A 159 2.90 -14.63 18.64
CA TYR A 159 3.37 -14.60 20.04
C TYR A 159 4.85 -14.94 20.27
N CYS A 160 5.60 -15.07 19.17
CA CYS A 160 7.05 -15.34 19.09
C CYS A 160 7.75 -14.28 18.25
N GLY A 1 -9.28 16.78 -8.16
CA GLY A 1 -8.99 16.77 -6.72
C GLY A 1 -8.63 15.36 -6.27
N VAL A 2 -9.05 14.98 -5.06
CA VAL A 2 -8.65 13.75 -4.37
C VAL A 2 -9.84 12.93 -3.86
N PHE A 3 -9.95 11.68 -4.29
CA PHE A 3 -10.73 10.61 -3.64
C PHE A 3 -9.85 9.86 -2.61
N SER A 4 -10.43 9.25 -1.57
CA SER A 4 -9.68 8.54 -0.50
C SER A 4 -10.37 7.23 -0.07
N TYR A 5 -9.60 6.29 0.47
CA TYR A 5 -10.12 5.07 1.10
C TYR A 5 -9.22 4.56 2.23
N GLU A 6 -9.80 4.00 3.30
CA GLU A 6 -9.10 3.60 4.52
C GLU A 6 -9.67 2.33 5.17
N ASP A 7 -8.81 1.53 5.79
CA ASP A 7 -9.16 0.39 6.66
C ASP A 7 -8.09 0.23 7.77
N GLU A 8 -8.43 -0.32 8.92
CA GLU A 8 -7.51 -0.43 10.06
C GLU A 8 -7.48 -1.82 10.72
N ALA A 9 -6.26 -2.33 10.88
CA ALA A 9 -5.94 -3.65 11.43
C ALA A 9 -5.59 -3.58 12.91
N THR A 10 -5.59 -4.72 13.62
CA THR A 10 -5.06 -4.82 15.00
C THR A 10 -4.02 -5.92 15.10
N SER A 11 -3.03 -5.74 15.96
CA SER A 11 -1.95 -6.72 16.18
C SER A 11 -1.55 -6.80 17.64
N VAL A 12 -1.22 -8.01 18.11
CA VAL A 12 -0.63 -8.22 19.44
C VAL A 12 0.84 -7.80 19.50
N ILE A 13 1.46 -7.47 18.36
CA ILE A 13 2.79 -6.87 18.28
C ILE A 13 2.71 -5.36 18.66
N PRO A 14 3.63 -4.79 19.44
CA PRO A 14 3.60 -3.38 19.83
C PRO A 14 3.99 -2.42 18.69
N PRO A 15 3.66 -1.11 18.78
CA PRO A 15 3.71 -0.19 17.63
C PRO A 15 5.11 -0.04 17.01
N ALA A 16 6.14 0.20 17.82
CA ALA A 16 7.50 0.40 17.33
C ALA A 16 8.11 -0.85 16.67
N ARG A 17 7.81 -2.05 17.19
CA ARG A 17 8.15 -3.32 16.54
C ARG A 17 7.37 -3.50 15.23
N LEU A 18 6.07 -3.19 15.21
CA LEU A 18 5.24 -3.34 14.01
C LEU A 18 5.59 -2.39 12.85
N PHE A 19 6.21 -1.31 13.25
CA PHE A 19 6.77 -0.29 12.37
C PHE A 19 7.84 -0.83 11.46
N LYS A 20 8.85 -1.25 12.16
CA LYS A 20 10.08 -1.83 11.60
C LYS A 20 9.93 -3.20 10.95
N SER A 21 8.83 -3.84 11.31
CA SER A 21 8.32 -5.06 10.70
C SER A 21 7.66 -4.78 9.34
N PHE A 22 6.67 -3.88 9.30
CA PHE A 22 6.01 -3.46 8.08
C PHE A 22 6.95 -2.81 7.05
N VAL A 23 7.87 -1.94 7.48
CA VAL A 23 8.83 -1.24 6.60
C VAL A 23 9.76 -2.23 5.87
N LEU A 24 10.17 -3.29 6.56
CA LEU A 24 10.98 -4.39 6.02
C LEU A 24 10.17 -5.46 5.25
N ASP A 25 8.84 -5.33 5.21
CA ASP A 25 7.86 -6.19 4.51
C ASP A 25 7.03 -5.38 3.48
N ALA A 26 7.55 -4.23 3.05
CA ALA A 26 6.89 -3.19 2.25
C ALA A 26 6.73 -3.58 0.78
N ASP A 27 7.83 -4.04 0.17
CA ASP A 27 7.80 -4.70 -1.13
C ASP A 27 7.10 -6.07 -1.03
N ASN A 28 7.12 -6.69 0.16
CA ASN A 28 6.40 -7.95 0.38
C ASN A 28 4.87 -7.80 0.33
N LEU A 29 4.32 -6.58 0.45
CA LEU A 29 2.88 -6.33 0.31
C LEU A 29 2.33 -6.84 -1.03
N ILE A 30 3.01 -6.52 -2.15
CA ILE A 30 2.56 -6.89 -3.50
C ILE A 30 2.27 -8.40 -3.63
N PRO A 31 3.20 -9.33 -3.37
CA PRO A 31 2.90 -10.77 -3.44
C PRO A 31 1.88 -11.23 -2.38
N LYS A 32 1.85 -10.65 -1.18
CA LYS A 32 0.95 -11.12 -0.09
C LYS A 32 -0.49 -10.57 -0.18
N VAL A 33 -0.74 -9.49 -0.94
CA VAL A 33 -2.09 -8.89 -1.09
C VAL A 33 -2.60 -8.77 -2.53
N ALA A 34 -1.72 -8.82 -3.54
CA ALA A 34 -2.07 -8.80 -4.96
C ALA A 34 -1.21 -9.80 -5.77
N PRO A 35 -1.44 -11.12 -5.61
CA PRO A 35 -0.56 -12.15 -6.16
C PRO A 35 -0.61 -12.26 -7.69
N GLN A 36 -1.81 -12.39 -8.28
CA GLN A 36 -1.95 -12.55 -9.73
C GLN A 36 -1.65 -11.26 -10.49
N HIS A 37 -2.04 -10.11 -9.93
CA HIS A 37 -2.11 -8.80 -10.57
C HIS A 37 -0.76 -8.30 -11.09
N PHE A 38 0.34 -8.60 -10.37
CA PHE A 38 1.67 -8.05 -10.63
C PHE A 38 2.71 -9.14 -10.89
N THR A 39 3.30 -9.14 -12.09
CA THR A 39 4.40 -10.03 -12.49
C THR A 39 5.63 -9.83 -11.62
N SER A 40 6.01 -8.57 -11.34
CA SER A 40 7.13 -8.24 -10.47
C SER A 40 7.03 -6.81 -9.95
N ALA A 41 7.65 -6.57 -8.79
CA ALA A 41 8.18 -5.27 -8.42
C ALA A 41 9.70 -5.25 -8.61
N GLU A 42 10.25 -4.15 -9.11
CA GLU A 42 11.69 -3.89 -9.18
C GLU A 42 12.05 -2.55 -8.52
N ASN A 43 13.22 -2.45 -7.89
CA ASN A 43 13.79 -1.14 -7.56
C ASN A 43 14.39 -0.51 -8.82
N LEU A 44 14.06 0.75 -9.09
CA LEU A 44 14.49 1.47 -10.30
C LEU A 44 15.60 2.48 -9.97
N GLU A 45 15.41 3.32 -8.95
CA GLU A 45 16.41 4.30 -8.51
C GLU A 45 16.24 4.73 -7.04
N GLY A 46 17.32 4.63 -6.26
CA GLY A 46 17.40 5.03 -4.83
C GLY A 46 17.58 3.84 -3.88
N ASN A 47 17.85 4.13 -2.61
CA ASN A 47 18.27 3.18 -1.56
C ASN A 47 17.14 2.62 -0.68
N GLY A 48 15.87 2.85 -1.02
CA GLY A 48 14.70 2.27 -0.35
C GLY A 48 14.08 3.14 0.75
N GLY A 49 14.68 4.29 1.06
CA GLY A 49 14.03 5.38 1.77
C GLY A 49 13.11 6.21 0.85
N PRO A 50 12.29 7.11 1.42
CA PRO A 50 11.34 7.91 0.66
C PRO A 50 12.08 8.86 -0.30
N GLY A 51 11.56 9.00 -1.52
CA GLY A 51 12.24 9.52 -2.70
C GLY A 51 12.75 8.43 -3.66
N THR A 52 12.84 7.16 -3.23
CA THR A 52 13.24 6.03 -4.08
C THR A 52 12.11 5.60 -5.03
N ILE A 53 12.36 5.58 -6.34
CA ILE A 53 11.42 5.11 -7.38
C ILE A 53 11.65 3.62 -7.71
N LYS A 54 10.56 2.89 -7.94
CA LYS A 54 10.45 1.45 -8.24
C LYS A 54 9.72 1.26 -9.58
N LYS A 55 10.05 0.23 -10.36
CA LYS A 55 9.34 -0.17 -11.59
C LYS A 55 8.52 -1.43 -11.32
N ILE A 56 7.22 -1.38 -11.50
CA ILE A 56 6.30 -2.49 -11.23
C ILE A 56 5.70 -2.97 -12.56
N THR A 57 5.47 -4.28 -12.73
CA THR A 57 4.93 -4.87 -13.97
C THR A 57 3.62 -5.59 -13.71
N PHE A 58 2.57 -5.25 -14.47
CA PHE A 58 1.25 -5.86 -14.43
C PHE A 58 1.18 -7.14 -15.28
N ALA A 59 0.28 -8.06 -14.91
CA ALA A 59 0.23 -9.45 -15.35
C ALA A 59 0.27 -9.69 -16.88
N GLU A 60 0.82 -10.84 -17.27
CA GLU A 60 0.86 -11.33 -18.65
C GLU A 60 -0.53 -11.83 -19.13
N GLY A 61 -0.90 -11.52 -20.38
CA GLY A 61 -2.13 -11.95 -21.03
C GLY A 61 -2.67 -10.89 -21.99
N ASN A 62 -2.83 -11.20 -23.28
CA ASN A 62 -2.97 -10.26 -24.41
C ASN A 62 -1.81 -9.26 -24.55
N GLU A 63 -1.53 -8.46 -23.53
CA GLU A 63 -0.44 -7.49 -23.45
C GLU A 63 -0.19 -7.09 -21.99
N PHE A 64 1.06 -7.14 -21.53
CA PHE A 64 1.44 -6.69 -20.18
C PHE A 64 1.35 -5.16 -20.04
N LYS A 65 1.30 -4.66 -18.79
CA LYS A 65 1.22 -3.22 -18.49
C LYS A 65 2.27 -2.75 -17.48
N TYR A 66 2.52 -1.45 -17.49
CA TYR A 66 3.60 -0.75 -16.81
C TYR A 66 3.08 0.22 -15.74
N MET A 67 3.78 0.26 -14.60
CA MET A 67 3.65 1.29 -13.58
C MET A 67 5.02 1.58 -12.94
N LYS A 68 5.15 2.74 -12.30
CA LYS A 68 6.22 3.02 -11.32
C LYS A 68 5.61 3.37 -9.96
N HIS A 69 6.21 2.85 -8.90
CA HIS A 69 5.97 3.22 -7.50
C HIS A 69 7.08 4.16 -7.00
N LYS A 70 6.86 4.85 -5.88
CA LYS A 70 7.94 5.41 -5.08
C LYS A 70 7.62 5.30 -3.61
N VAL A 71 8.62 5.08 -2.77
CA VAL A 71 8.50 5.36 -1.34
C VAL A 71 8.42 6.89 -1.20
N GLU A 72 7.52 7.44 -0.39
CA GLU A 72 7.09 8.85 -0.51
C GLU A 72 7.25 9.65 0.81
N GLU A 73 7.31 8.96 1.94
CA GLU A 73 7.61 9.47 3.28
C GLU A 73 7.80 8.30 4.25
N ILE A 74 8.66 8.48 5.26
CA ILE A 74 8.74 7.58 6.41
C ILE A 74 9.02 8.41 7.66
N ASP A 75 8.28 8.16 8.74
CA ASP A 75 8.56 8.75 10.05
C ASP A 75 8.60 7.69 11.15
N HIS A 76 9.74 7.58 11.83
CA HIS A 76 9.87 6.72 13.02
C HIS A 76 9.31 7.35 14.30
N ALA A 77 9.04 8.66 14.32
CA ALA A 77 8.53 9.35 15.51
C ALA A 77 7.01 9.19 15.67
N ASN A 78 6.21 9.58 14.67
CA ASN A 78 4.77 9.30 14.63
C ASN A 78 4.41 7.94 14.01
N PHE A 79 5.41 7.08 13.79
CA PHE A 79 5.36 5.72 13.27
C PHE A 79 4.50 5.56 12.00
N LYS A 80 4.99 6.11 10.88
CA LYS A 80 4.30 6.07 9.57
C LYS A 80 5.20 5.68 8.40
N TYR A 81 4.58 5.08 7.40
CA TYR A 81 5.17 4.75 6.09
C TYR A 81 4.27 5.27 4.96
N CYS A 82 4.87 5.66 3.84
CA CYS A 82 4.14 6.17 2.68
C CYS A 82 4.78 5.70 1.36
N TYR A 83 3.96 5.37 0.37
CA TYR A 83 4.38 5.21 -1.02
C TYR A 83 3.36 5.86 -1.96
N SER A 84 3.62 5.87 -3.26
CA SER A 84 2.68 6.27 -4.30
C SER A 84 2.94 5.49 -5.59
N ILE A 85 1.91 5.20 -6.39
CA ILE A 85 2.10 4.97 -7.83
C ILE A 85 2.27 6.34 -8.50
N ILE A 86 3.45 6.58 -9.07
CA ILE A 86 3.88 7.85 -9.66
C ILE A 86 3.46 7.96 -11.14
N GLU A 87 3.35 6.82 -11.83
CA GLU A 87 3.12 6.73 -13.27
C GLU A 87 2.57 5.35 -13.63
N GLY A 88 1.74 5.26 -14.67
CA GLY A 88 1.42 4.00 -15.34
C GLY A 88 0.10 4.05 -16.11
N GLY A 89 -0.13 3.05 -16.97
CA GLY A 89 -1.42 2.84 -17.65
C GLY A 89 -2.61 2.90 -16.67
N PRO A 90 -2.54 2.20 -15.52
CA PRO A 90 -3.50 2.30 -14.42
C PRO A 90 -3.81 3.71 -13.87
N LEU A 91 -2.91 4.70 -13.99
CA LEU A 91 -3.23 6.11 -13.74
C LEU A 91 -3.83 6.87 -14.93
N GLY A 92 -3.23 6.70 -16.12
CA GLY A 92 -3.13 7.77 -17.13
C GLY A 92 -4.45 8.32 -17.69
N HIS A 93 -5.53 7.57 -17.60
CA HIS A 93 -6.87 7.98 -18.05
C HIS A 93 -7.40 9.22 -17.30
N THR A 94 -7.18 9.34 -16.00
CA THR A 94 -7.73 10.41 -15.14
C THR A 94 -6.80 10.89 -14.04
N LEU A 95 -5.71 10.18 -13.72
CA LEU A 95 -4.95 10.36 -12.48
C LEU A 95 -3.52 10.84 -12.72
N GLU A 96 -3.06 11.69 -11.81
CA GLU A 96 -1.65 12.13 -11.69
C GLU A 96 -0.84 11.14 -10.82
N LYS A 97 -1.45 10.63 -9.74
CA LYS A 97 -0.81 9.76 -8.74
C LYS A 97 -1.85 9.10 -7.81
N ILE A 98 -1.48 8.00 -7.16
CA ILE A 98 -2.23 7.45 -6.02
C ILE A 98 -1.26 7.19 -4.85
N PRO A 99 -1.10 8.14 -3.91
CA PRO A 99 -0.37 7.91 -2.67
C PRO A 99 -1.11 6.97 -1.70
N TYR A 100 -0.33 6.36 -0.81
CA TYR A 100 -0.74 5.43 0.25
C TYR A 100 -0.06 5.84 1.55
N GLU A 101 -0.79 5.78 2.66
CA GLU A 101 -0.29 6.17 3.99
C GLU A 101 -0.58 5.08 5.02
N ILE A 102 0.36 4.81 5.91
CA ILE A 102 0.28 3.72 6.88
C ILE A 102 0.62 4.26 8.27
N LYS A 103 -0.17 3.93 9.31
CA LYS A 103 0.13 4.27 10.73
C LYS A 103 0.32 3.01 11.56
N MET A 104 1.33 2.97 12.42
CA MET A 104 1.30 2.12 13.63
C MET A 104 0.92 2.95 14.84
N ALA A 105 -0.15 2.51 15.50
CA ALA A 105 -0.96 3.29 16.42
C ALA A 105 -1.00 2.57 17.80
N ALA A 106 -0.90 3.32 18.90
CA ALA A 106 -0.95 2.74 20.25
C ALA A 106 -2.32 2.10 20.58
N ALA A 107 -2.29 0.91 21.18
CA ALA A 107 -3.46 0.25 21.77
C ALA A 107 -3.56 0.60 23.28
N PRO A 108 -4.73 0.41 23.95
CA PRO A 108 -4.83 0.59 25.41
C PRO A 108 -3.83 -0.29 26.18
N HIS A 109 -3.45 -1.45 25.62
CA HIS A 109 -2.25 -2.20 26.00
C HIS A 109 -1.01 -1.60 25.32
N GLY A 110 0.03 -1.24 26.07
CA GLY A 110 1.30 -0.79 25.50
C GLY A 110 2.02 -1.89 24.70
N GLY A 111 1.76 -3.16 25.03
CA GLY A 111 2.33 -4.33 24.37
C GLY A 111 1.68 -4.72 23.02
N GLY A 112 0.58 -4.10 22.61
CA GLY A 112 -0.11 -4.37 21.33
C GLY A 112 -0.26 -3.09 20.50
N SER A 113 -0.88 -3.17 19.32
CA SER A 113 -1.05 -2.02 18.42
C SER A 113 -2.26 -2.16 17.49
N ILE A 114 -2.61 -1.02 16.88
CA ILE A 114 -3.48 -0.93 15.70
C ILE A 114 -2.60 -0.50 14.52
N LEU A 115 -2.85 -1.02 13.32
CA LEU A 115 -2.12 -0.71 12.10
C LEU A 115 -3.10 -0.21 11.04
N LYS A 116 -3.11 1.10 10.81
CA LYS A 116 -4.02 1.75 9.85
C LYS A 116 -3.42 1.77 8.45
N ILE A 117 -4.24 1.50 7.44
CA ILE A 117 -3.88 1.49 6.02
C ILE A 117 -4.77 2.50 5.26
N THR A 118 -4.17 3.39 4.47
CA THR A 118 -4.85 4.48 3.73
C THR A 118 -4.39 4.53 2.27
N SER A 119 -5.29 4.92 1.36
CA SER A 119 -4.96 5.30 -0.03
C SER A 119 -5.71 6.59 -0.42
N LYS A 120 -5.09 7.42 -1.28
CA LYS A 120 -5.60 8.69 -1.80
C LYS A 120 -5.31 8.78 -3.30
N TYR A 121 -6.28 9.22 -4.09
CA TYR A 121 -6.32 9.09 -5.55
C TYR A 121 -6.49 10.47 -6.17
N HIS A 122 -5.43 10.99 -6.81
CA HIS A 122 -5.36 12.39 -7.25
C HIS A 122 -5.49 12.55 -8.76
N THR A 123 -6.44 13.37 -9.22
CA THR A 123 -6.73 13.52 -10.65
C THR A 123 -5.69 14.37 -11.41
N LYS A 124 -5.56 14.11 -12.71
CA LYS A 124 -4.61 14.79 -13.62
C LYS A 124 -5.12 16.19 -13.98
N GLY A 125 -4.41 17.23 -13.54
CA GLY A 125 -4.93 18.59 -13.53
C GLY A 125 -6.21 18.71 -12.70
N ASN A 126 -7.08 19.65 -13.07
CA ASN A 126 -8.39 19.84 -12.43
C ASN A 126 -9.47 18.82 -12.87
N ALA A 127 -9.10 17.71 -13.52
CA ALA A 127 -10.05 16.72 -14.05
C ALA A 127 -10.98 16.14 -12.98
N SER A 128 -12.23 15.85 -13.37
CA SER A 128 -13.15 15.03 -12.57
C SER A 128 -12.87 13.55 -12.81
N ILE A 129 -12.78 12.77 -11.75
CA ILE A 129 -12.51 11.33 -11.81
C ILE A 129 -13.70 10.57 -12.44
N ASN A 130 -13.45 9.35 -12.95
CA ASN A 130 -14.48 8.34 -13.16
C ASN A 130 -15.09 7.93 -11.82
N GLU A 131 -16.43 7.93 -11.76
CA GLU A 131 -17.17 7.10 -10.80
C GLU A 131 -16.77 5.62 -10.97
N GLU A 132 -16.36 5.23 -12.18
CA GLU A 132 -15.81 3.88 -12.42
C GLU A 132 -14.45 3.68 -11.71
N GLU A 133 -13.61 4.71 -11.62
CA GLU A 133 -12.31 4.66 -10.93
C GLU A 133 -12.38 4.91 -9.44
N ILE A 134 -13.38 5.67 -8.95
CA ILE A 134 -13.70 5.73 -7.52
C ILE A 134 -14.10 4.34 -7.06
N LYS A 135 -15.12 3.75 -7.71
CA LYS A 135 -15.77 2.54 -7.19
C LYS A 135 -14.93 1.29 -7.40
N ALA A 136 -14.26 1.14 -8.55
CA ALA A 136 -13.17 0.18 -8.65
C ALA A 136 -12.08 0.50 -7.62
N GLY A 137 -11.71 1.78 -7.44
CA GLY A 137 -10.71 2.24 -6.48
C GLY A 137 -10.88 1.68 -5.06
N LYS A 138 -12.01 1.94 -4.39
CA LYS A 138 -12.19 1.52 -2.99
C LYS A 138 -12.19 0.00 -2.78
N GLU A 139 -12.72 -0.69 -3.76
CA GLU A 139 -12.94 -2.14 -3.81
C GLU A 139 -11.76 -3.00 -4.26
N LYS A 140 -10.99 -2.54 -5.25
CA LYS A 140 -9.56 -2.87 -5.32
C LYS A 140 -8.93 -2.62 -3.95
N ALA A 141 -9.39 -1.61 -3.21
CA ALA A 141 -8.66 -1.24 -1.98
C ALA A 141 -9.08 -2.10 -0.78
N ALA A 142 -10.33 -2.55 -0.70
CA ALA A 142 -10.74 -3.69 0.10
C ALA A 142 -9.95 -4.96 -0.27
N GLY A 143 -9.72 -5.19 -1.57
CA GLY A 143 -8.86 -6.27 -2.07
C GLY A 143 -7.47 -6.24 -1.42
N LEU A 144 -6.77 -5.10 -1.52
CA LEU A 144 -5.48 -4.89 -0.88
C LEU A 144 -5.59 -5.01 0.65
N PHE A 145 -6.40 -4.15 1.27
CA PHE A 145 -6.40 -3.90 2.71
C PHE A 145 -7.03 -5.03 3.52
N LYS A 146 -7.91 -5.87 2.96
CA LYS A 146 -8.43 -7.07 3.62
C LYS A 146 -7.47 -8.25 3.52
N ALA A 147 -6.56 -8.25 2.54
CA ALA A 147 -5.42 -9.14 2.58
C ALA A 147 -4.26 -8.61 3.42
N VAL A 148 -4.10 -7.29 3.61
CA VAL A 148 -3.28 -6.76 4.73
C VAL A 148 -3.92 -7.14 6.08
N GLU A 149 -5.24 -6.98 6.21
CA GLU A 149 -5.97 -7.26 7.45
C GLU A 149 -5.97 -8.75 7.74
N ALA A 150 -6.47 -9.60 6.85
CA ALA A 150 -6.40 -11.05 7.10
C ALA A 150 -4.96 -11.57 7.16
N TYR A 151 -3.96 -11.00 6.46
CA TYR A 151 -2.56 -11.33 6.80
C TYR A 151 -2.25 -11.10 8.29
N LEU A 152 -2.62 -9.95 8.85
CA LEU A 152 -2.40 -9.56 10.26
C LEU A 152 -3.25 -10.35 11.28
N LEU A 153 -4.56 -10.39 11.07
CA LEU A 153 -5.55 -11.04 11.93
C LEU A 153 -5.48 -12.57 11.87
N ALA A 154 -5.22 -13.14 10.70
CA ALA A 154 -4.97 -14.58 10.57
C ALA A 154 -3.52 -14.96 10.94
N HIS A 155 -2.64 -13.99 11.25
CA HIS A 155 -1.25 -14.26 11.65
C HIS A 155 -1.21 -15.21 12.85
N PRO A 156 -0.69 -16.44 12.71
CA PRO A 156 -0.82 -17.45 13.74
C PRO A 156 0.23 -17.29 14.86
N ASP A 157 1.41 -16.75 14.54
CA ASP A 157 2.62 -16.80 15.38
C ASP A 157 2.86 -15.53 16.22
N ALA A 158 2.00 -14.52 16.09
CA ALA A 158 2.22 -13.16 16.63
C ALA A 158 2.41 -13.08 18.16
N TYR A 159 2.04 -14.12 18.92
CA TYR A 159 2.19 -14.24 20.38
C TYR A 159 3.63 -14.36 20.90
N CYS A 160 4.61 -14.13 20.03
CA CYS A 160 6.04 -14.11 20.31
C CYS A 160 6.69 -12.87 19.72
N GLY A 1 -7.70 17.18 -8.06
CA GLY A 1 -8.59 16.63 -7.02
C GLY A 1 -8.05 15.33 -6.48
N VAL A 2 -8.46 14.97 -5.26
CA VAL A 2 -8.06 13.76 -4.54
C VAL A 2 -9.28 12.90 -4.16
N PHE A 3 -9.07 11.59 -3.98
CA PHE A 3 -9.96 10.65 -3.27
C PHE A 3 -9.11 9.78 -2.32
N SER A 4 -9.67 9.26 -1.22
CA SER A 4 -8.92 8.45 -0.22
C SER A 4 -9.74 7.28 0.34
N TYR A 5 -9.04 6.19 0.67
CA TYR A 5 -9.58 4.94 1.24
C TYR A 5 -8.73 4.44 2.42
N GLU A 6 -9.38 3.95 3.49
CA GLU A 6 -8.71 3.57 4.75
C GLU A 6 -9.33 2.33 5.40
N ASP A 7 -8.48 1.51 6.05
CA ASP A 7 -8.86 0.39 6.91
C ASP A 7 -7.74 0.10 7.94
N GLU A 8 -8.06 -0.47 9.11
CA GLU A 8 -7.10 -0.72 10.18
C GLU A 8 -7.13 -2.15 10.76
N ALA A 9 -5.96 -2.61 11.15
CA ALA A 9 -5.66 -3.95 11.69
C ALA A 9 -5.22 -3.91 13.17
N THR A 10 -5.09 -5.07 13.82
CA THR A 10 -4.41 -5.22 15.13
C THR A 10 -3.46 -6.41 15.13
N SER A 11 -2.42 -6.37 15.98
CA SER A 11 -1.45 -7.44 16.14
C SER A 11 -0.87 -7.49 17.55
N VAL A 12 -0.50 -8.69 18.02
CA VAL A 12 0.24 -8.90 19.29
C VAL A 12 1.70 -8.43 19.24
N ILE A 13 2.17 -7.90 18.10
CA ILE A 13 3.48 -7.22 17.98
C ILE A 13 3.34 -5.73 18.36
N PRO A 14 4.14 -5.19 19.31
CA PRO A 14 4.15 -3.75 19.64
C PRO A 14 4.58 -2.83 18.47
N PRO A 15 4.21 -1.53 18.48
CA PRO A 15 4.37 -0.63 17.32
C PRO A 15 5.78 -0.56 16.74
N ALA A 16 6.81 -0.38 17.57
CA ALA A 16 8.20 -0.21 17.13
C ALA A 16 8.77 -1.45 16.43
N ARG A 17 8.33 -2.64 16.83
CA ARG A 17 8.66 -3.91 16.16
C ARG A 17 7.81 -4.12 14.91
N LEU A 18 6.52 -3.80 14.93
CA LEU A 18 5.67 -3.93 13.73
C LEU A 18 6.01 -2.97 12.59
N PHE A 19 6.62 -1.91 13.00
CA PHE A 19 7.21 -0.85 12.18
C PHE A 19 8.26 -1.38 11.22
N LYS A 20 9.25 -1.86 11.91
CA LYS A 20 10.50 -2.40 11.34
C LYS A 20 10.34 -3.69 10.53
N SER A 21 9.26 -4.35 10.86
CA SER A 21 8.69 -5.55 10.22
C SER A 21 8.01 -5.17 8.90
N PHE A 22 7.04 -4.25 8.93
CA PHE A 22 6.36 -3.77 7.72
C PHE A 22 7.31 -3.05 6.75
N VAL A 23 8.30 -2.29 7.23
CA VAL A 23 9.39 -1.71 6.40
C VAL A 23 10.04 -2.79 5.52
N LEU A 24 10.36 -3.93 6.12
CA LEU A 24 10.94 -5.10 5.47
C LEU A 24 9.93 -6.00 4.73
N ASP A 25 8.63 -5.71 4.79
CA ASP A 25 7.53 -6.51 4.20
C ASP A 25 6.62 -5.69 3.24
N ALA A 26 7.07 -4.50 2.85
CA ALA A 26 6.35 -3.52 2.02
C ALA A 26 6.29 -3.95 0.55
N ASP A 27 7.45 -4.25 -0.03
CA ASP A 27 7.55 -4.96 -1.30
C ASP A 27 6.88 -6.35 -1.19
N ASN A 28 6.94 -6.98 0.00
CA ASN A 28 6.30 -8.29 0.19
C ASN A 28 4.76 -8.24 0.14
N LEU A 29 4.13 -7.06 0.28
CA LEU A 29 2.68 -6.89 0.11
C LEU A 29 2.20 -7.48 -1.22
N ILE A 30 2.89 -7.16 -2.32
CA ILE A 30 2.45 -7.43 -3.70
C ILE A 30 2.06 -8.92 -3.88
N PRO A 31 2.93 -9.92 -3.63
CA PRO A 31 2.56 -11.32 -3.72
C PRO A 31 1.62 -11.79 -2.60
N LYS A 32 1.69 -11.24 -1.38
CA LYS A 32 0.89 -11.73 -0.24
C LYS A 32 -0.52 -11.15 -0.14
N VAL A 33 -0.82 -10.06 -0.86
CA VAL A 33 -2.15 -9.39 -0.87
C VAL A 33 -2.78 -9.25 -2.27
N ALA A 34 -2.00 -9.42 -3.34
CA ALA A 34 -2.53 -9.59 -4.70
C ALA A 34 -1.67 -10.58 -5.52
N PRO A 35 -1.74 -11.89 -5.21
CA PRO A 35 -0.82 -12.89 -5.75
C PRO A 35 -0.84 -13.01 -7.28
N GLN A 36 -2.02 -13.00 -7.92
CA GLN A 36 -2.14 -13.20 -9.37
C GLN A 36 -1.98 -11.90 -10.17
N HIS A 37 -2.26 -10.73 -9.57
CA HIS A 37 -2.30 -9.43 -10.26
C HIS A 37 -0.92 -8.89 -10.67
N PHE A 38 0.17 -9.45 -10.15
CA PHE A 38 1.54 -9.02 -10.47
C PHE A 38 2.45 -10.22 -10.74
N THR A 39 3.50 -9.96 -11.53
CA THR A 39 4.49 -10.96 -11.98
C THR A 39 5.88 -10.69 -11.39
N SER A 40 6.20 -9.44 -11.08
CA SER A 40 7.41 -9.04 -10.35
C SER A 40 7.31 -7.62 -9.78
N ALA A 41 8.16 -7.36 -8.79
CA ALA A 41 8.53 -6.04 -8.33
C ALA A 41 10.06 -5.94 -8.27
N GLU A 42 10.61 -4.82 -8.72
CA GLU A 42 12.06 -4.60 -8.74
C GLU A 42 12.43 -3.25 -8.14
N ASN A 43 13.63 -3.14 -7.57
CA ASN A 43 14.23 -1.82 -7.36
C ASN A 43 14.69 -1.22 -8.70
N LEU A 44 14.38 0.06 -8.94
CA LEU A 44 14.71 0.76 -10.19
C LEU A 44 15.88 1.73 -10.03
N GLU A 45 15.80 2.65 -9.06
CA GLU A 45 16.87 3.62 -8.77
C GLU A 45 16.79 4.16 -7.33
N GLY A 46 17.90 4.07 -6.61
CA GLY A 46 18.05 4.45 -5.20
C GLY A 46 18.28 3.23 -4.28
N ASN A 47 18.79 3.47 -3.09
CA ASN A 47 19.29 2.43 -2.16
C ASN A 47 18.23 1.87 -1.19
N GLY A 48 16.95 2.11 -1.44
CA GLY A 48 15.82 1.53 -0.71
C GLY A 48 15.24 2.40 0.40
N GLY A 49 15.89 3.52 0.74
CA GLY A 49 15.30 4.52 1.63
C GLY A 49 14.19 5.35 0.94
N PRO A 50 13.38 6.09 1.71
CA PRO A 50 12.30 6.91 1.17
C PRO A 50 12.84 8.06 0.31
N GLY A 51 12.49 7.98 -0.98
CA GLY A 51 13.07 8.71 -2.11
C GLY A 51 13.30 7.76 -3.30
N THR A 52 13.70 6.51 -3.03
CA THR A 52 14.02 5.45 -4.01
C THR A 52 12.83 5.02 -4.85
N ILE A 53 13.01 4.90 -6.17
CA ILE A 53 12.02 4.38 -7.13
C ILE A 53 12.21 2.87 -7.38
N LYS A 54 11.10 2.15 -7.55
CA LYS A 54 10.94 0.73 -7.90
C LYS A 54 10.20 0.60 -9.24
N LYS A 55 10.38 -0.51 -9.98
CA LYS A 55 9.65 -0.85 -11.21
C LYS A 55 8.90 -2.17 -11.04
N ILE A 56 7.59 -2.13 -11.21
CA ILE A 56 6.68 -3.24 -10.92
C ILE A 56 6.05 -3.75 -12.23
N THR A 57 5.82 -5.05 -12.38
CA THR A 57 5.18 -5.64 -13.57
C THR A 57 3.88 -6.35 -13.21
N PHE A 58 2.75 -5.90 -13.79
CA PHE A 58 1.41 -6.45 -13.63
C PHE A 58 1.18 -7.74 -14.45
N ALA A 59 0.15 -8.49 -14.09
CA ALA A 59 -0.25 -9.81 -14.59
C ALA A 59 -0.14 -10.04 -16.10
N GLU A 60 0.17 -11.29 -16.46
CA GLU A 60 0.20 -11.80 -17.83
C GLU A 60 -1.19 -11.87 -18.48
N GLY A 61 -1.25 -11.81 -19.81
CA GLY A 61 -2.46 -12.01 -20.60
C GLY A 61 -2.37 -11.25 -21.93
N ASN A 62 -1.67 -11.83 -22.90
CA ASN A 62 -1.22 -11.24 -24.17
C ASN A 62 -0.25 -10.05 -24.06
N GLU A 63 -0.38 -9.22 -23.03
CA GLU A 63 0.56 -8.16 -22.66
C GLU A 63 0.41 -7.80 -21.18
N PHE A 64 1.54 -7.64 -20.48
CA PHE A 64 1.61 -7.17 -19.09
C PHE A 64 1.26 -5.68 -18.93
N LYS A 65 1.07 -5.19 -17.69
CA LYS A 65 1.01 -3.73 -17.42
C LYS A 65 2.25 -3.23 -16.68
N TYR A 66 2.66 -2.01 -17.01
CA TYR A 66 3.85 -1.34 -16.50
C TYR A 66 3.47 -0.31 -15.42
N MET A 67 4.23 -0.32 -14.30
CA MET A 67 4.15 0.69 -13.24
C MET A 67 5.54 0.94 -12.62
N LYS A 68 5.72 2.11 -12.00
CA LYS A 68 6.82 2.41 -11.09
C LYS A 68 6.28 2.88 -9.73
N HIS A 69 6.84 2.37 -8.65
CA HIS A 69 6.60 2.79 -7.25
C HIS A 69 7.74 3.69 -6.77
N LYS A 70 7.55 4.42 -5.66
CA LYS A 70 8.66 4.92 -4.85
C LYS A 70 8.32 4.79 -3.38
N VAL A 71 9.31 4.53 -2.54
CA VAL A 71 9.19 4.78 -1.10
C VAL A 71 9.22 6.30 -0.90
N GLU A 72 8.38 6.86 -0.03
CA GLU A 72 8.03 8.30 -0.02
C GLU A 72 8.30 9.00 1.33
N GLU A 73 8.26 8.25 2.43
CA GLU A 73 8.69 8.65 3.78
C GLU A 73 8.73 7.42 4.69
N ILE A 74 9.63 7.46 5.67
CA ILE A 74 9.70 6.52 6.80
C ILE A 74 9.97 7.36 8.04
N ASP A 75 9.11 7.25 9.06
CA ASP A 75 9.31 7.92 10.34
C ASP A 75 9.14 6.96 11.52
N HIS A 76 10.14 6.94 12.41
CA HIS A 76 10.14 6.18 13.66
C HIS A 76 9.60 6.98 14.86
N ALA A 77 9.39 8.31 14.76
CA ALA A 77 8.78 9.10 15.84
C ALA A 77 7.25 8.94 15.91
N ASN A 78 6.54 9.21 14.81
CA ASN A 78 5.09 9.00 14.67
C ASN A 78 4.73 7.66 13.99
N PHE A 79 5.73 6.77 13.84
CA PHE A 79 5.65 5.40 13.31
C PHE A 79 4.84 5.24 12.02
N LYS A 80 5.41 5.74 10.91
CA LYS A 80 4.81 5.65 9.56
C LYS A 80 5.77 5.13 8.50
N TYR A 81 5.20 4.44 7.50
CA TYR A 81 5.83 4.07 6.24
C TYR A 81 4.95 4.55 5.09
N CYS A 82 5.54 4.98 3.98
CA CYS A 82 4.80 5.46 2.81
C CYS A 82 5.47 5.04 1.51
N TYR A 83 4.65 4.67 0.52
CA TYR A 83 5.05 4.60 -0.89
C TYR A 83 4.04 5.33 -1.78
N SER A 84 4.34 5.48 -3.06
CA SER A 84 3.38 5.89 -4.09
C SER A 84 3.66 5.19 -5.41
N ILE A 85 2.64 4.87 -6.20
CA ILE A 85 2.84 4.61 -7.64
C ILE A 85 3.08 5.96 -8.33
N ILE A 86 4.30 6.16 -8.82
CA ILE A 86 4.78 7.41 -9.45
C ILE A 86 4.40 7.52 -10.93
N GLU A 87 4.12 6.39 -11.58
CA GLU A 87 3.88 6.25 -13.02
C GLU A 87 3.26 4.87 -13.30
N GLY A 88 2.37 4.77 -14.29
CA GLY A 88 2.00 3.48 -14.88
C GLY A 88 0.69 3.48 -15.66
N GLY A 89 0.44 2.40 -16.40
CA GLY A 89 -0.82 2.18 -17.12
C GLY A 89 -2.06 2.27 -16.20
N PRO A 90 -2.03 1.64 -15.01
CA PRO A 90 -2.97 1.85 -13.92
C PRO A 90 -3.28 3.30 -13.51
N LEU A 91 -2.37 4.26 -13.69
CA LEU A 91 -2.65 5.70 -13.50
C LEU A 91 -3.23 6.42 -14.72
N GLY A 92 -2.68 6.17 -15.91
CA GLY A 92 -2.53 7.18 -16.97
C GLY A 92 -3.81 7.80 -17.55
N HIS A 93 -4.97 7.16 -17.37
CA HIS A 93 -6.28 7.63 -17.82
C HIS A 93 -6.79 8.87 -17.06
N THR A 94 -6.49 8.99 -15.76
CA THR A 94 -7.03 10.05 -14.88
C THR A 94 -6.05 10.56 -13.82
N LEU A 95 -4.99 9.81 -13.49
CA LEU A 95 -4.20 10.04 -12.26
C LEU A 95 -2.76 10.48 -12.52
N GLU A 96 -2.26 11.35 -11.65
CA GLU A 96 -0.85 11.71 -11.52
C GLU A 96 -0.09 10.71 -10.65
N LYS A 97 -0.73 10.22 -9.57
CA LYS A 97 -0.16 9.28 -8.59
C LYS A 97 -1.23 8.65 -7.69
N ILE A 98 -0.87 7.54 -7.04
CA ILE A 98 -1.62 6.98 -5.90
C ILE A 98 -0.65 6.73 -4.73
N PRO A 99 -0.50 7.66 -3.77
CA PRO A 99 0.19 7.40 -2.52
C PRO A 99 -0.53 6.43 -1.59
N TYR A 100 0.24 5.70 -0.80
CA TYR A 100 -0.17 4.74 0.22
C TYR A 100 0.55 5.05 1.52
N GLU A 101 -0.17 5.15 2.63
CA GLU A 101 0.37 5.52 3.93
C GLU A 101 -0.01 4.50 5.00
N ILE A 102 0.99 4.06 5.75
CA ILE A 102 0.88 2.98 6.70
C ILE A 102 1.28 3.52 8.08
N LYS A 103 0.49 3.29 9.13
CA LYS A 103 0.80 3.72 10.49
C LYS A 103 0.85 2.54 11.45
N MET A 104 1.84 2.49 12.33
CA MET A 104 1.74 1.71 13.56
C MET A 104 1.26 2.61 14.68
N ALA A 105 0.16 2.19 15.27
CA ALA A 105 -0.64 2.94 16.21
C ALA A 105 -0.61 2.27 17.59
N ALA A 106 -0.71 3.09 18.63
CA ALA A 106 -0.84 2.63 20.01
C ALA A 106 -2.07 1.71 20.16
N ALA A 107 -1.99 0.73 21.05
CA ALA A 107 -3.12 -0.12 21.42
C ALA A 107 -3.37 -0.07 22.94
N PRO A 108 -4.61 -0.33 23.40
CA PRO A 108 -4.94 -0.46 24.81
C PRO A 108 -4.06 -1.50 25.51
N HIS A 109 -3.77 -2.61 24.83
CA HIS A 109 -2.65 -3.50 25.13
C HIS A 109 -1.31 -2.83 24.79
N GLY A 110 -0.50 -2.49 25.79
CA GLY A 110 0.88 -2.01 25.56
C GLY A 110 1.76 -3.10 24.93
N GLY A 111 1.43 -4.38 25.14
CA GLY A 111 2.03 -5.55 24.50
C GLY A 111 1.53 -5.85 23.08
N GLY A 112 0.83 -4.93 22.41
CA GLY A 112 0.37 -5.09 21.03
C GLY A 112 0.34 -3.77 20.28
N SER A 113 -0.23 -3.76 19.08
CA SER A 113 -0.42 -2.56 18.26
C SER A 113 -1.71 -2.60 17.44
N ILE A 114 -2.13 -1.42 16.99
CA ILE A 114 -3.02 -1.24 15.84
C ILE A 114 -2.11 -0.96 14.63
N LEU A 115 -2.43 -1.48 13.45
CA LEU A 115 -1.71 -1.19 12.20
C LEU A 115 -2.69 -0.64 11.17
N LYS A 116 -2.64 0.67 10.92
CA LYS A 116 -3.54 1.36 10.00
C LYS A 116 -2.97 1.40 8.58
N ILE A 117 -3.83 1.19 7.58
CA ILE A 117 -3.50 1.22 6.15
C ILE A 117 -4.36 2.29 5.45
N THR A 118 -3.75 3.15 4.63
CA THR A 118 -4.39 4.24 3.87
C THR A 118 -3.91 4.23 2.41
N SER A 119 -4.80 4.59 1.47
CA SER A 119 -4.46 4.88 0.07
C SER A 119 -5.19 6.16 -0.38
N LYS A 120 -4.55 6.96 -1.25
CA LYS A 120 -5.08 8.21 -1.80
C LYS A 120 -4.75 8.31 -3.28
N TYR A 121 -5.65 8.87 -4.06
CA TYR A 121 -5.68 8.85 -5.51
C TYR A 121 -5.75 10.30 -5.99
N HIS A 122 -4.80 10.76 -6.80
CA HIS A 122 -4.66 12.17 -7.17
C HIS A 122 -4.61 12.37 -8.69
N THR A 123 -5.36 13.34 -9.22
CA THR A 123 -5.62 13.49 -10.66
C THR A 123 -4.47 14.10 -11.47
N LYS A 124 -4.36 13.67 -12.73
CA LYS A 124 -3.46 14.27 -13.72
C LYS A 124 -3.95 15.67 -14.09
N GLY A 125 -3.18 16.69 -13.75
CA GLY A 125 -3.60 18.10 -13.86
C GLY A 125 -4.93 18.39 -13.15
N ASN A 126 -5.72 19.32 -13.69
CA ASN A 126 -7.02 19.71 -13.14
C ASN A 126 -8.20 18.81 -13.60
N ALA A 127 -7.94 17.72 -14.34
CA ALA A 127 -8.98 16.76 -14.74
C ALA A 127 -9.65 16.08 -13.54
N SER A 128 -10.88 15.63 -13.73
CA SER A 128 -11.67 14.89 -12.73
C SER A 128 -11.41 13.38 -12.81
N ILE A 129 -11.45 12.70 -11.65
CA ILE A 129 -11.46 11.24 -11.58
C ILE A 129 -12.84 10.69 -12.00
N ASN A 130 -12.87 9.54 -12.65
CA ASN A 130 -14.07 8.72 -12.80
C ASN A 130 -14.50 8.19 -11.44
N GLU A 131 -15.79 8.31 -11.14
CA GLU A 131 -16.49 7.41 -10.22
C GLU A 131 -16.20 5.96 -10.61
N GLU A 132 -16.00 5.69 -11.90
CA GLU A 132 -15.66 4.31 -12.33
C GLU A 132 -14.25 3.89 -11.87
N GLU A 133 -13.33 4.85 -11.68
CA GLU A 133 -12.03 4.65 -11.02
C GLU A 133 -12.07 4.74 -9.49
N ILE A 134 -12.98 5.52 -8.89
CA ILE A 134 -13.18 5.56 -7.43
C ILE A 134 -13.70 4.20 -6.96
N LYS A 135 -14.82 3.76 -7.54
CA LYS A 135 -15.58 2.59 -7.10
C LYS A 135 -14.75 1.31 -7.26
N ALA A 136 -14.12 1.17 -8.42
CA ALA A 136 -13.08 0.17 -8.63
C ALA A 136 -11.92 0.37 -7.64
N GLY A 137 -11.38 1.59 -7.53
CA GLY A 137 -10.22 1.92 -6.71
C GLY A 137 -10.33 1.47 -5.26
N LYS A 138 -11.31 1.95 -4.48
CA LYS A 138 -11.43 1.56 -3.05
C LYS A 138 -11.65 0.07 -2.82
N GLU A 139 -12.35 -0.55 -3.74
CA GLU A 139 -12.81 -1.94 -3.69
C GLU A 139 -11.81 -2.99 -4.14
N LYS A 140 -11.08 -2.72 -5.24
CA LYS A 140 -9.74 -3.27 -5.41
C LYS A 140 -8.89 -2.96 -4.18
N ALA A 141 -9.18 -1.88 -3.43
CA ALA A 141 -8.32 -1.57 -2.26
C ALA A 141 -8.73 -2.32 -1.00
N ALA A 142 -10.00 -2.68 -0.84
CA ALA A 142 -10.47 -3.68 0.11
C ALA A 142 -9.89 -5.07 -0.23
N GLY A 143 -9.67 -5.38 -1.51
CA GLY A 143 -8.93 -6.57 -1.94
C GLY A 143 -7.52 -6.61 -1.35
N LEU A 144 -6.78 -5.52 -1.48
CA LEU A 144 -5.45 -5.35 -0.85
C LEU A 144 -5.56 -5.41 0.68
N PHE A 145 -6.34 -4.50 1.28
CA PHE A 145 -6.32 -4.20 2.71
C PHE A 145 -6.97 -5.30 3.56
N LYS A 146 -7.88 -6.14 3.03
CA LYS A 146 -8.41 -7.32 3.75
C LYS A 146 -7.47 -8.50 3.67
N ALA A 147 -6.58 -8.55 2.69
CA ALA A 147 -5.45 -9.46 2.74
C ALA A 147 -4.27 -8.92 3.55
N VAL A 148 -4.13 -7.61 3.74
CA VAL A 148 -3.33 -7.07 4.86
C VAL A 148 -3.97 -7.43 6.21
N GLU A 149 -5.28 -7.24 6.36
CA GLU A 149 -6.01 -7.48 7.62
C GLU A 149 -5.92 -8.97 7.98
N ALA A 150 -6.45 -9.85 7.13
CA ALA A 150 -6.35 -11.28 7.39
C ALA A 150 -4.92 -11.83 7.32
N TYR A 151 -3.95 -11.25 6.60
CA TYR A 151 -2.54 -11.62 6.84
C TYR A 151 -2.17 -11.42 8.32
N LEU A 152 -2.38 -10.21 8.85
CA LEU A 152 -2.06 -9.80 10.23
C LEU A 152 -2.84 -10.60 11.27
N LEU A 153 -4.17 -10.54 11.20
CA LEU A 153 -5.10 -11.21 12.12
C LEU A 153 -4.90 -12.73 12.13
N ALA A 154 -4.89 -13.38 10.95
CA ALA A 154 -4.83 -14.83 10.84
C ALA A 154 -3.42 -15.42 10.98
N HIS A 155 -2.38 -14.60 11.21
CA HIS A 155 -0.99 -15.07 11.35
C HIS A 155 -0.86 -16.07 12.52
N PRO A 156 -0.48 -17.34 12.27
CA PRO A 156 -0.54 -18.39 13.29
C PRO A 156 0.60 -18.31 14.31
N ASP A 157 1.72 -17.66 13.97
CA ASP A 157 2.97 -17.67 14.75
C ASP A 157 3.28 -16.32 15.44
N ALA A 158 2.31 -15.41 15.50
CA ALA A 158 2.51 -14.01 15.88
C ALA A 158 3.11 -13.79 17.28
N TYR A 159 2.99 -14.76 18.18
CA TYR A 159 3.60 -14.80 19.53
C TYR A 159 5.13 -15.01 19.56
N CYS A 160 5.77 -14.88 18.40
CA CYS A 160 7.22 -15.01 18.16
C CYS A 160 7.80 -13.74 17.56
N GLY A 1 -8.75 16.21 -7.57
CA GLY A 1 -9.64 15.60 -6.58
C GLY A 1 -9.03 14.36 -5.98
N VAL A 2 -9.51 13.95 -4.81
CA VAL A 2 -9.08 12.73 -4.08
C VAL A 2 -10.27 11.91 -3.61
N PHE A 3 -10.30 10.62 -3.97
CA PHE A 3 -11.11 9.59 -3.29
C PHE A 3 -10.25 8.84 -2.26
N SER A 4 -10.83 8.27 -1.19
CA SER A 4 -10.09 7.54 -0.15
C SER A 4 -10.83 6.31 0.36
N TYR A 5 -10.09 5.34 0.92
CA TYR A 5 -10.61 4.13 1.55
C TYR A 5 -9.71 3.64 2.69
N GLU A 6 -10.30 3.15 3.77
CA GLU A 6 -9.60 2.81 5.02
C GLU A 6 -10.14 1.55 5.72
N ASP A 7 -9.24 0.79 6.33
CA ASP A 7 -9.53 -0.35 7.22
C ASP A 7 -8.44 -0.45 8.31
N GLU A 8 -8.74 -1.01 9.49
CA GLU A 8 -7.78 -1.09 10.59
C GLU A 8 -7.71 -2.45 11.29
N ALA A 9 -6.49 -2.99 11.31
CA ALA A 9 -6.15 -4.33 11.78
C ALA A 9 -5.65 -4.32 13.23
N THR A 10 -5.39 -5.49 13.81
CA THR A 10 -4.80 -5.65 15.14
C THR A 10 -3.80 -6.80 15.17
N SER A 11 -2.82 -6.75 16.08
CA SER A 11 -1.89 -7.84 16.33
C SER A 11 -1.55 -7.94 17.82
N VAL A 12 -1.25 -9.16 18.30
CA VAL A 12 -0.67 -9.36 19.65
C VAL A 12 0.73 -8.77 19.77
N ILE A 13 1.42 -8.51 18.64
CA ILE A 13 2.74 -7.86 18.59
C ILE A 13 2.62 -6.34 18.83
N PRO A 14 3.49 -5.72 19.66
CA PRO A 14 3.45 -4.28 19.93
C PRO A 14 3.91 -3.43 18.71
N PRO A 15 3.49 -2.16 18.62
CA PRO A 15 3.62 -1.38 17.38
C PRO A 15 5.06 -1.10 16.96
N ALA A 16 6.03 -0.97 17.89
CA ALA A 16 7.43 -0.77 17.52
C ALA A 16 8.05 -1.98 16.79
N ARG A 17 7.73 -3.20 17.22
CA ARG A 17 8.11 -4.42 16.49
C ARG A 17 7.32 -4.52 15.18
N LEU A 18 6.02 -4.24 15.21
CA LEU A 18 5.18 -4.27 14.00
C LEU A 18 5.57 -3.28 12.89
N PHE A 19 6.24 -2.24 13.33
CA PHE A 19 6.80 -1.17 12.51
C PHE A 19 7.80 -1.65 11.50
N LYS A 20 8.84 -2.14 12.11
CA LYS A 20 10.02 -2.73 11.43
C LYS A 20 9.77 -4.05 10.70
N SER A 21 8.71 -4.68 11.13
CA SER A 21 8.11 -5.89 10.56
C SER A 21 7.36 -5.54 9.27
N PHE A 22 6.44 -4.58 9.31
CA PHE A 22 5.73 -4.09 8.13
C PHE A 22 6.68 -3.47 7.10
N VAL A 23 7.72 -2.74 7.51
CA VAL A 23 8.82 -2.27 6.62
C VAL A 23 9.41 -3.43 5.82
N LEU A 24 9.67 -4.56 6.48
CA LEU A 24 10.22 -5.77 5.87
C LEU A 24 9.18 -6.64 5.13
N ASP A 25 7.89 -6.33 5.26
CA ASP A 25 6.76 -7.04 4.64
C ASP A 25 5.95 -6.13 3.66
N ALA A 26 6.52 -4.99 3.30
CA ALA A 26 5.90 -3.94 2.48
C ALA A 26 5.81 -4.32 1.01
N ASP A 27 6.95 -4.66 0.41
CA ASP A 27 7.01 -5.28 -0.91
C ASP A 27 6.34 -6.66 -0.88
N ASN A 28 6.32 -7.30 0.29
CA ASN A 28 5.63 -8.59 0.48
C ASN A 28 4.09 -8.47 0.40
N LEU A 29 3.51 -7.26 0.52
CA LEU A 29 2.07 -7.04 0.30
C LEU A 29 1.63 -7.60 -1.04
N ILE A 30 2.37 -7.32 -2.11
CA ILE A 30 1.98 -7.66 -3.49
C ILE A 30 1.69 -9.17 -3.65
N PRO A 31 2.61 -10.11 -3.36
CA PRO A 31 2.33 -11.55 -3.45
C PRO A 31 1.32 -12.09 -2.42
N LYS A 32 1.12 -11.44 -1.25
CA LYS A 32 0.16 -11.89 -0.21
C LYS A 32 -1.26 -11.33 -0.33
N VAL A 33 -1.47 -10.19 -1.01
CA VAL A 33 -2.80 -9.55 -1.18
C VAL A 33 -3.23 -9.31 -2.63
N ALA A 34 -2.35 -9.52 -3.62
CA ALA A 34 -2.73 -9.56 -5.04
C ALA A 34 -1.90 -10.64 -5.78
N PRO A 35 -2.16 -11.93 -5.53
CA PRO A 35 -1.24 -13.01 -5.91
C PRO A 35 -1.18 -13.26 -7.42
N GLN A 36 -2.31 -13.49 -8.10
CA GLN A 36 -2.31 -13.72 -9.56
C GLN A 36 -2.00 -12.46 -10.38
N HIS A 37 -2.04 -11.29 -9.76
CA HIS A 37 -1.95 -9.98 -10.43
C HIS A 37 -0.53 -9.59 -10.84
N PHE A 38 0.53 -10.09 -10.21
CA PHE A 38 1.90 -9.60 -10.43
C PHE A 38 2.95 -10.70 -10.64
N THR A 39 3.95 -10.35 -11.44
CA THR A 39 5.06 -11.22 -11.89
C THR A 39 6.38 -10.88 -11.21
N SER A 40 6.65 -9.59 -10.98
CA SER A 40 7.89 -9.11 -10.37
C SER A 40 7.75 -7.69 -9.81
N ALA A 41 8.65 -7.35 -8.90
CA ALA A 41 8.90 -6.00 -8.42
C ALA A 41 10.41 -5.73 -8.42
N GLU A 42 10.80 -4.57 -8.95
CA GLU A 42 12.21 -4.22 -9.16
C GLU A 42 12.55 -2.87 -8.53
N ASN A 43 13.74 -2.73 -7.93
CA ASN A 43 14.24 -1.40 -7.56
C ASN A 43 14.65 -0.66 -8.84
N LEU A 44 14.13 0.55 -9.03
CA LEU A 44 14.35 1.34 -10.25
C LEU A 44 15.33 2.49 -10.02
N GLU A 45 15.15 3.27 -8.95
CA GLU A 45 16.08 4.33 -8.57
C GLU A 45 15.98 4.66 -7.08
N GLY A 46 17.11 4.64 -6.38
CA GLY A 46 17.24 5.03 -4.98
C GLY A 46 17.79 3.90 -4.10
N ASN A 47 18.32 4.29 -2.94
CA ASN A 47 19.09 3.45 -2.03
C ASN A 47 18.25 2.54 -1.10
N GLY A 48 16.92 2.49 -1.30
CA GLY A 48 15.98 1.64 -0.58
C GLY A 48 15.11 2.37 0.44
N GLY A 49 15.52 3.57 0.89
CA GLY A 49 14.75 4.42 1.80
C GLY A 49 13.58 5.14 1.13
N PRO A 50 12.71 5.81 1.91
CA PRO A 50 11.56 6.54 1.37
C PRO A 50 12.06 7.73 0.52
N GLY A 51 11.65 7.75 -0.74
CA GLY A 51 12.26 8.52 -1.83
C GLY A 51 12.70 7.64 -3.00
N THR A 52 12.86 6.33 -2.77
CA THR A 52 13.22 5.32 -3.77
C THR A 52 12.01 4.88 -4.63
N ILE A 53 12.16 4.89 -5.96
CA ILE A 53 11.20 4.37 -6.94
C ILE A 53 11.53 2.91 -7.32
N LYS A 54 10.49 2.11 -7.55
CA LYS A 54 10.48 0.69 -7.95
C LYS A 54 9.68 0.52 -9.26
N LYS A 55 10.12 -0.34 -10.19
CA LYS A 55 9.36 -0.75 -11.38
C LYS A 55 8.68 -2.09 -11.11
N ILE A 56 7.35 -2.11 -11.15
CA ILE A 56 6.53 -3.28 -10.81
C ILE A 56 5.93 -3.85 -12.11
N THR A 57 5.79 -5.18 -12.23
CA THR A 57 5.24 -5.84 -13.44
C THR A 57 4.01 -6.67 -13.14
N PHE A 58 2.87 -6.28 -13.72
CA PHE A 58 1.60 -7.02 -13.68
C PHE A 58 1.65 -8.26 -14.58
N ALA A 59 0.86 -9.28 -14.25
CA ALA A 59 0.75 -10.58 -14.90
C ALA A 59 0.38 -10.56 -16.41
N GLU A 60 0.49 -11.73 -17.07
CA GLU A 60 0.15 -11.89 -18.49
C GLU A 60 -1.34 -11.66 -18.77
N GLY A 61 -1.66 -11.07 -19.93
CA GLY A 61 -3.04 -10.79 -20.34
C GLY A 61 -3.09 -9.94 -21.61
N ASN A 62 -2.86 -10.57 -22.76
CA ASN A 62 -2.54 -10.00 -24.08
C ASN A 62 -1.23 -9.17 -24.12
N GLU A 63 -0.93 -8.40 -23.08
CA GLU A 63 0.40 -7.88 -22.72
C GLU A 63 0.46 -7.67 -21.20
N PHE A 64 1.64 -7.84 -20.58
CA PHE A 64 1.87 -7.48 -19.18
C PHE A 64 1.59 -5.99 -18.91
N LYS A 65 1.17 -5.60 -17.70
CA LYS A 65 0.99 -4.16 -17.38
C LYS A 65 2.21 -3.59 -16.67
N TYR A 66 2.54 -2.35 -17.03
CA TYR A 66 3.63 -1.56 -16.47
C TYR A 66 3.10 -0.57 -15.42
N MET A 67 3.69 -0.60 -14.23
CA MET A 67 3.51 0.41 -13.18
C MET A 67 4.85 0.71 -12.48
N LYS A 68 4.96 1.89 -11.85
CA LYS A 68 6.05 2.25 -10.94
C LYS A 68 5.50 2.60 -9.57
N HIS A 69 6.07 2.03 -8.51
CA HIS A 69 5.81 2.35 -7.11
C HIS A 69 6.92 3.23 -6.54
N LYS A 70 6.72 3.89 -5.39
CA LYS A 70 7.80 4.49 -4.61
C LYS A 70 7.49 4.40 -3.13
N VAL A 71 8.51 4.13 -2.34
CA VAL A 71 8.45 4.33 -0.89
C VAL A 71 8.44 5.85 -0.65
N GLU A 72 7.61 6.37 0.27
CA GLU A 72 7.23 7.79 0.29
C GLU A 72 7.55 8.50 1.61
N GLU A 73 7.44 7.80 2.73
CA GLU A 73 7.94 8.15 4.06
C GLU A 73 7.89 6.90 4.96
N ILE A 74 8.86 6.77 5.85
CA ILE A 74 8.89 5.72 6.88
C ILE A 74 9.33 6.41 8.16
N ASP A 75 8.52 6.36 9.20
CA ASP A 75 8.78 7.08 10.45
C ASP A 75 8.68 6.23 11.71
N HIS A 76 9.70 6.27 12.58
CA HIS A 76 9.58 5.78 13.95
C HIS A 76 8.77 6.74 14.82
N ALA A 77 8.94 8.06 14.69
CA ALA A 77 8.46 9.03 15.69
C ALA A 77 6.93 9.11 15.79
N ASN A 78 6.21 8.91 14.68
CA ASN A 78 4.76 8.68 14.66
C ASN A 78 4.36 7.29 14.12
N PHE A 79 5.31 6.34 14.09
CA PHE A 79 5.16 4.93 13.69
C PHE A 79 4.30 4.73 12.42
N LYS A 80 4.85 5.11 11.26
CA LYS A 80 4.19 4.98 9.94
C LYS A 80 5.06 4.39 8.83
N TYR A 81 4.40 3.77 7.86
CA TYR A 81 4.94 3.42 6.55
C TYR A 81 4.10 4.07 5.44
N CYS A 82 4.71 4.48 4.34
CA CYS A 82 4.03 5.04 3.17
C CYS A 82 4.68 4.60 1.86
N TYR A 83 3.86 4.26 0.87
CA TYR A 83 4.27 4.16 -0.54
C TYR A 83 3.19 4.74 -1.46
N SER A 84 3.47 4.83 -2.75
CA SER A 84 2.50 5.20 -3.77
C SER A 84 2.80 4.51 -5.10
N ILE A 85 1.78 4.23 -5.91
CA ILE A 85 1.96 4.04 -7.36
C ILE A 85 2.08 5.43 -8.02
N ILE A 86 3.25 5.71 -8.60
CA ILE A 86 3.63 7.01 -9.17
C ILE A 86 3.22 7.15 -10.64
N GLU A 87 3.01 6.03 -11.33
CA GLU A 87 2.80 5.93 -12.78
C GLU A 87 2.35 4.50 -13.15
N GLY A 88 1.55 4.35 -14.21
CA GLY A 88 1.26 3.06 -14.84
C GLY A 88 -0.04 3.06 -15.65
N GLY A 89 -0.19 2.09 -16.56
CA GLY A 89 -1.42 1.92 -17.35
C GLY A 89 -2.71 1.85 -16.50
N PRO A 90 -2.72 1.09 -15.39
CA PRO A 90 -3.79 1.10 -14.39
C PRO A 90 -4.18 2.46 -13.78
N LEU A 91 -3.28 3.46 -13.73
CA LEU A 91 -3.60 4.85 -13.36
C LEU A 91 -4.09 5.75 -14.50
N GLY A 92 -3.41 5.70 -15.65
CA GLY A 92 -3.22 6.86 -16.53
C GLY A 92 -4.47 7.50 -17.13
N HIS A 93 -5.58 6.76 -17.23
CA HIS A 93 -6.87 7.27 -17.70
C HIS A 93 -7.42 8.43 -16.84
N THR A 94 -7.17 8.46 -15.53
CA THR A 94 -7.75 9.45 -14.61
C THR A 94 -6.84 9.90 -13.47
N LEU A 95 -5.83 9.11 -13.08
CA LEU A 95 -5.07 9.32 -11.85
C LEU A 95 -3.64 9.79 -12.10
N GLU A 96 -3.18 10.71 -11.26
CA GLU A 96 -1.77 11.01 -11.07
C GLU A 96 -1.11 9.89 -10.25
N LYS A 97 -1.77 9.44 -9.18
CA LYS A 97 -1.19 8.52 -8.19
C LYS A 97 -2.25 7.84 -7.31
N ILE A 98 -1.89 6.70 -6.73
CA ILE A 98 -2.59 6.12 -5.57
C ILE A 98 -1.58 5.91 -4.45
N PRO A 99 -1.44 6.88 -3.52
CA PRO A 99 -0.69 6.67 -2.29
C PRO A 99 -1.41 5.75 -1.30
N TYR A 100 -0.60 5.14 -0.43
CA TYR A 100 -1.01 4.25 0.65
C TYR A 100 -0.31 4.68 1.93
N GLU A 101 -1.08 4.84 3.00
CA GLU A 101 -0.62 5.36 4.28
C GLU A 101 -0.95 4.38 5.39
N ILE A 102 0.05 4.02 6.20
CA ILE A 102 -0.04 2.89 7.11
C ILE A 102 0.44 3.32 8.50
N LYS A 103 -0.37 3.14 9.55
CA LYS A 103 0.01 3.46 10.93
C LYS A 103 0.18 2.19 11.76
N MET A 104 1.30 2.04 12.45
CA MET A 104 1.36 1.17 13.62
C MET A 104 0.94 2.00 14.83
N ALA A 105 -0.17 1.56 15.39
CA ALA A 105 -1.08 2.36 16.19
C ALA A 105 -1.21 1.72 17.59
N ALA A 106 -1.34 2.52 18.64
CA ALA A 106 -1.44 2.01 20.00
C ALA A 106 -2.76 1.24 20.24
N ALA A 107 -2.69 0.03 20.76
CA ALA A 107 -3.83 -0.76 21.21
C ALA A 107 -4.28 -0.37 22.64
N PRO A 108 -5.51 -0.71 23.07
CA PRO A 108 -5.93 -0.52 24.46
C PRO A 108 -5.00 -1.19 25.48
N HIS A 109 -4.41 -2.34 25.13
CA HIS A 109 -3.43 -3.08 25.94
C HIS A 109 -2.04 -2.94 25.29
N GLY A 110 -1.18 -2.12 25.87
CA GLY A 110 0.02 -1.55 25.22
C GLY A 110 1.06 -2.57 24.72
N GLY A 111 1.03 -3.81 25.23
CA GLY A 111 1.87 -4.92 24.76
C GLY A 111 1.50 -5.49 23.38
N GLY A 112 0.49 -4.95 22.70
CA GLY A 112 0.03 -5.31 21.36
C GLY A 112 -0.22 -4.05 20.52
N SER A 113 -0.80 -4.18 19.33
CA SER A 113 -0.97 -3.06 18.38
C SER A 113 -2.28 -3.08 17.61
N ILE A 114 -2.67 -1.90 17.14
CA ILE A 114 -3.53 -1.71 15.96
C ILE A 114 -2.60 -1.45 14.77
N LEU A 115 -2.99 -1.88 13.56
CA LEU A 115 -2.29 -1.53 12.32
C LEU A 115 -3.31 -0.97 11.32
N LYS A 116 -3.31 0.35 11.14
CA LYS A 116 -4.25 1.04 10.25
C LYS A 116 -3.72 1.01 8.82
N ILE A 117 -4.59 0.73 7.86
CA ILE A 117 -4.31 0.73 6.41
C ILE A 117 -5.20 1.77 5.72
N THR A 118 -4.61 2.65 4.91
CA THR A 118 -5.31 3.71 4.14
C THR A 118 -4.83 3.70 2.69
N SER A 119 -5.74 3.92 1.74
CA SER A 119 -5.42 4.20 0.33
C SER A 119 -6.17 5.46 -0.12
N LYS A 120 -5.50 6.28 -0.94
CA LYS A 120 -5.97 7.58 -1.42
C LYS A 120 -5.67 7.69 -2.91
N TYR A 121 -6.59 8.26 -3.69
CA TYR A 121 -6.64 8.14 -5.14
C TYR A 121 -6.72 9.55 -5.75
N HIS A 122 -5.60 10.09 -6.23
CA HIS A 122 -5.47 11.50 -6.65
C HIS A 122 -5.42 11.64 -8.17
N THR A 123 -6.21 12.57 -8.71
CA THR A 123 -6.45 12.74 -10.15
C THR A 123 -5.28 13.35 -10.92
N LYS A 124 -5.23 13.09 -12.24
CA LYS A 124 -4.25 13.69 -13.15
C LYS A 124 -4.60 15.16 -13.40
N GLY A 125 -3.79 16.07 -12.84
CA GLY A 125 -4.19 17.47 -12.62
C GLY A 125 -5.56 17.59 -11.95
N ASN A 126 -6.35 18.56 -12.42
CA ASN A 126 -7.74 18.78 -11.98
C ASN A 126 -8.77 17.85 -12.66
N ALA A 127 -8.35 16.80 -13.37
CA ALA A 127 -9.29 15.93 -14.09
C ALA A 127 -10.31 15.27 -13.14
N SER A 128 -11.54 15.06 -13.60
CA SER A 128 -12.57 14.37 -12.83
C SER A 128 -12.31 12.86 -12.79
N ILE A 129 -12.44 12.23 -11.62
CA ILE A 129 -12.35 10.76 -11.48
C ILE A 129 -13.66 10.09 -11.95
N ASN A 130 -13.53 8.92 -12.58
CA ASN A 130 -14.63 7.97 -12.79
C ASN A 130 -15.13 7.45 -11.44
N GLU A 131 -16.43 7.56 -11.21
CA GLU A 131 -17.14 6.69 -10.28
C GLU A 131 -16.95 5.23 -10.67
N GLU A 132 -16.73 4.94 -11.96
CA GLU A 132 -16.37 3.57 -12.38
C GLU A 132 -15.00 3.15 -11.82
N GLU A 133 -14.03 4.07 -11.67
CA GLU A 133 -12.76 3.81 -11.00
C GLU A 133 -12.84 3.89 -9.47
N ILE A 134 -13.75 4.69 -8.90
CA ILE A 134 -14.03 4.71 -7.45
C ILE A 134 -14.57 3.34 -7.01
N LYS A 135 -15.61 2.85 -7.69
CA LYS A 135 -16.37 1.67 -7.27
C LYS A 135 -15.56 0.38 -7.41
N ALA A 136 -14.81 0.24 -8.51
CA ALA A 136 -13.73 -0.73 -8.58
C ALA A 136 -12.66 -0.45 -7.52
N GLY A 137 -12.30 0.82 -7.30
CA GLY A 137 -11.33 1.29 -6.32
C GLY A 137 -11.53 0.74 -4.91
N LYS A 138 -12.67 1.00 -4.26
CA LYS A 138 -12.93 0.54 -2.87
C LYS A 138 -13.01 -0.98 -2.72
N GLU A 139 -13.49 -1.63 -3.74
CA GLU A 139 -13.77 -3.06 -3.81
C GLU A 139 -12.59 -3.96 -4.16
N LYS A 140 -11.74 -3.50 -5.09
CA LYS A 140 -10.32 -3.85 -5.05
C LYS A 140 -9.77 -3.57 -3.66
N ALA A 141 -10.28 -2.56 -2.94
CA ALA A 141 -9.61 -2.17 -1.69
C ALA A 141 -10.03 -3.05 -0.50
N ALA A 142 -11.27 -3.57 -0.49
CA ALA A 142 -11.66 -4.70 0.32
C ALA A 142 -10.82 -5.95 -0.01
N GLY A 143 -10.60 -6.22 -1.31
CA GLY A 143 -9.69 -7.28 -1.76
C GLY A 143 -8.31 -7.18 -1.12
N LEU A 144 -7.65 -6.03 -1.27
CA LEU A 144 -6.36 -5.75 -0.64
C LEU A 144 -6.45 -5.83 0.89
N PHE A 145 -7.29 -5.02 1.52
CA PHE A 145 -7.25 -4.74 2.96
C PHE A 145 -7.83 -5.87 3.81
N LYS A 146 -8.71 -6.73 3.28
CA LYS A 146 -9.16 -7.96 3.94
C LYS A 146 -8.16 -9.09 3.76
N ALA A 147 -7.29 -9.05 2.75
CA ALA A 147 -6.14 -9.92 2.68
C ALA A 147 -4.92 -9.41 3.45
N VAL A 148 -4.82 -8.10 3.74
CA VAL A 148 -3.98 -7.58 4.84
C VAL A 148 -4.56 -8.01 6.19
N GLU A 149 -5.87 -7.83 6.41
CA GLU A 149 -6.52 -8.12 7.68
C GLU A 149 -6.53 -9.61 7.99
N ALA A 150 -7.08 -10.45 7.12
CA ALA A 150 -7.05 -11.90 7.35
C ALA A 150 -5.62 -12.45 7.36
N TYR A 151 -4.67 -11.92 6.59
CA TYR A 151 -3.25 -12.22 6.88
C TYR A 151 -2.86 -11.95 8.35
N LEU A 152 -3.09 -10.73 8.85
CA LEU A 152 -2.72 -10.28 10.20
C LEU A 152 -3.47 -11.00 11.33
N LEU A 153 -4.81 -10.93 11.32
CA LEU A 153 -5.69 -11.48 12.34
C LEU A 153 -5.70 -13.01 12.35
N ALA A 154 -5.79 -13.64 11.18
CA ALA A 154 -5.88 -15.10 11.06
C ALA A 154 -4.50 -15.79 11.11
N HIS A 155 -3.40 -15.05 11.29
CA HIS A 155 -2.06 -15.60 11.60
C HIS A 155 -2.10 -16.47 12.88
N PRO A 156 -1.80 -17.78 12.82
CA PRO A 156 -1.98 -18.69 13.96
C PRO A 156 -0.82 -18.67 14.97
N ASP A 157 0.35 -18.13 14.58
CA ASP A 157 1.61 -18.19 15.34
C ASP A 157 2.12 -16.80 15.78
N ALA A 158 1.29 -15.75 15.70
CA ALA A 158 1.72 -14.36 15.90
C ALA A 158 2.21 -14.04 17.32
N TYR A 159 1.95 -14.90 18.30
CA TYR A 159 2.43 -14.81 19.68
C TYR A 159 3.94 -15.12 19.88
N CYS A 160 4.70 -15.14 18.78
CA CYS A 160 6.12 -15.47 18.70
C CYS A 160 6.91 -14.28 18.14
N GLY A 1 -10.62 15.54 -8.82
CA GLY A 1 -10.40 15.69 -7.38
C GLY A 1 -9.73 14.46 -6.81
N VAL A 2 -10.12 14.06 -5.60
CA VAL A 2 -9.52 12.91 -4.89
C VAL A 2 -10.60 12.00 -4.30
N PHE A 3 -10.54 10.71 -4.61
CA PHE A 3 -11.24 9.65 -3.85
C PHE A 3 -10.30 9.05 -2.79
N SER A 4 -10.82 8.51 -1.69
CA SER A 4 -10.03 7.87 -0.61
C SER A 4 -10.72 6.61 -0.07
N TYR A 5 -9.96 5.64 0.43
CA TYR A 5 -10.46 4.39 1.02
C TYR A 5 -9.59 3.93 2.19
N GLU A 6 -10.22 3.48 3.28
CA GLU A 6 -9.58 3.18 4.56
C GLU A 6 -10.03 1.85 5.16
N ASP A 7 -9.11 1.06 5.70
CA ASP A 7 -9.39 -0.07 6.58
C ASP A 7 -8.31 -0.19 7.67
N GLU A 8 -8.63 -0.76 8.83
CA GLU A 8 -7.72 -0.80 9.96
C GLU A 8 -7.74 -2.12 10.74
N ALA A 9 -6.53 -2.65 10.93
CA ALA A 9 -6.23 -3.97 11.49
C ALA A 9 -5.85 -3.92 12.97
N THR A 10 -5.61 -5.08 13.60
CA THR A 10 -5.03 -5.20 14.95
C THR A 10 -4.03 -6.36 15.05
N SER A 11 -3.08 -6.31 15.97
CA SER A 11 -2.07 -7.35 16.17
C SER A 11 -1.57 -7.43 17.61
N VAL A 12 -1.19 -8.62 18.10
CA VAL A 12 -0.44 -8.76 19.36
C VAL A 12 1.03 -8.32 19.26
N ILE A 13 1.50 -7.93 18.07
CA ILE A 13 2.80 -7.26 17.86
C ILE A 13 2.68 -5.78 18.21
N PRO A 14 3.56 -5.19 19.06
CA PRO A 14 3.53 -3.77 19.39
C PRO A 14 4.05 -2.89 18.23
N PRO A 15 3.72 -1.59 18.19
CA PRO A 15 4.03 -0.70 17.07
C PRO A 15 5.49 -0.69 16.64
N ALA A 16 6.45 -0.62 17.57
CA ALA A 16 7.87 -0.55 17.24
C ALA A 16 8.39 -1.78 16.47
N ARG A 17 7.99 -2.99 16.87
CA ARG A 17 8.27 -4.22 16.10
C ARG A 17 7.48 -4.24 14.81
N LEU A 18 6.18 -3.92 14.84
CA LEU A 18 5.33 -4.00 13.64
C LEU A 18 5.70 -3.03 12.52
N PHE A 19 6.34 -1.98 12.95
CA PHE A 19 6.90 -0.89 12.14
C PHE A 19 7.97 -1.35 11.20
N LYS A 20 8.98 -1.79 11.86
CA LYS A 20 10.23 -2.32 11.27
C LYS A 20 10.10 -3.69 10.62
N SER A 21 8.99 -4.32 10.92
CA SER A 21 8.53 -5.58 10.32
C SER A 21 7.80 -5.32 9.01
N PHE A 22 6.75 -4.49 9.03
CA PHE A 22 6.01 -4.07 7.84
C PHE A 22 6.89 -3.32 6.82
N VAL A 23 7.80 -2.44 7.26
CA VAL A 23 8.75 -1.69 6.39
C VAL A 23 9.74 -2.63 5.69
N LEU A 24 10.21 -3.67 6.37
CA LEU A 24 11.04 -4.73 5.78
C LEU A 24 10.24 -5.80 5.02
N ASP A 25 8.91 -5.73 5.02
CA ASP A 25 7.99 -6.65 4.31
C ASP A 25 7.07 -5.88 3.33
N ALA A 26 7.50 -4.71 2.91
CA ALA A 26 6.73 -3.68 2.20
C ALA A 26 6.45 -4.09 0.76
N ASP A 27 7.51 -4.41 0.02
CA ASP A 27 7.42 -5.04 -1.30
C ASP A 27 6.94 -6.49 -1.19
N ASN A 28 7.06 -7.08 0.00
CA ASN A 28 6.51 -8.41 0.27
C ASN A 28 4.96 -8.41 0.39
N LEU A 29 4.31 -7.24 0.53
CA LEU A 29 2.84 -7.13 0.47
C LEU A 29 2.28 -7.70 -0.83
N ILE A 30 2.87 -7.38 -1.98
CA ILE A 30 2.29 -7.73 -3.29
C ILE A 30 2.06 -9.24 -3.45
N PRO A 31 3.05 -10.15 -3.20
CA PRO A 31 2.79 -11.59 -3.23
C PRO A 31 1.76 -12.11 -2.23
N LYS A 32 1.71 -11.55 -1.01
CA LYS A 32 0.80 -11.98 0.07
C LYS A 32 -0.61 -11.39 0.01
N VAL A 33 -0.85 -10.32 -0.77
CA VAL A 33 -2.19 -9.69 -0.90
C VAL A 33 -2.74 -9.61 -2.33
N ALA A 34 -1.91 -9.71 -3.37
CA ALA A 34 -2.30 -9.62 -4.78
C ALA A 34 -1.48 -10.60 -5.65
N PRO A 35 -1.73 -11.93 -5.56
CA PRO A 35 -0.86 -12.96 -6.11
C PRO A 35 -0.87 -13.01 -7.65
N GLN A 36 -2.05 -13.21 -8.29
CA GLN A 36 -2.11 -13.31 -9.76
C GLN A 36 -1.87 -11.98 -10.48
N HIS A 37 -2.06 -10.86 -9.77
CA HIS A 37 -2.14 -9.51 -10.32
C HIS A 37 -0.80 -8.96 -10.86
N PHE A 38 0.33 -9.35 -10.26
CA PHE A 38 1.65 -8.78 -10.58
C PHE A 38 2.68 -9.84 -10.99
N THR A 39 3.68 -9.41 -11.76
CA THR A 39 4.82 -10.22 -12.23
C THR A 39 6.10 -9.92 -11.47
N SER A 40 6.41 -8.64 -11.24
CA SER A 40 7.64 -8.20 -10.59
C SER A 40 7.50 -6.80 -10.01
N ALA A 41 8.32 -6.52 -9.00
CA ALA A 41 8.61 -5.18 -8.52
C ALA A 41 10.12 -4.98 -8.45
N GLU A 42 10.60 -3.86 -8.98
CA GLU A 42 12.04 -3.69 -9.27
C GLU A 42 12.57 -2.29 -8.93
N ASN A 43 13.73 -2.16 -8.27
CA ASN A 43 14.27 -0.83 -7.94
C ASN A 43 14.74 -0.07 -9.19
N LEU A 44 14.27 1.18 -9.37
CA LEU A 44 14.56 2.01 -10.54
C LEU A 44 15.57 3.12 -10.22
N GLU A 45 15.31 3.94 -9.20
CA GLU A 45 16.19 5.05 -8.80
C GLU A 45 15.98 5.45 -7.33
N GLY A 46 17.07 5.51 -6.56
CA GLY A 46 17.09 5.87 -5.14
C GLY A 46 17.65 4.75 -4.25
N ASN A 47 18.05 5.11 -3.03
CA ASN A 47 18.83 4.30 -2.09
C ASN A 47 17.99 3.34 -1.21
N GLY A 48 16.67 3.29 -1.38
CA GLY A 48 15.74 2.44 -0.62
C GLY A 48 15.00 3.13 0.53
N GLY A 49 15.29 4.41 0.80
CA GLY A 49 14.52 5.28 1.68
C GLY A 49 13.38 6.02 0.96
N PRO A 50 12.54 6.78 1.70
CA PRO A 50 11.41 7.50 1.13
C PRO A 50 11.89 8.61 0.20
N GLY A 51 11.45 8.55 -1.05
CA GLY A 51 12.05 9.20 -2.22
C GLY A 51 12.27 8.19 -3.36
N THR A 52 12.70 6.97 -3.03
CA THR A 52 13.12 5.94 -4.00
C THR A 52 11.96 5.43 -4.87
N ILE A 53 12.15 5.42 -6.20
CA ILE A 53 11.22 4.87 -7.19
C ILE A 53 11.55 3.41 -7.53
N LYS A 54 10.52 2.59 -7.67
CA LYS A 54 10.54 1.19 -8.13
C LYS A 54 9.68 1.07 -9.40
N LYS A 55 10.14 0.34 -10.42
CA LYS A 55 9.36 -0.05 -11.61
C LYS A 55 8.67 -1.38 -11.35
N ILE A 56 7.34 -1.39 -11.45
CA ILE A 56 6.50 -2.54 -11.12
C ILE A 56 5.86 -3.07 -12.43
N THR A 57 5.68 -4.38 -12.59
CA THR A 57 5.05 -4.98 -13.77
C THR A 57 3.76 -5.73 -13.39
N PHE A 58 2.63 -5.34 -14.00
CA PHE A 58 1.35 -6.04 -13.87
C PHE A 58 1.35 -7.31 -14.75
N ALA A 59 0.66 -8.35 -14.29
CA ALA A 59 0.71 -9.67 -14.91
C ALA A 59 0.14 -9.71 -16.35
N GLU A 60 0.79 -10.50 -17.19
CA GLU A 60 0.44 -10.76 -18.59
C GLU A 60 -1.01 -11.26 -18.80
N GLY A 61 -1.56 -10.96 -19.98
CA GLY A 61 -2.93 -11.29 -20.37
C GLY A 61 -3.32 -10.48 -21.61
N ASN A 62 -3.00 -10.99 -22.79
CA ASN A 62 -2.86 -10.28 -24.08
C ASN A 62 -1.81 -9.14 -24.09
N GLU A 63 -1.72 -8.34 -23.02
CA GLU A 63 -0.69 -7.33 -22.79
C GLU A 63 -0.41 -7.17 -21.28
N PHE A 64 0.87 -7.16 -20.88
CA PHE A 64 1.27 -6.77 -19.51
C PHE A 64 1.25 -5.24 -19.35
N LYS A 65 1.00 -4.73 -18.13
CA LYS A 65 0.99 -3.27 -17.86
C LYS A 65 2.22 -2.81 -17.08
N TYR A 66 2.64 -1.60 -17.37
CA TYR A 66 3.76 -0.89 -16.75
C TYR A 66 3.27 0.08 -15.67
N MET A 67 4.00 0.13 -14.55
CA MET A 67 3.83 1.13 -13.49
C MET A 67 5.18 1.49 -12.85
N LYS A 68 5.22 2.62 -12.15
CA LYS A 68 6.26 2.97 -11.18
C LYS A 68 5.63 3.36 -9.84
N HIS A 69 6.10 2.76 -8.75
CA HIS A 69 5.81 3.14 -7.37
C HIS A 69 6.97 3.94 -6.77
N LYS A 70 6.75 4.64 -5.66
CA LYS A 70 7.83 5.18 -4.83
C LYS A 70 7.47 5.11 -3.36
N VAL A 71 8.46 4.88 -2.51
CA VAL A 71 8.32 5.15 -1.07
C VAL A 71 8.26 6.68 -0.87
N GLU A 72 7.38 7.15 0.01
CA GLU A 72 7.00 8.57 0.14
C GLU A 72 7.19 9.12 1.58
N GLU A 73 7.30 8.23 2.58
CA GLU A 73 7.61 8.53 3.98
C GLU A 73 7.93 7.27 4.80
N ILE A 74 8.82 7.42 5.77
CA ILE A 74 9.07 6.44 6.84
C ILE A 74 9.39 7.18 8.16
N ASP A 75 8.51 7.09 9.16
CA ASP A 75 8.77 7.64 10.51
C ASP A 75 8.50 6.63 11.62
N HIS A 76 9.42 6.44 12.56
CA HIS A 76 9.14 5.69 13.79
C HIS A 76 8.48 6.55 14.88
N ALA A 77 8.71 7.87 14.92
CA ALA A 77 8.28 8.72 16.04
C ALA A 77 6.74 8.87 16.11
N ASN A 78 6.06 8.77 14.96
CA ASN A 78 4.61 8.58 14.85
C ASN A 78 4.19 7.30 14.08
N PHE A 79 5.13 6.37 13.91
CA PHE A 79 4.98 5.03 13.32
C PHE A 79 4.19 4.97 11.99
N LYS A 80 4.78 5.46 10.90
CA LYS A 80 4.18 5.48 9.55
C LYS A 80 5.09 4.96 8.44
N TYR A 81 4.47 4.34 7.45
CA TYR A 81 5.03 4.04 6.13
C TYR A 81 4.10 4.61 5.04
N CYS A 82 4.66 5.11 3.95
CA CYS A 82 3.93 5.76 2.88
C CYS A 82 4.53 5.41 1.52
N TYR A 83 3.69 5.25 0.50
CA TYR A 83 4.11 5.08 -0.89
C TYR A 83 3.08 5.66 -1.85
N SER A 84 3.40 5.70 -3.14
CA SER A 84 2.48 6.09 -4.20
C SER A 84 2.84 5.41 -5.51
N ILE A 85 1.85 5.01 -6.31
CA ILE A 85 2.07 4.80 -7.76
C ILE A 85 2.16 6.18 -8.43
N ILE A 86 3.34 6.48 -8.97
CA ILE A 86 3.75 7.77 -9.55
C ILE A 86 3.32 7.88 -11.02
N GLU A 87 3.27 6.73 -11.71
CA GLU A 87 3.14 6.61 -13.16
C GLU A 87 2.68 5.19 -13.53
N GLY A 88 1.93 5.03 -14.62
CA GLY A 88 1.60 3.74 -15.22
C GLY A 88 0.28 3.74 -15.99
N GLY A 89 0.07 2.71 -16.83
CA GLY A 89 -1.21 2.50 -17.53
C GLY A 89 -2.43 2.47 -16.57
N PRO A 90 -2.33 1.78 -15.42
CA PRO A 90 -3.30 1.83 -14.33
C PRO A 90 -3.66 3.21 -13.77
N LEU A 91 -2.83 4.25 -13.93
CA LEU A 91 -3.22 5.64 -13.69
C LEU A 91 -3.87 6.35 -14.89
N GLY A 92 -3.29 6.19 -16.08
CA GLY A 92 -3.35 7.17 -17.17
C GLY A 92 -4.74 7.50 -17.72
N HIS A 93 -5.75 6.68 -17.43
CA HIS A 93 -7.14 6.93 -17.78
C HIS A 93 -7.72 8.19 -17.14
N THR A 94 -7.51 8.42 -15.83
CA THR A 94 -8.09 9.56 -15.09
C THR A 94 -7.20 10.15 -14.00
N LEU A 95 -6.02 9.57 -13.70
CA LEU A 95 -5.28 9.83 -12.46
C LEU A 95 -3.85 10.36 -12.68
N GLU A 96 -3.43 11.29 -11.82
CA GLU A 96 -2.03 11.72 -11.69
C GLU A 96 -1.22 10.69 -10.89
N LYS A 97 -1.79 10.18 -9.79
CA LYS A 97 -1.18 9.22 -8.85
C LYS A 97 -2.22 8.57 -7.93
N ILE A 98 -1.85 7.44 -7.30
CA ILE A 98 -2.59 6.84 -6.18
C ILE A 98 -1.62 6.67 -5.00
N PRO A 99 -1.56 7.63 -4.06
CA PRO A 99 -0.84 7.47 -2.81
C PRO A 99 -1.52 6.51 -1.81
N TYR A 100 -0.72 6.05 -0.86
CA TYR A 100 -1.07 5.16 0.24
C TYR A 100 -0.43 5.67 1.52
N GLU A 101 -1.08 5.46 2.67
CA GLU A 101 -0.54 5.84 3.98
C GLU A 101 -0.91 4.79 5.01
N ILE A 102 0.09 4.33 5.76
CA ILE A 102 0.00 3.22 6.70
C ILE A 102 0.45 3.69 8.08
N LYS A 103 -0.31 3.36 9.15
CA LYS A 103 0.05 3.70 10.54
C LYS A 103 0.09 2.46 11.43
N MET A 104 1.16 2.24 12.18
CA MET A 104 1.06 1.41 13.40
C MET A 104 0.64 2.32 14.55
N ALA A 105 -0.41 1.89 15.23
CA ALA A 105 -1.27 2.77 16.03
C ALA A 105 -1.39 2.25 17.47
N ALA A 106 -1.32 3.16 18.44
CA ALA A 106 -1.40 2.84 19.86
C ALA A 106 -2.79 2.28 20.23
N ALA A 107 -2.84 1.16 20.95
CA ALA A 107 -4.06 0.41 21.25
C ALA A 107 -4.25 0.19 22.76
N PRO A 108 -5.50 -0.02 23.25
CA PRO A 108 -5.77 -0.44 24.64
C PRO A 108 -5.01 -1.72 25.02
N HIS A 109 -4.66 -2.55 24.03
CA HIS A 109 -3.69 -3.64 24.09
C HIS A 109 -2.26 -3.08 24.07
N GLY A 110 -1.68 -2.74 25.22
CA GLY A 110 -0.37 -2.07 25.35
C GLY A 110 0.83 -2.96 24.99
N GLY A 111 0.64 -4.28 24.91
CA GLY A 111 1.62 -5.23 24.37
C GLY A 111 1.47 -5.50 22.87
N GLY A 112 0.40 -4.98 22.25
CA GLY A 112 0.06 -5.13 20.83
C GLY A 112 -0.15 -3.77 20.15
N SER A 113 -0.87 -3.76 19.02
CA SER A 113 -1.11 -2.57 18.20
C SER A 113 -2.42 -2.64 17.42
N ILE A 114 -2.85 -1.48 16.92
CA ILE A 114 -3.73 -1.34 15.74
C ILE A 114 -2.82 -1.06 14.53
N LEU A 115 -3.21 -1.44 13.30
CA LEU A 115 -2.45 -1.13 12.09
C LEU A 115 -3.39 -0.62 10.99
N LYS A 116 -3.41 0.69 10.76
CA LYS A 116 -4.26 1.33 9.76
C LYS A 116 -3.65 1.24 8.35
N ILE A 117 -4.47 0.89 7.36
CA ILE A 117 -4.13 0.79 5.94
C ILE A 117 -5.04 1.73 5.13
N THR A 118 -4.48 2.75 4.48
CA THR A 118 -5.26 3.76 3.72
C THR A 118 -4.71 4.03 2.33
N SER A 119 -5.60 4.34 1.37
CA SER A 119 -5.29 4.74 -0.02
C SER A 119 -6.08 5.97 -0.46
N LYS A 120 -5.50 6.76 -1.37
CA LYS A 120 -6.09 7.97 -1.96
C LYS A 120 -5.76 8.02 -3.45
N TYR A 121 -6.69 8.47 -4.28
CA TYR A 121 -6.71 8.32 -5.74
C TYR A 121 -6.97 9.69 -6.36
N HIS A 122 -5.94 10.29 -6.96
CA HIS A 122 -5.91 11.72 -7.31
C HIS A 122 -5.87 11.93 -8.82
N THR A 123 -6.74 12.80 -9.34
CA THR A 123 -6.99 12.99 -10.78
C THR A 123 -5.82 13.59 -11.56
N LYS A 124 -5.77 13.29 -12.86
CA LYS A 124 -4.80 13.88 -13.80
C LYS A 124 -5.15 15.34 -14.08
N GLY A 125 -4.43 16.25 -13.42
CA GLY A 125 -4.82 17.65 -13.29
C GLY A 125 -6.19 17.85 -12.64
N ASN A 126 -6.86 18.94 -13.01
CA ASN A 126 -8.17 19.33 -12.47
C ASN A 126 -9.35 18.48 -12.99
N ALA A 127 -9.09 17.34 -13.63
CA ALA A 127 -10.09 16.40 -14.13
C ALA A 127 -10.94 15.75 -13.01
N SER A 128 -11.86 14.88 -13.42
CA SER A 128 -12.65 14.01 -12.55
C SER A 128 -12.26 12.53 -12.73
N ILE A 129 -12.35 11.76 -11.66
CA ILE A 129 -12.17 10.29 -11.69
C ILE A 129 -13.46 9.61 -12.20
N ASN A 130 -13.31 8.51 -12.94
CA ASN A 130 -14.40 7.56 -13.21
C ASN A 130 -15.01 7.11 -11.88
N GLU A 131 -16.30 7.37 -11.70
CA GLU A 131 -17.13 6.67 -10.72
C GLU A 131 -17.00 5.16 -10.91
N GLU A 132 -16.73 4.71 -12.15
CA GLU A 132 -16.46 3.29 -12.39
C GLU A 132 -15.14 2.81 -11.78
N GLU A 133 -14.11 3.66 -11.77
CA GLU A 133 -12.80 3.39 -11.16
C GLU A 133 -12.78 3.64 -9.66
N ILE A 134 -13.66 4.51 -9.13
CA ILE A 134 -13.94 4.61 -7.70
C ILE A 134 -14.45 3.26 -7.20
N LYS A 135 -15.53 2.78 -7.82
CA LYS A 135 -16.27 1.59 -7.33
C LYS A 135 -15.49 0.30 -7.52
N ALA A 136 -14.84 0.11 -8.67
CA ALA A 136 -13.86 -0.95 -8.81
C ALA A 136 -12.67 -0.74 -7.84
N GLY A 137 -12.27 0.51 -7.61
CA GLY A 137 -11.18 0.91 -6.72
C GLY A 137 -11.37 0.50 -5.26
N LYS A 138 -12.50 0.79 -4.62
CA LYS A 138 -12.72 0.39 -3.21
C LYS A 138 -12.72 -1.13 -3.00
N GLU A 139 -13.18 -1.81 -4.01
CA GLU A 139 -13.40 -3.25 -4.06
C GLU A 139 -12.20 -4.11 -4.42
N LYS A 140 -11.41 -3.67 -5.41
CA LYS A 140 -9.99 -4.00 -5.42
C LYS A 140 -9.37 -3.62 -4.07
N ALA A 141 -9.90 -2.61 -3.36
CA ALA A 141 -9.23 -2.22 -2.11
C ALA A 141 -9.63 -3.11 -0.93
N ALA A 142 -10.84 -3.66 -0.91
CA ALA A 142 -11.20 -4.80 -0.07
C ALA A 142 -10.34 -6.03 -0.44
N GLY A 143 -10.11 -6.29 -1.73
CA GLY A 143 -9.21 -7.34 -2.22
C GLY A 143 -7.81 -7.25 -1.59
N LEU A 144 -7.18 -6.09 -1.69
CA LEU A 144 -5.89 -5.80 -1.04
C LEU A 144 -6.01 -5.85 0.50
N PHE A 145 -6.83 -4.97 1.08
CA PHE A 145 -6.85 -4.67 2.50
C PHE A 145 -7.45 -5.79 3.36
N LYS A 146 -8.31 -6.67 2.82
CA LYS A 146 -8.76 -7.88 3.52
C LYS A 146 -7.78 -9.02 3.44
N ALA A 147 -6.88 -9.02 2.46
CA ALA A 147 -5.72 -9.89 2.52
C ALA A 147 -4.58 -9.31 3.37
N VAL A 148 -4.45 -7.98 3.52
CA VAL A 148 -3.65 -7.39 4.62
C VAL A 148 -4.28 -7.72 5.98
N GLU A 149 -5.59 -7.53 6.14
CA GLU A 149 -6.31 -7.77 7.39
C GLU A 149 -6.26 -9.25 7.76
N ALA A 150 -6.74 -10.14 6.90
CA ALA A 150 -6.67 -11.57 7.19
C ALA A 150 -5.22 -12.06 7.30
N TYR A 151 -4.26 -11.55 6.51
CA TYR A 151 -2.85 -11.80 6.82
C TYR A 151 -2.52 -11.50 8.30
N LEU A 152 -2.77 -10.27 8.76
CA LEU A 152 -2.50 -9.81 10.13
C LEU A 152 -3.28 -10.58 11.21
N LEU A 153 -4.61 -10.54 11.14
CA LEU A 153 -5.54 -11.13 12.10
C LEU A 153 -5.44 -12.66 12.18
N ALA A 154 -5.40 -13.34 11.04
CA ALA A 154 -5.40 -14.80 10.96
C ALA A 154 -4.00 -15.44 11.11
N HIS A 155 -2.93 -14.64 11.21
CA HIS A 155 -1.56 -15.13 11.45
C HIS A 155 -1.48 -15.86 12.80
N PRO A 156 -1.21 -17.19 12.80
CA PRO A 156 -1.36 -18.01 14.01
C PRO A 156 -0.20 -17.85 14.99
N ASP A 157 1.01 -17.60 14.49
CA ASP A 157 2.25 -17.61 15.28
C ASP A 157 2.57 -16.25 15.94
N ALA A 158 1.63 -15.30 15.92
CA ALA A 158 1.86 -13.89 16.28
C ALA A 158 2.38 -13.71 17.72
N TYR A 159 2.13 -14.66 18.61
CA TYR A 159 2.56 -14.70 20.02
C TYR A 159 4.05 -14.99 20.26
N CYS A 160 4.84 -14.99 19.20
CA CYS A 160 6.29 -15.22 19.15
C CYS A 160 7.00 -14.12 18.37
N GLY A 1 -10.20 15.38 -8.15
CA GLY A 1 -9.68 16.03 -6.94
C GLY A 1 -8.78 15.06 -6.21
N VAL A 2 -9.16 14.70 -4.98
CA VAL A 2 -8.58 13.57 -4.24
C VAL A 2 -9.69 12.67 -3.72
N PHE A 3 -9.78 11.45 -4.26
CA PHE A 3 -10.53 10.34 -3.67
C PHE A 3 -9.67 9.62 -2.62
N SER A 4 -10.25 8.97 -1.61
CA SER A 4 -9.51 8.20 -0.58
C SER A 4 -10.21 6.92 -0.16
N TYR A 5 -9.43 5.95 0.33
CA TYR A 5 -9.90 4.72 0.94
C TYR A 5 -9.03 4.35 2.15
N GLU A 6 -9.66 4.01 3.29
CA GLU A 6 -8.97 3.71 4.56
C GLU A 6 -9.49 2.41 5.20
N ASP A 7 -8.60 1.63 5.80
CA ASP A 7 -8.97 0.55 6.73
C ASP A 7 -7.88 0.35 7.79
N GLU A 8 -8.22 -0.14 8.99
CA GLU A 8 -7.31 -0.20 10.12
C GLU A 8 -7.25 -1.57 10.80
N ALA A 9 -6.04 -2.11 10.91
CA ALA A 9 -5.74 -3.45 11.44
C ALA A 9 -5.22 -3.41 12.88
N THR A 10 -5.00 -4.58 13.49
CA THR A 10 -4.28 -4.74 14.77
C THR A 10 -3.27 -5.88 14.72
N SER A 11 -2.25 -5.83 15.58
CA SER A 11 -1.20 -6.84 15.66
C SER A 11 -0.73 -7.06 17.10
N VAL A 12 -0.33 -8.30 17.42
CA VAL A 12 0.39 -8.60 18.66
C VAL A 12 1.79 -7.98 18.68
N ILE A 13 2.34 -7.60 17.53
CA ILE A 13 3.65 -6.95 17.39
C ILE A 13 3.55 -5.47 17.82
N PRO A 14 4.43 -4.96 18.69
CA PRO A 14 4.39 -3.57 19.16
C PRO A 14 4.81 -2.56 18.08
N PRO A 15 4.46 -1.26 18.20
CA PRO A 15 4.49 -0.34 17.05
C PRO A 15 5.87 -0.16 16.44
N ALA A 16 6.92 0.00 17.25
CA ALA A 16 8.29 0.19 16.76
C ALA A 16 8.84 -1.07 16.06
N ARG A 17 8.38 -2.26 16.45
CA ARG A 17 8.74 -3.54 15.80
C ARG A 17 7.92 -3.76 14.53
N LEU A 18 6.63 -3.42 14.52
CA LEU A 18 5.81 -3.55 13.29
C LEU A 18 6.15 -2.57 12.18
N PHE A 19 6.73 -1.49 12.63
CA PHE A 19 7.28 -0.40 11.81
C PHE A 19 8.33 -0.88 10.86
N LYS A 20 9.35 -1.33 11.55
CA LYS A 20 10.61 -1.82 10.99
C LYS A 20 10.50 -3.09 10.17
N SER A 21 9.47 -3.83 10.51
CA SER A 21 8.99 -5.05 9.88
C SER A 21 8.32 -4.73 8.54
N PHE A 22 7.30 -3.86 8.54
CA PHE A 22 6.65 -3.37 7.32
C PHE A 22 7.63 -2.66 6.37
N VAL A 23 8.60 -1.90 6.89
CA VAL A 23 9.70 -1.30 6.10
C VAL A 23 10.48 -2.35 5.31
N LEU A 24 10.84 -3.48 5.94
CA LEU A 24 11.54 -4.60 5.29
C LEU A 24 10.62 -5.49 4.42
N ASP A 25 9.31 -5.30 4.48
CA ASP A 25 8.28 -6.11 3.81
C ASP A 25 7.40 -5.23 2.87
N ALA A 26 7.95 -4.11 2.42
CA ALA A 26 7.31 -3.04 1.66
C ALA A 26 7.05 -3.43 0.20
N ASP A 27 8.12 -3.83 -0.48
CA ASP A 27 8.02 -4.47 -1.80
C ASP A 27 7.37 -5.86 -1.67
N ASN A 28 7.44 -6.47 -0.48
CA ASN A 28 6.72 -7.73 -0.22
C ASN A 28 5.19 -7.55 -0.10
N LEU A 29 4.65 -6.32 -0.01
CA LEU A 29 3.21 -6.08 -0.14
C LEU A 29 2.68 -6.64 -1.46
N ILE A 30 3.36 -6.36 -2.57
CA ILE A 30 2.94 -6.73 -3.92
C ILE A 30 2.62 -8.24 -4.02
N PRO A 31 3.55 -9.18 -3.72
CA PRO A 31 3.22 -10.61 -3.69
C PRO A 31 2.26 -11.01 -2.55
N LYS A 32 2.37 -10.44 -1.34
CA LYS A 32 1.56 -10.88 -0.19
C LYS A 32 0.09 -10.43 -0.27
N VAL A 33 -0.25 -9.37 -1.00
CA VAL A 33 -1.64 -8.89 -1.16
C VAL A 33 -2.17 -8.80 -2.60
N ALA A 34 -1.32 -8.86 -3.63
CA ALA A 34 -1.78 -8.97 -5.03
C ALA A 34 -0.80 -9.83 -5.88
N PRO A 35 -0.76 -11.17 -5.68
CA PRO A 35 0.27 -12.02 -6.27
C PRO A 35 0.19 -12.13 -7.79
N GLN A 36 -0.93 -12.64 -8.36
CA GLN A 36 -1.04 -12.85 -9.81
C GLN A 36 -1.07 -11.52 -10.59
N HIS A 37 -1.48 -10.42 -9.95
CA HIS A 37 -1.69 -9.11 -10.54
C HIS A 37 -0.42 -8.37 -10.96
N PHE A 38 0.77 -8.76 -10.48
CA PHE A 38 2.05 -8.11 -10.82
C PHE A 38 3.13 -9.15 -11.13
N THR A 39 3.84 -9.00 -12.25
CA THR A 39 4.90 -9.93 -12.69
C THR A 39 6.23 -9.66 -12.01
N SER A 40 6.52 -8.40 -11.71
CA SER A 40 7.81 -7.95 -11.15
C SER A 40 7.73 -6.56 -10.53
N ALA A 41 8.70 -6.28 -9.66
CA ALA A 41 9.01 -4.96 -9.14
C ALA A 41 10.53 -4.78 -9.08
N GLU A 42 11.01 -3.64 -9.54
CA GLU A 42 12.46 -3.37 -9.70
C GLU A 42 12.88 -2.07 -9.02
N ASN A 43 14.04 -2.03 -8.38
CA ASN A 43 14.59 -0.75 -7.91
C ASN A 43 15.16 0.05 -9.10
N LEU A 44 14.72 1.30 -9.28
CA LEU A 44 15.00 2.10 -10.47
C LEU A 44 16.05 3.18 -10.17
N GLU A 45 15.87 3.97 -9.11
CA GLU A 45 16.86 4.95 -8.66
C GLU A 45 16.72 5.27 -7.16
N GLY A 46 17.81 5.16 -6.40
CA GLY A 46 17.92 5.50 -4.98
C GLY A 46 18.32 4.30 -4.12
N ASN A 47 18.92 4.58 -2.96
CA ASN A 47 19.51 3.59 -2.04
C ASN A 47 18.50 2.91 -1.10
N GLY A 48 17.20 3.00 -1.39
CA GLY A 48 16.11 2.27 -0.71
C GLY A 48 15.34 3.06 0.35
N GLY A 49 15.81 4.25 0.75
CA GLY A 49 15.10 5.17 1.63
C GLY A 49 14.02 5.99 0.92
N PRO A 50 13.20 6.76 1.64
CA PRO A 50 12.13 7.56 1.04
C PRO A 50 12.74 8.65 0.13
N GLY A 51 12.20 8.77 -1.08
CA GLY A 51 12.80 9.43 -2.24
C GLY A 51 13.25 8.44 -3.33
N THR A 52 13.46 7.15 -3.00
CA THR A 52 13.83 6.11 -3.98
C THR A 52 12.65 5.73 -4.89
N ILE A 53 12.85 5.76 -6.21
CA ILE A 53 11.88 5.32 -7.23
C ILE A 53 12.14 3.85 -7.63
N LYS A 54 11.06 3.10 -7.86
CA LYS A 54 11.00 1.70 -8.31
C LYS A 54 10.22 1.61 -9.64
N LYS A 55 10.55 0.67 -10.52
CA LYS A 55 9.85 0.34 -11.77
C LYS A 55 9.09 -0.97 -11.63
N ILE A 56 7.77 -0.94 -11.77
CA ILE A 56 6.87 -2.03 -11.40
C ILE A 56 6.11 -2.53 -12.64
N THR A 57 5.83 -3.83 -12.76
CA THR A 57 5.10 -4.42 -13.90
C THR A 57 3.80 -5.09 -13.46
N PHE A 58 2.65 -4.52 -13.85
CA PHE A 58 1.34 -5.15 -13.69
C PHE A 58 1.16 -6.25 -14.75
N ALA A 59 0.63 -7.38 -14.32
CA ALA A 59 0.79 -8.65 -15.00
C ALA A 59 0.04 -8.75 -16.34
N GLU A 60 0.59 -9.57 -17.24
CA GLU A 60 0.12 -9.70 -18.61
C GLU A 60 -1.28 -10.30 -18.75
N GLY A 61 -2.12 -9.67 -19.58
CA GLY A 61 -3.41 -10.17 -20.05
C GLY A 61 -3.56 -9.79 -21.52
N ASN A 62 -2.93 -10.57 -22.41
CA ASN A 62 -2.54 -10.23 -23.79
C ASN A 62 -1.54 -9.04 -23.91
N GLU A 63 -1.43 -8.19 -22.88
CA GLU A 63 -0.36 -7.23 -22.63
C GLU A 63 -0.11 -7.08 -21.12
N PHE A 64 1.15 -6.89 -20.70
CA PHE A 64 1.51 -6.30 -19.41
C PHE A 64 1.23 -4.78 -19.38
N LYS A 65 1.23 -4.16 -18.18
CA LYS A 65 1.14 -2.70 -18.02
C LYS A 65 2.31 -2.17 -17.18
N TYR A 66 2.79 -0.98 -17.53
CA TYR A 66 3.93 -0.29 -16.91
C TYR A 66 3.47 0.71 -15.84
N MET A 67 4.20 0.74 -14.71
CA MET A 67 4.11 1.78 -13.69
C MET A 67 5.48 2.04 -13.03
N LYS A 68 5.60 3.14 -12.31
CA LYS A 68 6.66 3.38 -11.32
C LYS A 68 6.09 3.69 -9.94
N HIS A 69 6.70 3.14 -8.91
CA HIS A 69 6.48 3.45 -7.48
C HIS A 69 7.59 4.35 -6.96
N LYS A 70 7.39 4.98 -5.81
CA LYS A 70 8.48 5.48 -4.97
C LYS A 70 8.18 5.20 -3.51
N VAL A 71 9.22 5.01 -2.71
CA VAL A 71 9.13 5.24 -1.26
C VAL A 71 9.06 6.76 -1.06
N GLU A 72 8.17 7.26 -0.22
CA GLU A 72 7.82 8.69 -0.15
C GLU A 72 7.98 9.29 1.26
N GLU A 73 8.04 8.45 2.29
CA GLU A 73 8.28 8.82 3.69
C GLU A 73 8.60 7.57 4.50
N ILE A 74 9.52 7.71 5.46
CA ILE A 74 9.71 6.77 6.56
C ILE A 74 10.00 7.61 7.79
N ASP A 75 9.16 7.54 8.82
CA ASP A 75 9.38 8.24 10.08
C ASP A 75 9.23 7.32 11.29
N HIS A 76 10.29 7.13 12.07
CA HIS A 76 10.20 6.47 13.38
C HIS A 76 9.68 7.40 14.49
N ALA A 77 9.74 8.73 14.35
CA ALA A 77 9.32 9.66 15.40
C ALA A 77 7.80 9.66 15.64
N ASN A 78 7.00 9.50 14.57
CA ASN A 78 5.55 9.28 14.65
C ASN A 78 5.09 7.96 14.00
N PHE A 79 6.03 7.04 13.75
CA PHE A 79 5.84 5.69 13.22
C PHE A 79 4.91 5.58 12.00
N LYS A 80 5.36 6.12 10.85
CA LYS A 80 4.70 5.94 9.54
C LYS A 80 5.63 5.49 8.42
N TYR A 81 5.06 4.76 7.45
CA TYR A 81 5.65 4.46 6.15
C TYR A 81 4.80 5.07 5.03
N CYS A 82 5.39 5.43 3.90
CA CYS A 82 4.67 5.92 2.73
C CYS A 82 5.31 5.44 1.43
N TYR A 83 4.48 5.04 0.47
CA TYR A 83 4.86 4.92 -0.94
C TYR A 83 3.82 5.59 -1.83
N SER A 84 4.12 5.73 -3.11
CA SER A 84 3.20 6.28 -4.12
C SER A 84 3.49 5.66 -5.47
N ILE A 85 2.46 5.37 -6.27
CA ILE A 85 2.63 5.19 -7.72
C ILE A 85 2.82 6.58 -8.35
N ILE A 86 4.01 6.85 -8.88
CA ILE A 86 4.41 8.13 -9.46
C ILE A 86 3.95 8.26 -10.93
N GLU A 87 3.78 7.15 -11.64
CA GLU A 87 3.55 7.10 -13.10
C GLU A 87 3.01 5.73 -13.51
N GLY A 88 2.25 5.66 -14.61
CA GLY A 88 1.86 4.41 -15.27
C GLY A 88 0.53 4.54 -16.02
N GLY A 89 0.29 3.65 -17.00
CA GLY A 89 -1.00 3.58 -17.70
C GLY A 89 -2.23 3.44 -16.78
N PRO A 90 -2.15 2.62 -15.71
CA PRO A 90 -3.14 2.58 -14.63
C PRO A 90 -3.45 3.92 -13.92
N LEU A 91 -2.54 4.90 -13.93
CA LEU A 91 -2.88 6.30 -13.59
C LEU A 91 -3.41 7.12 -14.78
N GLY A 92 -2.75 7.00 -15.94
CA GLY A 92 -2.66 8.06 -16.94
C GLY A 92 -3.97 8.61 -17.52
N HIS A 93 -5.05 7.83 -17.48
CA HIS A 93 -6.38 8.28 -17.93
C HIS A 93 -6.96 9.42 -17.07
N THR A 94 -6.68 9.48 -15.77
CA THR A 94 -7.29 10.46 -14.84
C THR A 94 -6.37 10.98 -13.73
N LEU A 95 -5.28 10.30 -13.39
CA LEU A 95 -4.52 10.53 -12.15
C LEU A 95 -3.10 11.03 -12.36
N GLU A 96 -2.68 11.94 -11.48
CA GLU A 96 -1.28 12.36 -11.30
C GLU A 96 -0.49 11.33 -10.49
N LYS A 97 -1.11 10.75 -9.43
CA LYS A 97 -0.46 9.83 -8.48
C LYS A 97 -1.48 9.15 -7.56
N ILE A 98 -1.10 8.02 -6.96
CA ILE A 98 -1.81 7.42 -5.81
C ILE A 98 -0.81 7.17 -4.68
N PRO A 99 -0.68 8.08 -3.71
CA PRO A 99 0.06 7.83 -2.48
C PRO A 99 -0.69 6.90 -1.50
N TYR A 100 0.08 6.26 -0.64
CA TYR A 100 -0.37 5.36 0.41
C TYR A 100 0.22 5.81 1.75
N GLU A 101 -0.63 5.94 2.77
CA GLU A 101 -0.26 6.45 4.09
C GLU A 101 -0.49 5.37 5.15
N ILE A 102 0.57 4.97 5.84
CA ILE A 102 0.59 3.76 6.66
C ILE A 102 1.08 4.10 8.07
N LYS A 103 0.21 4.05 9.09
CA LYS A 103 0.59 4.30 10.49
C LYS A 103 0.76 3.00 11.27
N MET A 104 1.91 2.83 11.93
CA MET A 104 2.00 1.93 13.08
C MET A 104 1.63 2.72 14.33
N ALA A 105 0.54 2.29 14.92
CA ALA A 105 -0.36 3.10 15.71
C ALA A 105 -0.54 2.48 17.11
N ALA A 106 -0.72 3.32 18.14
CA ALA A 106 -0.94 2.84 19.51
C ALA A 106 -2.26 2.06 19.64
N ALA A 107 -2.19 0.85 20.20
CA ALA A 107 -3.34 0.02 20.58
C ALA A 107 -3.68 0.17 22.07
N PRO A 108 -4.89 -0.24 22.52
CA PRO A 108 -5.17 -0.42 23.95
C PRO A 108 -4.19 -1.43 24.59
N HIS A 109 -3.70 -2.43 23.82
CA HIS A 109 -2.49 -3.19 24.14
C HIS A 109 -1.23 -2.32 23.93
N GLY A 110 -0.55 -1.91 24.99
CA GLY A 110 0.74 -1.20 24.86
C GLY A 110 1.83 -2.08 24.24
N GLY A 111 1.83 -3.38 24.53
CA GLY A 111 2.74 -4.38 23.94
C GLY A 111 2.36 -4.86 22.54
N GLY A 112 1.20 -4.44 22.00
CA GLY A 112 0.74 -4.71 20.64
C GLY A 112 0.62 -3.40 19.84
N SER A 113 -0.08 -3.42 18.71
CA SER A 113 -0.28 -2.23 17.88
C SER A 113 -1.59 -2.26 17.09
N ILE A 114 -1.99 -1.08 16.62
CA ILE A 114 -2.88 -0.88 15.48
C ILE A 114 -1.98 -0.65 14.25
N LEU A 115 -2.39 -1.08 13.06
CA LEU A 115 -1.72 -0.72 11.81
C LEU A 115 -2.77 -0.14 10.85
N LYS A 116 -2.77 1.18 10.70
CA LYS A 116 -3.71 1.90 9.83
C LYS A 116 -3.17 1.95 8.40
N ILE A 117 -4.00 1.60 7.42
CA ILE A 117 -3.70 1.69 5.99
C ILE A 117 -4.63 2.73 5.33
N THR A 118 -4.06 3.63 4.54
CA THR A 118 -4.78 4.64 3.73
C THR A 118 -4.24 4.65 2.30
N SER A 119 -5.10 4.87 1.31
CA SER A 119 -4.74 5.20 -0.07
C SER A 119 -5.48 6.47 -0.50
N LYS A 120 -4.81 7.35 -1.24
CA LYS A 120 -5.30 8.66 -1.71
C LYS A 120 -5.02 8.80 -3.20
N TYR A 121 -5.99 9.23 -3.99
CA TYR A 121 -6.00 9.13 -5.45
C TYR A 121 -6.16 10.52 -6.06
N HIS A 122 -5.06 11.13 -6.52
CA HIS A 122 -4.99 12.54 -6.92
C HIS A 122 -5.03 12.72 -8.44
N THR A 123 -5.94 13.55 -8.94
CA THR A 123 -6.20 13.75 -10.38
C THR A 123 -5.11 14.51 -11.14
N LYS A 124 -4.92 14.18 -12.42
CA LYS A 124 -3.96 14.84 -13.33
C LYS A 124 -4.41 16.27 -13.66
N GLY A 125 -3.52 17.25 -13.58
CA GLY A 125 -3.85 18.67 -13.81
C GLY A 125 -5.07 19.13 -13.01
N ASN A 126 -6.12 19.56 -13.70
CA ASN A 126 -7.44 19.84 -13.11
C ASN A 126 -8.53 18.84 -13.56
N ALA A 127 -8.17 17.68 -14.11
CA ALA A 127 -9.09 16.68 -14.62
C ALA A 127 -10.01 16.10 -13.52
N SER A 128 -11.16 15.57 -13.93
CA SER A 128 -12.04 14.78 -13.05
C SER A 128 -11.56 13.33 -12.94
N ILE A 129 -11.77 12.69 -11.78
CA ILE A 129 -11.68 11.23 -11.64
C ILE A 129 -12.97 10.58 -12.16
N ASN A 130 -12.83 9.44 -12.85
CA ASN A 130 -13.92 8.51 -13.08
C ASN A 130 -14.43 7.98 -11.75
N GLU A 131 -15.73 8.12 -11.51
CA GLU A 131 -16.47 7.25 -10.59
C GLU A 131 -16.20 5.78 -10.93
N GLU A 132 -15.98 5.46 -12.22
CA GLU A 132 -15.60 4.09 -12.58
C GLU A 132 -14.23 3.68 -11.99
N GLU A 133 -13.29 4.62 -11.85
CA GLU A 133 -11.99 4.40 -11.21
C GLU A 133 -12.03 4.57 -9.68
N ILE A 134 -12.99 5.32 -9.13
CA ILE A 134 -13.31 5.33 -7.69
C ILE A 134 -13.78 3.94 -7.26
N LYS A 135 -14.82 3.43 -7.91
CA LYS A 135 -15.53 2.22 -7.48
C LYS A 135 -14.69 0.97 -7.67
N ALA A 136 -14.01 0.85 -8.82
CA ALA A 136 -12.93 -0.11 -8.98
C ALA A 136 -11.84 0.14 -7.93
N GLY A 137 -11.41 1.40 -7.76
CA GLY A 137 -10.38 1.83 -6.82
C GLY A 137 -10.55 1.30 -5.40
N LYS A 138 -11.67 1.56 -4.70
CA LYS A 138 -11.87 1.11 -3.31
C LYS A 138 -11.85 -0.41 -3.14
N GLU A 139 -12.34 -1.07 -4.15
CA GLU A 139 -12.58 -2.51 -4.24
C GLU A 139 -11.39 -3.38 -4.64
N LYS A 140 -10.61 -2.91 -5.61
CA LYS A 140 -9.18 -3.23 -5.65
C LYS A 140 -8.56 -2.93 -4.29
N ALA A 141 -9.07 -1.93 -3.54
CA ALA A 141 -8.36 -1.54 -2.30
C ALA A 141 -8.75 -2.41 -1.10
N ALA A 142 -9.97 -2.95 -1.06
CA ALA A 142 -10.37 -4.04 -0.18
C ALA A 142 -9.52 -5.30 -0.44
N GLY A 143 -9.30 -5.63 -1.72
CA GLY A 143 -8.38 -6.71 -2.12
C GLY A 143 -7.01 -6.57 -1.47
N LEU A 144 -6.39 -5.38 -1.58
CA LEU A 144 -5.13 -5.05 -0.91
C LEU A 144 -5.27 -5.11 0.63
N PHE A 145 -6.11 -4.25 1.21
CA PHE A 145 -6.13 -3.94 2.64
C PHE A 145 -6.67 -5.08 3.49
N LYS A 146 -7.54 -5.96 2.96
CA LYS A 146 -8.02 -7.16 3.64
C LYS A 146 -7.04 -8.30 3.56
N ALA A 147 -6.13 -8.32 2.59
CA ALA A 147 -4.97 -9.19 2.70
C ALA A 147 -3.84 -8.61 3.54
N VAL A 148 -3.71 -7.29 3.69
CA VAL A 148 -2.92 -6.72 4.80
C VAL A 148 -3.55 -7.10 6.15
N GLU A 149 -4.86 -6.95 6.31
CA GLU A 149 -5.59 -7.28 7.54
C GLU A 149 -5.57 -8.79 7.82
N ALA A 150 -6.00 -9.63 6.87
CA ALA A 150 -5.91 -11.08 7.02
C ALA A 150 -4.46 -11.56 7.25
N TYR A 151 -3.44 -10.98 6.59
CA TYR A 151 -2.04 -11.24 6.99
C TYR A 151 -1.81 -10.92 8.49
N LEU A 152 -2.21 -9.73 8.95
CA LEU A 152 -2.02 -9.27 10.33
C LEU A 152 -2.76 -10.14 11.35
N LEU A 153 -4.08 -10.19 11.24
CA LEU A 153 -4.99 -10.90 12.15
C LEU A 153 -4.89 -12.43 12.06
N ALA A 154 -4.99 -13.00 10.85
CA ALA A 154 -5.22 -14.44 10.69
C ALA A 154 -3.92 -15.28 10.66
N HIS A 155 -2.73 -14.69 10.62
CA HIS A 155 -1.45 -15.39 10.81
C HIS A 155 -1.33 -15.97 12.24
N PRO A 156 -1.30 -17.31 12.43
CA PRO A 156 -1.25 -17.92 13.76
C PRO A 156 0.16 -17.87 14.36
N ASP A 157 1.21 -17.94 13.54
CA ASP A 157 2.61 -18.02 13.98
C ASP A 157 3.21 -16.67 14.43
N ALA A 158 2.38 -15.65 14.64
CA ALA A 158 2.72 -14.28 15.05
C ALA A 158 3.32 -14.17 16.46
N TYR A 159 3.50 -15.29 17.17
CA TYR A 159 4.12 -15.37 18.50
C TYR A 159 5.66 -15.27 18.51
N CYS A 160 6.27 -14.79 17.42
CA CYS A 160 7.73 -14.58 17.27
C CYS A 160 8.09 -13.19 16.71
N GLY A 1 -9.69 16.32 -8.53
CA GLY A 1 -9.59 16.45 -7.08
C GLY A 1 -8.86 15.24 -6.51
N VAL A 2 -9.24 14.81 -5.31
CA VAL A 2 -8.68 13.65 -4.61
C VAL A 2 -9.78 12.78 -4.03
N PHE A 3 -9.88 11.53 -4.50
CA PHE A 3 -10.59 10.45 -3.81
C PHE A 3 -9.67 9.85 -2.73
N SER A 4 -10.20 9.27 -1.65
CA SER A 4 -9.40 8.60 -0.60
C SER A 4 -10.12 7.36 -0.05
N TYR A 5 -9.36 6.42 0.52
CA TYR A 5 -9.90 5.23 1.19
C TYR A 5 -9.00 4.77 2.35
N GLU A 6 -9.61 4.41 3.48
CA GLU A 6 -8.91 4.17 4.75
C GLU A 6 -9.49 2.98 5.52
N ASP A 7 -8.61 2.23 6.19
CA ASP A 7 -8.93 1.03 6.96
C ASP A 7 -7.92 0.83 8.10
N GLU A 8 -8.30 0.17 9.19
CA GLU A 8 -7.42 -0.02 10.35
C GLU A 8 -7.49 -1.41 11.00
N ALA A 9 -6.32 -2.03 11.07
CA ALA A 9 -6.07 -3.40 11.55
C ALA A 9 -5.59 -3.43 13.02
N THR A 10 -5.29 -4.62 13.56
CA THR A 10 -4.59 -4.81 14.84
C THR A 10 -3.60 -5.97 14.77
N SER A 11 -2.59 -5.96 15.64
CA SER A 11 -1.63 -7.05 15.83
C SER A 11 -1.26 -7.24 17.29
N VAL A 12 -0.90 -8.47 17.68
CA VAL A 12 -0.35 -8.78 19.01
C VAL A 12 1.07 -8.23 19.21
N ILE A 13 1.75 -7.86 18.12
CA ILE A 13 3.10 -7.27 18.10
C ILE A 13 3.04 -5.77 18.49
N PRO A 14 3.99 -5.23 19.29
CA PRO A 14 4.07 -3.80 19.61
C PRO A 14 4.33 -2.89 18.40
N PRO A 15 3.94 -1.59 18.44
CA PRO A 15 4.05 -0.68 17.30
C PRO A 15 5.46 -0.61 16.68
N ALA A 16 6.52 -0.57 17.48
CA ALA A 16 7.90 -0.44 17.00
C ALA A 16 8.40 -1.69 16.26
N ARG A 17 8.10 -2.89 16.76
CA ARG A 17 8.41 -4.13 16.04
C ARG A 17 7.54 -4.28 14.80
N LEU A 18 6.27 -3.84 14.83
CA LEU A 18 5.43 -3.84 13.62
C LEU A 18 5.84 -2.85 12.54
N PHE A 19 6.52 -1.83 13.00
CA PHE A 19 7.15 -0.78 12.19
C PHE A 19 8.22 -1.32 11.30
N LYS A 20 9.17 -1.84 12.01
CA LYS A 20 10.42 -2.43 11.47
C LYS A 20 10.22 -3.63 10.56
N SER A 21 9.15 -4.31 10.87
CA SER A 21 8.58 -5.48 10.18
C SER A 21 7.92 -5.05 8.87
N PHE A 22 6.95 -4.13 8.92
CA PHE A 22 6.26 -3.59 7.74
C PHE A 22 7.21 -2.87 6.76
N VAL A 23 8.19 -2.10 7.27
CA VAL A 23 9.23 -1.45 6.44
C VAL A 23 9.96 -2.45 5.55
N LEU A 24 10.34 -3.59 6.12
CA LEU A 24 11.03 -4.68 5.44
C LEU A 24 10.08 -5.60 4.63
N ASP A 25 8.76 -5.40 4.73
CA ASP A 25 7.69 -6.19 4.11
C ASP A 25 6.78 -5.32 3.19
N ALA A 26 7.26 -4.15 2.78
CA ALA A 26 6.55 -3.14 1.99
C ALA A 26 6.41 -3.54 0.53
N ASP A 27 7.53 -3.87 -0.12
CA ASP A 27 7.53 -4.55 -1.41
C ASP A 27 6.80 -5.89 -1.32
N ASN A 28 6.80 -6.52 -0.14
CA ASN A 28 6.09 -7.79 0.06
C ASN A 28 4.56 -7.66 0.09
N LEU A 29 4.00 -6.46 0.30
CA LEU A 29 2.56 -6.19 0.22
C LEU A 29 1.99 -6.63 -1.13
N ILE A 30 2.61 -6.19 -2.22
CA ILE A 30 2.14 -6.38 -3.60
C ILE A 30 1.77 -7.86 -3.87
N PRO A 31 2.68 -8.84 -3.71
CA PRO A 31 2.34 -10.25 -3.87
C PRO A 31 1.44 -10.84 -2.76
N LYS A 32 1.46 -10.36 -1.50
CA LYS A 32 0.60 -10.94 -0.43
C LYS A 32 -0.86 -10.47 -0.46
N VAL A 33 -1.15 -9.27 -0.99
CA VAL A 33 -2.52 -8.72 -1.04
C VAL A 33 -3.09 -8.53 -2.46
N ALA A 34 -2.27 -8.59 -3.52
CA ALA A 34 -2.75 -8.79 -4.89
C ALA A 34 -1.81 -9.71 -5.71
N PRO A 35 -1.79 -11.03 -5.41
CA PRO A 35 -0.97 -12.00 -6.14
C PRO A 35 -1.35 -12.10 -7.62
N GLN A 36 -2.64 -12.11 -7.94
CA GLN A 36 -3.16 -12.30 -9.30
C GLN A 36 -2.85 -11.12 -10.24
N HIS A 37 -2.86 -9.88 -9.73
CA HIS A 37 -2.88 -8.66 -10.53
C HIS A 37 -1.49 -8.08 -10.82
N PHE A 38 -0.57 -8.17 -9.87
CA PHE A 38 0.83 -7.74 -10.03
C PHE A 38 1.73 -8.94 -10.36
N THR A 39 2.93 -8.70 -10.91
CA THR A 39 3.82 -9.75 -11.42
C THR A 39 5.20 -9.74 -10.77
N SER A 40 5.83 -8.57 -10.68
CA SER A 40 7.21 -8.39 -10.19
C SER A 40 7.50 -6.90 -9.93
N ALA A 41 8.61 -6.61 -9.24
CA ALA A 41 9.01 -5.26 -8.86
C ALA A 41 10.52 -5.06 -8.93
N GLU A 42 10.95 -3.88 -9.39
CA GLU A 42 12.37 -3.53 -9.59
C GLU A 42 12.74 -2.19 -8.95
N ASN A 43 13.97 -2.06 -8.44
CA ASN A 43 14.49 -0.75 -8.06
C ASN A 43 14.91 0.04 -9.31
N LEU A 44 14.35 1.24 -9.52
CA LEU A 44 14.51 1.99 -10.76
C LEU A 44 15.57 3.08 -10.60
N GLU A 45 15.48 3.92 -9.58
CA GLU A 45 16.53 4.88 -9.23
C GLU A 45 16.46 5.25 -7.74
N GLY A 46 17.59 5.13 -7.04
CA GLY A 46 17.78 5.59 -5.67
C GLY A 46 18.36 4.50 -4.77
N ASN A 47 18.96 4.93 -3.66
CA ASN A 47 19.71 4.09 -2.71
C ASN A 47 18.82 3.16 -1.85
N GLY A 48 17.49 3.33 -1.90
CA GLY A 48 16.49 2.61 -1.08
C GLY A 48 15.84 3.43 0.04
N GLY A 49 16.30 4.66 0.30
CA GLY A 49 15.64 5.62 1.19
C GLY A 49 14.36 6.22 0.57
N PRO A 50 13.47 6.87 1.35
CA PRO A 50 12.29 7.53 0.81
C PRO A 50 12.71 8.75 -0.04
N GLY A 51 12.20 8.80 -1.27
CA GLY A 51 12.79 9.52 -2.41
C GLY A 51 13.23 8.57 -3.53
N THR A 52 13.55 7.31 -3.23
CA THR A 52 13.86 6.27 -4.22
C THR A 52 12.62 5.89 -5.04
N ILE A 53 12.76 5.89 -6.38
CA ILE A 53 11.75 5.43 -7.33
C ILE A 53 12.00 3.94 -7.68
N LYS A 54 10.92 3.16 -7.72
CA LYS A 54 10.82 1.75 -8.15
C LYS A 54 10.07 1.66 -9.47
N LYS A 55 10.21 0.56 -10.21
CA LYS A 55 9.45 0.23 -11.42
C LYS A 55 8.82 -1.15 -11.28
N ILE A 56 7.51 -1.23 -11.45
CA ILE A 56 6.69 -2.39 -11.09
C ILE A 56 6.05 -2.97 -12.37
N THR A 57 5.91 -4.29 -12.45
CA THR A 57 5.24 -4.99 -13.57
C THR A 57 3.89 -5.56 -13.12
N PHE A 58 2.85 -5.29 -13.89
CA PHE A 58 1.47 -5.73 -13.66
C PHE A 58 1.00 -6.68 -14.78
N ALA A 59 -0.04 -7.49 -14.50
CA ALA A 59 -0.39 -8.72 -15.21
C ALA A 59 -0.53 -8.59 -16.74
N GLU A 60 -0.35 -9.72 -17.41
CA GLU A 60 -0.56 -9.93 -18.85
C GLU A 60 -1.99 -9.61 -19.33
N GLY A 61 -2.13 -9.25 -20.61
CA GLY A 61 -3.42 -8.96 -21.23
C GLY A 61 -3.25 -8.46 -22.67
N ASN A 62 -2.71 -9.31 -23.53
CA ASN A 62 -2.03 -9.01 -24.81
C ASN A 62 -0.73 -8.19 -24.65
N GLU A 63 -0.72 -7.25 -23.70
CA GLU A 63 0.45 -6.51 -23.24
C GLU A 63 0.50 -6.50 -21.70
N PHE A 64 1.69 -6.51 -21.12
CA PHE A 64 1.88 -6.18 -19.71
C PHE A 64 1.50 -4.72 -19.43
N LYS A 65 1.18 -4.41 -18.17
CA LYS A 65 1.03 -3.04 -17.68
C LYS A 65 2.23 -2.60 -16.84
N TYR A 66 2.59 -1.33 -17.01
CA TYR A 66 3.77 -0.68 -16.44
C TYR A 66 3.35 0.37 -15.40
N MET A 67 4.11 0.45 -14.30
CA MET A 67 4.03 1.52 -13.32
C MET A 67 5.41 1.88 -12.75
N LYS A 68 5.55 3.09 -12.23
CA LYS A 68 6.64 3.49 -11.33
C LYS A 68 6.07 3.82 -9.94
N HIS A 69 6.78 3.38 -8.91
CA HIS A 69 6.50 3.60 -7.49
C HIS A 69 7.55 4.54 -6.89
N LYS A 70 7.32 5.10 -5.71
CA LYS A 70 8.39 5.61 -4.85
C LYS A 70 8.06 5.31 -3.39
N VAL A 71 9.08 5.09 -2.58
CA VAL A 71 8.93 5.26 -1.13
C VAL A 71 8.94 6.77 -0.86
N GLU A 72 8.02 7.28 -0.06
CA GLU A 72 7.68 8.71 -0.02
C GLU A 72 7.98 9.37 1.34
N GLU A 73 8.03 8.60 2.42
CA GLU A 73 8.63 8.91 3.72
C GLU A 73 8.61 7.66 4.62
N ILE A 74 9.50 7.63 5.60
CA ILE A 74 9.49 6.67 6.72
C ILE A 74 9.82 7.44 8.00
N ASP A 75 9.04 7.26 9.07
CA ASP A 75 9.33 7.82 10.38
C ASP A 75 9.25 6.80 11.52
N HIS A 76 10.33 6.65 12.28
CA HIS A 76 10.38 5.74 13.43
C HIS A 76 9.84 6.33 14.74
N ALA A 77 9.66 7.65 14.85
CA ALA A 77 9.20 8.30 16.07
C ALA A 77 7.66 8.30 16.18
N ASN A 78 6.97 8.85 15.18
CA ASN A 78 5.51 8.79 15.05
C ASN A 78 5.01 7.53 14.30
N PHE A 79 5.91 6.56 14.07
CA PHE A 79 5.70 5.26 13.47
C PHE A 79 4.85 5.27 12.19
N LYS A 80 5.42 5.80 11.10
CA LYS A 80 4.78 5.86 9.77
C LYS A 80 5.64 5.32 8.64
N TYR A 81 4.97 4.79 7.62
CA TYR A 81 5.55 4.40 6.33
C TYR A 81 4.69 4.98 5.19
N CYS A 82 5.31 5.38 4.08
CA CYS A 82 4.60 5.96 2.94
C CYS A 82 5.23 5.53 1.60
N TYR A 83 4.38 5.26 0.61
CA TYR A 83 4.76 5.12 -0.79
C TYR A 83 3.73 5.80 -1.69
N SER A 84 4.02 5.88 -2.99
CA SER A 84 3.07 6.28 -4.01
C SER A 84 3.38 5.59 -5.34
N ILE A 85 2.35 5.27 -6.12
CA ILE A 85 2.52 5.07 -7.57
C ILE A 85 2.66 6.45 -8.23
N ILE A 86 3.84 6.75 -8.76
CA ILE A 86 4.20 8.05 -9.35
C ILE A 86 3.78 8.17 -10.83
N GLU A 87 3.53 7.04 -11.50
CA GLU A 87 3.21 6.92 -12.93
C GLU A 87 2.74 5.50 -13.25
N GLY A 88 1.94 5.32 -14.31
CA GLY A 88 1.66 4.00 -14.88
C GLY A 88 0.38 3.96 -15.73
N GLY A 89 0.21 2.91 -16.53
CA GLY A 89 -1.03 2.65 -17.27
C GLY A 89 -2.27 2.63 -16.38
N PRO A 90 -2.23 1.93 -15.22
CA PRO A 90 -3.22 2.02 -14.16
C PRO A 90 -3.64 3.44 -13.72
N LEU A 91 -2.75 4.43 -13.77
CA LEU A 91 -3.07 5.85 -13.55
C LEU A 91 -3.57 6.63 -14.79
N GLY A 92 -2.92 6.42 -15.94
CA GLY A 92 -2.70 7.46 -16.96
C GLY A 92 -3.93 8.09 -17.61
N HIS A 93 -5.07 7.40 -17.60
CA HIS A 93 -6.37 7.91 -18.06
C HIS A 93 -6.93 9.05 -17.20
N THR A 94 -6.64 9.10 -15.89
CA THR A 94 -7.31 10.03 -14.95
C THR A 94 -6.41 10.59 -13.83
N LEU A 95 -5.34 9.90 -13.43
CA LEU A 95 -4.57 10.18 -12.23
C LEU A 95 -3.11 10.56 -12.50
N GLU A 96 -2.58 11.45 -11.66
CA GLU A 96 -1.16 11.75 -11.54
C GLU A 96 -0.45 10.78 -10.59
N LYS A 97 -1.13 10.39 -9.51
CA LYS A 97 -0.55 9.61 -8.40
C LYS A 97 -1.60 8.95 -7.52
N ILE A 98 -1.23 7.87 -6.84
CA ILE A 98 -1.97 7.33 -5.69
C ILE A 98 -0.98 7.12 -4.52
N PRO A 99 -0.84 8.10 -3.60
CA PRO A 99 -0.11 7.90 -2.35
C PRO A 99 -0.83 6.97 -1.37
N TYR A 100 -0.03 6.28 -0.57
CA TYR A 100 -0.40 5.37 0.50
C TYR A 100 0.33 5.76 1.78
N GLU A 101 -0.38 5.89 2.89
CA GLU A 101 0.16 6.27 4.19
C GLU A 101 -0.25 5.25 5.26
N ILE A 102 0.72 4.81 6.05
CA ILE A 102 0.58 3.68 6.96
C ILE A 102 1.02 4.13 8.36
N LYS A 103 0.24 3.83 9.41
CA LYS A 103 0.59 4.12 10.81
C LYS A 103 0.63 2.85 11.66
N MET A 104 1.69 2.64 12.43
CA MET A 104 1.62 1.78 13.61
C MET A 104 1.19 2.61 14.81
N ALA A 105 0.15 2.15 15.47
CA ALA A 105 -0.77 2.98 16.23
C ALA A 105 -1.02 2.41 17.63
N ALA A 106 -1.19 3.29 18.63
CA ALA A 106 -1.39 2.91 20.02
C ALA A 106 -2.75 2.21 20.21
N ALA A 107 -2.74 0.93 20.59
CA ALA A 107 -3.94 0.14 20.81
C ALA A 107 -4.52 0.37 22.22
N PRO A 108 -5.80 0.02 22.46
CA PRO A 108 -6.37 -0.07 23.80
C PRO A 108 -5.57 -1.01 24.74
N HIS A 109 -4.88 -2.01 24.18
CA HIS A 109 -3.90 -2.85 24.88
C HIS A 109 -2.47 -2.36 24.59
N GLY A 110 -1.76 -1.84 25.58
CA GLY A 110 -0.40 -1.31 25.41
C GLY A 110 0.63 -2.37 24.98
N GLY A 111 0.36 -3.66 25.24
CA GLY A 111 1.17 -4.79 24.80
C GLY A 111 0.96 -5.25 23.34
N GLY A 112 -0.02 -4.71 22.62
CA GLY A 112 -0.26 -4.97 21.18
C GLY A 112 -0.11 -3.69 20.34
N SER A 113 -0.68 -3.69 19.14
CA SER A 113 -0.76 -2.50 18.27
C SER A 113 -2.02 -2.48 17.40
N ILE A 114 -2.36 -1.27 16.95
CA ILE A 114 -3.22 -1.02 15.79
C ILE A 114 -2.29 -0.80 14.58
N LEU A 115 -2.70 -1.20 13.38
CA LEU A 115 -1.99 -0.84 12.14
C LEU A 115 -2.97 -0.21 11.14
N LYS A 116 -2.89 1.11 10.99
CA LYS A 116 -3.76 1.87 10.09
C LYS A 116 -3.18 1.88 8.67
N ILE A 117 -4.05 1.68 7.68
CA ILE A 117 -3.74 1.70 6.24
C ILE A 117 -4.60 2.80 5.58
N THR A 118 -3.98 3.75 4.87
CA THR A 118 -4.66 4.89 4.22
C THR A 118 -4.16 5.05 2.78
N SER A 119 -5.03 5.50 1.88
CA SER A 119 -4.66 5.84 0.50
C SER A 119 -5.47 7.03 -0.04
N LYS A 120 -4.87 7.78 -0.95
CA LYS A 120 -5.42 8.97 -1.62
C LYS A 120 -5.07 8.92 -3.12
N TYR A 121 -5.97 9.40 -3.98
CA TYR A 121 -5.97 9.17 -5.42
C TYR A 121 -6.14 10.53 -6.13
N HIS A 122 -5.03 11.10 -6.64
CA HIS A 122 -4.98 12.49 -7.14
C HIS A 122 -5.02 12.56 -8.67
N THR A 123 -5.93 13.38 -9.21
CA THR A 123 -6.16 13.46 -10.66
C THR A 123 -5.01 14.12 -11.43
N LYS A 124 -4.87 13.75 -12.71
CA LYS A 124 -3.96 14.41 -13.66
C LYS A 124 -4.50 15.77 -14.10
N GLY A 125 -3.60 16.68 -14.47
CA GLY A 125 -3.93 18.08 -14.76
C GLY A 125 -4.77 18.71 -13.64
N ASN A 126 -5.92 19.30 -13.99
CA ASN A 126 -6.92 19.81 -13.06
C ASN A 126 -8.25 19.03 -13.13
N ALA A 127 -8.25 17.79 -13.64
CA ALA A 127 -9.48 17.04 -13.91
C ALA A 127 -10.24 16.60 -12.65
N SER A 128 -11.54 16.32 -12.79
CA SER A 128 -12.34 15.50 -11.87
C SER A 128 -12.19 14.01 -12.22
N ILE A 129 -12.29 13.12 -11.24
CA ILE A 129 -12.12 11.66 -11.40
C ILE A 129 -13.34 10.98 -12.07
N ASN A 130 -13.12 9.84 -12.72
CA ASN A 130 -14.16 8.84 -13.01
C ASN A 130 -14.67 8.21 -11.73
N GLU A 131 -15.99 8.16 -11.58
CA GLU A 131 -16.65 7.15 -10.76
C GLU A 131 -16.10 5.76 -11.11
N GLU A 132 -15.69 5.53 -12.36
CA GLU A 132 -15.13 4.20 -12.72
C GLU A 132 -13.81 3.91 -12.00
N GLU A 133 -13.01 4.93 -11.71
CA GLU A 133 -11.81 4.84 -10.88
C GLU A 133 -12.08 4.97 -9.38
N ILE A 134 -13.16 5.63 -8.95
CA ILE A 134 -13.62 5.59 -7.54
C ILE A 134 -14.04 4.17 -7.18
N LYS A 135 -14.99 3.62 -7.94
CA LYS A 135 -15.68 2.36 -7.63
C LYS A 135 -14.73 1.17 -7.71
N ALA A 136 -13.90 1.12 -8.76
CA ALA A 136 -12.78 0.20 -8.83
C ALA A 136 -11.79 0.50 -7.68
N GLY A 137 -11.46 1.77 -7.43
CA GLY A 137 -10.51 2.20 -6.42
C GLY A 137 -10.79 1.67 -5.01
N LYS A 138 -11.95 1.99 -4.40
CA LYS A 138 -12.26 1.53 -3.02
C LYS A 138 -12.34 0.01 -2.88
N GLU A 139 -12.80 -0.64 -3.92
CA GLU A 139 -13.11 -2.07 -4.01
C GLU A 139 -11.94 -3.00 -4.33
N LYS A 140 -11.04 -2.55 -5.21
CA LYS A 140 -9.64 -2.93 -5.14
C LYS A 140 -9.14 -2.68 -3.73
N ALA A 141 -9.63 -1.66 -3.02
CA ALA A 141 -9.01 -1.31 -1.74
C ALA A 141 -9.57 -2.15 -0.57
N ALA A 142 -10.81 -2.61 -0.65
CA ALA A 142 -11.34 -3.70 0.15
C ALA A 142 -10.58 -5.01 -0.12
N GLY A 143 -10.21 -5.27 -1.38
CA GLY A 143 -9.34 -6.38 -1.76
C GLY A 143 -7.98 -6.30 -1.07
N LEU A 144 -7.25 -5.21 -1.30
CA LEU A 144 -5.93 -4.95 -0.69
C LEU A 144 -6.01 -4.93 0.84
N PHE A 145 -6.81 -4.04 1.42
CA PHE A 145 -6.75 -3.69 2.84
C PHE A 145 -7.44 -4.71 3.73
N LYS A 146 -8.41 -5.50 3.25
CA LYS A 146 -8.90 -6.69 3.99
C LYS A 146 -8.01 -7.91 3.82
N ALA A 147 -7.20 -7.98 2.78
CA ALA A 147 -6.09 -8.92 2.78
C ALA A 147 -4.92 -8.43 3.66
N VAL A 148 -4.68 -7.12 3.84
CA VAL A 148 -3.82 -6.63 4.93
C VAL A 148 -4.43 -6.95 6.30
N GLU A 149 -5.73 -6.68 6.49
CA GLU A 149 -6.43 -6.93 7.75
C GLU A 149 -6.44 -8.42 8.08
N ALA A 150 -7.02 -9.24 7.22
CA ALA A 150 -7.01 -10.69 7.44
C ALA A 150 -5.60 -11.27 7.45
N TYR A 151 -4.64 -10.79 6.66
CA TYR A 151 -3.24 -11.20 6.88
C TYR A 151 -2.82 -10.98 8.35
N LEU A 152 -2.92 -9.74 8.85
CA LEU A 152 -2.59 -9.34 10.23
C LEU A 152 -3.35 -10.14 11.29
N LEU A 153 -4.68 -10.09 11.26
CA LEU A 153 -5.59 -10.76 12.20
C LEU A 153 -5.45 -12.28 12.18
N ALA A 154 -5.46 -12.90 11.00
CA ALA A 154 -5.50 -14.36 10.83
C ALA A 154 -4.12 -15.03 10.93
N HIS A 155 -3.00 -14.28 10.88
CA HIS A 155 -1.63 -14.82 10.98
C HIS A 155 -1.46 -15.70 12.23
N PRO A 156 -1.23 -17.03 12.09
CA PRO A 156 -1.25 -17.95 13.23
C PRO A 156 -0.09 -17.76 14.21
N ASP A 157 1.07 -17.32 13.73
CA ASP A 157 2.36 -17.38 14.44
C ASP A 157 2.77 -16.03 15.07
N ALA A 158 1.93 -15.00 14.98
CA ALA A 158 2.27 -13.61 15.33
C ALA A 158 2.72 -13.43 16.79
N TYR A 159 2.30 -14.32 17.69
CA TYR A 159 2.61 -14.33 19.13
C TYR A 159 4.07 -14.71 19.50
N CYS A 160 4.95 -14.75 18.50
CA CYS A 160 6.38 -15.08 18.58
C CYS A 160 7.24 -14.06 17.83
N GLY A 1 -10.19 15.81 -8.50
CA GLY A 1 -10.57 15.68 -7.09
C GLY A 1 -9.88 14.48 -6.48
N VAL A 2 -10.22 14.17 -5.23
CA VAL A 2 -9.65 13.02 -4.49
C VAL A 2 -10.74 12.13 -3.90
N PHE A 3 -10.59 10.83 -4.06
CA PHE A 3 -11.32 9.79 -3.31
C PHE A 3 -10.38 9.08 -2.34
N SER A 4 -10.90 8.53 -1.23
CA SER A 4 -10.12 7.78 -0.24
C SER A 4 -10.89 6.60 0.35
N TYR A 5 -10.16 5.56 0.81
CA TYR A 5 -10.69 4.33 1.39
C TYR A 5 -9.79 3.82 2.53
N GLU A 6 -10.38 3.33 3.62
CA GLU A 6 -9.69 3.10 4.89
C GLU A 6 -10.06 1.75 5.52
N ASP A 7 -9.09 1.09 6.14
CA ASP A 7 -9.25 -0.18 6.85
C ASP A 7 -8.21 -0.33 7.97
N GLU A 8 -8.47 -1.09 9.03
CA GLU A 8 -7.52 -1.29 10.13
C GLU A 8 -7.50 -2.68 10.74
N ALA A 9 -6.28 -3.18 10.93
CA ALA A 9 -5.97 -4.47 11.54
C ALA A 9 -5.56 -4.35 13.01
N THR A 10 -5.38 -5.48 13.69
CA THR A 10 -4.76 -5.58 15.02
C THR A 10 -3.78 -6.75 15.08
N SER A 11 -2.80 -6.67 15.98
CA SER A 11 -1.72 -7.65 16.13
C SER A 11 -1.28 -7.76 17.59
N VAL A 12 -0.74 -8.93 17.96
CA VAL A 12 -0.06 -9.14 19.26
C VAL A 12 1.39 -8.62 19.26
N ILE A 13 1.91 -8.17 18.12
CA ILE A 13 3.24 -7.56 17.96
C ILE A 13 3.18 -6.07 18.35
N PRO A 14 4.14 -5.51 19.13
CA PRO A 14 4.14 -4.10 19.53
C PRO A 14 4.50 -3.16 18.35
N PRO A 15 4.17 -1.84 18.43
CA PRO A 15 4.29 -0.93 17.28
C PRO A 15 5.67 -0.92 16.63
N ALA A 16 6.76 -0.75 17.41
CA ALA A 16 8.13 -0.75 16.89
C ALA A 16 8.52 -2.02 16.13
N ARG A 17 8.04 -3.18 16.61
CA ARG A 17 8.35 -4.48 16.01
C ARG A 17 7.48 -4.77 14.78
N LEU A 18 6.21 -4.34 14.75
CA LEU A 18 5.37 -4.45 13.54
C LEU A 18 5.71 -3.47 12.43
N PHE A 19 6.30 -2.41 12.88
CA PHE A 19 6.83 -1.31 12.08
C PHE A 19 7.92 -1.75 11.14
N LYS A 20 8.92 -2.23 11.84
CA LYS A 20 10.13 -2.83 11.26
C LYS A 20 9.89 -4.09 10.42
N SER A 21 8.82 -4.75 10.77
CA SER A 21 8.31 -5.94 10.10
C SER A 21 7.71 -5.59 8.75
N PHE A 22 6.72 -4.69 8.72
CA PHE A 22 6.12 -4.18 7.49
C PHE A 22 7.12 -3.43 6.58
N VAL A 23 8.04 -2.64 7.15
CA VAL A 23 9.13 -1.96 6.42
C VAL A 23 9.98 -2.95 5.60
N LEU A 24 10.28 -4.12 6.18
CA LEU A 24 11.01 -5.22 5.54
C LEU A 24 10.13 -6.11 4.63
N ASP A 25 8.81 -5.86 4.57
CA ASP A 25 7.80 -6.68 3.89
C ASP A 25 6.92 -5.84 2.92
N ALA A 26 7.42 -4.67 2.51
CA ALA A 26 6.75 -3.64 1.72
C ALA A 26 6.58 -4.01 0.24
N ASP A 27 7.70 -4.32 -0.43
CA ASP A 27 7.69 -5.02 -1.72
C ASP A 27 7.03 -6.41 -1.58
N ASN A 28 7.15 -7.01 -0.40
CA ASN A 28 6.52 -8.31 -0.13
C ASN A 28 4.99 -8.22 0.00
N LEU A 29 4.38 -7.04 0.06
CA LEU A 29 2.91 -6.88 -0.03
C LEU A 29 2.39 -7.51 -1.33
N ILE A 30 3.05 -7.24 -2.46
CA ILE A 30 2.53 -7.53 -3.80
C ILE A 30 2.16 -9.03 -3.95
N PRO A 31 3.01 -10.02 -3.62
CA PRO A 31 2.62 -11.43 -3.71
C PRO A 31 1.59 -11.86 -2.65
N LYS A 32 1.63 -11.34 -1.41
CA LYS A 32 0.73 -11.77 -0.32
C LYS A 32 -0.64 -11.07 -0.28
N VAL A 33 -0.81 -9.93 -0.98
CA VAL A 33 -2.08 -9.17 -1.01
C VAL A 33 -2.67 -8.92 -2.41
N ALA A 34 -1.92 -9.16 -3.49
CA ALA A 34 -2.41 -9.06 -4.87
C ALA A 34 -1.74 -10.13 -5.77
N PRO A 35 -2.08 -11.43 -5.61
CA PRO A 35 -1.32 -12.53 -6.18
C PRO A 35 -1.37 -12.57 -7.71
N GLN A 36 -2.58 -12.58 -8.27
CA GLN A 36 -2.85 -12.71 -9.71
C GLN A 36 -2.53 -11.44 -10.53
N HIS A 37 -2.23 -10.33 -9.86
CA HIS A 37 -2.21 -8.99 -10.45
C HIS A 37 -0.82 -8.58 -10.97
N PHE A 38 0.26 -9.04 -10.34
CA PHE A 38 1.62 -8.58 -10.65
C PHE A 38 2.53 -9.71 -11.11
N THR A 39 3.22 -9.49 -12.23
CA THR A 39 4.35 -10.33 -12.67
C THR A 39 5.58 -10.07 -11.81
N SER A 40 5.91 -8.80 -11.57
CA SER A 40 7.12 -8.39 -10.85
C SER A 40 7.03 -6.99 -10.27
N ALA A 41 7.87 -6.72 -9.27
CA ALA A 41 8.22 -5.38 -8.81
C ALA A 41 9.75 -5.25 -8.74
N GLU A 42 10.29 -4.13 -9.21
CA GLU A 42 11.75 -3.92 -9.30
C GLU A 42 12.17 -2.54 -8.76
N ASN A 43 13.38 -2.38 -8.22
CA ASN A 43 13.91 -1.06 -7.91
C ASN A 43 14.31 -0.32 -9.19
N LEU A 44 13.94 0.95 -9.33
CA LEU A 44 14.29 1.79 -10.47
C LEU A 44 15.38 2.81 -10.11
N GLU A 45 15.21 3.55 -9.01
CA GLU A 45 16.17 4.57 -8.55
C GLU A 45 15.99 4.89 -7.05
N GLY A 46 17.07 4.82 -6.27
CA GLY A 46 17.14 5.19 -4.85
C GLY A 46 17.45 4.00 -3.91
N ASN A 47 17.92 4.32 -2.70
CA ASN A 47 18.44 3.37 -1.71
C ASN A 47 17.41 2.48 -0.98
N GLY A 48 16.10 2.71 -1.19
CA GLY A 48 15.01 2.05 -0.47
C GLY A 48 14.41 2.86 0.69
N GLY A 49 14.92 4.07 0.95
CA GLY A 49 14.25 5.06 1.80
C GLY A 49 13.16 5.82 1.03
N PRO A 50 12.31 6.60 1.73
CA PRO A 50 11.24 7.35 1.08
C PRO A 50 11.84 8.45 0.17
N GLY A 51 11.29 8.53 -1.05
CA GLY A 51 11.89 9.13 -2.23
C GLY A 51 12.27 8.09 -3.31
N THR A 52 12.59 6.85 -2.93
CA THR A 52 13.01 5.79 -3.88
C THR A 52 11.88 5.34 -4.80
N ILE A 53 12.11 5.36 -6.12
CA ILE A 53 11.18 4.88 -7.15
C ILE A 53 11.48 3.42 -7.54
N LYS A 54 10.41 2.65 -7.79
CA LYS A 54 10.37 1.25 -8.20
C LYS A 54 9.61 1.12 -9.54
N LYS A 55 10.02 0.22 -10.43
CA LYS A 55 9.37 -0.10 -11.71
C LYS A 55 8.64 -1.45 -11.61
N ILE A 56 7.36 -1.45 -11.91
CA ILE A 56 6.41 -2.49 -11.49
C ILE A 56 5.67 -3.03 -12.73
N THR A 57 5.37 -4.32 -12.76
CA THR A 57 4.79 -5.00 -13.94
C THR A 57 3.51 -5.76 -13.59
N PHE A 58 2.38 -5.33 -14.17
CA PHE A 58 1.11 -6.04 -14.10
C PHE A 58 1.13 -7.32 -14.96
N ALA A 59 0.36 -8.32 -14.55
CA ALA A 59 0.24 -9.62 -15.19
C ALA A 59 -0.24 -9.57 -16.67
N GLU A 60 -0.10 -10.71 -17.35
CA GLU A 60 -0.49 -10.89 -18.76
C GLU A 60 -1.98 -10.63 -19.03
N GLY A 61 -2.31 -10.21 -20.24
CA GLY A 61 -3.67 -9.92 -20.69
C GLY A 61 -3.67 -9.31 -22.09
N ASN A 62 -3.28 -10.09 -23.10
CA ASN A 62 -2.88 -9.67 -24.46
C ASN A 62 -1.64 -8.75 -24.51
N GLU A 63 -1.46 -7.89 -23.52
CA GLU A 63 -0.21 -7.21 -23.19
C GLU A 63 -0.14 -6.96 -21.68
N PHE A 64 1.07 -6.95 -21.11
CA PHE A 64 1.28 -6.53 -19.72
C PHE A 64 0.85 -5.06 -19.50
N LYS A 65 0.71 -4.63 -18.25
CA LYS A 65 0.54 -3.20 -17.92
C LYS A 65 1.68 -2.67 -17.06
N TYR A 66 2.09 -1.44 -17.37
CA TYR A 66 3.24 -0.74 -16.80
C TYR A 66 2.79 0.20 -15.68
N MET A 67 3.53 0.19 -14.57
CA MET A 67 3.41 1.14 -13.47
C MET A 67 4.78 1.44 -12.85
N LYS A 68 4.89 2.56 -12.15
CA LYS A 68 5.99 2.84 -11.22
C LYS A 68 5.43 3.19 -9.83
N HIS A 69 6.02 2.61 -8.80
CA HIS A 69 5.75 2.94 -7.39
C HIS A 69 6.87 3.82 -6.83
N LYS A 70 6.65 4.48 -5.69
CA LYS A 70 7.73 5.02 -4.88
C LYS A 70 7.41 4.86 -3.41
N VAL A 71 8.43 4.58 -2.60
CA VAL A 71 8.35 4.81 -1.16
C VAL A 71 8.28 6.33 -0.94
N GLU A 72 7.39 6.83 -0.10
CA GLU A 72 7.01 8.26 -0.05
C GLU A 72 7.19 8.87 1.34
N GLU A 73 7.18 8.05 2.38
CA GLU A 73 7.36 8.41 3.79
C GLU A 73 7.73 7.15 4.57
N ILE A 74 8.62 7.30 5.55
CA ILE A 74 8.79 6.34 6.64
C ILE A 74 9.15 7.11 7.90
N ASP A 75 8.36 6.99 8.95
CA ASP A 75 8.62 7.61 10.25
C ASP A 75 8.51 6.61 11.41
N HIS A 76 9.57 6.43 12.19
CA HIS A 76 9.47 5.70 13.45
C HIS A 76 8.76 6.51 14.54
N ALA A 77 8.97 7.84 14.59
CA ALA A 77 8.55 8.67 15.73
C ALA A 77 7.02 8.72 15.92
N ASN A 78 6.23 8.64 14.84
CA ASN A 78 4.78 8.39 14.88
C ASN A 78 4.35 7.11 14.14
N PHE A 79 5.29 6.20 13.91
CA PHE A 79 5.11 4.86 13.31
C PHE A 79 4.21 4.83 12.06
N LYS A 80 4.72 5.39 10.95
CA LYS A 80 4.05 5.34 9.63
C LYS A 80 4.97 4.88 8.50
N TYR A 81 4.35 4.26 7.50
CA TYR A 81 4.95 3.93 6.20
C TYR A 81 4.05 4.44 5.07
N CYS A 82 4.63 4.85 3.95
CA CYS A 82 3.89 5.31 2.78
C CYS A 82 4.56 4.87 1.48
N TYR A 83 3.76 4.46 0.50
CA TYR A 83 4.16 4.38 -0.90
C TYR A 83 3.06 4.93 -1.79
N SER A 84 3.36 5.17 -3.07
CA SER A 84 2.40 5.64 -4.07
C SER A 84 2.72 5.08 -5.44
N ILE A 85 1.72 4.76 -6.26
CA ILE A 85 1.92 4.63 -7.72
C ILE A 85 2.08 6.04 -8.31
N ILE A 86 3.30 6.35 -8.76
CA ILE A 86 3.68 7.67 -9.32
C ILE A 86 3.24 7.81 -10.78
N GLU A 87 3.04 6.70 -11.50
CA GLU A 87 2.82 6.66 -12.95
C GLU A 87 2.33 5.26 -13.38
N GLY A 88 1.53 5.17 -14.45
CA GLY A 88 1.26 3.90 -15.13
C GLY A 88 0.13 3.99 -16.15
N GLY A 89 -0.04 2.95 -16.97
CA GLY A 89 -1.22 2.78 -17.82
C GLY A 89 -2.54 2.68 -17.01
N PRO A 90 -2.56 1.91 -15.91
CA PRO A 90 -3.63 1.90 -14.92
C PRO A 90 -4.00 3.25 -14.30
N LEU A 91 -3.09 4.24 -14.26
CA LEU A 91 -3.42 5.64 -13.91
C LEU A 91 -3.89 6.50 -15.10
N GLY A 92 -3.23 6.37 -16.25
CA GLY A 92 -3.08 7.42 -17.27
C GLY A 92 -4.37 7.98 -17.91
N HIS A 93 -5.50 7.29 -17.76
CA HIS A 93 -6.80 7.76 -18.22
C HIS A 93 -7.35 8.92 -17.39
N THR A 94 -7.17 8.95 -16.07
CA THR A 94 -7.76 9.96 -15.18
C THR A 94 -6.90 10.40 -13.99
N LEU A 95 -5.88 9.63 -13.59
CA LEU A 95 -5.19 9.79 -12.31
C LEU A 95 -3.76 10.31 -12.48
N GLU A 96 -3.33 11.19 -11.59
CA GLU A 96 -1.92 11.52 -11.39
C GLU A 96 -1.23 10.46 -10.54
N LYS A 97 -1.87 10.00 -9.45
CA LYS A 97 -1.26 9.12 -8.42
C LYS A 97 -2.31 8.40 -7.57
N ILE A 98 -1.92 7.29 -6.95
CA ILE A 98 -2.65 6.63 -5.86
C ILE A 98 -1.70 6.35 -4.69
N PRO A 99 -1.60 7.26 -3.69
CA PRO A 99 -0.86 7.00 -2.46
C PRO A 99 -1.54 6.02 -1.50
N TYR A 100 -0.72 5.43 -0.63
CA TYR A 100 -1.10 4.53 0.45
C TYR A 100 -0.50 5.03 1.76
N GLU A 101 -1.31 5.15 2.82
CA GLU A 101 -0.87 5.60 4.15
C GLU A 101 -1.06 4.48 5.17
N ILE A 102 0.02 4.10 5.85
CA ILE A 102 0.06 2.97 6.78
C ILE A 102 0.46 3.47 8.17
N LYS A 103 -0.24 3.05 9.24
CA LYS A 103 0.12 3.36 10.64
C LYS A 103 0.30 2.09 11.45
N MET A 104 1.35 1.99 12.27
CA MET A 104 1.34 1.13 13.46
C MET A 104 1.02 1.98 14.68
N ALA A 105 -0.02 1.59 15.39
CA ALA A 105 -0.75 2.46 16.31
C ALA A 105 -0.85 1.80 17.71
N ALA A 106 -0.80 2.61 18.77
CA ALA A 106 -0.97 2.14 20.14
C ALA A 106 -2.33 1.46 20.35
N ALA A 107 -2.32 0.23 20.90
CA ALA A 107 -3.48 -0.63 21.14
C ALA A 107 -3.76 -0.79 22.65
N PRO A 108 -4.98 -1.20 23.08
CA PRO A 108 -5.31 -1.30 24.49
C PRO A 108 -4.45 -2.33 25.26
N HIS A 109 -3.93 -3.38 24.60
CA HIS A 109 -2.75 -4.10 25.10
C HIS A 109 -1.47 -3.43 24.60
N GLY A 110 -0.65 -2.90 25.53
CA GLY A 110 0.51 -2.05 25.22
C GLY A 110 1.62 -2.75 24.43
N GLY A 111 1.78 -4.07 24.65
CA GLY A 111 2.69 -4.93 23.88
C GLY A 111 2.13 -5.48 22.57
N GLY A 112 0.89 -5.16 22.21
CA GLY A 112 0.31 -5.40 20.89
C GLY A 112 0.25 -4.10 20.07
N SER A 113 -0.45 -4.10 18.93
CA SER A 113 -0.66 -2.90 18.11
C SER A 113 -1.92 -2.98 17.25
N ILE A 114 -2.40 -1.82 16.82
CA ILE A 114 -3.35 -1.67 15.70
C ILE A 114 -2.50 -1.36 14.47
N LEU A 115 -2.80 -1.92 13.29
CA LEU A 115 -2.12 -1.59 12.05
C LEU A 115 -3.14 -1.05 11.04
N LYS A 116 -3.17 0.27 10.84
CA LYS A 116 -4.10 0.93 9.92
C LYS A 116 -3.54 0.96 8.49
N ILE A 117 -4.40 0.69 7.51
CA ILE A 117 -4.09 0.69 6.07
C ILE A 117 -5.06 1.63 5.33
N THR A 118 -4.56 2.61 4.59
CA THR A 118 -5.37 3.61 3.85
C THR A 118 -4.90 3.76 2.40
N SER A 119 -5.79 4.05 1.45
CA SER A 119 -5.45 4.50 0.09
C SER A 119 -6.25 5.75 -0.31
N LYS A 120 -5.66 6.59 -1.17
CA LYS A 120 -6.22 7.83 -1.73
C LYS A 120 -5.89 7.92 -3.22
N TYR A 121 -6.76 8.54 -4.01
CA TYR A 121 -6.75 8.50 -5.47
C TYR A 121 -6.89 9.93 -6.02
N HIS A 122 -5.86 10.46 -6.70
CA HIS A 122 -5.81 11.87 -7.15
C HIS A 122 -5.70 12.00 -8.68
N THR A 123 -6.43 12.96 -9.24
CA THR A 123 -6.64 13.16 -10.68
C THR A 123 -5.48 13.84 -11.44
N LYS A 124 -5.38 13.56 -12.74
CA LYS A 124 -4.39 14.16 -13.66
C LYS A 124 -4.80 15.58 -14.07
N GLY A 125 -3.89 16.55 -13.94
CA GLY A 125 -4.13 17.96 -14.28
C GLY A 125 -5.32 18.54 -13.52
N ASN A 126 -6.38 18.94 -14.22
CA ASN A 126 -7.67 19.36 -13.63
C ASN A 126 -8.81 18.34 -13.84
N ALA A 127 -8.53 17.11 -14.27
CA ALA A 127 -9.54 16.13 -14.67
C ALA A 127 -10.46 15.71 -13.50
N SER A 128 -11.65 15.21 -13.83
CA SER A 128 -12.49 14.46 -12.90
C SER A 128 -12.10 12.98 -12.87
N ILE A 129 -12.21 12.32 -11.71
CA ILE A 129 -12.08 10.87 -11.59
C ILE A 129 -13.32 10.17 -12.18
N ASN A 130 -13.15 8.98 -12.76
CA ASN A 130 -14.25 8.05 -13.03
C ASN A 130 -14.85 7.58 -11.70
N GLU A 131 -16.16 7.69 -11.57
CA GLU A 131 -16.94 6.84 -10.67
C GLU A 131 -16.62 5.35 -10.91
N GLU A 132 -16.19 5.00 -12.12
CA GLU A 132 -15.72 3.62 -12.38
C GLU A 132 -14.40 3.32 -11.65
N GLU A 133 -13.47 4.29 -11.60
CA GLU A 133 -12.18 4.19 -10.91
C GLU A 133 -12.29 4.38 -9.40
N ILE A 134 -13.27 5.14 -8.92
CA ILE A 134 -13.66 5.17 -7.50
C ILE A 134 -14.09 3.78 -7.09
N LYS A 135 -15.10 3.23 -7.79
CA LYS A 135 -15.78 2.02 -7.34
C LYS A 135 -14.99 0.73 -7.57
N ALA A 136 -14.28 0.61 -8.71
CA ALA A 136 -13.23 -0.40 -8.82
C ALA A 136 -12.14 -0.15 -7.77
N GLY A 137 -11.80 1.12 -7.51
CA GLY A 137 -10.83 1.56 -6.50
C GLY A 137 -11.05 0.93 -5.13
N LYS A 138 -12.22 1.14 -4.48
CA LYS A 138 -12.46 0.65 -3.11
C LYS A 138 -12.45 -0.87 -2.97
N GLU A 139 -12.91 -1.52 -4.01
CA GLU A 139 -13.11 -2.96 -4.13
C GLU A 139 -11.90 -3.78 -4.51
N LYS A 140 -11.10 -3.28 -5.45
CA LYS A 140 -9.67 -3.61 -5.46
C LYS A 140 -9.06 -3.30 -4.10
N ALA A 141 -9.61 -2.35 -3.32
CA ALA A 141 -8.96 -1.99 -2.05
C ALA A 141 -9.37 -2.90 -0.90
N ALA A 142 -10.60 -3.43 -0.88
CA ALA A 142 -10.99 -4.58 -0.07
C ALA A 142 -10.16 -5.82 -0.43
N GLY A 143 -9.80 -6.00 -1.70
CA GLY A 143 -8.87 -7.02 -2.16
C GLY A 143 -7.50 -6.91 -1.48
N LEU A 144 -6.87 -5.73 -1.56
CA LEU A 144 -5.60 -5.45 -0.88
C LEU A 144 -5.75 -5.60 0.65
N PHE A 145 -6.66 -4.84 1.25
CA PHE A 145 -6.68 -4.57 2.68
C PHE A 145 -7.28 -5.72 3.50
N LYS A 146 -8.15 -6.57 2.94
CA LYS A 146 -8.57 -7.82 3.59
C LYS A 146 -7.56 -8.94 3.42
N ALA A 147 -6.69 -8.88 2.42
CA ALA A 147 -5.51 -9.72 2.40
C ALA A 147 -4.36 -9.21 3.26
N VAL A 148 -4.29 -7.91 3.58
CA VAL A 148 -3.50 -7.44 4.75
C VAL A 148 -4.16 -7.88 6.07
N GLU A 149 -5.49 -7.73 6.20
CA GLU A 149 -6.23 -8.09 7.42
C GLU A 149 -6.14 -9.58 7.68
N ALA A 150 -6.60 -10.42 6.76
CA ALA A 150 -6.47 -11.86 6.91
C ALA A 150 -5.01 -12.34 6.93
N TYR A 151 -4.05 -11.70 6.24
CA TYR A 151 -2.64 -11.96 6.56
C TYR A 151 -2.35 -11.81 8.07
N LEU A 152 -2.65 -10.65 8.66
CA LEU A 152 -2.40 -10.34 10.07
C LEU A 152 -3.22 -11.21 11.03
N LEU A 153 -4.55 -11.12 10.95
CA LEU A 153 -5.50 -11.78 11.86
C LEU A 153 -5.48 -13.31 11.76
N ALA A 154 -5.22 -13.88 10.57
CA ALA A 154 -5.22 -15.32 10.35
C ALA A 154 -3.82 -15.96 10.33
N HIS A 155 -2.74 -15.23 10.65
CA HIS A 155 -1.44 -15.84 11.00
C HIS A 155 -1.52 -16.47 12.40
N PRO A 156 -1.47 -17.82 12.56
CA PRO A 156 -1.60 -18.44 13.87
C PRO A 156 -0.33 -18.26 14.72
N ASP A 157 0.84 -18.25 14.07
CA ASP A 157 2.17 -18.16 14.69
C ASP A 157 2.57 -16.73 15.07
N ALA A 158 1.65 -15.77 15.09
CA ALA A 158 1.89 -14.37 15.49
C ALA A 158 2.48 -14.20 16.91
N TYR A 159 2.46 -15.25 17.74
CA TYR A 159 3.08 -15.31 19.06
C TYR A 159 4.62 -15.46 19.07
N CYS A 160 5.25 -15.36 17.91
CA CYS A 160 6.70 -15.49 17.66
C CYS A 160 7.41 -14.14 17.51
N GLY A 1 -9.94 16.54 -8.04
CA GLY A 1 -9.80 16.56 -6.58
C GLY A 1 -9.16 15.29 -6.09
N VAL A 2 -9.41 14.97 -4.82
CA VAL A 2 -8.88 13.80 -4.11
C VAL A 2 -10.01 12.98 -3.51
N PHE A 3 -10.17 11.73 -3.94
CA PHE A 3 -10.92 10.70 -3.22
C PHE A 3 -10.02 10.01 -2.19
N SER A 4 -10.56 9.46 -1.11
CA SER A 4 -9.81 8.74 -0.05
C SER A 4 -10.60 7.54 0.47
N TYR A 5 -9.89 6.51 0.93
CA TYR A 5 -10.47 5.29 1.50
C TYR A 5 -9.63 4.75 2.66
N GLU A 6 -10.25 4.53 3.82
CA GLU A 6 -9.57 4.22 5.09
C GLU A 6 -10.06 2.92 5.73
N ASP A 7 -9.14 2.15 6.30
CA ASP A 7 -9.39 0.96 7.13
C ASP A 7 -8.29 0.83 8.20
N GLU A 8 -8.55 0.19 9.34
CA GLU A 8 -7.50 -0.09 10.31
C GLU A 8 -7.57 -1.45 10.98
N ALA A 9 -6.39 -2.03 11.15
CA ALA A 9 -6.16 -3.37 11.68
C ALA A 9 -5.72 -3.35 13.15
N THR A 10 -5.60 -4.53 13.75
CA THR A 10 -4.99 -4.74 15.08
C THR A 10 -3.97 -5.87 15.05
N SER A 11 -3.00 -5.85 15.96
CA SER A 11 -1.92 -6.83 16.03
C SER A 11 -1.38 -6.98 17.46
N VAL A 12 -0.89 -8.19 17.79
CA VAL A 12 -0.10 -8.44 19.01
C VAL A 12 1.34 -7.88 18.94
N ILE A 13 1.77 -7.40 17.78
CA ILE A 13 3.12 -6.84 17.55
C ILE A 13 3.18 -5.36 17.98
N PRO A 14 4.21 -4.91 18.71
CA PRO A 14 4.35 -3.51 19.12
C PRO A 14 4.75 -2.61 17.93
N PRO A 15 4.42 -1.30 17.93
CA PRO A 15 4.66 -0.40 16.80
C PRO A 15 6.11 -0.40 16.28
N ALA A 16 7.13 -0.36 17.15
CA ALA A 16 8.54 -0.37 16.78
C ALA A 16 8.96 -1.60 15.96
N ARG A 17 8.47 -2.79 16.33
CA ARG A 17 8.68 -4.01 15.52
C ARG A 17 7.80 -3.97 14.27
N LEU A 18 6.52 -3.58 14.38
CA LEU A 18 5.60 -3.60 13.23
C LEU A 18 5.95 -2.64 12.10
N PHE A 19 6.66 -1.63 12.51
CA PHE A 19 7.28 -0.58 11.69
C PHE A 19 8.28 -1.15 10.71
N LYS A 20 9.27 -1.68 11.35
CA LYS A 20 10.46 -2.31 10.75
C LYS A 20 10.18 -3.56 9.93
N SER A 21 9.08 -4.16 10.30
CA SER A 21 8.47 -5.38 9.74
C SER A 21 7.70 -5.06 8.45
N PHE A 22 6.76 -4.11 8.52
CA PHE A 22 6.03 -3.59 7.36
C PHE A 22 6.98 -2.98 6.31
N VAL A 23 8.01 -2.22 6.71
CA VAL A 23 9.03 -1.67 5.79
C VAL A 23 9.71 -2.77 4.95
N LEU A 24 10.02 -3.90 5.58
CA LEU A 24 10.64 -5.07 4.95
C LEU A 24 9.66 -5.97 4.18
N ASP A 25 8.35 -5.68 4.21
CA ASP A 25 7.27 -6.48 3.63
C ASP A 25 6.28 -5.63 2.80
N ALA A 26 6.69 -4.42 2.44
CA ALA A 26 5.93 -3.39 1.71
C ALA A 26 5.78 -3.76 0.24
N ASP A 27 6.89 -4.10 -0.41
CA ASP A 27 6.85 -4.77 -1.71
C ASP A 27 6.15 -6.12 -1.60
N ASN A 28 6.20 -6.78 -0.41
CA ASN A 28 5.46 -8.03 -0.20
C ASN A 28 3.93 -7.86 -0.02
N LEU A 29 3.41 -6.62 0.14
CA LEU A 29 1.97 -6.37 0.09
C LEU A 29 1.37 -6.84 -1.25
N ILE A 30 2.06 -6.56 -2.35
CA ILE A 30 1.57 -6.81 -3.72
C ILE A 30 1.19 -8.29 -3.91
N PRO A 31 2.06 -9.29 -3.69
CA PRO A 31 1.67 -10.70 -3.76
C PRO A 31 0.74 -11.14 -2.61
N LYS A 32 0.88 -10.62 -1.38
CA LYS A 32 0.08 -11.09 -0.24
C LYS A 32 -1.38 -10.60 -0.24
N VAL A 33 -1.69 -9.46 -0.88
CA VAL A 33 -3.07 -8.93 -1.00
C VAL A 33 -3.58 -8.70 -2.43
N ALA A 34 -2.76 -8.87 -3.47
CA ALA A 34 -3.22 -8.94 -4.86
C ALA A 34 -2.35 -9.93 -5.69
N PRO A 35 -2.49 -11.26 -5.46
CA PRO A 35 -1.51 -12.26 -5.88
C PRO A 35 -1.32 -12.40 -7.39
N GLN A 36 -2.37 -12.67 -8.17
CA GLN A 36 -2.25 -12.89 -9.62
C GLN A 36 -2.32 -11.59 -10.43
N HIS A 37 -2.79 -10.50 -9.83
CA HIS A 37 -3.04 -9.20 -10.46
C HIS A 37 -1.76 -8.55 -11.01
N PHE A 38 -0.61 -8.81 -10.37
CA PHE A 38 0.69 -8.26 -10.75
C PHE A 38 1.70 -9.38 -11.01
N THR A 39 2.27 -9.43 -12.21
CA THR A 39 3.28 -10.43 -12.58
C THR A 39 4.56 -10.24 -11.78
N SER A 40 5.04 -9.01 -11.63
CA SER A 40 6.32 -8.69 -10.99
C SER A 40 6.36 -7.25 -10.48
N ALA A 41 7.35 -6.97 -9.64
CA ALA A 41 7.65 -5.66 -9.09
C ALA A 41 9.17 -5.46 -8.97
N GLU A 42 9.62 -4.24 -9.20
CA GLU A 42 11.06 -3.93 -9.30
C GLU A 42 11.42 -2.60 -8.65
N ASN A 43 12.63 -2.49 -8.11
CA ASN A 43 13.25 -1.18 -7.96
C ASN A 43 13.56 -0.58 -9.34
N LEU A 44 13.27 0.71 -9.53
CA LEU A 44 13.58 1.45 -10.75
C LEU A 44 14.76 2.40 -10.54
N GLU A 45 14.67 3.29 -9.55
CA GLU A 45 15.72 4.25 -9.25
C GLU A 45 15.64 4.77 -7.80
N GLY A 46 16.77 4.69 -7.08
CA GLY A 46 16.93 5.14 -5.70
C GLY A 46 17.37 4.02 -4.76
N ASN A 47 17.84 4.40 -3.56
CA ASN A 47 18.56 3.56 -2.61
C ASN A 47 17.71 3.02 -1.45
N GLY A 48 16.38 2.98 -1.61
CA GLY A 48 15.44 2.34 -0.68
C GLY A 48 14.86 3.26 0.41
N GLY A 49 15.33 4.51 0.51
CA GLY A 49 14.71 5.55 1.33
C GLY A 49 13.45 6.15 0.67
N PRO A 50 12.57 6.83 1.42
CA PRO A 50 11.41 7.51 0.86
C PRO A 50 11.86 8.62 -0.09
N GLY A 51 11.39 8.55 -1.33
CA GLY A 51 11.98 9.17 -2.50
C GLY A 51 12.11 8.16 -3.65
N THR A 52 12.60 6.96 -3.34
CA THR A 52 12.93 5.89 -4.30
C THR A 52 11.72 5.47 -5.16
N ILE A 53 11.91 5.42 -6.49
CA ILE A 53 10.92 4.96 -7.47
C ILE A 53 11.12 3.47 -7.77
N LYS A 54 10.00 2.75 -7.89
CA LYS A 54 9.85 1.33 -8.25
C LYS A 54 9.09 1.22 -9.58
N LYS A 55 9.33 0.18 -10.36
CA LYS A 55 8.59 -0.17 -11.58
C LYS A 55 7.80 -1.44 -11.32
N ILE A 56 6.48 -1.40 -11.50
CA ILE A 56 5.59 -2.52 -11.14
C ILE A 56 4.89 -3.01 -12.42
N THR A 57 4.64 -4.31 -12.57
CA THR A 57 4.09 -4.91 -13.79
C THR A 57 2.76 -5.63 -13.52
N PHE A 58 1.65 -5.08 -14.02
CA PHE A 58 0.34 -5.74 -14.02
C PHE A 58 0.30 -6.91 -15.00
N ALA A 59 -0.59 -7.88 -14.72
CA ALA A 59 -0.69 -9.17 -15.41
C ALA A 59 -0.71 -9.12 -16.95
N GLU A 60 -0.12 -10.15 -17.55
CA GLU A 60 0.00 -10.29 -19.01
C GLU A 60 -1.29 -10.83 -19.66
N GLY A 61 -1.37 -10.70 -20.99
CA GLY A 61 -2.52 -11.08 -21.80
C GLY A 61 -2.64 -10.15 -22.99
N ASN A 62 -2.05 -10.53 -24.13
CA ASN A 62 -1.83 -9.72 -25.35
C ASN A 62 -0.94 -8.47 -25.18
N GLU A 63 -1.04 -7.80 -24.04
CA GLU A 63 -0.12 -6.77 -23.54
C GLU A 63 -0.26 -6.69 -22.00
N PHE A 64 0.86 -6.53 -21.29
CA PHE A 64 0.84 -6.19 -19.85
C PHE A 64 0.40 -4.73 -19.63
N LYS A 65 0.10 -4.32 -18.40
CA LYS A 65 -0.07 -2.88 -18.06
C LYS A 65 1.11 -2.40 -17.21
N TYR A 66 1.64 -1.22 -17.56
CA TYR A 66 2.81 -0.60 -16.96
C TYR A 66 2.41 0.38 -15.86
N MET A 67 3.15 0.38 -14.75
CA MET A 67 3.07 1.37 -13.68
C MET A 67 4.44 1.62 -13.04
N LYS A 68 4.61 2.78 -12.40
CA LYS A 68 5.69 3.05 -11.44
C LYS A 68 5.12 3.45 -10.08
N HIS A 69 5.70 2.93 -9.00
CA HIS A 69 5.48 3.32 -7.61
C HIS A 69 6.62 4.22 -7.11
N LYS A 70 6.44 4.93 -6.00
CA LYS A 70 7.56 5.47 -5.21
C LYS A 70 7.25 5.36 -3.73
N VAL A 71 8.26 5.10 -2.92
CA VAL A 71 8.19 5.34 -1.49
C VAL A 71 8.16 6.86 -1.28
N GLU A 72 7.32 7.38 -0.39
CA GLU A 72 6.96 8.81 -0.36
C GLU A 72 7.21 9.48 1.01
N GLU A 73 7.24 8.69 2.08
CA GLU A 73 7.57 9.05 3.46
C GLU A 73 7.78 7.76 4.25
N ILE A 74 8.73 7.79 5.17
CA ILE A 74 8.77 6.85 6.29
C ILE A 74 9.13 7.66 7.54
N ASP A 75 8.40 7.48 8.64
CA ASP A 75 8.75 8.11 9.93
C ASP A 75 8.78 7.10 11.08
N HIS A 76 9.85 7.12 11.88
CA HIS A 76 9.96 6.34 13.11
C HIS A 76 9.22 6.99 14.29
N ALA A 77 9.16 8.33 14.38
CA ALA A 77 8.67 9.01 15.58
C ALA A 77 7.15 8.83 15.76
N ASN A 78 6.36 9.09 14.71
CA ASN A 78 4.92 8.82 14.65
C ASN A 78 4.56 7.52 13.89
N PHE A 79 5.55 6.65 13.64
CA PHE A 79 5.45 5.34 13.00
C PHE A 79 4.56 5.32 11.74
N LYS A 80 5.04 5.92 10.64
CA LYS A 80 4.36 5.92 9.33
C LYS A 80 5.17 5.32 8.20
N TYR A 81 4.46 4.74 7.25
CA TYR A 81 4.96 4.32 5.94
C TYR A 81 4.05 4.89 4.84
N CYS A 82 4.64 5.35 3.74
CA CYS A 82 3.93 6.01 2.66
C CYS A 82 4.52 5.62 1.29
N TYR A 83 3.66 5.39 0.30
CA TYR A 83 4.04 5.21 -1.11
C TYR A 83 2.95 5.80 -2.02
N SER A 84 3.22 5.85 -3.32
CA SER A 84 2.27 6.30 -4.34
C SER A 84 2.56 5.64 -5.67
N ILE A 85 1.54 5.30 -6.46
CA ILE A 85 1.72 5.06 -7.91
C ILE A 85 1.92 6.42 -8.60
N ILE A 86 3.13 6.67 -9.10
CA ILE A 86 3.55 7.93 -9.76
C ILE A 86 3.10 8.00 -11.23
N GLU A 87 2.82 6.85 -11.85
CA GLU A 87 2.56 6.73 -13.28
C GLU A 87 1.98 5.35 -13.62
N GLY A 88 1.22 5.28 -14.71
CA GLY A 88 0.84 4.03 -15.37
C GLY A 88 -0.43 4.16 -16.21
N GLY A 89 -0.62 3.23 -17.15
CA GLY A 89 -1.89 3.11 -17.90
C GLY A 89 -3.12 3.04 -16.99
N PRO A 90 -3.08 2.25 -15.89
CA PRO A 90 -4.11 2.22 -14.84
C PRO A 90 -4.53 3.57 -14.25
N LEU A 91 -3.64 4.56 -14.19
CA LEU A 91 -3.95 5.95 -13.83
C LEU A 91 -4.44 6.83 -15.00
N GLY A 92 -3.87 6.65 -16.18
CA GLY A 92 -3.55 7.75 -17.10
C GLY A 92 -4.74 8.52 -17.68
N HIS A 93 -5.93 7.93 -17.71
CA HIS A 93 -7.19 8.54 -18.18
C HIS A 93 -7.57 9.81 -17.43
N THR A 94 -7.47 9.81 -16.09
CA THR A 94 -7.97 10.90 -15.22
C THR A 94 -7.09 11.17 -13.99
N LEU A 95 -6.22 10.25 -13.59
CA LEU A 95 -5.43 10.35 -12.37
C LEU A 95 -3.98 10.75 -12.63
N GLU A 96 -3.44 11.61 -11.77
CA GLU A 96 -2.00 11.88 -11.67
C GLU A 96 -1.31 10.77 -10.87
N LYS A 97 -1.94 10.35 -9.76
CA LYS A 97 -1.34 9.48 -8.75
C LYS A 97 -2.41 8.86 -7.83
N ILE A 98 -2.07 7.75 -7.19
CA ILE A 98 -2.81 7.20 -6.04
C ILE A 98 -1.80 7.00 -4.90
N PRO A 99 -1.67 7.96 -3.97
CA PRO A 99 -0.90 7.77 -2.75
C PRO A 99 -1.56 6.81 -1.75
N TYR A 100 -0.76 6.34 -0.81
CA TYR A 100 -1.11 5.47 0.30
C TYR A 100 -0.45 5.98 1.58
N GLU A 101 -1.06 5.71 2.73
CA GLU A 101 -0.57 6.18 4.02
C GLU A 101 -0.91 5.19 5.12
N ILE A 102 0.10 4.78 5.88
CA ILE A 102 0.04 3.68 6.84
C ILE A 102 0.54 4.19 8.20
N LYS A 103 -0.13 3.88 9.32
CA LYS A 103 0.34 4.19 10.68
C LYS A 103 0.39 2.94 11.55
N MET A 104 1.46 2.73 12.33
CA MET A 104 1.39 1.88 13.52
C MET A 104 1.00 2.75 14.72
N ALA A 105 0.05 2.29 15.51
CA ALA A 105 -0.75 3.11 16.41
C ALA A 105 -1.01 2.38 17.75
N ALA A 106 -1.38 3.14 18.79
CA ALA A 106 -1.64 2.60 20.13
C ALA A 106 -2.91 1.75 20.19
N ALA A 107 -2.78 0.52 20.68
CA ALA A 107 -3.89 -0.29 21.21
C ALA A 107 -3.93 -0.15 22.76
N PRO A 108 -5.05 -0.49 23.42
CA PRO A 108 -5.08 -0.66 24.88
C PRO A 108 -4.13 -1.77 25.37
N HIS A 109 -3.71 -2.67 24.47
CA HIS A 109 -2.50 -3.50 24.62
C HIS A 109 -1.24 -2.67 24.29
N GLY A 110 -0.51 -2.18 25.28
CA GLY A 110 0.71 -1.38 25.06
C GLY A 110 1.85 -2.17 24.39
N GLY A 111 1.86 -3.51 24.56
CA GLY A 111 2.75 -4.44 23.85
C GLY A 111 2.26 -4.87 22.46
N GLY A 112 1.01 -4.57 22.11
CA GLY A 112 0.45 -4.77 20.76
C GLY A 112 0.34 -3.44 20.00
N SER A 113 -0.50 -3.40 18.97
CA SER A 113 -0.76 -2.18 18.18
C SER A 113 -2.09 -2.21 17.44
N ILE A 114 -2.52 -1.04 16.99
CA ILE A 114 -3.43 -0.83 15.86
C ILE A 114 -2.53 -0.56 14.63
N LEU A 115 -2.89 -1.03 13.43
CA LEU A 115 -2.17 -0.70 12.19
C LEU A 115 -3.15 -0.12 11.17
N LYS A 116 -3.12 1.20 10.98
CA LYS A 116 -4.01 1.92 10.07
C LYS A 116 -3.51 1.84 8.63
N ILE A 117 -4.42 1.63 7.68
CA ILE A 117 -4.14 1.50 6.24
C ILE A 117 -5.04 2.47 5.44
N THR A 118 -4.47 3.37 4.64
CA THR A 118 -5.24 4.32 3.81
C THR A 118 -4.76 4.38 2.36
N SER A 119 -5.69 4.58 1.41
CA SER A 119 -5.40 4.94 0.00
C SER A 119 -6.13 6.24 -0.36
N LYS A 120 -5.58 7.02 -1.30
CA LYS A 120 -6.08 8.32 -1.74
C LYS A 120 -5.76 8.50 -3.23
N TYR A 121 -6.63 9.19 -3.98
CA TYR A 121 -6.70 9.09 -5.45
C TYR A 121 -6.82 10.51 -6.02
N HIS A 122 -5.80 11.01 -6.74
CA HIS A 122 -5.68 12.42 -7.13
C HIS A 122 -5.64 12.62 -8.66
N THR A 123 -6.39 13.59 -9.16
CA THR A 123 -6.62 13.84 -10.60
C THR A 123 -5.46 14.50 -11.35
N LYS A 124 -5.33 14.20 -12.65
CA LYS A 124 -4.34 14.78 -13.56
C LYS A 124 -4.68 16.22 -13.93
N GLY A 125 -3.75 17.14 -13.75
CA GLY A 125 -3.96 18.58 -13.98
C GLY A 125 -5.15 19.13 -13.20
N ASN A 126 -6.20 19.55 -13.91
CA ASN A 126 -7.50 19.96 -13.36
C ASN A 126 -8.66 18.98 -13.63
N ALA A 127 -8.37 17.77 -14.14
CA ALA A 127 -9.35 16.78 -14.57
C ALA A 127 -10.32 16.35 -13.46
N SER A 128 -11.48 15.84 -13.86
CA SER A 128 -12.51 15.24 -13.02
C SER A 128 -12.34 13.72 -12.97
N ILE A 129 -12.27 13.13 -11.77
CA ILE A 129 -12.17 11.67 -11.61
C ILE A 129 -13.41 10.96 -12.16
N ASN A 130 -13.22 9.77 -12.75
CA ASN A 130 -14.27 8.79 -12.99
C ASN A 130 -14.91 8.36 -11.67
N GLU A 131 -16.23 8.49 -11.60
CA GLU A 131 -17.10 7.74 -10.70
C GLU A 131 -16.84 6.23 -10.84
N GLU A 132 -16.42 5.79 -12.02
CA GLU A 132 -15.99 4.40 -12.23
C GLU A 132 -14.72 4.07 -11.41
N GLU A 133 -13.75 4.97 -11.37
CA GLU A 133 -12.51 4.84 -10.60
C GLU A 133 -12.70 5.10 -9.10
N ILE A 134 -13.67 5.93 -8.69
CA ILE A 134 -14.10 6.06 -7.29
C ILE A 134 -14.65 4.72 -6.81
N LYS A 135 -15.65 4.18 -7.51
CA LYS A 135 -16.43 3.02 -7.05
C LYS A 135 -15.67 1.71 -7.19
N ALA A 136 -14.90 1.52 -8.27
CA ALA A 136 -13.86 0.50 -8.30
C ALA A 136 -12.84 0.75 -7.18
N GLY A 137 -12.44 2.02 -7.00
CA GLY A 137 -11.51 2.49 -5.97
C GLY A 137 -11.78 1.91 -4.59
N LYS A 138 -12.97 2.15 -4.00
CA LYS A 138 -13.28 1.69 -2.63
C LYS A 138 -13.34 0.17 -2.47
N GLU A 139 -13.84 -0.48 -3.49
CA GLU A 139 -14.19 -1.89 -3.56
C GLU A 139 -13.06 -2.84 -3.89
N LYS A 140 -12.22 -2.48 -4.86
CA LYS A 140 -10.83 -2.93 -4.84
C LYS A 140 -10.20 -2.60 -3.49
N ALA A 141 -10.65 -1.54 -2.78
CA ALA A 141 -9.91 -1.17 -1.56
C ALA A 141 -10.32 -2.00 -0.34
N ALA A 142 -11.58 -2.42 -0.24
CA ALA A 142 -12.00 -3.53 0.62
C ALA A 142 -11.28 -4.83 0.25
N GLY A 143 -11.12 -5.11 -1.05
CA GLY A 143 -10.36 -6.24 -1.57
C GLY A 143 -8.91 -6.25 -1.05
N LEU A 144 -8.17 -5.16 -1.22
CA LEU A 144 -6.83 -4.99 -0.66
C LEU A 144 -6.86 -5.04 0.88
N PHE A 145 -7.59 -4.13 1.51
CA PHE A 145 -7.46 -3.83 2.94
C PHE A 145 -8.11 -4.86 3.87
N LYS A 146 -9.08 -5.66 3.43
CA LYS A 146 -9.56 -6.83 4.19
C LYS A 146 -8.67 -8.04 4.00
N ALA A 147 -7.90 -8.12 2.92
CA ALA A 147 -6.76 -9.02 2.89
C ALA A 147 -5.56 -8.51 3.69
N VAL A 148 -5.36 -7.19 3.88
CA VAL A 148 -4.43 -6.68 4.91
C VAL A 148 -4.97 -7.00 6.31
N GLU A 149 -6.26 -6.77 6.57
CA GLU A 149 -6.91 -7.04 7.86
C GLU A 149 -6.85 -8.53 8.17
N ALA A 150 -7.45 -9.38 7.34
CA ALA A 150 -7.42 -10.81 7.59
C ALA A 150 -6.01 -11.40 7.48
N TYR A 151 -5.08 -10.87 6.67
CA TYR A 151 -3.66 -11.26 6.85
C TYR A 151 -3.16 -11.01 8.29
N LEU A 152 -3.31 -9.78 8.80
CA LEU A 152 -2.86 -9.35 10.12
C LEU A 152 -3.58 -10.07 11.27
N LEU A 153 -4.90 -9.98 11.32
CA LEU A 153 -5.76 -10.61 12.32
C LEU A 153 -5.61 -12.12 12.33
N ALA A 154 -5.74 -12.78 11.18
CA ALA A 154 -5.78 -14.24 11.09
C ALA A 154 -4.39 -14.90 11.18
N HIS A 155 -3.30 -14.13 11.29
CA HIS A 155 -1.93 -14.66 11.29
C HIS A 155 -1.73 -15.74 12.38
N PRO A 156 -1.31 -16.96 12.03
CA PRO A 156 -1.33 -18.10 12.96
C PRO A 156 -0.18 -18.09 13.96
N ASP A 157 0.95 -17.46 13.63
CA ASP A 157 2.23 -17.58 14.35
C ASP A 157 2.70 -16.25 14.97
N ALA A 158 1.83 -15.24 15.05
CA ALA A 158 2.18 -13.88 15.47
C ALA A 158 2.79 -13.80 16.89
N TYR A 159 2.62 -14.82 17.73
CA TYR A 159 3.25 -14.99 19.05
C TYR A 159 4.77 -15.26 19.03
N CYS A 160 5.45 -14.99 17.91
CA CYS A 160 6.89 -15.18 17.72
C CYS A 160 7.53 -14.11 16.83
N GLY A 1 -10.24 16.50 -7.49
CA GLY A 1 -10.64 16.02 -6.16
C GLY A 1 -9.64 15.02 -5.63
N VAL A 2 -9.85 14.62 -4.37
CA VAL A 2 -9.10 13.54 -3.69
C VAL A 2 -10.07 12.67 -2.93
N PHE A 3 -10.34 11.48 -3.46
CA PHE A 3 -11.02 10.40 -2.75
C PHE A 3 -10.06 9.70 -1.77
N SER A 4 -10.56 9.10 -0.68
CA SER A 4 -9.77 8.27 0.25
C SER A 4 -10.45 6.93 0.56
N TYR A 5 -9.67 5.92 0.92
CA TYR A 5 -10.17 4.65 1.48
C TYR A 5 -9.22 4.08 2.52
N GLU A 6 -9.76 3.43 3.55
CA GLU A 6 -9.00 3.05 4.75
C GLU A 6 -9.42 1.69 5.33
N ASP A 7 -8.52 1.05 6.06
CA ASP A 7 -8.77 -0.15 6.88
C ASP A 7 -7.80 -0.17 8.07
N GLU A 8 -8.21 -0.61 9.26
CA GLU A 8 -7.33 -0.72 10.42
C GLU A 8 -7.30 -2.14 11.00
N ALA A 9 -6.10 -2.65 11.23
CA ALA A 9 -5.81 -4.03 11.65
C ALA A 9 -5.33 -4.11 13.10
N THR A 10 -5.16 -5.32 13.65
CA THR A 10 -4.57 -5.55 14.98
C THR A 10 -3.54 -6.69 14.97
N SER A 11 -2.64 -6.69 15.94
CA SER A 11 -1.65 -7.75 16.14
C SER A 11 -1.25 -7.92 17.62
N VAL A 12 -0.81 -9.13 17.99
CA VAL A 12 -0.09 -9.37 19.25
C VAL A 12 1.35 -8.84 19.22
N ILE A 13 1.90 -8.53 18.04
CA ILE A 13 3.24 -7.94 17.85
C ILE A 13 3.21 -6.43 18.25
N PRO A 14 4.19 -5.90 19.01
CA PRO A 14 4.25 -4.47 19.36
C PRO A 14 4.65 -3.58 18.17
N PRO A 15 4.34 -2.25 18.20
CA PRO A 15 4.53 -1.36 17.05
C PRO A 15 5.94 -1.32 16.46
N ALA A 16 6.99 -1.31 17.29
CA ALA A 16 8.36 -1.20 16.79
C ALA A 16 8.83 -2.43 15.99
N ARG A 17 8.47 -3.65 16.43
CA ARG A 17 8.67 -4.86 15.65
C ARG A 17 7.80 -4.86 14.39
N LEU A 18 6.55 -4.41 14.49
CA LEU A 18 5.63 -4.38 13.33
C LEU A 18 6.00 -3.39 12.22
N PHE A 19 6.72 -2.40 12.64
CA PHE A 19 7.26 -1.32 11.81
C PHE A 19 8.20 -1.82 10.76
N LYS A 20 9.25 -2.35 11.32
CA LYS A 20 10.36 -3.00 10.62
C LYS A 20 10.06 -4.36 10.00
N SER A 21 8.89 -4.87 10.31
CA SER A 21 8.28 -6.02 9.62
C SER A 21 7.61 -5.53 8.34
N PHE A 22 6.67 -4.58 8.43
CA PHE A 22 5.98 -4.06 7.25
C PHE A 22 6.94 -3.34 6.28
N VAL A 23 7.90 -2.56 6.78
CA VAL A 23 8.92 -1.86 5.97
C VAL A 23 9.81 -2.83 5.20
N LEU A 24 10.21 -3.95 5.81
CA LEU A 24 10.98 -5.01 5.13
C LEU A 24 10.11 -5.97 4.29
N ASP A 25 8.78 -5.82 4.31
CA ASP A 25 7.78 -6.66 3.64
C ASP A 25 6.89 -5.82 2.68
N ALA A 26 7.36 -4.64 2.29
CA ALA A 26 6.66 -3.59 1.55
C ALA A 26 6.49 -3.93 0.07
N ASP A 27 7.58 -4.30 -0.60
CA ASP A 27 7.56 -4.96 -1.90
C ASP A 27 6.91 -6.35 -1.80
N ASN A 28 6.96 -6.97 -0.62
CA ASN A 28 6.28 -8.27 -0.42
C ASN A 28 4.75 -8.16 -0.35
N LEU A 29 4.19 -6.96 -0.14
CA LEU A 29 2.74 -6.74 -0.20
C LEU A 29 2.17 -7.21 -1.55
N ILE A 30 2.84 -6.93 -2.66
CA ILE A 30 2.40 -7.30 -4.01
C ILE A 30 2.09 -8.81 -4.12
N PRO A 31 3.05 -9.74 -3.92
CA PRO A 31 2.76 -11.17 -4.00
C PRO A 31 1.87 -11.72 -2.88
N LYS A 32 1.80 -11.07 -1.69
CA LYS A 32 0.98 -11.57 -0.57
C LYS A 32 -0.46 -11.03 -0.51
N VAL A 33 -0.79 -9.91 -1.17
CA VAL A 33 -2.17 -9.34 -1.23
C VAL A 33 -2.73 -9.12 -2.65
N ALA A 34 -1.92 -9.22 -3.71
CA ALA A 34 -2.38 -9.31 -5.10
C ALA A 34 -1.49 -10.31 -5.90
N PRO A 35 -1.63 -11.64 -5.63
CA PRO A 35 -0.64 -12.64 -6.04
C PRO A 35 -0.47 -12.82 -7.56
N GLN A 36 -1.55 -13.04 -8.31
CA GLN A 36 -1.50 -13.29 -9.77
C GLN A 36 -1.39 -12.00 -10.61
N HIS A 37 -1.43 -10.83 -9.98
CA HIS A 37 -1.78 -9.55 -10.60
C HIS A 37 -0.59 -8.76 -11.14
N PHE A 38 0.65 -9.19 -10.85
CA PHE A 38 1.88 -8.49 -11.25
C PHE A 38 2.86 -9.44 -11.93
N THR A 39 3.43 -8.99 -13.06
CA THR A 39 4.54 -9.69 -13.73
C THR A 39 5.83 -9.52 -12.92
N SER A 40 6.09 -8.33 -12.36
CA SER A 40 7.26 -8.07 -11.50
C SER A 40 7.15 -6.74 -10.72
N ALA A 41 8.09 -6.53 -9.79
CA ALA A 41 8.31 -5.26 -9.09
C ALA A 41 9.82 -5.04 -8.84
N GLU A 42 10.32 -3.82 -9.02
CA GLU A 42 11.77 -3.54 -9.09
C GLU A 42 12.18 -2.17 -8.55
N ASN A 43 13.35 -2.06 -7.90
CA ASN A 43 13.95 -0.74 -7.62
C ASN A 43 14.54 -0.14 -8.89
N LEU A 44 14.17 1.10 -9.22
CA LEU A 44 14.61 1.80 -10.44
C LEU A 44 15.67 2.88 -10.16
N GLU A 45 15.41 3.79 -9.23
CA GLU A 45 16.31 4.93 -8.92
C GLU A 45 16.11 5.42 -7.48
N GLY A 46 17.20 5.53 -6.72
CA GLY A 46 17.23 5.91 -5.30
C GLY A 46 17.60 4.74 -4.36
N ASN A 47 18.14 5.10 -3.18
CA ASN A 47 18.78 4.18 -2.25
C ASN A 47 17.82 3.47 -1.25
N GLY A 48 16.52 3.58 -1.43
CA GLY A 48 15.50 2.91 -0.60
C GLY A 48 14.91 3.79 0.51
N GLY A 49 15.44 5.00 0.72
CA GLY A 49 14.80 6.04 1.53
C GLY A 49 13.58 6.65 0.82
N PRO A 50 12.69 7.34 1.54
CA PRO A 50 11.51 7.96 0.95
C PRO A 50 11.95 9.09 0.00
N GLY A 51 11.50 9.00 -1.24
CA GLY A 51 12.07 9.67 -2.42
C GLY A 51 12.34 8.67 -3.54
N THR A 52 12.79 7.46 -3.21
CA THR A 52 13.18 6.39 -4.15
C THR A 52 12.03 5.90 -5.03
N ILE A 53 12.26 5.80 -6.34
CA ILE A 53 11.34 5.28 -7.36
C ILE A 53 11.63 3.81 -7.69
N LYS A 54 10.54 3.05 -7.84
CA LYS A 54 10.47 1.65 -8.27
C LYS A 54 9.79 1.56 -9.63
N LYS A 55 10.26 0.68 -10.52
CA LYS A 55 9.52 0.24 -11.72
C LYS A 55 8.70 -0.99 -11.32
N ILE A 56 7.42 -1.01 -11.66
CA ILE A 56 6.48 -2.07 -11.28
C ILE A 56 5.75 -2.53 -12.55
N THR A 57 5.43 -3.82 -12.70
CA THR A 57 4.79 -4.33 -13.93
C THR A 57 3.58 -5.20 -13.61
N PHE A 58 2.38 -4.79 -14.07
CA PHE A 58 1.14 -5.56 -13.97
C PHE A 58 1.20 -6.84 -14.82
N ALA A 59 0.36 -7.83 -14.50
CA ALA A 59 0.29 -9.12 -15.18
C ALA A 59 0.06 -9.06 -16.71
N GLU A 60 0.39 -10.16 -17.38
CA GLU A 60 0.16 -10.40 -18.81
C GLU A 60 -1.32 -10.23 -19.22
N GLY A 61 -1.56 -9.83 -20.46
CA GLY A 61 -2.91 -9.60 -21.00
C GLY A 61 -2.87 -9.12 -22.46
N ASN A 62 -2.30 -9.94 -23.33
CA ASN A 62 -1.66 -9.60 -24.62
C ASN A 62 -0.49 -8.60 -24.52
N GLU A 63 -0.54 -7.65 -23.59
CA GLU A 63 0.54 -6.75 -23.20
C GLU A 63 0.52 -6.56 -21.67
N PHE A 64 1.65 -6.66 -20.99
CA PHE A 64 1.75 -6.32 -19.56
C PHE A 64 1.68 -4.79 -19.35
N LYS A 65 1.18 -4.32 -18.20
CA LYS A 65 1.07 -2.87 -17.95
C LYS A 65 2.29 -2.34 -17.19
N TYR A 66 2.82 -1.21 -17.62
CA TYR A 66 3.84 -0.45 -16.91
C TYR A 66 3.21 0.44 -15.82
N MET A 67 3.88 0.49 -14.66
CA MET A 67 3.68 1.47 -13.59
C MET A 67 5.01 1.84 -12.94
N LYS A 68 5.02 2.93 -12.17
CA LYS A 68 6.10 3.26 -11.23
C LYS A 68 5.52 3.55 -9.84
N HIS A 69 6.15 3.00 -8.81
CA HIS A 69 5.91 3.35 -7.40
C HIS A 69 7.03 4.28 -6.91
N LYS A 70 6.81 4.96 -5.77
CA LYS A 70 7.89 5.56 -4.99
C LYS A 70 7.62 5.39 -3.51
N VAL A 71 8.68 5.23 -2.73
CA VAL A 71 8.62 5.44 -1.27
C VAL A 71 8.45 6.95 -1.04
N GLU A 72 7.60 7.36 -0.09
CA GLU A 72 7.12 8.74 0.02
C GLU A 72 7.38 9.40 1.38
N GLU A 73 7.40 8.61 2.46
CA GLU A 73 7.82 9.00 3.82
C GLU A 73 8.11 7.77 4.69
N ILE A 74 9.03 7.90 5.64
CA ILE A 74 9.37 6.88 6.64
C ILE A 74 9.70 7.57 7.97
N ASP A 75 8.90 7.33 9.02
CA ASP A 75 9.18 7.77 10.39
C ASP A 75 9.04 6.64 11.42
N HIS A 76 10.06 6.36 12.24
CA HIS A 76 9.90 5.51 13.43
C HIS A 76 9.34 6.28 14.66
N ALA A 77 9.45 7.61 14.71
CA ALA A 77 9.05 8.39 15.89
C ALA A 77 7.52 8.42 16.11
N ASN A 78 6.73 8.38 15.02
CA ASN A 78 5.29 8.11 15.04
C ASN A 78 4.87 6.88 14.19
N PHE A 79 5.84 6.00 13.90
CA PHE A 79 5.70 4.74 13.16
C PHE A 79 4.82 4.82 11.90
N LYS A 80 5.27 5.56 10.90
CA LYS A 80 4.62 5.66 9.58
C LYS A 80 5.52 5.22 8.42
N TYR A 81 4.91 4.57 7.45
CA TYR A 81 5.48 4.25 6.13
C TYR A 81 4.52 4.74 5.03
N CYS A 82 5.05 5.22 3.91
CA CYS A 82 4.23 5.65 2.79
C CYS A 82 4.88 5.31 1.45
N TYR A 83 4.05 4.93 0.47
CA TYR A 83 4.42 4.91 -0.94
C TYR A 83 3.36 5.62 -1.78
N SER A 84 3.63 5.81 -3.07
CA SER A 84 2.63 6.21 -4.06
C SER A 84 2.88 5.53 -5.38
N ILE A 85 1.83 5.13 -6.11
CA ILE A 85 1.96 4.92 -7.56
C ILE A 85 2.02 6.30 -8.22
N ILE A 86 3.18 6.60 -8.81
CA ILE A 86 3.51 7.91 -9.41
C ILE A 86 3.01 8.01 -10.85
N GLU A 87 2.93 6.86 -11.54
CA GLU A 87 2.70 6.76 -12.99
C GLU A 87 2.25 5.34 -13.37
N GLY A 88 1.44 5.21 -14.43
CA GLY A 88 1.16 3.92 -15.08
C GLY A 88 -0.22 3.86 -15.71
N GLY A 89 -0.43 2.89 -16.61
CA GLY A 89 -1.74 2.62 -17.24
C GLY A 89 -2.90 2.57 -16.23
N PRO A 90 -2.77 1.85 -15.10
CA PRO A 90 -3.72 1.86 -13.98
C PRO A 90 -4.10 3.23 -13.38
N LEU A 91 -3.27 4.27 -13.50
CA LEU A 91 -3.66 5.67 -13.22
C LEU A 91 -4.32 6.41 -14.38
N GLY A 92 -3.73 6.30 -15.58
CA GLY A 92 -3.70 7.39 -16.55
C GLY A 92 -5.04 7.86 -17.11
N HIS A 93 -6.08 7.03 -17.02
CA HIS A 93 -7.46 7.34 -17.40
C HIS A 93 -8.08 8.49 -16.61
N THR A 94 -7.79 8.63 -15.31
CA THR A 94 -8.40 9.67 -14.45
C THR A 94 -7.48 10.28 -13.37
N LEU A 95 -6.34 9.65 -13.03
CA LEU A 95 -5.57 9.97 -11.82
C LEU A 95 -4.15 10.48 -12.12
N GLU A 96 -3.70 11.47 -11.35
CA GLU A 96 -2.29 11.88 -11.29
C GLU A 96 -1.47 10.86 -10.49
N LYS A 97 -1.99 10.38 -9.35
CA LYS A 97 -1.30 9.52 -8.40
C LYS A 97 -2.26 8.84 -7.43
N ILE A 98 -1.81 7.75 -6.80
CA ILE A 98 -2.47 7.15 -5.63
C ILE A 98 -1.42 6.89 -4.53
N PRO A 99 -1.27 7.80 -3.55
CA PRO A 99 -0.55 7.50 -2.32
C PRO A 99 -1.25 6.46 -1.45
N TYR A 100 -0.44 5.63 -0.78
CA TYR A 100 -0.83 4.67 0.25
C TYR A 100 0.00 4.97 1.52
N GLU A 101 -0.64 5.10 2.67
CA GLU A 101 -0.03 5.55 3.92
C GLU A 101 -0.41 4.63 5.08
N ILE A 102 0.59 4.24 5.87
CA ILE A 102 0.52 3.11 6.78
C ILE A 102 1.01 3.56 8.16
N LYS A 103 0.29 3.23 9.24
CA LYS A 103 0.67 3.55 10.62
C LYS A 103 0.70 2.31 11.51
N MET A 104 1.78 2.09 12.25
CA MET A 104 1.72 1.22 13.44
C MET A 104 1.33 2.08 14.63
N ALA A 105 0.41 1.58 15.43
CA ALA A 105 -0.41 2.36 16.32
C ALA A 105 -0.54 1.66 17.69
N ALA A 106 -0.72 2.44 18.75
CA ALA A 106 -0.96 1.90 20.08
C ALA A 106 -2.27 1.11 20.12
N ALA A 107 -2.20 -0.12 20.67
CA ALA A 107 -3.36 -0.93 21.00
C ALA A 107 -3.97 -0.52 22.36
N PRO A 108 -5.20 -0.97 22.69
CA PRO A 108 -5.65 -1.02 24.09
C PRO A 108 -4.84 -2.01 24.94
N HIS A 109 -4.14 -2.95 24.29
CA HIS A 109 -3.37 -4.05 24.86
C HIS A 109 -1.87 -3.80 24.63
N GLY A 110 -1.17 -3.26 25.62
CA GLY A 110 0.17 -2.67 25.46
C GLY A 110 1.29 -3.63 25.02
N GLY A 111 1.07 -4.94 25.04
CA GLY A 111 2.00 -5.93 24.47
C GLY A 111 1.94 -6.05 22.94
N GLY A 112 0.82 -5.66 22.33
CA GLY A 112 0.55 -5.75 20.89
C GLY A 112 0.43 -4.37 20.23
N SER A 113 -0.21 -4.33 19.06
CA SER A 113 -0.37 -3.12 18.26
C SER A 113 -1.63 -3.12 17.41
N ILE A 114 -1.96 -1.94 16.90
CA ILE A 114 -2.90 -1.72 15.80
C ILE A 114 -2.07 -1.33 14.57
N LEU A 115 -2.51 -1.71 13.37
CA LEU A 115 -1.84 -1.33 12.12
C LEU A 115 -2.86 -0.72 11.16
N LYS A 116 -2.84 0.60 11.04
CA LYS A 116 -3.75 1.35 10.19
C LYS A 116 -3.21 1.44 8.76
N ILE A 117 -4.10 1.27 7.79
CA ILE A 117 -3.85 1.35 6.35
C ILE A 117 -4.74 2.45 5.73
N THR A 118 -4.16 3.31 4.90
CA THR A 118 -4.84 4.40 4.17
C THR A 118 -4.43 4.39 2.70
N SER A 119 -5.34 4.78 1.81
CA SER A 119 -4.99 5.29 0.48
C SER A 119 -5.82 6.52 0.10
N LYS A 120 -5.27 7.35 -0.81
CA LYS A 120 -5.87 8.57 -1.35
C LYS A 120 -5.64 8.63 -2.87
N TYR A 121 -6.61 9.14 -3.61
CA TYR A 121 -6.72 8.99 -5.07
C TYR A 121 -6.93 10.38 -5.69
N HIS A 122 -5.90 10.95 -6.30
CA HIS A 122 -5.89 12.34 -6.78
C HIS A 122 -5.98 12.44 -8.30
N THR A 123 -6.93 13.24 -8.81
CA THR A 123 -7.25 13.39 -10.24
C THR A 123 -6.12 14.01 -11.09
N LYS A 124 -6.07 13.64 -12.37
CA LYS A 124 -5.10 14.18 -13.35
C LYS A 124 -5.42 15.63 -13.74
N GLY A 125 -4.50 16.56 -13.51
CA GLY A 125 -4.75 18.01 -13.68
C GLY A 125 -6.01 18.46 -12.94
N ASN A 126 -6.77 19.39 -13.49
CA ASN A 126 -8.09 19.78 -12.96
C ASN A 126 -9.25 18.87 -13.44
N ALA A 127 -8.98 17.77 -14.15
CA ALA A 127 -10.02 16.91 -14.71
C ALA A 127 -10.80 16.12 -13.64
N SER A 128 -11.99 15.63 -14.01
CA SER A 128 -12.87 14.83 -13.16
C SER A 128 -12.53 13.33 -13.20
N ILE A 129 -12.84 12.60 -12.12
CA ILE A 129 -12.81 11.14 -12.05
C ILE A 129 -14.23 10.53 -12.18
N ASN A 130 -14.31 9.39 -12.85
CA ASN A 130 -15.45 8.46 -12.83
C ASN A 130 -15.89 8.15 -11.38
N GLU A 131 -17.18 8.34 -11.12
CA GLU A 131 -17.90 7.63 -10.07
C GLU A 131 -17.58 6.13 -10.13
N GLU A 132 -17.40 5.59 -11.34
CA GLU A 132 -17.08 4.18 -11.54
C GLU A 132 -15.67 3.83 -11.03
N GLU A 133 -14.70 4.73 -11.18
CA GLU A 133 -13.32 4.53 -10.72
C GLU A 133 -13.10 4.89 -9.25
N ILE A 134 -13.91 5.78 -8.67
CA ILE A 134 -13.99 5.95 -7.22
C ILE A 134 -14.37 4.60 -6.59
N LYS A 135 -15.49 4.03 -7.05
CA LYS A 135 -16.08 2.82 -6.48
C LYS A 135 -15.25 1.57 -6.76
N ALA A 136 -14.68 1.44 -7.96
CA ALA A 136 -13.68 0.40 -8.21
C ALA A 136 -12.44 0.61 -7.31
N GLY A 137 -12.01 1.85 -7.11
CA GLY A 137 -10.82 2.19 -6.33
C GLY A 137 -10.87 1.74 -4.87
N LYS A 138 -12.00 1.94 -4.17
CA LYS A 138 -12.13 1.53 -2.76
C LYS A 138 -12.22 0.03 -2.54
N GLU A 139 -12.82 -0.61 -3.52
CA GLU A 139 -13.17 -2.03 -3.57
C GLU A 139 -12.05 -2.94 -4.04
N LYS A 140 -11.29 -2.50 -5.05
CA LYS A 140 -9.91 -2.93 -5.17
C LYS A 140 -9.17 -2.65 -3.88
N ALA A 141 -9.56 -1.64 -3.09
CA ALA A 141 -8.76 -1.33 -1.88
C ALA A 141 -9.14 -2.22 -0.70
N ALA A 142 -10.42 -2.56 -0.55
CA ALA A 142 -10.87 -3.65 0.30
C ALA A 142 -10.25 -4.99 -0.12
N GLY A 143 -10.00 -5.22 -1.42
CA GLY A 143 -9.23 -6.37 -1.90
C GLY A 143 -7.81 -6.40 -1.32
N LEU A 144 -7.06 -5.31 -1.47
CA LEU A 144 -5.72 -5.17 -0.87
C LEU A 144 -5.77 -5.30 0.67
N PHE A 145 -6.55 -4.44 1.31
CA PHE A 145 -6.49 -4.18 2.75
C PHE A 145 -7.14 -5.27 3.61
N LYS A 146 -8.07 -6.07 3.08
CA LYS A 146 -8.61 -7.26 3.77
C LYS A 146 -7.68 -8.45 3.65
N ALA A 147 -6.80 -8.48 2.65
CA ALA A 147 -5.66 -9.40 2.65
C ALA A 147 -4.43 -8.89 3.40
N VAL A 148 -4.24 -7.58 3.58
CA VAL A 148 -3.36 -7.07 4.65
C VAL A 148 -3.93 -7.47 6.02
N GLU A 149 -5.24 -7.30 6.23
CA GLU A 149 -5.92 -7.63 7.48
C GLU A 149 -5.88 -9.13 7.74
N ALA A 150 -6.35 -9.98 6.83
CA ALA A 150 -6.28 -11.42 7.03
C ALA A 150 -4.84 -11.95 7.04
N TYR A 151 -3.88 -11.35 6.33
CA TYR A 151 -2.46 -11.68 6.60
C TYR A 151 -2.09 -11.48 8.09
N LEU A 152 -2.32 -10.28 8.62
CA LEU A 152 -2.08 -9.87 10.00
C LEU A 152 -2.85 -10.69 11.05
N LEU A 153 -4.15 -10.82 10.89
CA LEU A 153 -5.05 -11.61 11.75
C LEU A 153 -4.80 -13.11 11.66
N ALA A 154 -4.77 -13.69 10.46
CA ALA A 154 -4.80 -15.14 10.29
C ALA A 154 -3.45 -15.83 10.52
N HIS A 155 -2.36 -15.10 10.78
CA HIS A 155 -1.05 -15.72 11.04
C HIS A 155 -1.06 -16.60 12.32
N PRO A 156 -0.74 -17.91 12.22
CA PRO A 156 -0.90 -18.86 13.33
C PRO A 156 0.18 -18.75 14.42
N ASP A 157 1.40 -18.28 14.12
CA ASP A 157 2.54 -18.30 15.04
C ASP A 157 2.90 -16.94 15.64
N ALA A 158 2.04 -15.92 15.53
CA ALA A 158 2.34 -14.52 15.88
C ALA A 158 2.81 -14.29 17.34
N TYR A 159 2.58 -15.25 18.25
CA TYR A 159 3.13 -15.26 19.61
C TYR A 159 4.63 -15.59 19.72
N CYS A 160 5.36 -15.53 18.60
CA CYS A 160 6.79 -15.86 18.45
C CYS A 160 7.55 -14.75 17.71
N GLY A 1 -8.92 17.06 -8.05
CA GLY A 1 -10.02 16.27 -7.47
C GLY A 1 -9.46 15.05 -6.78
N VAL A 2 -9.94 14.72 -5.58
CA VAL A 2 -9.42 13.62 -4.75
C VAL A 2 -10.56 12.73 -4.24
N PHE A 3 -10.43 11.41 -4.47
CA PHE A 3 -11.17 10.35 -3.78
C PHE A 3 -10.27 9.67 -2.72
N SER A 4 -10.83 9.08 -1.65
CA SER A 4 -10.05 8.37 -0.61
C SER A 4 -10.70 7.06 -0.15
N TYR A 5 -9.88 6.08 0.24
CA TYR A 5 -10.30 4.78 0.79
C TYR A 5 -9.42 4.32 1.95
N GLU A 6 -10.00 3.68 2.97
CA GLU A 6 -9.31 3.35 4.22
C GLU A 6 -9.72 1.99 4.80
N ASP A 7 -8.79 1.24 5.39
CA ASP A 7 -9.09 0.02 6.16
C ASP A 7 -8.05 -0.20 7.28
N GLU A 8 -8.43 -0.89 8.37
CA GLU A 8 -7.61 -1.01 9.58
C GLU A 8 -7.51 -2.43 10.14
N ALA A 9 -6.27 -2.89 10.30
CA ALA A 9 -5.92 -4.21 10.88
C ALA A 9 -5.57 -4.09 12.38
N THR A 10 -5.39 -5.23 13.04
CA THR A 10 -4.83 -5.35 14.40
C THR A 10 -3.74 -6.41 14.46
N SER A 11 -2.86 -6.32 15.45
CA SER A 11 -1.71 -7.21 15.63
C SER A 11 -1.36 -7.38 17.11
N VAL A 12 -0.84 -8.57 17.48
CA VAL A 12 -0.19 -8.80 18.78
C VAL A 12 1.19 -8.12 18.87
N ILE A 13 1.73 -7.67 17.75
CA ILE A 13 3.04 -7.00 17.63
C ILE A 13 2.90 -5.52 18.01
N PRO A 14 3.76 -4.95 18.86
CA PRO A 14 3.74 -3.52 19.21
C PRO A 14 4.27 -2.63 18.07
N PRO A 15 3.94 -1.32 18.04
CA PRO A 15 4.24 -0.43 16.94
C PRO A 15 5.70 -0.42 16.46
N ALA A 16 6.70 -0.33 17.35
CA ALA A 16 8.11 -0.30 16.95
C ALA A 16 8.57 -1.56 16.22
N ARG A 17 8.04 -2.73 16.61
CA ARG A 17 8.33 -4.00 15.96
C ARG A 17 7.55 -4.13 14.64
N LEU A 18 6.28 -3.71 14.60
CA LEU A 18 5.49 -3.75 13.36
C LEU A 18 5.92 -2.77 12.27
N PHE A 19 6.57 -1.74 12.74
CA PHE A 19 7.13 -0.63 11.97
C PHE A 19 8.17 -1.08 10.97
N LYS A 20 9.19 -1.58 11.62
CA LYS A 20 10.42 -2.10 11.01
C LYS A 20 10.25 -3.34 10.14
N SER A 21 9.22 -4.05 10.51
CA SER A 21 8.70 -5.28 9.92
C SER A 21 7.94 -4.99 8.62
N PHE A 22 6.95 -4.09 8.67
CA PHE A 22 6.25 -3.59 7.49
C PHE A 22 7.17 -2.89 6.50
N VAL A 23 8.14 -2.07 6.97
CA VAL A 23 9.16 -1.43 6.10
C VAL A 23 9.95 -2.45 5.29
N LEU A 24 10.30 -3.59 5.89
CA LEU A 24 11.01 -4.70 5.25
C LEU A 24 10.09 -5.62 4.42
N ASP A 25 8.78 -5.40 4.41
CA ASP A 25 7.76 -6.25 3.76
C ASP A 25 6.76 -5.42 2.90
N ALA A 26 7.09 -4.17 2.59
CA ALA A 26 6.28 -3.18 1.86
C ALA A 26 6.21 -3.51 0.37
N ASP A 27 7.39 -3.71 -0.23
CA ASP A 27 7.55 -4.32 -1.55
C ASP A 27 6.97 -5.74 -1.58
N ASN A 28 6.96 -6.43 -0.43
CA ASN A 28 6.36 -7.78 -0.33
C ASN A 28 4.83 -7.79 -0.33
N LEU A 29 4.15 -6.67 -0.09
CA LEU A 29 2.69 -6.58 -0.17
C LEU A 29 2.18 -7.00 -1.57
N ILE A 30 2.87 -6.55 -2.60
CA ILE A 30 2.50 -6.73 -4.02
C ILE A 30 2.21 -8.21 -4.35
N PRO A 31 3.14 -9.17 -4.16
CA PRO A 31 2.85 -10.59 -4.32
C PRO A 31 1.89 -11.16 -3.27
N LYS A 32 2.03 -10.79 -1.98
CA LYS A 32 1.28 -11.48 -0.90
C LYS A 32 -0.19 -11.08 -0.78
N VAL A 33 -0.60 -9.92 -1.31
CA VAL A 33 -2.01 -9.47 -1.34
C VAL A 33 -2.56 -9.17 -2.74
N ALA A 34 -1.74 -9.11 -3.80
CA ALA A 34 -2.23 -9.07 -5.17
C ALA A 34 -1.34 -9.89 -6.16
N PRO A 35 -1.39 -11.23 -6.08
CA PRO A 35 -0.69 -12.09 -7.03
C PRO A 35 -1.29 -11.99 -8.44
N GLN A 36 -2.62 -11.97 -8.54
CA GLN A 36 -3.36 -11.86 -9.80
C GLN A 36 -3.13 -10.56 -10.58
N HIS A 37 -2.59 -9.51 -9.94
CA HIS A 37 -2.49 -8.18 -10.54
C HIS A 37 -1.08 -7.73 -10.84
N PHE A 38 -0.03 -8.39 -10.33
CA PHE A 38 1.35 -7.98 -10.59
C PHE A 38 2.29 -9.18 -10.86
N THR A 39 3.19 -9.00 -11.82
CA THR A 39 4.21 -9.97 -12.24
C THR A 39 5.52 -9.81 -11.47
N SER A 40 5.86 -8.57 -11.09
CA SER A 40 7.10 -8.21 -10.39
C SER A 40 7.03 -6.79 -9.84
N ALA A 41 7.91 -6.49 -8.88
CA ALA A 41 8.20 -5.15 -8.42
C ALA A 41 9.71 -4.97 -8.27
N GLU A 42 10.26 -3.89 -8.79
CA GLU A 42 11.72 -3.72 -8.94
C GLU A 42 12.22 -2.39 -8.39
N ASN A 43 13.38 -2.34 -7.74
CA ASN A 43 13.97 -1.07 -7.35
C ASN A 43 14.55 -0.35 -8.58
N LEU A 44 14.12 0.89 -8.82
CA LEU A 44 14.42 1.65 -10.03
C LEU A 44 15.47 2.73 -9.78
N GLU A 45 15.25 3.61 -8.80
CA GLU A 45 16.22 4.65 -8.41
C GLU A 45 16.09 5.09 -6.94
N GLY A 46 17.21 5.06 -6.21
CA GLY A 46 17.30 5.26 -4.76
C GLY A 46 17.66 3.97 -4.02
N ASN A 47 17.93 4.05 -2.71
CA ASN A 47 18.46 2.94 -1.90
C ASN A 47 17.44 2.36 -0.90
N GLY A 48 16.16 2.69 -1.04
CA GLY A 48 15.04 2.19 -0.22
C GLY A 48 14.49 3.20 0.78
N GLY A 49 15.18 4.30 1.06
CA GLY A 49 14.67 5.41 1.87
C GLY A 49 13.50 6.13 1.19
N PRO A 50 12.73 6.95 1.94
CA PRO A 50 11.59 7.66 1.40
C PRO A 50 12.06 8.75 0.42
N GLY A 51 11.70 8.59 -0.83
CA GLY A 51 12.24 9.25 -2.01
C GLY A 51 12.49 8.24 -3.14
N THR A 52 12.92 7.02 -2.78
CA THR A 52 13.26 5.94 -3.73
C THR A 52 12.07 5.51 -4.59
N ILE A 53 12.26 5.48 -5.91
CA ILE A 53 11.30 5.01 -6.91
C ILE A 53 11.54 3.52 -7.25
N LYS A 54 10.46 2.76 -7.46
CA LYS A 54 10.38 1.35 -7.87
C LYS A 54 9.62 1.23 -9.20
N LYS A 55 10.06 0.37 -10.11
CA LYS A 55 9.35 0.01 -11.36
C LYS A 55 8.54 -1.26 -11.15
N ILE A 56 7.23 -1.17 -11.25
CA ILE A 56 6.29 -2.26 -10.94
C ILE A 56 5.64 -2.77 -12.24
N THR A 57 5.39 -4.07 -12.37
CA THR A 57 4.77 -4.66 -13.58
C THR A 57 3.44 -5.32 -13.26
N PHE A 58 2.36 -4.86 -13.89
CA PHE A 58 1.02 -5.45 -13.79
C PHE A 58 0.95 -6.80 -14.52
N ALA A 59 0.06 -7.69 -14.08
CA ALA A 59 -0.06 -9.06 -14.57
C ALA A 59 -0.37 -9.18 -16.08
N GLU A 60 0.00 -10.33 -16.65
CA GLU A 60 -0.30 -10.68 -18.05
C GLU A 60 -1.81 -10.75 -18.34
N GLY A 61 -2.20 -10.35 -19.55
CA GLY A 61 -3.59 -10.33 -20.01
C GLY A 61 -3.70 -9.69 -21.39
N ASN A 62 -3.26 -10.42 -22.42
CA ASN A 62 -2.95 -9.94 -23.79
C ASN A 62 -1.81 -8.89 -23.85
N GLU A 63 -1.80 -7.91 -22.93
CA GLU A 63 -0.62 -7.10 -22.59
C GLU A 63 -0.49 -6.93 -21.07
N PHE A 64 0.73 -7.10 -20.53
CA PHE A 64 1.10 -6.59 -19.21
C PHE A 64 1.09 -5.04 -19.20
N LYS A 65 1.03 -4.42 -18.02
CA LYS A 65 1.10 -2.95 -17.87
C LYS A 65 2.23 -2.46 -16.97
N TYR A 66 2.56 -1.18 -17.10
CA TYR A 66 3.66 -0.49 -16.43
C TYR A 66 3.16 0.53 -15.40
N MET A 67 3.83 0.56 -14.24
CA MET A 67 3.69 1.59 -13.22
C MET A 67 5.04 1.88 -12.55
N LYS A 68 5.17 3.04 -11.92
CA LYS A 68 6.22 3.33 -10.92
C LYS A 68 5.59 3.65 -9.57
N HIS A 69 6.11 3.03 -8.51
CA HIS A 69 5.83 3.37 -7.11
C HIS A 69 7.00 4.19 -6.55
N LYS A 70 6.82 4.86 -5.42
CA LYS A 70 7.92 5.38 -4.62
C LYS A 70 7.61 5.20 -3.15
N VAL A 71 8.62 4.95 -2.34
CA VAL A 71 8.54 5.23 -0.90
C VAL A 71 8.54 6.75 -0.75
N GLU A 72 7.69 7.34 0.09
CA GLU A 72 7.49 8.80 0.13
C GLU A 72 7.70 9.41 1.52
N GLU A 73 7.63 8.61 2.58
CA GLU A 73 7.92 8.97 3.97
C GLU A 73 8.15 7.71 4.80
N ILE A 74 9.03 7.81 5.80
CA ILE A 74 9.15 6.82 6.88
C ILE A 74 9.30 7.60 8.20
N ASP A 75 8.33 7.47 9.09
CA ASP A 75 8.21 8.28 10.31
C ASP A 75 8.14 7.38 11.55
N HIS A 76 9.30 7.15 12.17
CA HIS A 76 9.43 6.39 13.42
C HIS A 76 8.82 7.15 14.60
N ALA A 77 8.90 8.48 14.61
CA ALA A 77 8.54 9.32 15.75
C ALA A 77 7.02 9.35 16.02
N ASN A 78 6.19 9.24 14.97
CA ASN A 78 4.72 9.13 15.07
C ASN A 78 4.16 7.83 14.44
N PHE A 79 5.05 6.86 14.18
CA PHE A 79 4.80 5.54 13.59
C PHE A 79 3.90 5.56 12.34
N LYS A 80 4.41 6.15 11.26
CA LYS A 80 3.80 6.17 9.93
C LYS A 80 4.75 5.80 8.80
N TYR A 81 4.20 5.26 7.71
CA TYR A 81 4.89 4.95 6.45
C TYR A 81 4.08 5.53 5.27
N CYS A 82 4.73 5.90 4.16
CA CYS A 82 4.04 6.39 2.97
C CYS A 82 4.66 5.82 1.68
N TYR A 83 3.81 5.51 0.70
CA TYR A 83 4.21 5.31 -0.69
C TYR A 83 3.24 6.00 -1.64
N SER A 84 3.57 6.09 -2.93
CA SER A 84 2.66 6.55 -3.97
C SER A 84 2.95 5.87 -5.31
N ILE A 85 1.94 5.58 -6.13
CA ILE A 85 2.14 5.36 -7.57
C ILE A 85 2.31 6.72 -8.25
N ILE A 86 3.51 6.97 -8.79
CA ILE A 86 3.95 8.27 -9.35
C ILE A 86 3.55 8.40 -10.83
N GLU A 87 3.36 7.27 -11.53
CA GLU A 87 3.21 7.16 -12.98
C GLU A 87 2.70 5.76 -13.34
N GLY A 88 1.89 5.60 -14.39
CA GLY A 88 1.53 4.28 -14.94
C GLY A 88 0.19 4.25 -15.69
N GLY A 89 -0.03 3.20 -16.48
CA GLY A 89 -1.29 3.00 -17.22
C GLY A 89 -2.55 2.99 -16.34
N PRO A 90 -2.52 2.31 -15.18
CA PRO A 90 -3.52 2.40 -14.12
C PRO A 90 -3.85 3.80 -13.59
N LEU A 91 -2.96 4.80 -13.73
CA LEU A 91 -3.29 6.21 -13.53
C LEU A 91 -3.87 6.91 -14.78
N GLY A 92 -3.28 6.62 -15.94
CA GLY A 92 -3.15 7.57 -17.05
C GLY A 92 -4.43 8.08 -17.71
N HIS A 93 -5.58 7.46 -17.46
CA HIS A 93 -6.89 7.91 -17.92
C HIS A 93 -7.34 9.23 -17.27
N THR A 94 -7.21 9.37 -15.94
CA THR A 94 -7.78 10.48 -15.17
C THR A 94 -6.92 10.94 -14.01
N LEU A 95 -5.84 10.24 -13.65
CA LEU A 95 -5.12 10.41 -12.39
C LEU A 95 -3.68 10.91 -12.59
N GLU A 96 -3.25 11.81 -11.71
CA GLU A 96 -1.87 12.28 -11.61
C GLU A 96 -1.02 11.29 -10.80
N LYS A 97 -1.57 10.80 -9.68
CA LYS A 97 -0.95 9.89 -8.70
C LYS A 97 -1.99 9.28 -7.75
N ILE A 98 -1.62 8.18 -7.09
CA ILE A 98 -2.38 7.64 -5.94
C ILE A 98 -1.40 7.44 -4.76
N PRO A 99 -1.31 8.38 -3.81
CA PRO A 99 -0.60 8.18 -2.55
C PRO A 99 -1.31 7.23 -1.58
N TYR A 100 -0.51 6.67 -0.67
CA TYR A 100 -0.92 5.74 0.38
C TYR A 100 -0.27 6.15 1.71
N GLU A 101 -1.07 6.14 2.77
CA GLU A 101 -0.62 6.48 4.13
C GLU A 101 -0.89 5.31 5.07
N ILE A 102 0.11 4.91 5.84
CA ILE A 102 0.08 3.74 6.71
C ILE A 102 0.39 4.18 8.15
N LYS A 103 -0.33 3.67 9.15
CA LYS A 103 -0.04 3.91 10.58
C LYS A 103 0.18 2.61 11.33
N MET A 104 1.25 2.52 12.12
CA MET A 104 1.28 1.61 13.27
C MET A 104 0.83 2.41 14.49
N ALA A 105 -0.27 1.96 15.07
CA ALA A 105 -1.14 2.76 15.91
C ALA A 105 -1.31 2.10 17.29
N ALA A 106 -1.35 2.91 18.36
CA ALA A 106 -1.55 2.40 19.71
C ALA A 106 -2.93 1.73 19.84
N ALA A 107 -2.94 0.44 20.19
CA ALA A 107 -4.13 -0.32 20.56
C ALA A 107 -4.52 -0.06 22.04
N PRO A 108 -5.70 -0.51 22.50
CA PRO A 108 -6.08 -0.46 23.92
C PRO A 108 -5.09 -1.19 24.86
N HIS A 109 -4.29 -2.12 24.33
CA HIS A 109 -3.13 -2.70 25.01
C HIS A 109 -1.85 -2.19 24.36
N GLY A 110 -0.91 -1.68 25.17
CA GLY A 110 0.35 -1.08 24.70
C GLY A 110 1.30 -2.08 24.03
N GLY A 111 1.20 -3.37 24.39
CA GLY A 111 2.03 -4.44 23.83
C GLY A 111 1.60 -4.96 22.46
N GLY A 112 0.38 -4.65 22.01
CA GLY A 112 -0.11 -4.94 20.65
C GLY A 112 -0.13 -3.66 19.79
N SER A 113 -0.76 -3.71 18.62
CA SER A 113 -1.01 -2.53 17.80
C SER A 113 -2.23 -2.67 16.88
N ILE A 114 -2.71 -1.53 16.40
CA ILE A 114 -3.57 -1.42 15.21
C ILE A 114 -2.63 -1.08 14.04
N LEU A 115 -2.85 -1.64 12.84
CA LEU A 115 -2.14 -1.24 11.62
C LEU A 115 -3.16 -0.69 10.63
N LYS A 116 -3.20 0.64 10.47
CA LYS A 116 -4.12 1.31 9.56
C LYS A 116 -3.50 1.48 8.17
N ILE A 117 -4.29 1.23 7.13
CA ILE A 117 -3.93 1.40 5.72
C ILE A 117 -4.88 2.44 5.06
N THR A 118 -4.35 3.44 4.36
CA THR A 118 -5.12 4.49 3.65
C THR A 118 -4.61 4.67 2.22
N SER A 119 -5.50 5.02 1.28
CA SER A 119 -5.19 5.41 -0.09
C SER A 119 -5.97 6.67 -0.49
N LYS A 120 -5.37 7.54 -1.32
CA LYS A 120 -5.95 8.76 -1.88
C LYS A 120 -5.63 8.86 -3.37
N TYR A 121 -6.61 9.24 -4.19
CA TYR A 121 -6.58 9.13 -5.65
C TYR A 121 -6.76 10.54 -6.26
N HIS A 122 -5.69 11.17 -6.75
CA HIS A 122 -5.73 12.56 -7.24
C HIS A 122 -5.72 12.66 -8.78
N THR A 123 -6.57 13.53 -9.32
CA THR A 123 -6.79 13.68 -10.76
C THR A 123 -5.69 14.42 -11.53
N LYS A 124 -5.54 14.08 -12.82
CA LYS A 124 -4.62 14.71 -13.77
C LYS A 124 -5.18 16.06 -14.27
N GLY A 125 -4.36 17.11 -14.27
CA GLY A 125 -4.77 18.47 -14.65
C GLY A 125 -5.98 18.98 -13.85
N ASN A 126 -6.88 19.69 -14.51
CA ASN A 126 -8.19 20.10 -13.96
C ASN A 126 -9.31 19.03 -14.12
N ALA A 127 -8.99 17.79 -14.50
CA ALA A 127 -9.98 16.73 -14.76
C ALA A 127 -10.64 16.22 -13.48
N SER A 128 -11.78 15.55 -13.62
CA SER A 128 -12.49 14.82 -12.57
C SER A 128 -12.35 13.30 -12.77
N ILE A 129 -12.32 12.54 -11.66
CA ILE A 129 -12.11 11.09 -11.68
C ILE A 129 -13.39 10.35 -12.14
N ASN A 130 -13.20 9.32 -12.96
CA ASN A 130 -14.21 8.27 -13.26
C ASN A 130 -14.80 7.70 -11.96
N GLU A 131 -16.12 7.76 -11.82
CA GLU A 131 -16.88 6.87 -10.94
C GLU A 131 -16.52 5.41 -11.20
N GLU A 132 -16.12 5.07 -12.44
CA GLU A 132 -15.62 3.72 -12.75
C GLU A 132 -14.31 3.42 -12.01
N GLU A 133 -13.36 4.34 -12.03
CA GLU A 133 -12.04 4.22 -11.38
C GLU A 133 -12.10 4.47 -9.87
N ILE A 134 -13.09 5.21 -9.37
CA ILE A 134 -13.39 5.29 -7.94
C ILE A 134 -13.82 3.91 -7.45
N LYS A 135 -14.84 3.32 -8.06
CA LYS A 135 -15.52 2.14 -7.51
C LYS A 135 -14.71 0.86 -7.73
N ALA A 136 -14.07 0.71 -8.90
CA ALA A 136 -13.02 -0.28 -9.05
C ALA A 136 -11.87 -0.02 -8.07
N GLY A 137 -11.48 1.25 -7.90
CA GLY A 137 -10.37 1.67 -7.05
C GLY A 137 -10.50 1.28 -5.58
N LYS A 138 -11.66 1.45 -4.94
CA LYS A 138 -11.83 1.09 -3.52
C LYS A 138 -11.84 -0.41 -3.27
N GLU A 139 -12.36 -1.12 -4.24
CA GLU A 139 -12.64 -2.55 -4.27
C GLU A 139 -11.47 -3.44 -4.66
N LYS A 140 -10.68 -3.01 -5.65
CA LYS A 140 -9.26 -3.37 -5.68
C LYS A 140 -8.61 -2.99 -4.35
N ALA A 141 -9.09 -1.97 -3.63
CA ALA A 141 -8.38 -1.59 -2.39
C ALA A 141 -8.80 -2.44 -1.18
N ALA A 142 -10.04 -2.91 -1.12
CA ALA A 142 -10.48 -3.98 -0.25
C ALA A 142 -9.76 -5.30 -0.59
N GLY A 143 -9.54 -5.58 -1.89
CA GLY A 143 -8.69 -6.67 -2.38
C GLY A 143 -7.33 -6.67 -1.67
N LEU A 144 -6.62 -5.54 -1.73
CA LEU A 144 -5.37 -5.33 -1.00
C LEU A 144 -5.60 -5.47 0.51
N PHE A 145 -6.40 -4.59 1.10
CA PHE A 145 -6.37 -4.32 2.54
C PHE A 145 -7.09 -5.37 3.39
N LYS A 146 -8.05 -6.14 2.86
CA LYS A 146 -8.66 -7.28 3.57
C LYS A 146 -7.78 -8.51 3.49
N ALA A 147 -6.90 -8.59 2.49
CA ALA A 147 -5.80 -9.56 2.51
C ALA A 147 -4.57 -9.09 3.28
N VAL A 148 -4.35 -7.78 3.51
CA VAL A 148 -3.48 -7.30 4.59
C VAL A 148 -4.08 -7.65 5.96
N GLU A 149 -5.40 -7.47 6.13
CA GLU A 149 -6.12 -7.81 7.37
C GLU A 149 -6.03 -9.30 7.64
N ALA A 150 -6.46 -10.17 6.72
CA ALA A 150 -6.31 -11.61 6.91
C ALA A 150 -4.84 -12.04 6.98
N TYR A 151 -3.93 -11.44 6.19
CA TYR A 151 -2.48 -11.71 6.39
C TYR A 151 -2.07 -11.56 7.87
N LEU A 152 -2.35 -10.39 8.47
CA LEU A 152 -2.13 -10.04 9.89
C LEU A 152 -2.92 -10.90 10.89
N LEU A 153 -4.24 -10.89 10.82
CA LEU A 153 -5.13 -11.59 11.77
C LEU A 153 -5.01 -13.12 11.70
N ALA A 154 -4.80 -13.68 10.52
CA ALA A 154 -4.59 -15.11 10.31
C ALA A 154 -3.11 -15.54 10.51
N HIS A 155 -2.18 -14.59 10.73
CA HIS A 155 -0.72 -14.85 10.77
C HIS A 155 -0.37 -15.92 11.82
N PRO A 156 0.18 -17.08 11.41
CA PRO A 156 0.42 -18.20 12.30
C PRO A 156 1.63 -18.02 13.22
N ASP A 157 2.54 -17.08 12.95
CA ASP A 157 3.82 -16.94 13.66
C ASP A 157 4.00 -15.61 14.39
N ALA A 158 2.96 -14.79 14.50
CA ALA A 158 3.03 -13.51 15.22
C ALA A 158 3.39 -13.69 16.71
N TYR A 159 3.02 -14.84 17.31
CA TYR A 159 3.38 -15.23 18.69
C TYR A 159 4.87 -15.49 18.98
N CYS A 160 5.72 -15.24 17.99
CA CYS A 160 7.18 -15.40 18.00
C CYS A 160 7.88 -14.12 17.56
N GLY A 1 -8.78 16.55 -7.12
CA GLY A 1 -9.68 15.90 -6.16
C GLY A 1 -9.03 14.63 -5.65
N VAL A 2 -9.42 14.19 -4.45
CA VAL A 2 -8.89 12.98 -3.78
C VAL A 2 -10.03 12.17 -3.16
N PHE A 3 -10.37 11.03 -3.78
CA PHE A 3 -11.16 9.97 -3.14
C PHE A 3 -10.26 9.16 -2.19
N SER A 4 -10.80 8.52 -1.14
CA SER A 4 -10.02 7.70 -0.18
C SER A 4 -10.77 6.45 0.27
N TYR A 5 -10.04 5.44 0.75
CA TYR A 5 -10.57 4.24 1.39
C TYR A 5 -9.70 3.84 2.59
N GLU A 6 -10.32 3.39 3.69
CA GLU A 6 -9.65 3.07 4.96
C GLU A 6 -10.17 1.76 5.58
N ASP A 7 -9.29 1.00 6.22
CA ASP A 7 -9.63 -0.12 7.11
C ASP A 7 -8.53 -0.35 8.15
N GLU A 8 -8.85 -0.92 9.32
CA GLU A 8 -7.89 -1.11 10.41
C GLU A 8 -7.82 -2.53 10.98
N ALA A 9 -6.60 -3.04 11.10
CA ALA A 9 -6.23 -4.35 11.62
C ALA A 9 -5.79 -4.31 13.10
N THR A 10 -5.36 -5.45 13.66
CA THR A 10 -4.77 -5.59 15.00
C THR A 10 -3.61 -6.57 15.00
N SER A 11 -2.76 -6.52 16.02
CA SER A 11 -1.76 -7.56 16.29
C SER A 11 -1.38 -7.64 17.78
N VAL A 12 -1.09 -8.84 18.29
CA VAL A 12 -0.57 -9.08 19.65
C VAL A 12 0.92 -8.68 19.83
N ILE A 13 1.40 -7.75 19.02
CA ILE A 13 2.79 -7.29 18.91
C ILE A 13 2.82 -5.76 19.00
N PRO A 14 3.77 -5.12 19.72
CA PRO A 14 3.79 -3.67 19.94
C PRO A 14 4.17 -2.87 18.68
N PRO A 15 3.87 -1.55 18.63
CA PRO A 15 4.15 -0.71 17.46
C PRO A 15 5.60 -0.73 16.96
N ALA A 16 6.60 -0.65 17.83
CA ALA A 16 8.01 -0.65 17.40
C ALA A 16 8.42 -1.93 16.65
N ARG A 17 7.94 -3.09 17.12
CA ARG A 17 8.15 -4.37 16.44
C ARG A 17 7.30 -4.47 15.18
N LEU A 18 6.01 -4.07 15.22
CA LEU A 18 5.13 -4.15 14.03
C LEU A 18 5.53 -3.24 12.87
N PHE A 19 6.23 -2.20 13.24
CA PHE A 19 6.84 -1.21 12.35
C PHE A 19 7.80 -1.81 11.36
N LYS A 20 8.81 -2.34 11.98
CA LYS A 20 9.94 -2.99 11.31
C LYS A 20 9.62 -4.30 10.61
N SER A 21 8.61 -4.93 11.14
CA SER A 21 7.92 -6.10 10.60
C SER A 21 7.25 -5.75 9.28
N PHE A 22 6.37 -4.75 9.29
CA PHE A 22 5.71 -4.23 8.10
C PHE A 22 6.70 -3.67 7.06
N VAL A 23 7.73 -2.92 7.46
CA VAL A 23 8.73 -2.35 6.53
C VAL A 23 9.50 -3.46 5.79
N LEU A 24 9.90 -4.52 6.49
CA LEU A 24 10.55 -5.70 5.90
C LEU A 24 9.57 -6.63 5.14
N ASP A 25 8.27 -6.35 5.16
CA ASP A 25 7.19 -7.11 4.50
C ASP A 25 6.32 -6.18 3.60
N ALA A 26 6.86 -5.02 3.23
CA ALA A 26 6.22 -3.91 2.52
C ALA A 26 6.00 -4.24 1.04
N ASP A 27 7.11 -4.52 0.35
CA ASP A 27 7.13 -5.10 -0.99
C ASP A 27 6.45 -6.47 -1.00
N ASN A 28 6.51 -7.19 0.12
CA ASN A 28 5.83 -8.48 0.26
C ASN A 28 4.29 -8.36 0.27
N LEU A 29 3.71 -7.18 0.51
CA LEU A 29 2.27 -6.98 0.39
C LEU A 29 1.76 -7.34 -1.01
N ILE A 30 2.48 -6.98 -2.07
CA ILE A 30 2.03 -7.18 -3.45
C ILE A 30 1.76 -8.69 -3.72
N PRO A 31 2.68 -9.63 -3.42
CA PRO A 31 2.39 -11.06 -3.47
C PRO A 31 1.27 -11.55 -2.52
N LYS A 32 1.22 -11.10 -1.26
CA LYS A 32 0.29 -11.68 -0.25
C LYS A 32 -1.12 -11.08 -0.27
N VAL A 33 -1.30 -9.90 -0.87
CA VAL A 33 -2.61 -9.19 -0.93
C VAL A 33 -3.08 -8.85 -2.35
N ALA A 34 -2.24 -8.99 -3.38
CA ALA A 34 -2.69 -9.03 -4.77
C ALA A 34 -1.83 -10.02 -5.61
N PRO A 35 -1.99 -11.35 -5.40
CA PRO A 35 -1.18 -12.38 -6.05
C PRO A 35 -1.43 -12.51 -7.56
N GLN A 36 -2.70 -12.50 -7.98
CA GLN A 36 -3.08 -12.70 -9.38
C GLN A 36 -2.87 -11.44 -10.24
N HIS A 37 -2.78 -10.27 -9.61
CA HIS A 37 -2.78 -8.96 -10.26
C HIS A 37 -1.38 -8.51 -10.75
N PHE A 38 -0.32 -8.87 -10.04
CA PHE A 38 1.04 -8.37 -10.31
C PHE A 38 2.05 -9.50 -10.42
N THR A 39 2.95 -9.42 -11.41
CA THR A 39 4.04 -10.39 -11.63
C THR A 39 5.24 -10.12 -10.75
N SER A 40 5.65 -8.85 -10.64
CA SER A 40 6.93 -8.48 -10.02
C SER A 40 6.98 -7.02 -9.58
N ALA A 41 7.95 -6.72 -8.71
CA ALA A 41 8.37 -5.38 -8.33
C ALA A 41 9.90 -5.26 -8.43
N GLU A 42 10.37 -4.14 -8.98
CA GLU A 42 11.81 -3.87 -9.19
C GLU A 42 12.23 -2.48 -8.71
N ASN A 43 13.45 -2.30 -8.18
CA ASN A 43 13.92 -0.97 -7.78
C ASN A 43 14.38 -0.14 -8.99
N LEU A 44 13.94 1.11 -9.09
CA LEU A 44 14.19 1.98 -10.24
C LEU A 44 15.23 3.06 -9.88
N GLU A 45 15.02 3.82 -8.81
CA GLU A 45 15.90 4.93 -8.40
C GLU A 45 15.76 5.22 -6.90
N GLY A 46 16.87 5.26 -6.16
CA GLY A 46 16.90 5.51 -4.70
C GLY A 46 17.21 4.26 -3.87
N ASN A 47 17.54 4.47 -2.59
CA ASN A 47 18.17 3.48 -1.70
C ASN A 47 17.23 2.81 -0.69
N GLY A 48 15.92 2.98 -0.83
CA GLY A 48 14.88 2.36 0.00
C GLY A 48 14.19 3.30 1.00
N GLY A 49 14.75 4.49 1.23
CA GLY A 49 14.08 5.57 1.97
C GLY A 49 12.94 6.22 1.16
N PRO A 50 12.08 7.01 1.82
CA PRO A 50 10.94 7.63 1.15
C PRO A 50 11.42 8.70 0.17
N GLY A 51 10.98 8.59 -1.08
CA GLY A 51 11.58 9.22 -2.26
C GLY A 51 11.99 8.19 -3.32
N THR A 52 12.32 6.96 -2.91
CA THR A 52 12.77 5.86 -3.79
C THR A 52 11.65 5.38 -4.72
N ILE A 53 11.89 5.36 -6.03
CA ILE A 53 10.97 4.84 -7.05
C ILE A 53 11.30 3.37 -7.37
N LYS A 54 10.25 2.57 -7.60
CA LYS A 54 10.22 1.18 -8.07
C LYS A 54 9.47 1.11 -9.41
N LYS A 55 9.85 0.17 -10.27
CA LYS A 55 9.10 -0.22 -11.49
C LYS A 55 8.40 -1.56 -11.24
N ILE A 56 7.07 -1.56 -11.31
CA ILE A 56 6.21 -2.69 -10.94
C ILE A 56 5.56 -3.24 -12.22
N THR A 57 5.36 -4.55 -12.35
CA THR A 57 4.76 -5.17 -13.56
C THR A 57 3.43 -5.88 -13.26
N PHE A 58 2.37 -5.45 -13.93
CA PHE A 58 1.03 -6.07 -13.87
C PHE A 58 1.00 -7.41 -14.64
N ALA A 59 0.19 -8.35 -14.15
CA ALA A 59 0.13 -9.73 -14.64
C ALA A 59 -0.29 -9.87 -16.11
N GLU A 60 0.08 -11.00 -16.71
CA GLU A 60 -0.16 -11.32 -18.12
C GLU A 60 -1.66 -11.39 -18.49
N GLY A 61 -1.97 -11.02 -19.74
CA GLY A 61 -3.34 -10.96 -20.26
C GLY A 61 -3.34 -10.32 -21.63
N ASN A 62 -3.05 -11.11 -22.67
CA ASN A 62 -2.49 -10.72 -23.97
C ASN A 62 -1.10 -10.03 -23.87
N GLU A 63 -0.96 -9.06 -22.97
CA GLU A 63 0.22 -8.25 -22.72
C GLU A 63 0.18 -7.71 -21.27
N PHE A 64 1.34 -7.54 -20.62
CA PHE A 64 1.45 -6.96 -19.28
C PHE A 64 1.05 -5.48 -19.24
N LYS A 65 1.10 -4.86 -18.05
CA LYS A 65 1.07 -3.38 -17.90
C LYS A 65 2.25 -2.89 -17.06
N TYR A 66 2.71 -1.69 -17.36
CA TYR A 66 3.79 -0.98 -16.68
C TYR A 66 3.23 0.03 -15.68
N MET A 67 3.85 0.08 -14.50
CA MET A 67 3.64 1.10 -13.50
C MET A 67 4.96 1.44 -12.79
N LYS A 68 5.00 2.61 -12.16
CA LYS A 68 6.00 2.96 -11.14
C LYS A 68 5.30 3.11 -9.80
N HIS A 69 5.88 2.52 -8.77
CA HIS A 69 5.59 2.81 -7.36
C HIS A 69 6.70 3.69 -6.77
N LYS A 70 6.47 4.31 -5.63
CA LYS A 70 7.55 4.86 -4.80
C LYS A 70 7.24 4.70 -3.34
N VAL A 71 8.28 4.55 -2.53
CA VAL A 71 8.22 4.83 -1.10
C VAL A 71 8.00 6.35 -0.96
N GLU A 72 7.07 6.79 -0.12
CA GLU A 72 6.61 8.19 -0.05
C GLU A 72 6.72 8.80 1.35
N GLU A 73 6.85 7.97 2.38
CA GLU A 73 7.07 8.33 3.79
C GLU A 73 7.53 7.06 4.53
N ILE A 74 8.47 7.20 5.48
CA ILE A 74 8.72 6.19 6.52
C ILE A 74 9.05 6.94 7.82
N ASP A 75 8.26 6.72 8.86
CA ASP A 75 8.42 7.36 10.17
C ASP A 75 8.42 6.36 11.32
N HIS A 76 9.45 6.35 12.18
CA HIS A 76 9.42 5.58 13.42
C HIS A 76 8.81 6.37 14.59
N ALA A 77 9.00 7.70 14.62
CA ALA A 77 8.60 8.56 15.72
C ALA A 77 7.07 8.62 15.93
N ASN A 78 6.27 8.42 14.87
CA ASN A 78 4.83 8.17 14.90
C ASN A 78 4.40 6.87 14.20
N PHE A 79 5.33 5.94 13.98
CA PHE A 79 5.17 4.62 13.36
C PHE A 79 4.23 4.58 12.14
N LYS A 80 4.71 5.11 11.00
CA LYS A 80 4.01 5.13 9.71
C LYS A 80 4.88 4.72 8.53
N TYR A 81 4.22 4.20 7.50
CA TYR A 81 4.80 3.92 6.18
C TYR A 81 3.87 4.48 5.09
N CYS A 82 4.42 4.88 3.96
CA CYS A 82 3.66 5.31 2.79
C CYS A 82 4.33 4.86 1.50
N TYR A 83 3.52 4.45 0.52
CA TYR A 83 3.92 4.32 -0.88
C TYR A 83 2.86 4.92 -1.80
N SER A 84 3.18 5.03 -3.08
CA SER A 84 2.25 5.53 -4.10
C SER A 84 2.53 4.89 -5.45
N ILE A 85 1.50 4.56 -6.23
CA ILE A 85 1.69 4.40 -7.69
C ILE A 85 1.82 5.80 -8.29
N ILE A 86 3.03 6.13 -8.75
CA ILE A 86 3.45 7.44 -9.26
C ILE A 86 3.05 7.62 -10.73
N GLU A 87 2.96 6.52 -11.48
CA GLU A 87 2.74 6.49 -12.93
C GLU A 87 2.29 5.08 -13.37
N GLY A 88 1.53 4.98 -14.45
CA GLY A 88 1.31 3.73 -15.18
C GLY A 88 0.02 3.73 -16.00
N GLY A 89 -0.12 2.77 -16.92
CA GLY A 89 -1.36 2.55 -17.68
C GLY A 89 -2.61 2.45 -16.79
N PRO A 90 -2.56 1.70 -15.67
CA PRO A 90 -3.60 1.66 -14.63
C PRO A 90 -4.05 3.01 -14.02
N LEU A 91 -3.25 4.08 -14.07
CA LEU A 91 -3.69 5.43 -13.69
C LEU A 91 -4.36 6.24 -14.82
N GLY A 92 -4.05 5.92 -16.08
CA GLY A 92 -4.09 6.87 -17.21
C GLY A 92 -5.45 7.50 -17.53
N HIS A 93 -6.55 6.84 -17.14
CA HIS A 93 -7.92 7.31 -17.36
C HIS A 93 -8.18 8.69 -16.72
N THR A 94 -7.95 8.82 -15.41
CA THR A 94 -8.38 10.00 -14.62
C THR A 94 -7.41 10.42 -13.51
N LEU A 95 -6.30 9.69 -13.28
CA LEU A 95 -5.49 9.83 -12.07
C LEU A 95 -4.04 10.26 -12.31
N GLU A 96 -3.52 11.11 -11.43
CA GLU A 96 -2.12 11.52 -11.36
C GLU A 96 -1.29 10.53 -10.53
N LYS A 97 -1.87 9.97 -9.46
CA LYS A 97 -1.27 8.98 -8.55
C LYS A 97 -2.31 8.35 -7.61
N ILE A 98 -1.98 7.20 -7.03
CA ILE A 98 -2.73 6.62 -5.89
C ILE A 98 -1.75 6.35 -4.74
N PRO A 99 -1.64 7.25 -3.74
CA PRO A 99 -0.92 6.99 -2.50
C PRO A 99 -1.65 6.02 -1.55
N TYR A 100 -0.87 5.43 -0.65
CA TYR A 100 -1.27 4.49 0.39
C TYR A 100 -0.57 4.84 1.68
N GLU A 101 -1.29 4.95 2.79
CA GLU A 101 -0.75 5.36 4.10
C GLU A 101 -1.04 4.31 5.16
N ILE A 102 -0.04 4.01 5.99
CA ILE A 102 -0.08 2.91 6.96
C ILE A 102 0.31 3.45 8.34
N LYS A 103 -0.38 3.04 9.41
CA LYS A 103 -0.04 3.40 10.81
C LYS A 103 0.02 2.17 11.71
N MET A 104 1.05 2.07 12.57
CA MET A 104 0.92 1.31 13.82
C MET A 104 0.45 2.24 14.93
N ALA A 105 -0.72 1.92 15.45
CA ALA A 105 -1.46 2.70 16.43
C ALA A 105 -1.38 2.03 17.82
N ALA A 106 -1.43 2.84 18.88
CA ALA A 106 -1.45 2.37 20.27
C ALA A 106 -2.69 1.51 20.59
N ALA A 107 -2.55 0.57 21.53
CA ALA A 107 -3.59 -0.33 21.98
C ALA A 107 -3.63 -0.44 23.52
N PRO A 108 -4.76 -0.85 24.14
CA PRO A 108 -4.84 -1.06 25.60
C PRO A 108 -3.78 -2.03 26.14
N HIS A 109 -3.39 -3.02 25.34
CA HIS A 109 -2.17 -3.81 25.55
C HIS A 109 -0.95 -3.03 25.04
N GLY A 110 -0.05 -2.60 25.93
CA GLY A 110 1.21 -1.97 25.52
C GLY A 110 2.12 -2.90 24.73
N GLY A 111 2.01 -4.22 24.95
CA GLY A 111 2.65 -5.27 24.16
C GLY A 111 1.88 -5.68 22.89
N GLY A 112 0.79 -4.98 22.56
CA GLY A 112 0.01 -5.18 21.33
C GLY A 112 -0.12 -3.88 20.54
N SER A 113 -0.82 -3.94 19.41
CA SER A 113 -1.05 -2.77 18.54
C SER A 113 -2.29 -2.91 17.67
N ILE A 114 -2.66 -1.79 17.06
CA ILE A 114 -3.62 -1.68 15.96
C ILE A 114 -2.82 -1.32 14.69
N LEU A 115 -3.16 -1.86 13.52
CA LEU A 115 -2.45 -1.53 12.27
C LEU A 115 -3.43 -0.99 11.24
N LYS A 116 -3.42 0.34 11.04
CA LYS A 116 -4.33 1.03 10.13
C LYS A 116 -3.76 1.05 8.71
N ILE A 117 -4.60 0.77 7.72
CA ILE A 117 -4.27 0.79 6.29
C ILE A 117 -5.20 1.79 5.56
N THR A 118 -4.64 2.69 4.75
CA THR A 118 -5.36 3.74 3.99
C THR A 118 -4.91 3.76 2.52
N SER A 119 -5.80 4.11 1.59
CA SER A 119 -5.50 4.43 0.18
C SER A 119 -6.23 5.70 -0.25
N LYS A 120 -5.65 6.46 -1.17
CA LYS A 120 -6.15 7.74 -1.66
C LYS A 120 -5.87 7.89 -3.16
N TYR A 121 -6.82 8.43 -3.92
CA TYR A 121 -6.88 8.36 -5.38
C TYR A 121 -6.95 9.79 -5.93
N HIS A 122 -5.81 10.31 -6.38
CA HIS A 122 -5.63 11.73 -6.72
C HIS A 122 -5.71 11.98 -8.22
N THR A 123 -6.56 12.90 -8.65
CA THR A 123 -6.94 13.09 -10.07
C THR A 123 -5.88 13.80 -10.92
N LYS A 124 -5.89 13.49 -12.22
CA LYS A 124 -5.04 14.11 -13.25
C LYS A 124 -5.57 15.49 -13.67
N GLY A 125 -4.67 16.42 -14.00
CA GLY A 125 -5.03 17.81 -14.31
C GLY A 125 -5.83 18.44 -13.16
N ASN A 126 -7.01 18.98 -13.46
CA ASN A 126 -8.06 19.29 -12.48
C ASN A 126 -9.33 18.43 -12.66
N ALA A 127 -9.22 17.30 -13.38
CA ALA A 127 -10.33 16.42 -13.71
C ALA A 127 -10.94 15.73 -12.49
N SER A 128 -12.12 15.12 -12.66
CA SER A 128 -12.85 14.37 -11.64
C SER A 128 -12.69 12.85 -11.85
N ILE A 129 -12.36 12.06 -10.82
CA ILE A 129 -12.28 10.59 -10.96
C ILE A 129 -13.65 10.01 -11.35
N ASN A 130 -13.66 9.12 -12.34
CA ASN A 130 -14.79 8.24 -12.70
C ASN A 130 -15.40 7.63 -11.45
N GLU A 131 -16.69 7.87 -11.23
CA GLU A 131 -17.51 7.06 -10.35
C GLU A 131 -17.42 5.58 -10.70
N GLU A 132 -17.06 5.26 -11.96
CA GLU A 132 -16.71 3.86 -12.31
C GLU A 132 -15.47 3.38 -11.55
N GLU A 133 -14.39 4.16 -11.55
CA GLU A 133 -13.11 3.86 -10.90
C GLU A 133 -13.11 4.12 -9.38
N ILE A 134 -13.97 5.01 -8.86
CA ILE A 134 -14.23 5.16 -7.41
C ILE A 134 -14.76 3.83 -6.88
N LYS A 135 -15.86 3.35 -7.47
CA LYS A 135 -16.60 2.20 -6.94
C LYS A 135 -15.84 0.89 -7.13
N ALA A 136 -15.23 0.69 -8.31
CA ALA A 136 -14.24 -0.36 -8.49
C ALA A 136 -13.09 -0.21 -7.48
N GLY A 137 -12.63 1.02 -7.25
CA GLY A 137 -11.51 1.37 -6.37
C GLY A 137 -11.70 0.91 -4.93
N LYS A 138 -12.78 1.32 -4.22
CA LYS A 138 -12.98 0.94 -2.80
C LYS A 138 -13.05 -0.57 -2.57
N GLU A 139 -13.59 -1.25 -3.57
CA GLU A 139 -13.89 -2.67 -3.60
C GLU A 139 -12.76 -3.59 -3.97
N LYS A 140 -11.99 -3.22 -5.00
CA LYS A 140 -10.60 -3.64 -5.09
C LYS A 140 -9.87 -3.27 -3.81
N ALA A 141 -10.32 -2.26 -3.04
CA ALA A 141 -9.53 -1.85 -1.86
C ALA A 141 -9.86 -2.68 -0.61
N ALA A 142 -11.11 -3.10 -0.45
CA ALA A 142 -11.47 -4.21 0.45
C ALA A 142 -10.74 -5.50 0.05
N GLY A 143 -10.55 -5.75 -1.25
CA GLY A 143 -9.73 -6.85 -1.77
C GLY A 143 -8.30 -6.82 -1.23
N LEU A 144 -7.63 -5.66 -1.33
CA LEU A 144 -6.31 -5.45 -0.74
C LEU A 144 -6.36 -5.58 0.79
N PHE A 145 -7.20 -4.78 1.46
CA PHE A 145 -7.12 -4.53 2.89
C PHE A 145 -7.66 -5.68 3.74
N LYS A 146 -8.54 -6.55 3.23
CA LYS A 146 -8.93 -7.79 3.92
C LYS A 146 -7.92 -8.89 3.72
N ALA A 147 -7.11 -8.85 2.67
CA ALA A 147 -5.93 -9.69 2.60
C ALA A 147 -4.73 -9.13 3.40
N VAL A 148 -4.64 -7.82 3.66
CA VAL A 148 -3.77 -7.30 4.74
C VAL A 148 -4.31 -7.73 6.11
N GLU A 149 -5.62 -7.60 6.35
CA GLU A 149 -6.25 -7.90 7.64
C GLU A 149 -6.22 -9.40 7.92
N ALA A 150 -6.77 -10.24 7.06
CA ALA A 150 -6.66 -11.70 7.23
C ALA A 150 -5.21 -12.19 7.13
N TYR A 151 -4.29 -11.54 6.41
CA TYR A 151 -2.86 -11.83 6.68
C TYR A 151 -2.51 -11.64 8.18
N LEU A 152 -2.77 -10.46 8.74
CA LEU A 152 -2.44 -10.08 10.13
C LEU A 152 -3.15 -10.94 11.18
N LEU A 153 -4.49 -10.99 11.13
CA LEU A 153 -5.38 -11.67 12.06
C LEU A 153 -5.36 -13.20 11.95
N ALA A 154 -5.11 -13.76 10.75
CA ALA A 154 -5.02 -15.21 10.56
C ALA A 154 -3.57 -15.75 10.67
N HIS A 155 -2.55 -14.89 10.78
CA HIS A 155 -1.16 -15.33 10.98
C HIS A 155 -1.04 -16.25 12.21
N PRO A 156 -0.61 -17.52 12.04
CA PRO A 156 -0.76 -18.55 13.08
C PRO A 156 0.22 -18.38 14.26
N ASP A 157 1.34 -17.70 14.04
CA ASP A 157 2.49 -17.62 14.94
C ASP A 157 2.66 -16.24 15.60
N ALA A 158 1.63 -15.38 15.53
CA ALA A 158 1.73 -13.96 15.89
C ALA A 158 2.21 -13.69 17.33
N TYR A 159 2.07 -14.66 18.23
CA TYR A 159 2.47 -14.58 19.63
C TYR A 159 3.97 -14.76 19.91
N CYS A 160 4.76 -14.87 18.84
CA CYS A 160 6.20 -15.15 18.83
C CYS A 160 7.00 -14.09 18.09
#